data_8GL6
#
_entry.id   8GL6
#
_cell.length_a   1.00
_cell.length_b   1.00
_cell.length_c   1.00
_cell.angle_alpha   90.00
_cell.angle_beta   90.00
_cell.angle_gamma   90.00
#
_symmetry.space_group_name_H-M   'P 1'
#
loop_
_entity.id
_entity.type
_entity.pdbx_description
1 polymer 'Protein involved in gliding motility SprA'
2 polymer 'Peptidyl-prolyl cis-trans isomerase'
3 polymer 'Type IX secretion system protein PorV domain-containing protein'
4 polymer RemA
5 non-polymer 'Lauryl Maltose Neopentyl Glycol'
#
loop_
_entity_poly.entity_id
_entity_poly.type
_entity_poly.pdbx_seq_one_letter_code
_entity_poly.pdbx_strand_id
1 'polypeptide(L)'
;MRKICIFLLVLFCGNVLRSQVKPAVQDTTKTQFSVGKMELENPPSILSAYKYDPITDRYIYTTSVDGFSIDYPLVLTPKE
YEDLLLKESRRDYFRKKMDAIDGKKTGAEAAKKDLLPRYYINSSLFESIFGSNTIDVKPTGSVEMDLGVRYTKQDNPAFS
PRNRSSLTFDFDQRISMSLMGKIGTRLEVNANYDTQSTFAFQNLFKLAYTPSEDDIIQKVEVGNVSMPLNSTLIRGAQSL
FGVKTQLQFGRTTITGVFSEQKSQTKSVVAENGGTVQNFDLYALDYDNDRHFFLSQYFRNKYDVSLKNYPFIDSRVQITR
LEVWVTNKQNRVTTTGGGNNLRNIIALQDLGEAQVSGVPDNEVVVISSTAGFFNNPIDSPTSNTNNKYDPATIGQAGSFL
NSNIREIVTAKSGFNNTNVSEATDYSVLENARKLTTNEYTFNPQLGYISLQQRLANDEILAVAFEYTVGGKVYQVGEFGS
DGVDATVVTGNNSSNQAIITQSLVLKMLKSNLTNVKNPVWNLMMKNVYQIPQAYQIKQDDFRLNILYTDPSPINYITPVQ
GSSFPPNPAPDSKVEQTPLLNVFNLDRLNYNNDPQAGGDGFFDYIPGVTVDVQNGRVIFTTKEPFGELIFNKLQTGAGES
YNDPTTYNANQQKYVFRNMYRNTQAGALQDSDKNKFLLRGKYKSSGSNGIPIGAFNVPQGSVVVTAAGRVLVEGIDYSVD
YQLGRVQILDPSLQASNTPIEVSLENNSIFGQQTRRFMGFNIEHKISDKFVIGGTYLKMTERPFTQKSTYGQESVNNTIF
GFNGNYSTEVPFLTRLANKLPNIDTDVPSNLSIRGEVAFLRPDAPKASDFQGEATIYVDDFEGSQSTIDMRSAYAWSLAS
TPFITSINDNTFNANSNTLEYGFKRAKLSWYTIDPVFYSSKPSGISNDDLSLNTTRRIYSRELYPNTDIAQGQIQVVNTL
DLTYYPGERGPYNNNPSFGASNPSANFGGIMRALNSTNFEQGNVEYIQFWVLDPYVGNGESPATNAGKIYFNLGEISEDV
LKDGRKQYENGLGPDQVMVNPQPLWGDVPASQSLIYAFDTNPDNRKNQDVGLDGLPSSREGSIYTNYAGEADPAGDDYTY
YLNADGGVLERYKNYNGTEGNSAVSINDPNRGSTTLPDVEDINRDNTMSTINAYYEYSIDVKPGMQVGENYITDIREVTN
VDLPNGGTTNARWIQFKIPVSQPQNTIGNITDFRSIRFMRMFMTGFNSQMTVRFGALDLVRGEWRRYTGTLDANDQNPDD
DGVEFDVAAVNIQENGTKCPVNYVMPPGVQREQLYNNNTVINQNEQALAVRIGGAGLQYQDSRAVFKNVSVDMRQYKKLK
MFLHAESLPNQPTLEDDEMVGFIRFGNDFTQNFYQVEIPLKVTKTGGSCSISPDLVWMDDNSIDLALDLLTRMKIKAMSI
DINSSKRDVNGIYYPDNDPDLEGGDGDGKLTLGIKGNPNFGLVRNLMVGVKSRADHKDIKGEVWFNELRLADLENKGGMA
AILNVDTNMADFATVSATGRKSTIGFGSLEQGANERDREDVQQYNIVTNLNLGKLLPKKWGINLPFNYAIGEEVITPEYD
PFNQDIKLDQLIRETTDQAEKDNIRTRAIDYTKRKSINFIGVRKDRAPEQKPHVYDIENFTFSQSYNQVERHDYEVADYE
DEQSNSAVNYAYTFQPKEVVPFKSTKFMKKSEYWKLLSDFNFNYLPSNISFNTNILRQSNRQQFREVEVEGIGLDPLYRR
NFAFNYQYGFGFNLTKSLKLNYSATSNNIVRNFLNDDNSPKEDFNIWDDYLDIGTPNQHAQQLVLNYDIPINKIPIFGFV
KASYSYTADYMWQRSSTAFSEYEDPNGTVYDLGNTIQNSNSNTLTTTLNMNTLYKYLGLTPGAKKTAKPKTAAPPKPGEK
IVNTAKPVVSSSPFYDGLIGVLTSIKNVQINYTKNSGTVLPGYTPSVGFLGTSKPSLGFVFGSQDDVRYEAAKRGWLTTY
QDFNQSFTQVSNKLLKVTANIDLLPDLKVDLSMDRSYSENTSEQYSVDPSTNEYKPLSPYTYGMFSISTVMIKTAFSPSD
ETQSAAFDDFRSNRLIIANRLAEGHYGSGVAIPRYGDANNPIPAETDPNYAVYTANQGYPIGYTKSNQAVLLPAFLAAYT
GSDASSSSTNIFRSFPIPNWSIKYNGLMRYKYFKDKFKRFSLQHNYRASYTINQFRSNFDYNSSPKVQDVNTNFYNEIIM
SNVNLVEQFSPLIRMDFELKSSLRVLSEIKKDRALSMSFDNNLLTEVKGMEYIIGLGYRFKDVIFSSRLADNPTGIIKSD
INIKADFSLRNNETLVRYLDYDNNQLAAGQNIWSLKLTADYSFSKNLTAIFYYDHSFSKAVISTSFPLTNIRSGFTLRYN
FGN
;
A
2 'polypeptide(L)'
;MKQLLTALLSLTLFISCSKDKDEVKDYTAENEKEIVDYLAQNNLTAQRTNSGLYYIITKEGSSESEGENPGEEENTGEGE
NTEENENDGHPTLNSNITVIYKGYFTNGKVFDESTEGVSYSLRTLIPGWKEGIPLLKSGGEIQLFVPAHLGYGSNGNKTV
PGGAVLIFEITLVSVN
;
B
3 'polypeptide(L)'
;MKKISLLLICLLITTFAKAQDIERPITTGVPFLLVAADARAAGLGDQGVATSSDVFSQQWNPAKYAFAEDAQGLSISYTP
YLTDLANDISLGQVTYYNKINDRSAFAGSFRYFGFGGIELRQTGDPNEPTREVNPNEFALDGSYSLKLSETFSMAVAARY
IRSNLKVATEEIDASAAGSFAVDVAGFYQSEEIAYSDFNGRWRAGFNIQNLGPKISYDHDDLSANFLPANLRVGGGFDFI
FDDYNKLGVSLELTKLLVPTPPGPGTPYDANGDGDFTDPGDISQSQADEANYKKYKDIGWVSGIFKSFGDAPGGFSEELK
EITYSAAAEYMYQDAFAMRLGYYHESPMKGAKQFFSLGAGFKYSMIKVDVSYLFSASKVKNPLENTLRFSLTFNFGDKYE
TY
;
F
4 'polypeptide(L)'
;MIRKLLLLIILFIQYLSFGQSANNYCFSSSTSTYSNLTGATAFPGMPTNGNNDDVISSFSTLPFTFNFAGINYTQIKISE
NGWLSFANVNNAYFDNSAANANNAKPILFPFWDDMVYSSVPRYRIDTVSGSRILKIEWIQQYFYNGNNGNAISFQVWLYE
GSNKIEYRYSRGNNNSGNISASIGIYDANGNYITLNDSGSNPTGQVDTFTTSINARPATNQVYTFTPPPAQPTPTQAGSL
YTFCIDNSNTQTNTVSNGQYSLVNVIQGYNYTFSVDNIFAGAENLTLLDNSNNNLSPSVVSSGTSGATVTWTATFSGQVR
VLLTGNCGETNSGTMTLRLNSAANTLDSQTTAGANNTWIGHVYNSVGAAPSPFTNANYAGYYTIGTENFDTDFGGDYTCF
PVFSNGVQRASMYTEGFAVRYRMQSTRPAGCYLIRIIGDDGVRLSINNGGYILDRWVEQGATTYSNILVNVPANPIFTLE
YYENAGANRVAFNITPFDAALNTITAPATVNFCNGGDPAVIDGSLQYNSADPNAANPYINFQWQIQTDGGGFSNIPGATG
RTYDPPAMAANGTANDIVYQYRRLATSNVAGTGTACDFTASTPVTITNSPTSVGGTASANQSICYGTQPANITLSGYRGN
IQWQASIDNTNFNNIDGATTAVLAGSQIGTLTKTTYYRATTSGTCNTATSTVVTITVRAGNNIISYSNGTSGTVCMQPVE
NAVGSLTAPAGTYFNNVSFASYGTPTGTACGSFVINPFCHAATSQSVVESALLGNSNTILIAATNGNFTDPCVGTTKRLY
ITASYSQSICAGNLPGTITGSIPTGNDTYTYLWESSTTSNTTGFSAASGTNNGQNYTPGTLTQDTWFRRTAYDGACSSVS
AVVLVKVIAKVWNGNTNTDWNTASNWTPNGVPTASDCVVIPNTTNKPIINGTNTNSYANTLSVNNLGALTVNSTNTLNIT
NTIAVNTTGSLTFNNNSSLLQTNTGTNINSGNITYRRDTQPVRRYDFTYWSTPVTSTPAFTLANLSPATLLDKYYSYDPA
AGWIISFNGILPMAKGSGYIVRSPQTFDITIPAVYPASFVGVPNNGNVTVNVVPNSFNLIGNPYPSAVNAFQLLSANSTI
GSLYFWMHNAPPSDAVSGDATYNYASSDYAVFNSSGGVTTSNAAQTPAGYIAAGQAFFTNNGAGNSILFTNNMRASGNNS
QFYKTTGTDNIERNRIWLNFANKEGAFKQLLVGYIDGATNNWDIQYDAETMDANTYTDFYSINQNMSLTIQGRGLPFENS
DVIPLGYKTTIAGDFTISIDHVDGLFDKQNVYLEDKTTGTVSDLKAQDYTFKTEAGTFTDRFALRYTNKTLGTGDFENVK
DGLLISVKDKTIKVTSAKENIKEVNIFDITGKLIYNKKKVGNTELSISNLQSADQVLLVKVNLENNAQITRKVIFK
;
D
#
loop_
_chem_comp.id
_chem_comp.type
_chem_comp.name
_chem_comp.formula
LMN non-polymer 'Lauryl Maltose Neopentyl Glycol' 'C47 H88 O22'
#
# COMPACT_ATOMS: atom_id res chain seq x y z
N ILE A 129 4.96 -44.83 41.78
CA ILE A 129 4.96 -43.51 41.16
C ILE A 129 4.14 -43.54 39.87
N PHE A 130 4.15 -44.69 39.19
CA PHE A 130 3.38 -44.88 37.98
C PHE A 130 2.55 -46.15 38.10
N GLY A 131 1.43 -46.18 37.38
CA GLY A 131 0.52 -47.32 37.46
C GLY A 131 1.13 -48.60 36.94
N SER A 132 1.85 -48.52 35.82
CA SER A 132 2.47 -49.68 35.20
C SER A 132 3.79 -49.26 34.56
N ASN A 133 4.43 -50.22 33.90
CA ASN A 133 5.67 -49.98 33.19
C ASN A 133 5.48 -49.94 31.67
N THR A 134 4.24 -50.02 31.20
CA THR A 134 3.98 -50.01 29.77
C THR A 134 4.04 -48.58 29.23
N ILE A 135 4.76 -48.41 28.13
CA ILE A 135 4.90 -47.12 27.47
C ILE A 135 4.52 -47.31 26.00
N ASP A 136 3.37 -46.75 25.61
CA ASP A 136 2.87 -46.84 24.25
C ASP A 136 2.92 -45.50 23.54
N VAL A 137 3.94 -44.70 23.84
CA VAL A 137 4.14 -43.41 23.20
C VAL A 137 4.50 -43.65 21.74
N LYS A 138 3.58 -43.34 20.82
CA LYS A 138 3.80 -43.64 19.42
C LYS A 138 3.92 -42.38 18.59
N PRO A 139 4.89 -42.32 17.69
CA PRO A 139 4.98 -41.22 16.74
C PRO A 139 4.26 -41.51 15.43
N THR A 140 3.93 -40.44 14.73
CA THR A 140 3.21 -40.50 13.46
C THR A 140 3.60 -39.29 12.62
N GLY A 141 3.28 -39.35 11.34
CA GLY A 141 3.60 -38.26 10.45
C GLY A 141 4.80 -38.54 9.57
N SER A 142 5.63 -37.53 9.33
CA SER A 142 6.79 -37.72 8.47
C SER A 142 7.85 -36.67 8.80
N VAL A 143 9.08 -36.95 8.38
CA VAL A 143 10.19 -36.02 8.49
C VAL A 143 10.97 -36.04 7.20
N GLU A 144 11.42 -34.87 6.75
CA GLU A 144 12.19 -34.74 5.52
C GLU A 144 13.45 -33.95 5.79
N MET A 145 14.51 -34.27 5.04
CA MET A 145 15.81 -33.64 5.20
C MET A 145 16.46 -33.52 3.83
N ASP A 146 16.63 -32.28 3.36
CA ASP A 146 17.16 -32.02 2.03
C ASP A 146 18.56 -31.43 2.17
N LEU A 147 19.53 -32.07 1.50
CA LEU A 147 20.91 -31.58 1.44
C LEU A 147 21.30 -31.44 -0.03
N GLY A 148 21.79 -30.26 -0.40
CA GLY A 148 22.18 -30.06 -1.77
C GLY A 148 23.03 -28.82 -1.96
N VAL A 149 23.22 -28.46 -3.22
CA VAL A 149 24.00 -27.29 -3.61
C VAL A 149 23.15 -26.42 -4.52
N ARG A 150 23.21 -25.11 -4.28
CA ARG A 150 22.57 -24.10 -5.12
C ARG A 150 23.66 -23.27 -5.80
N TYR A 151 23.64 -23.25 -7.12
CA TYR A 151 24.57 -22.46 -7.92
C TYR A 151 23.78 -21.40 -8.68
N THR A 152 24.16 -20.14 -8.50
CA THR A 152 23.46 -19.03 -9.14
C THR A 152 24.47 -18.16 -9.87
N LYS A 153 24.20 -17.85 -11.13
CA LYS A 153 25.10 -17.02 -11.93
C LYS A 153 24.25 -15.99 -12.67
N GLN A 154 24.44 -14.72 -12.36
CA GLN A 154 23.75 -13.62 -13.03
C GLN A 154 24.77 -12.76 -13.74
N ASP A 155 24.57 -12.55 -15.04
CA ASP A 155 25.52 -11.78 -15.85
C ASP A 155 25.20 -10.30 -15.76
N ASN A 156 25.55 -9.73 -14.60
CA ASN A 156 25.40 -8.30 -14.37
C ASN A 156 26.76 -7.64 -14.53
N PRO A 157 26.98 -6.83 -15.57
CA PRO A 157 28.30 -6.23 -15.77
C PRO A 157 28.72 -5.30 -14.65
N ALA A 158 27.78 -4.73 -13.90
CA ALA A 158 28.11 -3.83 -12.80
C ALA A 158 28.58 -4.57 -11.55
N PHE A 159 28.34 -5.87 -11.45
CA PHE A 159 28.77 -6.63 -10.30
C PHE A 159 30.28 -6.83 -10.30
N SER A 160 30.82 -7.10 -9.11
CA SER A 160 32.24 -7.36 -8.98
C SER A 160 32.60 -8.70 -9.63
N PRO A 161 33.82 -8.83 -10.15
CA PRO A 161 34.25 -10.14 -10.66
C PRO A 161 34.24 -11.23 -9.61
N ARG A 162 34.38 -10.88 -8.33
CA ARG A 162 34.27 -11.88 -7.27
C ARG A 162 32.84 -12.37 -7.10
N ASN A 163 31.85 -11.62 -7.58
CA ASN A 163 30.45 -12.03 -7.54
C ASN A 163 30.00 -12.64 -8.87
N ARG A 164 30.92 -13.25 -9.61
CA ARG A 164 30.56 -13.87 -10.88
C ARG A 164 29.54 -14.98 -10.69
N SER A 165 29.74 -15.82 -9.68
CA SER A 165 28.83 -16.92 -9.40
C SER A 165 28.83 -17.21 -7.91
N SER A 166 27.67 -17.59 -7.39
CA SER A 166 27.48 -17.92 -5.98
C SER A 166 27.13 -19.39 -5.87
N LEU A 167 28.02 -20.17 -5.27
CA LEU A 167 27.79 -21.58 -5.02
C LEU A 167 27.67 -21.78 -3.51
N THR A 168 26.47 -22.13 -3.06
CA THR A 168 26.18 -22.28 -1.64
C THR A 168 25.63 -23.67 -1.37
N PHE A 169 25.72 -24.09 -0.11
CA PHE A 169 25.14 -25.34 0.34
C PHE A 169 23.78 -25.09 0.96
N ASP A 170 22.79 -25.87 0.53
CA ASP A 170 21.41 -25.73 1.00
C ASP A 170 21.05 -26.92 1.87
N PHE A 171 20.59 -26.64 3.07
CA PHE A 171 20.09 -27.66 3.99
C PHE A 171 18.69 -27.24 4.45
N ASP A 172 17.74 -28.16 4.37
CA ASP A 172 16.36 -27.85 4.70
C ASP A 172 15.75 -28.99 5.50
N GLN A 173 14.87 -28.63 6.43
CA GLN A 173 14.14 -29.60 7.24
C GLN A 173 12.65 -29.36 7.08
N ARG A 174 11.89 -30.46 7.12
CA ARG A 174 10.44 -30.43 6.94
C ARG A 174 9.76 -31.29 8.01
N ILE A 175 10.14 -31.05 9.27
CA ILE A 175 9.64 -31.87 10.37
C ILE A 175 8.13 -31.77 10.45
N SER A 176 7.47 -32.92 10.36
CA SER A 176 6.02 -33.03 10.33
C SER A 176 5.59 -34.16 11.28
N MET A 177 6.06 -34.09 12.52
CA MET A 177 5.90 -35.19 13.46
C MET A 177 4.77 -34.92 14.44
N SER A 178 4.05 -35.99 14.81
CA SER A 178 3.14 -35.99 15.94
C SER A 178 3.53 -37.14 16.85
N LEU A 179 3.22 -37.02 18.13
CA LEU A 179 3.65 -38.00 19.13
C LEU A 179 2.57 -38.09 20.20
N MET A 180 1.81 -39.18 20.18
CA MET A 180 0.70 -39.38 21.12
C MET A 180 0.92 -40.67 21.88
N GLY A 181 0.77 -40.64 23.19
CA GLY A 181 0.93 -41.87 23.95
C GLY A 181 0.73 -41.66 25.44
N LYS A 182 0.92 -42.75 26.16
CA LYS A 182 0.79 -42.80 27.61
C LYS A 182 1.99 -43.50 28.21
N ILE A 183 2.28 -43.17 29.47
CA ILE A 183 3.39 -43.74 30.21
C ILE A 183 2.86 -44.18 31.57
N GLY A 184 2.78 -45.49 31.77
CA GLY A 184 2.36 -46.04 33.06
C GLY A 184 0.99 -45.62 33.52
N THR A 185 0.06 -45.41 32.57
CA THR A 185 -1.32 -45.01 32.81
C THR A 185 -1.42 -43.77 33.70
N ARG A 186 -0.30 -43.09 33.91
CA ARG A 186 -0.23 -41.87 34.70
C ARG A 186 0.21 -40.65 33.91
N LEU A 187 1.05 -40.83 32.89
CA LEU A 187 1.48 -39.73 32.05
C LEU A 187 0.78 -39.79 30.70
N GLU A 188 0.22 -38.67 30.27
CA GLU A 188 -0.36 -38.51 28.95
C GLU A 188 0.51 -37.53 28.17
N VAL A 189 1.00 -37.96 27.02
CA VAL A 189 1.92 -37.17 26.20
C VAL A 189 1.24 -36.91 24.86
N ASN A 190 1.12 -35.63 24.50
CA ASN A 190 0.53 -35.23 23.22
C ASN A 190 1.36 -34.11 22.64
N ALA A 191 2.05 -34.37 21.54
CA ALA A 191 2.91 -33.38 20.90
C ALA A 191 2.65 -33.34 19.40
N ASN A 192 2.74 -32.13 18.85
CA ASN A 192 2.58 -31.90 17.42
C ASN A 192 3.61 -30.85 17.01
N TYR A 193 4.62 -31.25 16.24
CA TYR A 193 5.67 -30.35 15.79
C TYR A 193 5.70 -30.39 14.26
N ASP A 194 5.29 -29.29 13.63
CA ASP A 194 5.26 -29.19 12.17
C ASP A 194 5.84 -27.83 11.79
N THR A 195 6.96 -27.85 11.06
CA THR A 195 7.59 -26.61 10.62
C THR A 195 7.07 -26.11 9.27
N GLN A 196 5.75 -26.01 9.13
CA GLN A 196 5.16 -25.49 7.90
C GLN A 196 3.96 -24.61 8.23
N SER A 197 3.92 -24.07 9.45
CA SER A 197 2.80 -23.26 9.89
C SER A 197 3.24 -22.41 11.07
N THR A 198 2.38 -21.47 11.45
CA THR A 198 2.66 -20.60 12.61
C THR A 198 2.78 -21.43 13.88
N PHE A 199 3.91 -21.29 14.57
CA PHE A 199 4.16 -22.10 15.76
C PHE A 199 3.36 -21.62 16.95
N ALA A 200 2.80 -20.41 16.85
CA ALA A 200 2.04 -19.83 17.96
C ALA A 200 0.79 -20.61 18.30
N PHE A 201 0.16 -21.29 17.34
CA PHE A 201 -1.06 -22.04 17.60
C PHE A 201 -1.09 -23.39 16.90
N GLN A 202 0.05 -23.88 16.42
CA GLN A 202 0.10 -25.20 15.77
C GLN A 202 1.06 -26.18 16.43
N ASN A 203 2.22 -25.73 16.92
CA ASN A 203 3.15 -26.62 17.62
C ASN A 203 2.68 -26.75 19.07
N LEU A 204 2.25 -27.94 19.44
CA LEU A 204 1.66 -28.19 20.74
C LEU A 204 2.49 -29.23 21.50
N PHE A 205 2.63 -29.04 22.80
CA PHE A 205 3.29 -30.02 23.66
C PHE A 205 2.55 -30.08 24.99
N LYS A 206 2.11 -31.28 25.36
CA LYS A 206 1.26 -31.46 26.54
C LYS A 206 1.72 -32.70 27.30
N LEU A 207 2.16 -32.50 28.54
CA LEU A 207 2.42 -33.58 29.49
C LEU A 207 1.40 -33.46 30.62
N ALA A 208 0.68 -34.54 30.88
CA ALA A 208 -0.34 -34.56 31.92
C ALA A 208 -0.07 -35.71 32.88
N TYR A 209 0.26 -35.38 34.12
CA TYR A 209 0.47 -36.38 35.17
C TYR A 209 -0.77 -36.37 36.06
N THR A 210 -1.53 -37.46 36.02
CA THR A 210 -2.79 -37.58 36.74
C THR A 210 -2.69 -38.71 37.76
N PRO A 211 -2.40 -38.40 39.02
CA PRO A 211 -2.36 -39.45 40.05
C PRO A 211 -3.73 -39.95 40.41
N SER A 212 -3.81 -40.84 41.40
CA SER A 212 -5.09 -41.39 41.81
C SER A 212 -5.93 -40.32 42.51
N GLU A 213 -7.23 -40.59 42.60
CA GLU A 213 -8.14 -39.64 43.22
C GLU A 213 -7.93 -39.50 44.71
N ASP A 214 -7.22 -40.44 45.34
CA ASP A 214 -6.94 -40.39 46.77
C ASP A 214 -5.68 -39.61 47.11
N ASP A 215 -4.92 -39.15 46.10
CA ASP A 215 -3.70 -38.41 46.35
C ASP A 215 -4.00 -36.92 46.51
N ILE A 216 -3.06 -36.22 47.15
CA ILE A 216 -3.21 -34.78 47.37
C ILE A 216 -3.13 -34.02 46.05
N ILE A 217 -2.25 -34.45 45.15
CA ILE A 217 -2.06 -33.82 43.85
C ILE A 217 -2.98 -34.51 42.86
N GLN A 218 -3.86 -33.74 42.22
CA GLN A 218 -4.82 -34.30 41.27
C GLN A 218 -4.38 -34.20 39.83
N LYS A 219 -3.55 -33.22 39.48
CA LYS A 219 -3.16 -33.00 38.09
C LYS A 219 -1.94 -32.10 37.99
N VAL A 220 -0.94 -32.52 37.22
CA VAL A 220 0.23 -31.70 36.91
C VAL A 220 0.30 -31.57 35.39
N GLU A 221 0.20 -30.34 34.89
CA GLU A 221 0.14 -30.10 33.46
C GLU A 221 1.34 -29.26 33.05
N VAL A 222 2.07 -29.73 32.05
CA VAL A 222 3.26 -29.05 31.54
C VAL A 222 3.09 -28.82 30.04
N GLY A 223 3.35 -27.59 29.61
CA GLY A 223 3.22 -27.26 28.20
C GLY A 223 2.03 -26.38 27.91
N ASN A 224 1.25 -26.74 26.89
CA ASN A 224 0.08 -25.97 26.49
C ASN A 224 -1.03 -26.14 27.52
N VAL A 225 -0.94 -25.40 28.61
CA VAL A 225 -1.91 -25.48 29.69
C VAL A 225 -2.95 -24.39 29.50
N SER A 226 -4.09 -24.57 30.16
CA SER A 226 -5.17 -23.59 30.14
C SER A 226 -5.59 -23.28 31.55
N MET A 227 -6.09 -22.06 31.75
CA MET A 227 -6.54 -21.59 33.06
C MET A 227 -7.96 -21.06 32.93
N PRO A 228 -8.95 -21.95 32.81
CA PRO A 228 -10.34 -21.48 32.74
C PRO A 228 -10.81 -20.97 34.09
N LEU A 229 -11.51 -19.83 34.06
CA LEU A 229 -12.05 -19.23 35.26
C LEU A 229 -13.53 -18.95 35.05
N ASN A 230 -14.35 -19.37 36.02
CA ASN A 230 -15.79 -19.13 35.97
C ASN A 230 -16.15 -17.78 36.59
N SER A 231 -15.48 -16.73 36.12
CA SER A 231 -15.70 -15.39 36.62
C SER A 231 -15.73 -14.42 35.45
N THR A 232 -16.40 -13.29 35.66
CA THR A 232 -16.52 -12.25 34.65
C THR A 232 -15.49 -11.14 34.82
N LEU A 233 -15.17 -10.78 36.06
CA LEU A 233 -14.20 -9.72 36.30
C LEU A 233 -12.76 -10.19 36.08
N ILE A 234 -12.48 -11.46 36.31
CA ILE A 234 -11.13 -12.02 36.20
C ILE A 234 -11.17 -13.07 35.12
N ARG A 235 -10.78 -12.70 33.90
CA ARG A 235 -10.71 -13.63 32.79
C ARG A 235 -9.42 -14.44 32.85
N GLY A 236 -9.53 -15.73 32.58
CA GLY A 236 -8.36 -16.59 32.47
C GLY A 236 -7.75 -16.55 31.09
N ALA A 237 -6.66 -17.29 30.93
CA ALA A 237 -5.95 -17.39 29.67
C ALA A 237 -6.05 -18.82 29.16
N GLN A 238 -6.47 -18.96 27.90
CA GLN A 238 -6.69 -20.28 27.31
C GLN A 238 -5.41 -20.88 26.74
N SER A 239 -4.54 -20.06 26.16
CA SER A 239 -3.30 -20.53 25.54
C SER A 239 -2.13 -20.08 26.41
N LEU A 240 -1.57 -21.00 27.17
CA LEU A 240 -0.42 -20.75 28.03
C LEU A 240 0.59 -21.87 27.86
N PHE A 241 1.88 -21.52 27.92
CA PHE A 241 2.95 -22.51 27.88
C PHE A 241 3.70 -22.43 29.21
N GLY A 242 3.57 -23.49 30.02
CA GLY A 242 4.22 -23.48 31.33
C GLY A 242 3.77 -24.64 32.17
N VAL A 243 3.76 -24.42 33.48
CA VAL A 243 3.47 -25.46 34.46
C VAL A 243 2.16 -25.14 35.16
N LYS A 244 1.24 -26.10 35.16
CA LYS A 244 -0.04 -25.99 35.86
C LYS A 244 -0.18 -27.18 36.80
N THR A 245 -0.54 -26.92 38.04
CA THR A 245 -0.70 -27.96 39.05
C THR A 245 -2.03 -27.77 39.78
N GLN A 246 -2.56 -28.88 40.30
CA GLN A 246 -3.84 -28.87 41.01
C GLN A 246 -3.70 -29.72 42.27
N LEU A 247 -4.04 -29.12 43.40
CA LEU A 247 -4.04 -29.81 44.69
C LEU A 247 -5.44 -29.79 45.27
N GLN A 248 -5.77 -30.83 46.03
CA GLN A 248 -7.10 -30.96 46.65
C GLN A 248 -6.93 -31.38 48.10
N PHE A 249 -7.27 -30.47 49.01
CA PHE A 249 -7.26 -30.73 50.45
C PHE A 249 -8.70 -31.00 50.87
N GLY A 250 -9.12 -32.25 50.73
CA GLY A 250 -10.41 -32.67 51.24
C GLY A 250 -11.57 -32.09 50.45
N ARG A 251 -11.75 -30.78 50.58
CA ARG A 251 -12.79 -30.07 49.85
C ARG A 251 -12.28 -28.76 49.25
N THR A 252 -11.03 -28.39 49.48
CA THR A 252 -10.48 -27.14 48.96
C THR A 252 -9.59 -27.45 47.76
N THR A 253 -9.91 -26.88 46.61
CA THR A 253 -9.16 -27.11 45.37
C THR A 253 -8.31 -25.87 45.07
N ILE A 254 -7.01 -26.08 44.96
CA ILE A 254 -6.05 -25.00 44.67
C ILE A 254 -5.40 -25.32 43.33
N THR A 255 -5.63 -24.47 42.34
CA THR A 255 -5.05 -24.63 41.01
C THR A 255 -4.03 -23.52 40.81
N GLY A 256 -2.76 -23.88 40.67
CA GLY A 256 -1.69 -22.93 40.45
C GLY A 256 -1.16 -23.04 39.03
N VAL A 257 -0.69 -21.91 38.49
CA VAL A 257 -0.20 -21.87 37.12
C VAL A 257 0.92 -20.84 37.05
N PHE A 258 1.94 -21.16 36.26
CA PHE A 258 3.03 -20.24 35.94
C PHE A 258 3.45 -20.53 34.52
N SER A 259 3.28 -19.57 33.61
CA SER A 259 3.45 -19.86 32.20
C SER A 259 3.71 -18.55 31.44
N GLU A 260 3.91 -18.69 30.14
CA GLU A 260 3.99 -17.57 29.21
C GLU A 260 2.75 -17.58 28.33
N GLN A 261 2.16 -16.40 28.14
CA GLN A 261 0.94 -16.27 27.36
C GLN A 261 1.28 -16.07 25.88
N LYS A 262 0.70 -16.94 25.04
CA LYS A 262 0.96 -16.91 23.61
C LYS A 262 -0.14 -16.21 22.82
N SER A 263 -1.07 -15.54 23.50
CA SER A 263 -2.19 -14.88 22.84
C SER A 263 -2.36 -13.46 23.36
N GLN A 264 -3.19 -12.70 22.67
CA GLN A 264 -3.48 -11.31 23.01
C GLN A 264 -4.99 -11.13 23.00
N THR A 265 -5.47 -10.22 23.86
CA THR A 265 -6.89 -9.91 23.91
C THR A 265 -7.29 -9.08 22.70
N LYS A 266 -8.57 -9.19 22.33
CA LYS A 266 -9.15 -8.39 21.26
C LYS A 266 -10.63 -8.21 21.53
N SER A 267 -11.06 -6.95 21.56
CA SER A 267 -12.45 -6.61 21.84
C SER A 267 -13.05 -5.88 20.64
N VAL A 268 -14.23 -6.34 20.21
CA VAL A 268 -14.94 -5.73 19.10
C VAL A 268 -16.36 -5.41 19.55
N VAL A 269 -16.96 -4.44 18.87
CA VAL A 269 -18.33 -4.01 19.13
C VAL A 269 -19.14 -4.21 17.86
N ALA A 270 -20.24 -4.96 17.99
CA ALA A 270 -21.11 -5.27 16.87
C ALA A 270 -22.52 -4.78 17.17
N GLU A 271 -23.09 -4.02 16.24
CA GLU A 271 -24.45 -3.51 16.35
C GLU A 271 -25.22 -3.90 15.10
N ASN A 272 -26.35 -4.58 15.30
CA ASN A 272 -27.21 -5.04 14.20
C ASN A 272 -26.42 -5.89 13.21
N GLY A 273 -25.69 -6.87 13.74
CA GLY A 273 -24.92 -7.77 12.90
C GLY A 273 -23.43 -7.50 12.89
N GLY A 274 -22.95 -6.86 11.84
CA GLY A 274 -21.52 -6.67 11.66
C GLY A 274 -20.91 -5.76 12.71
N THR A 275 -19.58 -5.74 12.72
CA THR A 275 -18.84 -4.96 13.70
C THR A 275 -18.94 -3.47 13.39
N VAL A 276 -18.57 -2.66 14.37
CA VAL A 276 -18.62 -1.20 14.27
C VAL A 276 -17.20 -0.66 14.35
N GLN A 277 -16.81 0.12 13.34
CA GLN A 277 -15.50 0.74 13.28
C GLN A 277 -15.67 2.25 13.42
N ASN A 278 -14.97 2.84 14.37
CA ASN A 278 -15.04 4.27 14.65
C ASN A 278 -13.84 4.98 14.04
N PHE A 279 -14.12 6.11 13.39
CA PHE A 279 -13.08 6.91 12.75
C PHE A 279 -13.14 8.35 13.28
N ASP A 280 -11.97 8.92 13.51
CA ASP A 280 -11.83 10.29 14.01
C ASP A 280 -10.82 11.03 13.12
N LEU A 281 -11.32 11.65 12.06
CA LEU A 281 -10.48 12.43 11.17
C LEU A 281 -10.47 13.89 11.58
N TYR A 282 -9.51 14.64 11.04
CA TYR A 282 -9.45 16.07 11.25
C TYR A 282 -9.60 16.80 9.92
N ALA A 283 -9.77 18.13 10.02
CA ALA A 283 -10.00 18.92 8.82
C ALA A 283 -8.81 18.85 7.88
N LEU A 284 -7.59 18.85 8.41
CA LEU A 284 -6.39 18.81 7.60
C LEU A 284 -6.14 17.44 6.98
N ASP A 285 -6.93 16.43 7.35
CA ASP A 285 -6.70 15.05 6.92
C ASP A 285 -7.51 14.69 5.68
N TYR A 286 -7.73 15.63 4.77
CA TYR A 286 -8.46 15.35 3.55
C TYR A 286 -7.61 14.48 2.61
N ASP A 287 -8.28 13.84 1.67
CA ASP A 287 -7.63 12.96 0.70
C ASP A 287 -6.94 13.81 -0.36
N ASN A 288 -5.64 14.03 -0.17
CA ASN A 288 -4.89 14.95 -1.01
C ASN A 288 -4.35 14.26 -2.26
N ASP A 289 -4.23 15.04 -3.33
CA ASP A 289 -3.61 14.60 -4.59
C ASP A 289 -4.30 13.37 -5.19
N ARG A 290 -5.60 13.25 -4.97
CA ARG A 290 -6.34 12.10 -5.49
C ARG A 290 -7.60 12.54 -6.21
N HIS A 291 -8.14 13.69 -5.84
CA HIS A 291 -9.37 14.21 -6.40
C HIS A 291 -9.11 15.56 -7.04
N PHE A 292 -9.51 15.70 -8.30
CA PHE A 292 -9.22 16.90 -9.08
C PHE A 292 -10.47 17.37 -9.81
N PHE A 293 -10.74 18.67 -9.73
CA PHE A 293 -11.76 19.27 -10.59
C PHE A 293 -11.28 19.26 -12.04
N LEU A 294 -12.21 19.00 -12.96
CA LEU A 294 -11.85 18.96 -14.37
C LEU A 294 -11.54 20.33 -14.95
N SER A 295 -12.08 21.39 -14.37
CA SER A 295 -11.83 22.74 -14.86
C SER A 295 -12.19 23.74 -13.77
N GLN A 296 -11.74 24.98 -13.96
CA GLN A 296 -12.13 26.04 -13.05
C GLN A 296 -13.62 26.32 -13.12
N TYR A 297 -14.25 26.06 -14.27
CA TYR A 297 -15.68 26.22 -14.40
C TYR A 297 -16.43 25.30 -13.44
N PHE A 298 -16.04 24.01 -13.41
CA PHE A 298 -16.65 23.08 -12.48
C PHE A 298 -16.34 23.45 -11.04
N ARG A 299 -15.13 23.92 -10.76
CA ARG A 299 -14.77 24.31 -9.39
C ARG A 299 -15.63 25.47 -8.91
N ASN A 300 -15.85 26.46 -9.76
CA ASN A 300 -16.65 27.62 -9.38
C ASN A 300 -18.15 27.36 -9.45
N LYS A 301 -18.57 26.30 -10.14
CA LYS A 301 -19.98 25.93 -10.17
C LYS A 301 -20.35 24.91 -9.11
N TYR A 302 -19.36 24.29 -8.47
CA TYR A 302 -19.63 23.22 -7.50
C TYR A 302 -20.48 23.72 -6.34
N ASP A 303 -20.10 24.86 -5.75
CA ASP A 303 -20.82 25.36 -4.58
C ASP A 303 -22.26 25.75 -4.93
N VAL A 304 -22.45 26.44 -6.06
CA VAL A 304 -23.77 26.92 -6.42
C VAL A 304 -24.67 25.75 -6.82
N SER A 305 -24.12 24.77 -7.53
CA SER A 305 -24.93 23.66 -8.04
C SER A 305 -25.37 22.68 -6.97
N LEU A 306 -24.83 22.78 -5.75
CA LEU A 306 -25.19 21.88 -4.66
C LEU A 306 -25.87 22.61 -3.50
N LYS A 307 -26.40 23.81 -3.74
CA LYS A 307 -27.08 24.54 -2.67
C LYS A 307 -28.36 23.83 -2.25
N ASN A 308 -29.04 23.19 -3.19
CA ASN A 308 -30.31 22.51 -2.95
C ASN A 308 -30.20 21.01 -3.20
N TYR A 309 -29.12 20.39 -2.72
CA TYR A 309 -28.94 18.96 -2.90
C TYR A 309 -30.04 18.20 -2.16
N PRO A 310 -30.39 16.97 -2.60
CA PRO A 310 -29.76 16.15 -3.65
C PRO A 310 -30.01 16.63 -5.08
N PHE A 311 -30.80 17.68 -5.25
CA PHE A 311 -30.98 18.26 -6.57
C PHE A 311 -29.72 19.02 -6.98
N ILE A 312 -29.23 18.73 -8.18
CA ILE A 312 -28.03 19.37 -8.70
C ILE A 312 -28.47 20.36 -9.77
N ASP A 313 -28.23 21.65 -9.52
CA ASP A 313 -28.62 22.71 -10.44
C ASP A 313 -27.54 22.86 -11.52
N SER A 314 -27.40 21.81 -12.32
CA SER A 314 -26.40 21.76 -13.36
C SER A 314 -26.79 20.68 -14.36
N ARG A 315 -26.85 21.05 -15.64
CA ARG A 315 -27.20 20.12 -16.71
C ARG A 315 -25.98 19.45 -17.32
N VAL A 316 -24.79 19.70 -16.76
CA VAL A 316 -23.57 19.11 -17.30
C VAL A 316 -23.61 17.59 -17.15
N GLN A 317 -23.19 16.89 -18.20
CA GLN A 317 -23.13 15.43 -18.21
C GLN A 317 -21.84 15.04 -18.92
N ILE A 318 -20.82 14.69 -18.14
CA ILE A 318 -19.53 14.26 -18.69
C ILE A 318 -19.76 12.96 -19.46
N THR A 319 -19.58 13.01 -20.78
CA THR A 319 -19.83 11.84 -21.62
C THR A 319 -18.57 11.07 -21.96
N ARG A 320 -17.42 11.75 -22.08
CA ARG A 320 -16.17 11.08 -22.42
C ARG A 320 -15.03 11.75 -21.67
N LEU A 321 -14.07 10.94 -21.24
CA LEU A 321 -12.96 11.44 -20.44
C LEU A 321 -11.75 10.54 -20.62
N GLU A 322 -10.60 11.13 -20.96
CA GLU A 322 -9.34 10.41 -21.01
C GLU A 322 -8.33 11.12 -20.14
N VAL A 323 -7.60 10.36 -19.32
CA VAL A 323 -6.66 10.89 -18.35
C VAL A 323 -5.28 10.32 -18.65
N TRP A 324 -4.28 11.19 -18.70
CA TRP A 324 -2.91 10.83 -19.00
C TRP A 324 -2.01 11.24 -17.84
N VAL A 325 -1.08 10.35 -17.49
CA VAL A 325 -0.16 10.57 -16.39
C VAL A 325 1.27 10.33 -16.88
N THR A 326 2.23 10.83 -16.11
CA THR A 326 3.63 10.57 -16.41
C THR A 326 3.91 9.07 -16.35
N ASN A 327 4.61 8.57 -17.36
CA ASN A 327 4.86 7.14 -17.50
C ASN A 327 6.21 6.80 -16.90
N LYS A 328 6.20 6.27 -15.68
CA LYS A 328 7.40 5.72 -15.06
C LYS A 328 7.43 4.21 -15.08
N GLN A 329 6.33 3.55 -15.46
CA GLN A 329 6.33 2.10 -15.57
C GLN A 329 7.23 1.63 -16.70
N ASN A 330 7.27 2.40 -17.80
CA ASN A 330 8.01 2.06 -19.02
C ASN A 330 7.86 0.59 -19.38
N ARG A 331 6.60 0.14 -19.44
CA ARG A 331 6.27 -1.23 -19.79
C ARG A 331 5.21 -1.22 -20.88
N VAL A 332 5.37 -2.10 -21.86
CA VAL A 332 4.44 -2.22 -22.98
C VAL A 332 3.70 -3.54 -22.84
N THR A 333 2.36 -3.47 -22.81
CA THR A 333 1.53 -4.65 -22.67
C THR A 333 0.22 -4.43 -23.41
N THR A 334 -0.28 -5.50 -24.03
CA THR A 334 -1.54 -5.43 -24.76
C THR A 334 -2.76 -5.59 -23.86
N THR A 335 -2.62 -6.24 -22.70
CA THR A 335 -3.74 -6.49 -21.81
C THR A 335 -4.05 -5.32 -20.88
N GLY A 336 -3.20 -4.30 -20.85
CA GLY A 336 -3.44 -3.15 -20.01
C GLY A 336 -4.27 -2.08 -20.67
N GLY A 337 -5.39 -2.49 -21.27
CA GLY A 337 -6.23 -1.54 -21.97
C GLY A 337 -5.64 -0.98 -23.24
N GLY A 338 -4.70 -1.70 -23.85
CA GLY A 338 -4.04 -1.23 -25.06
C GLY A 338 -2.79 -0.43 -24.76
N ASN A 339 -1.95 -0.30 -25.79
CA ASN A 339 -0.69 0.44 -25.69
C ASN A 339 -0.91 1.80 -26.33
N ASN A 340 -1.47 2.72 -25.56
CA ASN A 340 -1.77 4.08 -26.01
C ASN A 340 -0.74 5.03 -25.41
N LEU A 341 0.38 5.18 -26.09
CA LEU A 341 1.45 6.10 -25.69
C LEU A 341 1.50 7.25 -26.68
N ARG A 342 1.25 8.46 -26.21
CA ARG A 342 1.23 9.65 -27.04
C ARG A 342 2.03 10.76 -26.39
N ASN A 343 2.66 11.58 -27.22
CA ASN A 343 3.27 12.81 -26.72
C ASN A 343 2.17 13.77 -26.29
N ILE A 344 2.31 14.31 -25.08
CA ILE A 344 1.28 15.12 -24.45
C ILE A 344 1.87 16.48 -24.10
N ILE A 345 1.17 17.54 -24.48
CA ILE A 345 1.46 18.89 -23.98
C ILE A 345 0.20 19.39 -23.30
N ALA A 346 0.28 19.61 -21.99
CA ALA A 346 -0.86 20.01 -21.18
C ALA A 346 -0.76 21.51 -20.89
N LEU A 347 -1.81 22.25 -21.25
CA LEU A 347 -1.90 23.68 -21.01
C LEU A 347 -2.75 23.94 -19.79
N GLN A 348 -2.30 24.85 -18.94
CA GLN A 348 -3.05 25.17 -17.72
C GLN A 348 -4.28 26.01 -18.03
N ASP A 349 -4.21 26.89 -19.02
CA ASP A 349 -5.30 27.79 -19.35
C ASP A 349 -6.17 27.27 -20.49
N LEU A 350 -5.95 26.04 -20.95
CA LEU A 350 -6.75 25.50 -22.04
C LEU A 350 -8.19 25.32 -21.58
N GLY A 351 -9.12 25.80 -22.41
CA GLY A 351 -10.54 25.65 -22.12
C GLY A 351 -11.06 26.51 -20.99
N GLU A 352 -10.36 27.59 -20.63
CA GLU A 352 -10.71 28.41 -19.49
C GLU A 352 -11.41 29.68 -19.97
N ALA A 353 -12.63 29.90 -19.48
CA ALA A 353 -13.34 31.15 -19.67
C ALA A 353 -13.36 31.95 -18.37
N GLN A 354 -13.87 33.17 -18.45
CA GLN A 354 -13.91 34.04 -17.28
C GLN A 354 -14.97 33.53 -16.29
N VAL A 355 -14.95 34.11 -15.10
CA VAL A 355 -15.93 33.81 -14.06
C VAL A 355 -16.47 35.13 -13.52
N SER A 356 -17.79 35.19 -13.32
CA SER A 356 -18.41 36.43 -12.87
C SER A 356 -17.93 36.81 -11.48
N GLY A 357 -17.84 35.85 -10.57
CA GLY A 357 -17.45 36.13 -9.21
C GLY A 357 -15.99 35.93 -8.87
N VAL A 358 -15.19 35.45 -9.81
CA VAL A 358 -13.77 35.17 -9.59
C VAL A 358 -12.96 36.02 -10.55
N PRO A 359 -11.94 36.75 -10.07
CA PRO A 359 -11.10 37.53 -10.97
C PRO A 359 -10.29 36.65 -11.90
N ASP A 360 -9.85 37.23 -13.01
CA ASP A 360 -9.24 36.45 -14.08
C ASP A 360 -7.94 35.79 -13.63
N ASN A 361 -7.10 36.50 -12.88
CA ASN A 361 -5.81 35.96 -12.52
C ASN A 361 -5.89 34.76 -11.57
N GLU A 362 -7.06 34.51 -10.98
CA GLU A 362 -7.29 33.30 -10.21
C GLU A 362 -7.81 32.14 -11.05
N VAL A 363 -7.99 32.35 -12.35
CA VAL A 363 -8.47 31.33 -13.26
C VAL A 363 -7.40 30.93 -14.28
N VAL A 364 -6.64 31.90 -14.78
CA VAL A 364 -5.64 31.66 -15.82
C VAL A 364 -4.30 32.19 -15.34
N VAL A 365 -3.21 31.61 -15.88
CA VAL A 365 -1.87 32.04 -15.54
C VAL A 365 -1.24 32.95 -16.59
N ILE A 366 -1.93 33.18 -17.71
CA ILE A 366 -1.36 34.02 -18.77
C ILE A 366 -1.17 35.43 -18.23
N SER A 367 0.00 36.01 -18.51
CA SER A 367 0.33 37.32 -17.93
C SER A 367 -0.62 38.40 -18.41
N SER A 368 -0.92 38.42 -19.71
CA SER A 368 -1.79 39.41 -20.30
C SER A 368 -2.99 38.72 -20.93
N THR A 369 -4.19 39.16 -20.55
CA THR A 369 -5.43 38.60 -21.05
C THR A 369 -6.08 39.46 -22.13
N ALA A 370 -5.32 40.39 -22.71
CA ALA A 370 -5.84 41.25 -23.77
C ALA A 370 -6.07 40.43 -25.03
N GLY A 371 -7.34 40.16 -25.34
CA GLY A 371 -7.67 39.35 -26.49
C GLY A 371 -7.59 37.86 -26.28
N PHE A 372 -7.32 37.41 -25.06
CA PHE A 372 -7.22 35.98 -24.79
C PHE A 372 -8.59 35.31 -24.82
N PHE A 373 -9.61 35.98 -24.31
CA PHE A 373 -10.96 35.42 -24.25
C PHE A 373 -11.80 35.91 -25.43
N ASN A 374 -12.67 35.02 -25.92
CA ASN A 374 -13.56 35.35 -27.02
C ASN A 374 -14.96 34.78 -26.80
N ASN A 375 -15.36 34.60 -25.55
CA ASN A 375 -16.66 34.06 -25.20
C ASN A 375 -17.23 34.86 -24.05
N PRO A 376 -18.55 34.79 -23.83
CA PRO A 376 -19.17 35.50 -22.71
C PRO A 376 -18.54 35.12 -21.37
N ILE A 377 -18.87 35.92 -20.35
CA ILE A 377 -18.18 35.85 -19.07
C ILE A 377 -18.55 34.58 -18.31
N ASP A 378 -19.68 33.96 -18.64
CA ASP A 378 -20.13 32.75 -17.95
C ASP A 378 -20.25 31.57 -18.91
N SER A 379 -19.34 31.49 -19.88
CA SER A 379 -19.37 30.39 -20.83
C SER A 379 -18.88 29.10 -20.17
N PRO A 380 -19.51 27.97 -20.46
CA PRO A 380 -19.00 26.69 -19.95
C PRO A 380 -17.65 26.35 -20.58
N THR A 381 -16.86 25.55 -19.87
CA THR A 381 -15.52 25.23 -20.33
C THR A 381 -15.55 24.50 -21.66
N SER A 382 -14.77 25.00 -22.62
CA SER A 382 -14.71 24.42 -23.95
C SER A 382 -13.43 24.90 -24.62
N ASN A 383 -13.02 24.18 -25.67
CA ASN A 383 -11.78 24.53 -26.36
C ASN A 383 -11.84 25.92 -26.98
N THR A 384 -13.03 26.38 -27.37
CA THR A 384 -13.19 27.64 -28.07
C THR A 384 -13.32 28.84 -27.14
N ASN A 385 -13.19 28.63 -25.83
CA ASN A 385 -13.38 29.74 -24.90
C ASN A 385 -12.22 30.74 -24.93
N ASN A 386 -11.04 30.30 -25.35
CA ASN A 386 -9.86 31.16 -25.34
C ASN A 386 -9.08 30.94 -26.63
N LYS A 387 -7.92 31.59 -26.73
CA LYS A 387 -7.08 31.52 -27.92
C LYS A 387 -6.17 30.31 -27.92
N TYR A 388 -6.16 29.50 -26.86
CA TYR A 388 -5.41 28.25 -26.83
C TYR A 388 -6.16 27.11 -27.50
N ASP A 389 -7.17 27.42 -28.31
CA ASP A 389 -8.00 26.43 -28.99
C ASP A 389 -7.14 25.55 -29.89
N PRO A 390 -7.02 24.26 -29.60
CA PRO A 390 -6.24 23.37 -30.47
C PRO A 390 -6.81 23.23 -31.87
N ALA A 391 -8.10 23.52 -32.07
CA ALA A 391 -8.68 23.44 -33.40
C ALA A 391 -8.21 24.57 -34.30
N THR A 392 -8.00 25.76 -33.73
CA THR A 392 -7.63 26.94 -34.49
C THR A 392 -6.16 27.31 -34.31
N ILE A 393 -5.27 26.32 -34.24
CA ILE A 393 -3.85 26.55 -34.00
C ILE A 393 -3.26 27.38 -35.14
N GLY A 394 -2.87 28.61 -34.84
CA GLY A 394 -2.19 29.45 -35.82
C GLY A 394 -3.02 29.78 -37.04
N GLN A 395 -4.33 29.96 -36.88
CA GLN A 395 -5.16 30.27 -38.05
C GLN A 395 -5.12 31.75 -38.39
N ALA A 396 -5.58 32.60 -37.48
CA ALA A 396 -5.54 34.04 -37.73
C ALA A 396 -5.01 34.84 -36.55
N GLY A 397 -5.41 34.51 -35.33
CA GLY A 397 -4.99 35.26 -34.18
C GLY A 397 -4.72 34.42 -32.95
N SER A 398 -4.59 33.11 -33.13
CA SER A 398 -4.37 32.21 -32.00
C SER A 398 -2.99 32.43 -31.40
N PHE A 399 -2.84 31.97 -30.15
CA PHE A 399 -1.57 32.07 -29.44
C PHE A 399 -0.71 30.83 -29.59
N LEU A 400 -1.13 29.86 -30.41
CA LEU A 400 -0.40 28.61 -30.59
C LEU A 400 0.01 28.46 -32.05
N ASN A 401 1.25 28.01 -32.26
CA ASN A 401 1.76 27.73 -33.59
C ASN A 401 1.80 26.22 -33.80
N SER A 402 2.21 25.81 -35.01
CA SER A 402 2.38 24.39 -35.29
C SER A 402 3.47 23.77 -34.42
N ASN A 403 4.46 24.57 -33.98
CA ASN A 403 5.51 24.05 -33.13
C ASN A 403 4.98 23.52 -31.81
N ILE A 404 3.77 23.91 -31.42
CA ILE A 404 3.15 23.38 -30.21
C ILE A 404 2.97 21.87 -30.31
N ARG A 405 2.93 21.32 -31.52
CA ARG A 405 2.78 19.88 -31.70
C ARG A 405 4.08 19.12 -31.44
N GLU A 406 5.20 19.80 -31.32
CA GLU A 406 6.51 19.18 -31.18
C GLU A 406 7.04 19.37 -29.78
N ILE A 407 7.53 18.28 -29.18
CA ILE A 407 8.15 18.37 -27.85
C ILE A 407 9.44 19.18 -27.91
N VAL A 408 10.18 19.09 -29.02
CA VAL A 408 11.44 19.82 -29.15
C VAL A 408 11.19 21.32 -29.19
N THR A 409 10.17 21.75 -29.93
CA THR A 409 9.85 23.16 -30.11
C THR A 409 8.54 23.53 -29.40
N ALA A 410 8.29 22.91 -28.25
CA ALA A 410 7.07 23.23 -27.49
C ALA A 410 7.08 24.67 -26.99
N LYS A 411 8.23 25.14 -26.52
CA LYS A 411 8.32 26.51 -26.00
C LYS A 411 8.06 27.53 -27.09
N SER A 412 8.61 27.30 -28.30
CA SER A 412 8.42 28.23 -29.40
C SER A 412 7.03 28.16 -30.01
N GLY A 413 6.21 27.20 -29.59
CA GLY A 413 4.85 27.09 -30.10
C GLY A 413 3.87 28.10 -29.54
N PHE A 414 4.31 28.98 -28.65
CA PHE A 414 3.46 30.01 -28.06
C PHE A 414 3.77 31.35 -28.70
N ASN A 415 2.74 32.06 -29.14
CA ASN A 415 2.90 33.42 -29.63
C ASN A 415 3.06 34.44 -28.52
N ASN A 416 2.84 34.04 -27.26
CA ASN A 416 3.00 34.94 -26.13
C ASN A 416 4.48 35.07 -25.76
N THR A 417 4.76 36.07 -24.91
CA THR A 417 6.13 36.36 -24.52
C THR A 417 6.51 35.64 -23.22
N ASN A 418 5.73 35.87 -22.15
CA ASN A 418 6.04 35.31 -20.84
C ASN A 418 5.34 33.97 -20.67
N VAL A 419 5.96 32.93 -21.23
CA VAL A 419 5.49 31.56 -21.12
C VAL A 419 6.58 30.72 -20.47
N SER A 420 6.22 30.00 -19.41
CA SER A 420 7.17 29.20 -18.66
C SER A 420 6.85 27.72 -18.79
N GLU A 421 7.90 26.90 -18.82
CA GLU A 421 7.77 25.46 -18.96
C GLU A 421 7.20 24.80 -17.72
N ALA A 422 7.08 25.52 -16.60
CA ALA A 422 6.54 24.96 -15.38
C ALA A 422 5.14 25.44 -15.06
N THR A 423 4.80 26.69 -15.43
CA THR A 423 3.51 27.28 -15.10
C THR A 423 2.50 27.14 -16.23
N ASP A 424 2.83 27.65 -17.42
CA ASP A 424 1.86 27.72 -18.50
C ASP A 424 1.58 26.37 -19.14
N TYR A 425 2.58 25.49 -19.22
CA TYR A 425 2.41 24.23 -19.91
C TYR A 425 3.36 23.19 -19.34
N SER A 426 3.08 21.93 -19.65
CA SER A 426 3.95 20.82 -19.29
C SER A 426 3.99 19.84 -20.46
N VAL A 427 5.07 19.07 -20.55
CA VAL A 427 5.29 18.14 -21.65
C VAL A 427 5.63 16.77 -21.11
N LEU A 428 5.11 15.73 -21.76
CA LEU A 428 5.44 14.34 -21.48
C LEU A 428 5.60 13.60 -22.80
N GLU A 429 6.75 12.96 -23.00
CA GLU A 429 7.04 12.37 -24.30
C GLU A 429 6.24 11.09 -24.54
N ASN A 430 6.08 10.26 -23.52
CA ASN A 430 5.39 8.98 -23.66
C ASN A 430 4.38 8.78 -22.54
N ALA A 431 3.56 9.81 -22.31
CA ALA A 431 2.54 9.73 -21.27
C ALA A 431 1.56 8.60 -21.56
N ARG A 432 1.16 7.88 -20.51
CA ARG A 432 0.27 6.74 -20.65
C ARG A 432 -1.15 7.14 -20.23
N LYS A 433 -2.13 6.62 -20.96
CA LYS A 433 -3.52 6.89 -20.66
C LYS A 433 -4.03 5.92 -19.61
N LEU A 434 -4.64 6.46 -18.55
CA LEU A 434 -5.15 5.62 -17.47
C LEU A 434 -6.31 4.76 -17.95
N THR A 435 -6.36 3.52 -17.48
CA THR A 435 -7.47 2.64 -17.78
C THR A 435 -8.72 3.08 -17.02
N THR A 436 -9.88 2.68 -17.53
CA THR A 436 -11.15 3.08 -16.91
C THR A 436 -11.29 2.59 -15.49
N ASN A 437 -10.60 1.51 -15.12
CA ASN A 437 -10.65 0.98 -13.76
C ASN A 437 -9.64 1.63 -12.84
N GLU A 438 -8.79 2.52 -13.36
CA GLU A 438 -7.79 3.21 -12.56
C GLU A 438 -8.29 4.55 -12.02
N TYR A 439 -9.52 4.95 -12.36
CA TYR A 439 -10.06 6.21 -11.89
C TYR A 439 -11.58 6.16 -12.02
N THR A 440 -12.23 7.10 -11.33
CA THR A 440 -13.67 7.32 -11.45
C THR A 440 -13.91 8.81 -11.62
N PHE A 441 -15.12 9.17 -12.05
CA PHE A 441 -15.46 10.56 -12.20
C PHE A 441 -16.94 10.76 -11.94
N ASN A 442 -17.29 12.00 -11.56
CA ASN A 442 -18.68 12.37 -11.35
C ASN A 442 -19.20 13.03 -12.63
N PRO A 443 -20.16 12.42 -13.33
CA PRO A 443 -20.64 13.04 -14.58
C PRO A 443 -21.27 14.40 -14.40
N GLN A 444 -21.93 14.65 -13.26
CA GLN A 444 -22.65 15.90 -13.07
C GLN A 444 -21.77 16.99 -12.47
N LEU A 445 -21.02 16.66 -11.43
CA LEU A 445 -20.19 17.65 -10.74
C LEU A 445 -18.84 17.87 -11.39
N GLY A 446 -18.47 17.03 -12.36
CA GLY A 446 -17.27 17.27 -13.16
C GLY A 446 -15.96 17.22 -12.42
N TYR A 447 -15.76 16.19 -11.58
CA TYR A 447 -14.48 15.98 -10.93
C TYR A 447 -14.09 14.52 -11.07
N ILE A 448 -12.80 14.24 -10.88
CA ILE A 448 -12.26 12.90 -11.02
C ILE A 448 -11.57 12.50 -9.73
N SER A 449 -11.53 11.19 -9.49
CA SER A 449 -10.84 10.59 -8.36
C SER A 449 -9.95 9.47 -8.87
N LEU A 450 -8.70 9.47 -8.44
CA LEU A 450 -7.73 8.49 -8.91
C LEU A 450 -7.64 7.31 -7.95
N GLN A 451 -7.34 6.14 -8.51
CA GLN A 451 -7.11 4.95 -7.67
C GLN A 451 -5.89 5.14 -6.79
N GLN A 452 -4.81 5.69 -7.35
CA GLN A 452 -3.59 5.98 -6.61
C GLN A 452 -3.32 7.48 -6.67
N ARG A 453 -2.94 8.05 -5.54
CA ARG A 453 -2.70 9.48 -5.48
C ARG A 453 -1.35 9.84 -6.11
N LEU A 454 -1.23 11.10 -6.51
CA LEU A 454 -0.02 11.63 -7.12
C LEU A 454 0.70 12.48 -6.07
N ALA A 455 1.51 11.83 -5.24
CA ALA A 455 2.27 12.50 -4.20
C ALA A 455 3.63 12.98 -4.68
N ASN A 456 3.90 12.85 -5.98
CA ASN A 456 5.19 13.21 -6.55
C ASN A 456 5.03 14.19 -7.71
N ASP A 457 6.09 14.38 -8.49
CA ASP A 457 6.11 15.34 -9.59
C ASP A 457 5.33 14.85 -10.81
N GLU A 458 4.52 13.80 -10.64
CA GLU A 458 3.77 13.24 -11.74
C GLU A 458 2.79 14.27 -12.29
N ILE A 459 2.67 14.30 -13.62
CA ILE A 459 1.83 15.27 -14.33
C ILE A 459 0.50 14.61 -14.66
N LEU A 460 -0.59 15.32 -14.40
CA LEU A 460 -1.93 14.86 -14.71
C LEU A 460 -2.52 15.74 -15.79
N ALA A 461 -2.91 15.13 -16.92
CA ALA A 461 -3.54 15.84 -18.01
C ALA A 461 -4.83 15.14 -18.36
N VAL A 462 -5.82 15.91 -18.83
CA VAL A 462 -7.12 15.36 -19.15
C VAL A 462 -7.60 15.90 -20.49
N ALA A 463 -8.50 15.12 -21.11
CA ALA A 463 -9.29 15.58 -22.25
C ALA A 463 -10.69 15.01 -22.06
N PHE A 464 -11.67 15.90 -21.90
CA PHE A 464 -13.03 15.46 -21.62
C PHE A 464 -14.02 16.19 -22.51
N GLU A 465 -15.08 15.49 -22.87
CA GLU A 465 -16.19 16.03 -23.65
C GLU A 465 -17.49 15.77 -22.90
N TYR A 466 -18.30 16.81 -22.76
CA TYR A 466 -19.53 16.73 -21.99
C TYR A 466 -20.66 17.37 -22.77
N THR A 467 -21.88 17.15 -22.30
CA THR A 467 -23.09 17.65 -22.94
C THR A 467 -23.92 18.45 -21.95
N VAL A 468 -24.34 19.63 -22.37
CA VAL A 468 -25.28 20.46 -21.62
C VAL A 468 -26.50 20.63 -22.52
N GLY A 469 -27.57 19.91 -22.22
CA GLY A 469 -28.75 19.95 -23.07
C GLY A 469 -28.40 19.44 -24.45
N GLY A 470 -28.67 20.26 -25.47
CA GLY A 470 -28.32 19.94 -26.83
C GLY A 470 -26.95 20.41 -27.26
N LYS A 471 -26.18 21.01 -26.36
CA LYS A 471 -24.85 21.51 -26.68
C LYS A 471 -23.80 20.50 -26.23
N VAL A 472 -22.72 20.37 -27.02
CA VAL A 472 -21.61 19.48 -26.71
C VAL A 472 -20.34 20.32 -26.64
N TYR A 473 -19.58 20.18 -25.55
CA TYR A 473 -18.37 20.94 -25.34
C TYR A 473 -17.19 19.99 -25.13
N GLN A 474 -16.11 20.23 -25.84
CA GLN A 474 -14.87 19.49 -25.70
C GLN A 474 -13.77 20.43 -25.23
N VAL A 475 -12.95 19.97 -24.30
CA VAL A 475 -11.96 20.84 -23.66
C VAL A 475 -10.55 20.33 -23.96
N GLY A 476 -10.44 19.08 -24.40
CA GLY A 476 -9.14 18.54 -24.74
C GLY A 476 -9.08 17.95 -26.14
N GLU A 477 -7.99 17.25 -26.44
CA GLU A 477 -7.84 16.54 -27.71
C GLU A 477 -7.81 15.05 -27.43
N PHE A 478 -8.73 14.31 -28.05
CA PHE A 478 -8.75 12.86 -27.90
C PHE A 478 -7.90 12.21 -28.97
N GLY A 479 -7.56 10.94 -28.74
CA GLY A 479 -6.81 10.18 -29.73
C GLY A 479 -7.60 9.89 -30.99
N SER A 480 -8.91 10.02 -30.94
CA SER A 480 -9.76 9.76 -32.10
C SER A 480 -9.91 10.98 -33.01
N ASP A 481 -9.88 12.19 -32.45
CA ASP A 481 -10.02 13.41 -33.23
C ASP A 481 -8.76 14.27 -33.25
N GLY A 482 -7.74 13.91 -32.47
CA GLY A 482 -6.51 14.67 -32.44
C GLY A 482 -5.61 14.38 -33.63
N VAL A 483 -4.47 15.06 -33.64
CA VAL A 483 -3.51 14.88 -34.73
C VAL A 483 -2.91 13.47 -34.66
N ASP A 484 -2.31 13.07 -35.78
CA ASP A 484 -1.66 11.77 -35.85
C ASP A 484 -0.42 11.74 -34.97
N ALA A 485 -0.11 10.56 -34.44
CA ALA A 485 1.05 10.41 -33.56
C ALA A 485 2.35 10.71 -34.31
N THR A 486 2.49 10.21 -35.53
CA THR A 486 3.70 10.41 -36.31
C THR A 486 3.35 10.53 -37.78
N VAL A 487 4.06 11.43 -38.47
CA VAL A 487 3.94 11.60 -39.91
C VAL A 487 5.33 11.42 -40.52
N VAL A 488 5.43 10.54 -41.51
CA VAL A 488 6.71 10.18 -42.11
C VAL A 488 6.71 10.61 -43.57
N THR A 489 7.73 11.35 -43.96
CA THR A 489 7.90 11.81 -45.34
C THR A 489 9.13 11.15 -45.94
N GLY A 490 8.95 10.47 -47.07
CA GLY A 490 10.05 9.84 -47.77
C GLY A 490 9.87 8.34 -47.86
N ASN A 491 10.79 7.73 -48.62
CA ASN A 491 10.77 6.29 -48.87
C ASN A 491 11.86 5.52 -48.13
N ASN A 492 13.00 6.15 -47.87
CA ASN A 492 14.12 5.49 -47.21
C ASN A 492 14.64 6.38 -46.09
N SER A 493 15.31 5.75 -45.12
CA SER A 493 15.79 6.47 -43.95
C SER A 493 16.82 7.54 -44.28
N SER A 494 17.43 7.49 -45.46
CA SER A 494 18.41 8.50 -45.83
C SER A 494 17.77 9.86 -46.05
N ASN A 495 16.51 9.90 -46.50
CA ASN A 495 15.80 11.15 -46.73
C ASN A 495 14.45 11.21 -46.02
N GLN A 496 14.19 10.30 -45.09
CA GLN A 496 12.94 10.32 -44.36
C GLN A 496 12.95 11.38 -43.27
N ALA A 497 11.83 12.08 -43.14
CA ALA A 497 11.61 13.06 -42.08
C ALA A 497 10.45 12.60 -41.21
N ILE A 498 10.67 12.59 -39.90
CA ILE A 498 9.68 12.14 -38.93
C ILE A 498 9.17 13.34 -38.17
N ILE A 499 7.85 13.49 -38.10
CA ILE A 499 7.21 14.57 -37.38
C ILE A 499 6.32 13.92 -36.33
N THR A 500 6.73 13.98 -35.08
CA THR A 500 5.94 13.43 -33.97
C THR A 500 5.09 14.55 -33.39
N GLN A 501 3.78 14.39 -33.46
CA GLN A 501 2.83 15.42 -33.04
C GLN A 501 2.26 15.08 -31.68
N SER A 502 1.99 16.11 -30.89
CA SER A 502 1.56 15.97 -29.51
C SER A 502 0.11 16.41 -29.34
N LEU A 503 -0.62 15.68 -28.50
CA LEU A 503 -1.98 16.07 -28.16
C LEU A 503 -1.97 17.24 -27.18
N VAL A 504 -2.94 18.13 -27.33
CA VAL A 504 -3.09 19.28 -26.45
C VAL A 504 -4.18 18.95 -25.43
N LEU A 505 -3.80 18.86 -24.16
CA LEU A 505 -4.70 18.49 -23.09
C LEU A 505 -4.75 19.60 -22.05
N LYS A 506 -5.57 19.40 -21.02
CA LYS A 506 -5.71 20.35 -19.93
C LYS A 506 -4.99 19.82 -18.70
N MET A 507 -4.13 20.65 -18.11
CA MET A 507 -3.31 20.26 -16.97
C MET A 507 -4.11 20.39 -15.69
N LEU A 508 -4.22 19.29 -14.93
CA LEU A 508 -4.84 19.31 -13.61
C LEU A 508 -3.82 19.32 -12.49
N LYS A 509 -2.66 18.67 -12.70
CA LYS A 509 -1.55 18.71 -11.77
C LYS A 509 -0.28 19.03 -12.55
N SER A 510 0.51 19.94 -12.02
CA SER A 510 1.71 20.40 -12.70
C SER A 510 2.91 19.55 -12.31
N ASN A 511 3.97 19.64 -13.14
CA ASN A 511 5.21 18.96 -12.84
C ASN A 511 5.85 19.50 -11.56
N LEU A 512 5.81 20.82 -11.39
CA LEU A 512 6.36 21.48 -10.22
C LEU A 512 5.22 22.09 -9.42
N THR A 513 5.14 21.74 -8.13
CA THR A 513 4.07 22.25 -7.29
C THR A 513 4.20 23.76 -7.11
N ASN A 514 3.07 24.46 -7.24
CA ASN A 514 3.03 25.91 -7.05
C ASN A 514 1.62 26.27 -6.61
N VAL A 515 1.45 26.54 -5.31
CA VAL A 515 0.14 26.84 -4.75
C VAL A 515 -0.41 28.19 -5.21
N LYS A 516 0.41 29.01 -5.85
CA LYS A 516 -0.02 30.33 -6.31
C LYS A 516 -0.70 30.30 -7.67
N ASN A 517 -0.78 29.13 -8.31
CA ASN A 517 -1.42 29.01 -9.61
C ASN A 517 -2.81 28.42 -9.47
N PRO A 518 -3.73 28.75 -10.39
CA PRO A 518 -5.07 28.16 -10.33
C PRO A 518 -5.09 26.66 -10.53
N VAL A 519 -4.05 26.07 -11.12
CA VAL A 519 -4.01 24.62 -11.26
C VAL A 519 -3.97 23.95 -9.88
N TRP A 520 -3.44 24.65 -8.88
CA TRP A 520 -3.48 24.14 -7.51
C TRP A 520 -4.91 24.07 -6.98
N ASN A 521 -5.74 25.03 -7.36
CA ASN A 521 -7.13 25.04 -6.90
C ASN A 521 -7.95 23.90 -7.49
N LEU A 522 -7.49 23.29 -8.59
CA LEU A 522 -8.24 22.21 -9.20
C LEU A 522 -8.28 20.95 -8.35
N MET A 523 -7.33 20.79 -7.42
CA MET A 523 -7.33 19.63 -6.54
C MET A 523 -8.39 19.81 -5.46
N MET A 524 -9.22 18.80 -5.28
CA MET A 524 -10.30 18.86 -4.29
C MET A 524 -9.73 18.64 -2.90
N LYS A 525 -10.09 19.52 -1.97
CA LYS A 525 -9.67 19.42 -0.57
C LYS A 525 -10.85 19.23 0.36
N ASN A 526 -12.00 18.81 -0.17
CA ASN A 526 -13.19 18.58 0.63
C ASN A 526 -13.61 17.11 0.64
N VAL A 527 -12.70 16.21 0.26
CA VAL A 527 -12.96 14.78 0.23
C VAL A 527 -12.14 14.12 1.31
N TYR A 528 -12.79 13.32 2.15
CA TYR A 528 -12.15 12.65 3.27
C TYR A 528 -12.34 11.14 3.14
N GLN A 529 -11.24 10.40 3.25
CA GLN A 529 -11.26 8.95 3.11
C GLN A 529 -11.56 8.32 4.45
N ILE A 530 -12.69 7.64 4.55
CA ILE A 530 -13.02 6.91 5.78
C ILE A 530 -12.09 5.71 5.91
N PRO A 531 -11.39 5.54 7.03
CA PRO A 531 -10.43 4.44 7.15
C PRO A 531 -11.10 3.08 7.01
N GLN A 532 -10.45 2.19 6.26
CA GLN A 532 -10.90 0.80 6.08
C GLN A 532 -12.35 0.71 5.63
N ALA A 533 -12.77 1.65 4.78
CA ALA A 533 -14.13 1.70 4.29
C ALA A 533 -14.15 1.37 2.80
N TYR A 534 -15.03 0.44 2.42
CA TYR A 534 -15.19 0.06 1.02
C TYR A 534 -16.62 0.11 0.55
N GLN A 535 -17.59 -0.25 1.40
CA GLN A 535 -18.99 -0.34 1.04
C GLN A 535 -19.87 0.30 2.10
N ILE A 536 -19.52 1.52 2.52
CA ILE A 536 -20.33 2.22 3.51
C ILE A 536 -21.73 2.45 2.96
N LYS A 537 -22.73 2.20 3.79
CA LYS A 537 -24.12 2.29 3.38
C LYS A 537 -24.93 2.99 4.47
N GLN A 538 -26.09 3.50 4.07
CA GLN A 538 -26.98 4.19 5.00
C GLN A 538 -27.50 3.22 6.05
N ASP A 539 -27.90 3.78 7.21
CA ASP A 539 -28.37 3.04 8.36
C ASP A 539 -27.23 2.30 9.06
N ASP A 540 -26.04 2.36 8.47
CA ASP A 540 -24.84 1.75 9.03
C ASP A 540 -23.68 2.72 8.95
N PHE A 541 -23.98 4.01 9.01
CA PHE A 541 -22.96 5.05 8.91
C PHE A 541 -23.44 6.29 9.64
N ARG A 542 -22.68 6.71 10.66
CA ARG A 542 -22.96 7.92 11.41
C ARG A 542 -21.75 8.84 11.33
N LEU A 543 -22.01 10.13 11.13
CA LEU A 543 -20.95 11.13 11.03
C LEU A 543 -21.38 12.40 11.75
N ASN A 544 -20.45 13.01 12.47
CA ASN A 544 -20.68 14.27 13.15
C ASN A 544 -19.41 15.12 13.10
N ILE A 545 -19.60 16.42 13.23
CA ILE A 545 -18.50 17.39 13.25
C ILE A 545 -18.50 18.07 14.61
N LEU A 546 -17.35 18.05 15.27
CA LEU A 546 -17.20 18.63 16.60
C LEU A 546 -16.02 19.59 16.61
N TYR A 547 -16.01 20.49 17.59
CA TYR A 547 -14.93 21.45 17.77
C TYR A 547 -14.24 21.14 19.09
N THR A 548 -13.05 20.58 19.02
CA THR A 548 -12.29 20.19 20.20
C THR A 548 -11.49 21.38 20.69
N ASP A 549 -11.85 21.90 21.86
CA ASP A 549 -11.11 23.01 22.46
C ASP A 549 -11.30 23.04 23.97
N PRO A 550 -10.76 22.06 24.72
CA PRO A 550 -10.09 20.85 24.22
C PRO A 550 -11.07 19.69 24.06
N SER A 551 -12.24 19.80 24.70
CA SER A 551 -13.24 18.76 24.67
C SER A 551 -14.06 18.83 23.38
N PRO A 552 -14.56 17.69 22.89
CA PRO A 552 -15.38 17.71 21.67
C PRO A 552 -16.73 18.36 21.89
N ILE A 553 -16.95 19.51 21.27
CA ILE A 553 -18.19 20.26 21.37
C ILE A 553 -18.79 20.40 19.97
N ASN A 554 -20.09 20.12 19.85
CA ASN A 554 -20.77 20.09 18.56
C ASN A 554 -21.46 21.41 18.23
N TYR A 555 -20.91 22.52 18.72
CA TYR A 555 -21.39 23.84 18.31
C TYR A 555 -20.24 24.84 18.51
N ILE A 556 -20.41 26.01 17.91
CA ILE A 556 -19.36 27.03 17.87
C ILE A 556 -19.82 28.22 18.71
N THR A 557 -18.97 28.64 19.65
CA THR A 557 -19.22 29.80 20.49
C THR A 557 -18.45 31.01 19.98
N PRO A 558 -19.03 32.20 20.05
CA PRO A 558 -18.32 33.40 19.61
C PRO A 558 -17.15 33.73 20.53
N VAL A 559 -16.15 34.39 19.95
CA VAL A 559 -14.99 34.81 20.73
C VAL A 559 -15.41 35.87 21.74
N GLN A 560 -14.77 35.85 22.90
CA GLN A 560 -15.10 36.81 23.95
C GLN A 560 -14.91 38.23 23.45
N GLY A 561 -15.88 39.09 23.79
CA GLY A 561 -15.87 40.45 23.30
C GLY A 561 -16.47 40.64 21.93
N SER A 562 -17.06 39.60 21.35
CA SER A 562 -17.66 39.67 20.03
C SER A 562 -18.81 38.68 19.95
N SER A 563 -19.65 38.85 18.93
CA SER A 563 -20.82 37.99 18.75
C SER A 563 -21.00 37.71 17.27
N PHE A 564 -21.76 36.65 16.98
CA PHE A 564 -22.04 36.27 15.61
C PHE A 564 -22.94 37.31 14.95
N PRO A 565 -22.92 37.38 13.62
CA PRO A 565 -23.70 38.42 12.92
C PRO A 565 -25.18 38.34 13.25
N PRO A 566 -25.84 39.48 13.44
CA PRO A 566 -27.26 39.46 13.79
C PRO A 566 -28.14 39.14 12.58
N ASN A 567 -29.30 38.55 12.88
CA ASN A 567 -30.31 38.18 11.90
C ASN A 567 -29.72 37.31 10.78
N PRO A 568 -29.27 36.10 11.08
CA PRO A 568 -28.71 35.23 10.03
C PRO A 568 -29.80 34.51 9.25
N ALA A 569 -29.44 34.10 8.04
CA ALA A 569 -30.35 33.33 7.21
C ALA A 569 -30.59 31.95 7.83
N PRO A 570 -31.76 31.35 7.55
CA PRO A 570 -32.03 30.02 8.13
C PRO A 570 -31.01 28.97 7.73
N ASP A 571 -30.46 29.05 6.51
CA ASP A 571 -29.42 28.12 6.09
C ASP A 571 -28.03 28.56 6.55
N SER A 572 -27.91 29.73 7.17
CA SER A 572 -26.63 30.25 7.64
C SER A 572 -26.59 30.40 9.16
N LYS A 573 -27.39 29.60 9.88
CA LYS A 573 -27.41 29.69 11.33
C LYS A 573 -26.10 29.18 11.93
N VAL A 574 -25.51 29.97 12.82
CA VAL A 574 -24.31 29.59 13.54
C VAL A 574 -24.53 29.56 15.04
N GLU A 575 -25.26 30.53 15.58
CA GLU A 575 -25.52 30.61 17.02
C GLU A 575 -26.27 29.37 17.50
N GLN A 576 -25.64 28.62 18.40
CA GLN A 576 -26.24 27.42 18.99
C GLN A 576 -26.74 26.45 17.91
N THR A 577 -25.91 26.24 16.90
CA THR A 577 -26.27 25.40 15.77
C THR A 577 -25.31 24.22 15.68
N PRO A 578 -25.83 23.00 15.48
CA PRO A 578 -24.96 21.84 15.28
C PRO A 578 -24.07 22.03 14.05
N LEU A 579 -22.84 21.52 14.14
CA LEU A 579 -21.85 21.75 13.10
C LEU A 579 -22.21 21.07 11.78
N LEU A 580 -23.03 20.01 11.82
CA LEU A 580 -23.50 19.43 10.56
C LEU A 580 -24.34 20.42 9.77
N ASN A 581 -25.17 21.20 10.46
CA ASN A 581 -25.95 22.24 9.78
C ASN A 581 -25.06 23.42 9.39
N VAL A 582 -23.99 23.66 10.16
CA VAL A 582 -23.12 24.79 9.85
C VAL A 582 -22.36 24.55 8.55
N PHE A 583 -21.89 23.31 8.35
CA PHE A 583 -21.10 22.97 7.17
C PHE A 583 -21.95 22.36 6.06
N ASN A 584 -23.27 22.60 6.08
CA ASN A 584 -24.18 22.19 5.01
C ASN A 584 -24.13 20.68 4.77
N LEU A 585 -24.03 19.91 5.85
CA LEU A 585 -24.08 18.45 5.78
C LEU A 585 -25.34 17.88 6.41
N ASP A 586 -26.30 18.73 6.78
CA ASP A 586 -27.53 18.24 7.42
C ASP A 586 -28.65 19.21 7.06
N ARG A 587 -29.40 18.87 6.02
CA ARG A 587 -30.61 19.61 5.68
C ARG A 587 -31.75 18.70 5.23
N LEU A 588 -31.58 17.39 5.29
CA LEU A 588 -32.58 16.43 4.84
C LEU A 588 -32.94 15.48 5.97
N ASN A 589 -34.12 14.88 5.86
CA ASN A 589 -34.56 13.88 6.82
C ASN A 589 -34.01 12.52 6.40
N TYR A 590 -34.51 11.44 7.00
CA TYR A 590 -34.01 10.11 6.66
C TYR A 590 -34.24 9.76 5.20
N ASN A 591 -35.33 10.23 4.61
CA ASN A 591 -35.66 9.93 3.22
C ASN A 591 -35.16 10.99 2.25
N ASN A 592 -34.11 11.71 2.61
CA ASN A 592 -33.50 12.74 1.77
C ASN A 592 -34.47 13.84 1.38
N ASP A 593 -35.51 14.06 2.18
CA ASP A 593 -36.40 15.18 1.92
C ASP A 593 -36.02 16.38 2.77
N PRO A 594 -36.13 17.59 2.23
CA PRO A 594 -35.69 18.78 2.98
C PRO A 594 -36.44 18.93 4.29
N GLN A 595 -35.73 19.42 5.30
CA GLN A 595 -36.30 19.69 6.62
C GLN A 595 -35.77 21.03 7.12
N ALA A 596 -36.52 21.65 8.02
CA ALA A 596 -36.20 22.99 8.50
C ALA A 596 -34.81 23.07 9.12
N GLY A 597 -34.60 22.35 10.23
CA GLY A 597 -33.31 22.38 10.90
C GLY A 597 -32.53 21.09 10.77
N GLY A 598 -32.98 20.20 9.90
CA GLY A 598 -32.35 18.92 9.72
C GLY A 598 -32.79 17.91 10.77
N ASP A 599 -32.38 16.66 10.56
CA ASP A 599 -32.71 15.57 11.46
C ASP A 599 -31.57 15.23 12.42
N GLY A 600 -30.50 16.02 12.42
CA GLY A 600 -29.37 15.76 13.29
C GLY A 600 -28.43 14.68 12.82
N PHE A 601 -28.61 14.18 11.60
CA PHE A 601 -27.78 13.12 11.06
C PHE A 601 -27.20 13.55 9.72
N PHE A 602 -26.09 12.91 9.36
CA PHE A 602 -25.40 13.22 8.11
C PHE A 602 -26.25 12.84 6.91
N ASP A 603 -26.29 13.72 5.92
CA ASP A 603 -27.07 13.50 4.70
C ASP A 603 -26.32 12.52 3.81
N TYR A 604 -26.89 11.35 3.61
CA TYR A 604 -26.24 10.28 2.84
C TYR A 604 -26.79 10.31 1.42
N ILE A 605 -26.05 10.95 0.52
CA ILE A 605 -26.37 10.94 -0.91
C ILE A 605 -25.26 10.20 -1.64
N PRO A 606 -25.55 9.09 -2.31
CA PRO A 606 -24.49 8.26 -2.91
C PRO A 606 -23.77 8.94 -4.07
N GLY A 607 -24.22 10.11 -4.49
CA GLY A 607 -23.60 10.78 -5.62
C GLY A 607 -23.07 12.17 -5.32
N VAL A 608 -23.56 12.79 -4.26
CA VAL A 608 -23.21 14.16 -3.91
C VAL A 608 -22.25 14.20 -2.72
N THR A 609 -22.62 13.56 -1.61
CA THR A 609 -21.84 13.66 -0.39
C THR A 609 -21.06 12.40 -0.04
N VAL A 610 -21.39 11.26 -0.65
CA VAL A 610 -20.79 9.98 -0.29
C VAL A 610 -20.29 9.28 -1.55
N ASP A 611 -19.09 8.73 -1.48
CA ASP A 611 -18.57 7.81 -2.50
C ASP A 611 -18.71 6.41 -1.91
N VAL A 612 -19.76 5.68 -2.33
CA VAL A 612 -20.11 4.42 -1.69
C VAL A 612 -19.05 3.36 -1.95
N GLN A 613 -18.61 3.23 -3.21
CA GLN A 613 -17.69 2.15 -3.56
C GLN A 613 -16.28 2.39 -3.02
N ASN A 614 -15.93 3.63 -2.68
CA ASN A 614 -14.60 3.94 -2.16
C ASN A 614 -14.61 4.34 -0.69
N GLY A 615 -15.77 4.48 -0.08
CA GLY A 615 -15.86 4.86 1.31
C GLY A 615 -15.32 6.25 1.60
N ARG A 616 -15.71 7.22 0.78
CA ARG A 616 -15.25 8.60 0.89
C ARG A 616 -16.42 9.53 1.15
N VAL A 617 -16.19 10.55 1.96
CA VAL A 617 -17.20 11.56 2.29
C VAL A 617 -16.78 12.88 1.64
N ILE A 618 -17.68 13.45 0.84
CA ILE A 618 -17.42 14.69 0.12
C ILE A 618 -18.33 15.77 0.67
N PHE A 619 -17.74 16.90 1.06
CA PHE A 619 -18.54 18.02 1.51
C PHE A 619 -19.24 18.69 0.34
N THR A 620 -20.34 19.38 0.65
CA THR A 620 -21.13 20.06 -0.37
C THR A 620 -20.50 21.37 -0.84
N THR A 621 -19.43 21.82 -0.19
CA THR A 621 -18.68 23.00 -0.61
C THR A 621 -17.22 22.62 -0.80
N LYS A 622 -16.54 23.32 -1.69
CA LYS A 622 -15.16 22.99 -2.00
C LYS A 622 -14.21 23.37 -0.86
N GLU A 623 -14.57 24.36 -0.05
CA GLU A 623 -13.78 24.77 1.10
C GLU A 623 -14.70 24.88 2.31
N PRO A 624 -15.15 23.74 2.84
CA PRO A 624 -16.10 23.80 3.97
C PRO A 624 -15.55 24.49 5.21
N PHE A 625 -14.27 24.31 5.50
CA PHE A 625 -13.64 24.93 6.66
C PHE A 625 -12.95 26.24 6.31
N GLY A 626 -13.09 26.71 5.08
CA GLY A 626 -12.50 27.96 4.64
C GLY A 626 -13.54 29.01 4.34
N GLU A 627 -13.87 29.18 3.06
CA GLU A 627 -14.76 30.25 2.63
C GLU A 627 -16.18 30.08 3.17
N LEU A 628 -16.62 28.84 3.37
CA LEU A 628 -17.99 28.61 3.84
C LEU A 628 -18.20 29.19 5.24
N ILE A 629 -17.34 28.82 6.18
CA ILE A 629 -17.47 29.34 7.53
C ILE A 629 -17.07 30.80 7.60
N PHE A 630 -16.25 31.27 6.65
CA PHE A 630 -15.97 32.70 6.55
C PHE A 630 -17.23 33.47 6.21
N ASN A 631 -18.02 32.97 5.25
CA ASN A 631 -19.27 33.61 4.90
C ASN A 631 -20.30 33.48 6.01
N LYS A 632 -20.29 32.37 6.74
CA LYS A 632 -21.20 32.22 7.86
C LYS A 632 -20.95 33.29 8.93
N LEU A 633 -19.68 33.59 9.20
CA LEU A 633 -19.30 34.54 10.23
C LEU A 633 -19.07 35.95 9.70
N GLN A 634 -19.28 36.17 8.42
CA GLN A 634 -19.01 37.49 7.83
C GLN A 634 -20.00 38.52 8.34
N THR A 635 -19.48 39.72 8.64
CA THR A 635 -20.29 40.81 9.16
C THR A 635 -20.40 42.01 8.21
N GLY A 636 -19.69 41.97 7.08
CA GLY A 636 -19.75 43.10 6.15
C GLY A 636 -18.96 42.80 4.89
N ALA A 637 -19.07 43.72 3.94
CA ALA A 637 -18.39 43.57 2.66
C ALA A 637 -16.91 43.96 2.73
N GLY A 638 -16.47 44.62 3.80
CA GLY A 638 -15.07 44.97 3.92
C GLY A 638 -14.17 43.80 4.27
N GLU A 639 -14.74 42.70 4.73
CA GLU A 639 -13.97 41.50 5.09
C GLU A 639 -13.93 40.57 3.89
N SER A 640 -12.72 40.34 3.37
CA SER A 640 -12.51 39.49 2.21
C SER A 640 -11.80 38.21 2.62
N TYR A 641 -12.20 37.10 2.01
CA TYR A 641 -11.65 35.80 2.38
C TYR A 641 -10.19 35.68 1.99
N ASN A 642 -9.80 36.30 0.87
CA ASN A 642 -8.43 36.18 0.35
C ASN A 642 -7.46 37.15 1.03
N ASP A 643 -7.94 37.97 1.96
CA ASP A 643 -7.09 38.89 2.71
C ASP A 643 -7.28 38.61 4.19
N PRO A 644 -6.41 37.79 4.79
CA PRO A 644 -6.60 37.41 6.20
C PRO A 644 -6.40 38.54 7.19
N THR A 645 -5.97 39.73 6.74
CA THR A 645 -5.79 40.86 7.65
C THR A 645 -7.10 41.58 7.94
N THR A 646 -8.16 41.28 7.19
CA THR A 646 -9.43 41.98 7.32
C THR A 646 -10.47 41.17 8.09
N TYR A 647 -10.07 40.11 8.78
CA TYR A 647 -11.03 39.29 9.51
C TYR A 647 -11.55 40.04 10.73
N ASN A 648 -12.67 39.54 11.28
CA ASN A 648 -13.40 40.22 12.33
C ASN A 648 -13.24 39.55 13.70
N ALA A 649 -12.09 38.90 13.91
CA ALA A 649 -11.72 38.30 15.20
C ALA A 649 -12.55 37.06 15.52
N ASN A 650 -13.57 36.78 14.69
CA ASN A 650 -14.27 35.51 14.72
C ASN A 650 -13.83 34.59 13.60
N GLN A 651 -13.47 35.14 12.46
CA GLN A 651 -12.86 34.37 11.38
C GLN A 651 -11.39 34.08 11.65
N GLN A 652 -10.76 34.83 12.57
CA GLN A 652 -9.37 34.55 12.93
C GLN A 652 -9.23 33.28 13.76
N LYS A 653 -10.34 32.71 14.21
CA LYS A 653 -10.31 31.52 15.07
C LYS A 653 -10.77 30.25 14.36
N TYR A 654 -11.80 30.32 13.52
CA TYR A 654 -12.40 29.13 12.94
C TYR A 654 -12.12 28.94 11.46
N VAL A 655 -11.78 30.01 10.74
CA VAL A 655 -11.56 29.91 9.30
C VAL A 655 -10.16 29.34 9.07
N PHE A 656 -10.09 28.13 8.51
CA PHE A 656 -8.83 27.48 8.18
C PHE A 656 -8.55 27.71 6.70
N ARG A 657 -8.09 28.92 6.39
CA ARG A 657 -7.77 29.24 4.99
C ARG A 657 -6.49 28.56 4.53
N ASN A 658 -5.50 28.44 5.41
CA ASN A 658 -4.18 27.94 5.04
C ASN A 658 -4.18 26.48 4.64
N MET A 659 -5.24 25.72 4.95
CA MET A 659 -5.32 24.35 4.47
C MET A 659 -5.82 24.27 3.03
N TYR A 660 -6.22 25.38 2.44
CA TYR A 660 -6.62 25.43 1.04
C TYR A 660 -5.69 26.26 0.17
N ARG A 661 -5.04 27.27 0.74
CA ARG A 661 -4.06 28.08 0.01
C ARG A 661 -2.65 27.55 0.16
N ASN A 662 -2.46 26.44 0.86
CA ASN A 662 -1.13 25.88 1.10
C ASN A 662 -1.27 24.37 1.25
N THR A 663 -0.13 23.68 1.16
CA THR A 663 -0.11 22.25 1.31
C THR A 663 -0.34 21.87 2.78
N GLN A 664 -0.56 20.58 3.02
CA GLN A 664 -0.80 20.10 4.37
C GLN A 664 0.41 20.33 5.27
N ALA A 665 1.62 20.06 4.75
CA ALA A 665 2.82 20.34 5.53
C ALA A 665 2.97 21.84 5.79
N GLY A 666 2.65 22.68 4.79
CA GLY A 666 2.63 24.11 5.03
C GLY A 666 1.55 24.54 6.00
N ALA A 667 0.39 23.88 5.93
CA ALA A 667 -0.71 24.21 6.84
C ALA A 667 -0.46 23.73 8.26
N LEU A 668 0.52 22.84 8.46
CA LEU A 668 0.88 22.42 9.81
C LEU A 668 1.38 23.60 10.65
N GLN A 669 1.90 24.65 10.01
CA GLN A 669 2.34 25.82 10.74
C GLN A 669 1.20 26.56 11.42
N ASP A 670 -0.03 26.40 10.92
CA ASP A 670 -1.21 27.03 11.51
C ASP A 670 -1.88 26.00 12.40
N SER A 671 -1.30 25.81 13.59
CA SER A 671 -1.77 24.75 14.49
C SER A 671 -3.08 25.11 15.16
N ASP A 672 -3.35 26.40 15.37
CA ASP A 672 -4.54 26.84 16.09
C ASP A 672 -5.80 26.79 15.24
N LYS A 673 -5.76 26.16 14.07
CA LYS A 673 -6.91 26.08 13.18
C LYS A 673 -7.46 24.67 13.01
N ASN A 674 -6.63 23.65 13.15
CA ASN A 674 -7.05 22.26 12.96
C ASN A 674 -7.74 21.75 14.24
N LYS A 675 -8.90 22.33 14.52
CA LYS A 675 -9.68 22.00 15.71
C LYS A 675 -11.00 21.31 15.39
N PHE A 676 -11.32 21.11 14.11
CA PHE A 676 -12.56 20.49 13.70
C PHE A 676 -12.34 19.00 13.51
N LEU A 677 -13.11 18.18 14.22
CA LEU A 677 -12.99 16.74 14.21
C LEU A 677 -14.20 16.13 13.56
N LEU A 678 -13.98 15.33 12.51
CA LEU A 678 -15.03 14.52 11.90
C LEU A 678 -15.01 13.17 12.60
N ARG A 679 -15.98 12.95 13.50
CA ARG A 679 -16.05 11.73 14.29
C ARG A 679 -17.26 10.93 13.85
N GLY A 680 -17.05 9.64 13.61
CA GLY A 680 -18.17 8.83 13.17
C GLY A 680 -17.88 7.35 13.31
N LYS A 681 -18.83 6.56 12.82
CA LYS A 681 -18.73 5.11 12.87
C LYS A 681 -19.39 4.53 11.63
N TYR A 682 -18.96 3.33 11.26
CA TYR A 682 -19.58 2.59 10.18
C TYR A 682 -19.60 1.11 10.52
N LYS A 683 -20.62 0.42 10.03
CA LYS A 683 -20.83 -0.99 10.33
C LYS A 683 -20.37 -1.84 9.16
N SER A 684 -19.48 -2.78 9.42
CA SER A 684 -18.97 -3.72 8.43
C SER A 684 -19.49 -5.11 8.78
N SER A 685 -20.30 -5.68 7.89
CA SER A 685 -20.82 -7.03 8.06
C SER A 685 -20.32 -7.97 6.98
N GLY A 686 -20.51 -7.61 5.70
CA GLY A 686 -20.05 -8.44 4.60
C GLY A 686 -20.91 -9.68 4.40
N SER A 687 -20.84 -10.60 5.35
CA SER A 687 -21.61 -11.83 5.33
C SER A 687 -22.28 -12.03 6.68
N ASN A 688 -23.03 -13.13 6.79
CA ASN A 688 -23.71 -13.42 8.05
C ASN A 688 -22.69 -13.79 9.12
N GLY A 689 -22.92 -13.31 10.33
CA GLY A 689 -22.02 -13.58 11.43
C GLY A 689 -21.13 -12.39 11.75
N ILE A 690 -20.70 -12.32 13.01
CA ILE A 690 -19.85 -11.23 13.47
C ILE A 690 -18.39 -11.59 13.25
N PRO A 691 -17.65 -10.83 12.44
CA PRO A 691 -16.23 -11.10 12.23
C PRO A 691 -15.41 -10.62 13.43
N ILE A 692 -14.78 -11.57 14.13
CA ILE A 692 -13.99 -11.24 15.31
C ILE A 692 -12.54 -10.97 14.91
N GLY A 693 -12.27 -10.96 13.61
CA GLY A 693 -10.95 -10.62 13.13
C GLY A 693 -9.86 -11.60 13.46
N ALA A 694 -10.20 -12.87 13.70
CA ALA A 694 -9.22 -13.89 14.01
C ALA A 694 -9.74 -15.24 13.57
N PHE A 695 -8.81 -16.17 13.38
CA PHE A 695 -9.13 -17.52 12.92
C PHE A 695 -8.52 -18.54 13.86
N ASN A 696 -9.22 -19.67 14.00
CA ASN A 696 -8.76 -20.79 14.83
C ASN A 696 -8.47 -20.35 16.26
N VAL A 697 -9.36 -19.53 16.81
CA VAL A 697 -9.23 -19.04 18.17
C VAL A 697 -9.42 -20.19 19.14
N PRO A 698 -8.81 -20.17 20.33
CA PRO A 698 -8.98 -21.27 21.28
C PRO A 698 -10.42 -21.42 21.73
N GLN A 699 -10.80 -22.66 22.02
CA GLN A 699 -12.15 -22.95 22.48
C GLN A 699 -12.43 -22.29 23.82
N GLY A 700 -13.59 -21.66 23.94
CA GLY A 700 -13.98 -21.03 25.17
C GLY A 700 -13.34 -19.68 25.45
N SER A 701 -12.58 -19.15 24.49
CA SER A 701 -11.92 -17.86 24.65
C SER A 701 -12.79 -16.68 24.27
N VAL A 702 -14.00 -16.93 23.76
CA VAL A 702 -14.89 -15.87 23.30
C VAL A 702 -15.93 -15.62 24.39
N VAL A 703 -16.04 -14.37 24.82
CA VAL A 703 -17.05 -13.94 25.78
C VAL A 703 -17.87 -12.82 25.12
N VAL A 704 -19.19 -12.99 25.15
CA VAL A 704 -20.11 -12.07 24.47
C VAL A 704 -21.00 -11.42 25.52
N THR A 705 -21.06 -10.10 25.51
CA THR A 705 -21.85 -9.32 26.45
C THR A 705 -22.83 -8.45 25.68
N ALA A 706 -24.12 -8.58 25.99
CA ALA A 706 -25.14 -7.82 25.27
C ALA A 706 -25.32 -6.44 25.87
N ALA A 707 -25.82 -6.37 27.10
CA ALA A 707 -26.10 -5.11 27.78
C ALA A 707 -25.60 -5.17 29.22
N GLY A 708 -24.39 -5.71 29.39
CA GLY A 708 -23.81 -5.87 30.69
C GLY A 708 -23.88 -7.29 31.24
N ARG A 709 -24.67 -8.15 30.62
CA ARG A 709 -24.77 -9.55 31.02
C ARG A 709 -24.02 -10.43 30.03
N VAL A 710 -23.43 -11.50 30.55
CA VAL A 710 -22.67 -12.44 29.73
C VAL A 710 -23.63 -13.47 29.15
N LEU A 711 -23.62 -13.61 27.84
CA LEU A 711 -24.50 -14.52 27.14
C LEU A 711 -24.01 -15.96 27.29
N VAL A 712 -24.86 -16.91 26.90
CA VAL A 712 -24.58 -18.33 27.00
C VAL A 712 -24.04 -18.80 25.66
N GLU A 713 -22.91 -19.53 25.70
CA GLU A 713 -22.26 -19.98 24.48
C GLU A 713 -23.09 -21.01 23.72
N GLY A 714 -24.04 -21.66 24.38
CA GLY A 714 -24.84 -22.67 23.72
C GLY A 714 -26.26 -22.25 23.42
N ILE A 715 -26.73 -21.19 24.07
CA ILE A 715 -28.12 -20.74 23.97
C ILE A 715 -28.22 -19.42 23.21
N ASP A 716 -27.60 -18.36 23.73
CA ASP A 716 -27.79 -17.03 23.17
C ASP A 716 -27.03 -16.81 21.87
N TYR A 717 -25.97 -17.56 21.62
CA TYR A 717 -25.17 -17.34 20.42
C TYR A 717 -24.42 -18.62 20.07
N SER A 718 -23.86 -18.63 18.87
CA SER A 718 -23.04 -19.73 18.38
C SER A 718 -21.75 -19.17 17.80
N VAL A 719 -20.68 -19.96 17.89
CA VAL A 719 -19.36 -19.53 17.45
C VAL A 719 -18.80 -20.57 16.50
N ASP A 720 -18.41 -20.12 15.30
CA ASP A 720 -17.61 -20.93 14.38
C ASP A 720 -16.17 -20.47 14.52
N TYR A 721 -15.35 -21.29 15.20
CA TYR A 721 -14.00 -20.86 15.57
C TYR A 721 -13.05 -20.85 14.37
N GLN A 722 -13.21 -21.82 13.46
CA GLN A 722 -12.30 -21.90 12.32
C GLN A 722 -12.40 -20.67 11.43
N LEU A 723 -13.62 -20.19 11.17
CA LEU A 723 -13.81 -18.99 10.37
C LEU A 723 -13.92 -17.72 11.21
N GLY A 724 -13.92 -17.84 12.53
CA GLY A 724 -14.02 -16.69 13.41
C GLY A 724 -15.32 -15.93 13.26
N ARG A 725 -16.44 -16.65 13.26
CA ARG A 725 -17.76 -16.06 13.09
C ARG A 725 -18.57 -16.22 14.38
N VAL A 726 -19.31 -15.18 14.74
CA VAL A 726 -20.22 -15.22 15.89
C VAL A 726 -21.62 -14.90 15.38
N GLN A 727 -22.55 -15.81 15.64
CA GLN A 727 -23.94 -15.66 15.22
C GLN A 727 -24.81 -15.50 16.45
N ILE A 728 -25.58 -14.42 16.50
CA ILE A 728 -26.48 -14.17 17.62
C ILE A 728 -27.74 -14.98 17.41
N LEU A 729 -28.01 -15.92 18.31
CA LEU A 729 -29.15 -16.82 18.20
C LEU A 729 -30.37 -16.36 18.99
N ASP A 730 -30.24 -15.30 19.79
CA ASP A 730 -31.37 -14.81 20.57
C ASP A 730 -32.29 -14.00 19.67
N PRO A 731 -33.55 -14.42 19.48
CA PRO A 731 -34.44 -13.67 18.59
C PRO A 731 -34.66 -12.22 19.03
N SER A 732 -34.73 -11.98 20.34
CA SER A 732 -34.99 -10.62 20.82
C SER A 732 -33.75 -9.74 20.70
N LEU A 733 -32.56 -10.31 20.86
CA LEU A 733 -31.34 -9.51 20.84
C LEU A 733 -30.95 -9.09 19.44
N GLN A 734 -31.33 -9.86 18.42
CA GLN A 734 -30.97 -9.52 17.05
C GLN A 734 -31.59 -8.19 16.63
N ALA A 735 -32.89 -8.05 16.83
CA ALA A 735 -33.61 -6.82 16.49
C ALA A 735 -33.74 -5.93 17.72
N SER A 736 -32.60 -5.56 18.28
CA SER A 736 -32.56 -4.76 19.51
C SER A 736 -31.68 -3.53 19.44
N ASN A 737 -30.76 -3.44 18.48
CA ASN A 737 -29.84 -2.31 18.31
C ASN A 737 -28.88 -2.15 19.49
N THR A 738 -28.90 -3.07 20.45
CA THR A 738 -28.02 -2.98 21.59
C THR A 738 -26.59 -3.30 21.18
N PRO A 739 -25.62 -2.46 21.50
CA PRO A 739 -24.22 -2.75 21.14
C PRO A 739 -23.72 -3.97 21.88
N ILE A 740 -23.20 -4.95 21.14
CA ILE A 740 -22.75 -6.21 21.69
C ILE A 740 -21.22 -6.22 21.70
N GLU A 741 -20.63 -6.46 22.87
CA GLU A 741 -19.18 -6.50 23.02
C GLU A 741 -18.72 -7.94 22.99
N VAL A 742 -17.85 -8.26 22.03
CA VAL A 742 -17.30 -9.61 21.89
C VAL A 742 -15.81 -9.53 22.15
N SER A 743 -15.35 -10.26 23.16
CA SER A 743 -13.94 -10.30 23.51
C SER A 743 -13.39 -11.70 23.27
N LEU A 744 -12.18 -11.77 22.75
CA LEU A 744 -11.57 -13.05 22.41
C LEU A 744 -10.07 -12.95 22.63
N GLU A 745 -9.42 -14.11 22.63
CA GLU A 745 -7.97 -14.20 22.75
C GLU A 745 -7.43 -14.82 21.46
N ASN A 746 -6.70 -14.03 20.68
CA ASN A 746 -6.13 -14.49 19.42
C ASN A 746 -4.64 -14.72 19.61
N ASN A 747 -4.18 -15.91 19.21
CA ASN A 747 -2.78 -16.28 19.32
C ASN A 747 -2.00 -16.00 18.03
N SER A 748 -2.64 -15.43 17.02
CA SER A 748 -1.97 -15.07 15.77
C SER A 748 -1.38 -13.67 15.86
N ILE A 749 -0.46 -13.52 16.81
CA ILE A 749 0.19 -12.24 17.06
C ILE A 749 1.68 -12.38 16.78
N PHE A 750 2.30 -11.26 16.41
CA PHE A 750 3.72 -11.23 16.08
C PHE A 750 4.31 -9.92 16.54
N GLY A 751 5.58 -9.96 16.90
CA GLY A 751 6.25 -8.75 17.39
C GLY A 751 5.66 -8.21 18.67
N GLN A 752 5.32 -9.08 19.60
CA GLN A 752 4.72 -8.70 20.87
C GLN A 752 5.65 -9.05 22.02
N GLN A 753 5.62 -8.21 23.06
CA GLN A 753 6.45 -8.45 24.23
C GLN A 753 6.03 -9.72 24.95
N THR A 754 7.01 -10.45 25.48
CA THR A 754 6.73 -11.68 26.19
C THR A 754 5.90 -11.40 27.43
N ARG A 755 4.84 -12.19 27.63
CA ARG A 755 3.94 -12.03 28.76
C ARG A 755 4.08 -13.22 29.69
N ARG A 756 4.43 -12.95 30.94
CA ARG A 756 4.49 -13.97 31.99
C ARG A 756 3.19 -13.91 32.79
N PHE A 757 2.45 -15.01 32.79
CA PHE A 757 1.16 -15.11 33.46
C PHE A 757 1.27 -16.14 34.56
N MET A 758 1.02 -15.72 35.80
CA MET A 758 1.15 -16.62 36.94
C MET A 758 0.00 -16.38 37.90
N GLY A 759 -0.19 -17.33 38.81
CA GLY A 759 -1.20 -17.16 39.85
C GLY A 759 -1.91 -18.42 40.26
N PHE A 760 -2.75 -18.30 41.29
CA PHE A 760 -3.46 -19.45 41.84
C PHE A 760 -4.95 -19.16 41.90
N ASN A 761 -5.72 -20.21 42.18
CA ASN A 761 -7.17 -20.10 42.24
C ASN A 761 -7.68 -21.13 43.25
N ILE A 762 -8.35 -20.66 44.29
CA ILE A 762 -8.96 -21.52 45.30
C ILE A 762 -10.39 -21.83 44.88
N GLU A 763 -10.84 -23.04 45.18
CA GLU A 763 -12.19 -23.49 44.80
C GLU A 763 -12.85 -24.19 45.98
N HIS A 764 -12.82 -23.56 47.15
CA HIS A 764 -13.37 -24.19 48.34
C HIS A 764 -14.86 -24.41 48.19
N LYS A 765 -15.35 -25.50 48.79
CA LYS A 765 -16.75 -25.90 48.66
C LYS A 765 -17.37 -25.94 50.06
N ILE A 766 -18.15 -24.92 50.41
CA ILE A 766 -18.74 -24.86 51.74
C ILE A 766 -19.77 -25.97 51.91
N SER A 767 -20.66 -26.13 50.94
CA SER A 767 -21.68 -27.17 50.97
C SER A 767 -21.87 -27.69 49.55
N ASP A 768 -22.85 -28.57 49.37
CA ASP A 768 -23.11 -29.13 48.05
C ASP A 768 -23.60 -28.08 47.06
N LYS A 769 -23.99 -26.90 47.54
CA LYS A 769 -24.56 -25.86 46.68
C LYS A 769 -23.97 -24.49 47.00
N PHE A 770 -22.71 -24.44 47.44
CA PHE A 770 -22.07 -23.17 47.76
C PHE A 770 -20.57 -23.31 47.55
N VAL A 771 -20.02 -22.51 46.64
CA VAL A 771 -18.61 -22.57 46.28
C VAL A 771 -18.01 -21.17 46.46
N ILE A 772 -16.85 -21.10 47.10
CA ILE A 772 -16.14 -19.85 47.34
C ILE A 772 -14.76 -19.95 46.70
N GLY A 773 -14.41 -18.95 45.89
CA GLY A 773 -13.14 -18.94 45.21
C GLY A 773 -12.38 -17.66 45.49
N GLY A 774 -11.05 -17.77 45.43
CA GLY A 774 -10.16 -16.69 45.79
C GLY A 774 -9.10 -16.39 44.74
N THR A 775 -9.50 -16.39 43.47
CA THR A 775 -8.57 -16.31 42.35
C THR A 775 -7.63 -15.11 42.49
N TYR A 776 -6.34 -15.37 42.28
CA TYR A 776 -5.29 -14.35 42.29
C TYR A 776 -4.41 -14.58 41.07
N LEU A 777 -4.14 -13.51 40.31
CA LEU A 777 -3.39 -13.61 39.08
C LEU A 777 -2.45 -12.41 38.95
N LYS A 778 -1.37 -12.62 38.22
CA LYS A 778 -0.38 -11.57 37.96
C LYS A 778 0.15 -11.75 36.53
N MET A 779 0.09 -10.67 35.76
CA MET A 779 0.58 -10.66 34.39
C MET A 779 1.63 -9.59 34.24
N THR A 780 2.84 -10.00 33.86
CA THR A 780 3.97 -9.09 33.65
C THR A 780 4.40 -9.15 32.20
N GLU A 781 4.98 -8.07 31.71
CA GLU A 781 5.49 -8.00 30.34
C GLU A 781 6.97 -7.70 30.35
N ARG A 782 7.69 -8.31 29.39
CA ARG A 782 9.12 -8.11 29.25
C ARG A 782 9.40 -7.21 28.05
N PRO A 783 9.80 -5.97 28.26
CA PRO A 783 10.10 -5.09 27.12
C PRO A 783 11.35 -5.54 26.38
N PHE A 784 11.39 -5.20 25.09
CA PHE A 784 12.56 -5.53 24.29
C PHE A 784 13.80 -4.81 24.79
N THR A 785 13.67 -3.53 25.13
CA THR A 785 14.76 -2.72 25.66
C THR A 785 14.31 -2.08 26.97
N GLN A 786 15.21 -1.32 27.59
CA GLN A 786 14.89 -0.62 28.83
C GLN A 786 14.15 0.69 28.58
N LYS A 787 13.99 1.10 27.32
CA LYS A 787 13.27 2.31 26.97
C LYS A 787 11.94 1.91 26.33
N SER A 788 10.84 2.22 27.01
CA SER A 788 9.51 1.92 26.51
C SER A 788 8.92 3.19 25.90
N THR A 789 8.84 3.22 24.57
CA THR A 789 8.23 4.34 23.87
C THR A 789 6.72 4.34 24.09
N TYR A 790 6.13 5.54 24.04
CA TYR A 790 4.69 5.66 24.22
C TYR A 790 3.95 4.83 23.17
N GLY A 791 2.96 4.06 23.63
CA GLY A 791 2.24 3.15 22.77
C GLY A 791 2.71 1.71 22.94
N GLN A 792 4.01 1.52 23.06
CA GLN A 792 4.59 0.20 23.35
C GLN A 792 4.95 0.09 24.82
N GLU A 793 3.91 0.12 25.66
CA GLU A 793 4.07 0.10 27.10
C GLU A 793 3.96 -1.32 27.64
N SER A 794 4.72 -1.59 28.70
CA SER A 794 4.69 -2.87 29.38
C SER A 794 3.95 -2.75 30.70
N VAL A 795 3.28 -3.83 31.08
CA VAL A 795 2.44 -3.84 32.28
C VAL A 795 2.97 -4.88 33.26
N ASN A 796 2.71 -4.65 34.54
CA ASN A 796 3.05 -5.54 35.64
C ASN A 796 1.85 -5.70 36.56
N ASN A 797 0.70 -5.99 35.97
CA ASN A 797 -0.56 -5.89 36.68
C ASN A 797 -0.82 -7.11 37.55
N THR A 798 -1.54 -6.89 38.65
CA THR A 798 -2.00 -7.95 39.53
C THR A 798 -3.48 -7.77 39.77
N ILE A 799 -4.24 -8.87 39.82
CA ILE A 799 -5.67 -8.81 40.10
C ILE A 799 -6.02 -9.97 41.04
N PHE A 800 -6.71 -9.65 42.13
CA PHE A 800 -7.13 -10.68 43.07
C PHE A 800 -8.61 -10.49 43.37
N GLY A 801 -9.35 -11.59 43.39
CA GLY A 801 -10.79 -11.51 43.56
C GLY A 801 -11.32 -12.67 44.37
N PHE A 802 -12.48 -12.41 44.99
CA PHE A 802 -13.21 -13.40 45.77
C PHE A 802 -14.61 -13.51 45.21
N ASN A 803 -15.05 -14.74 44.93
CA ASN A 803 -16.36 -14.97 44.33
C ASN A 803 -17.08 -16.08 45.08
N GLY A 804 -18.42 -16.01 45.02
CA GLY A 804 -19.27 -17.00 45.63
C GLY A 804 -20.43 -17.40 44.74
N ASN A 805 -20.61 -18.70 44.56
CA ASN A 805 -21.67 -19.26 43.73
C ASN A 805 -22.59 -20.08 44.61
N TYR A 806 -23.90 -19.87 44.46
CA TYR A 806 -24.91 -20.56 45.26
C TYR A 806 -26.08 -20.90 44.34
N SER A 807 -26.21 -22.17 43.99
CA SER A 807 -27.29 -22.64 43.13
C SER A 807 -28.16 -23.61 43.92
N THR A 808 -29.45 -23.27 44.04
CA THR A 808 -30.38 -24.03 44.86
C THR A 808 -31.63 -24.37 44.06
N GLU A 809 -32.33 -25.41 44.52
CA GLU A 809 -33.61 -25.80 43.97
C GLU A 809 -34.73 -25.09 44.69
N VAL A 810 -35.71 -24.60 43.94
CA VAL A 810 -36.82 -23.85 44.53
C VAL A 810 -38.13 -24.52 44.14
N PRO A 811 -38.61 -25.51 44.91
CA PRO A 811 -39.93 -26.08 44.63
C PRO A 811 -41.06 -25.09 44.84
N PHE A 812 -40.83 -24.01 45.57
CA PHE A 812 -41.88 -23.01 45.79
C PHE A 812 -42.32 -22.38 44.48
N LEU A 813 -41.36 -22.03 43.62
CA LEU A 813 -41.71 -21.45 42.33
C LEU A 813 -42.47 -22.44 41.45
N THR A 814 -42.07 -23.72 41.48
CA THR A 814 -42.79 -24.73 40.71
C THR A 814 -44.22 -24.88 41.20
N ARG A 815 -44.42 -24.92 42.52
CA ARG A 815 -45.77 -25.03 43.07
C ARG A 815 -46.60 -23.80 42.75
N LEU A 816 -45.99 -22.61 42.79
CA LEU A 816 -46.71 -21.39 42.43
C LEU A 816 -47.12 -21.42 40.96
N ALA A 817 -46.23 -21.89 40.08
CA ALA A 817 -46.57 -21.98 38.67
C ALA A 817 -47.64 -23.02 38.42
N ASN A 818 -47.68 -24.08 39.24
CA ASN A 818 -48.74 -25.07 39.11
C ASN A 818 -50.12 -24.50 39.42
N LYS A 819 -50.18 -23.36 40.12
CA LYS A 819 -51.44 -22.71 40.39
C LYS A 819 -51.93 -21.84 39.23
N LEU A 820 -51.11 -21.69 38.19
CA LEU A 820 -51.53 -20.95 37.01
C LEU A 820 -52.60 -21.73 36.25
N PRO A 821 -53.43 -21.01 35.45
CA PRO A 821 -54.59 -21.66 34.83
C PRO A 821 -54.30 -22.95 34.05
N ASN A 822 -53.38 -22.89 33.09
CA ASN A 822 -53.16 -24.02 32.19
C ASN A 822 -51.71 -24.46 32.20
N ILE A 823 -51.11 -24.54 33.38
CA ILE A 823 -49.74 -25.04 33.54
C ILE A 823 -49.76 -26.19 34.53
N ASP A 824 -49.27 -27.35 34.09
CA ASP A 824 -49.23 -28.55 34.92
C ASP A 824 -47.91 -29.29 34.71
N THR A 825 -46.80 -28.53 34.67
CA THR A 825 -45.49 -29.12 34.47
C THR A 825 -44.88 -29.53 35.81
N ASP A 826 -43.83 -30.36 35.73
CA ASP A 826 -43.18 -30.88 36.93
C ASP A 826 -41.67 -30.64 36.93
N VAL A 827 -41.16 -29.86 36.00
CA VAL A 827 -39.71 -29.56 35.98
C VAL A 827 -39.37 -28.70 37.20
N PRO A 828 -38.31 -29.02 37.94
CA PRO A 828 -37.97 -28.23 39.11
C PRO A 828 -37.52 -26.82 38.73
N SER A 829 -37.85 -25.87 39.61
CA SER A 829 -37.41 -24.49 39.45
C SER A 829 -36.12 -24.27 40.23
N ASN A 830 -35.25 -23.43 39.69
CA ASN A 830 -33.92 -23.23 40.27
C ASN A 830 -33.59 -21.76 40.40
N LEU A 831 -32.71 -21.46 41.35
CA LEU A 831 -32.19 -20.13 41.59
C LEU A 831 -30.67 -20.21 41.68
N SER A 832 -29.99 -19.16 41.21
CA SER A 832 -28.54 -19.14 41.21
C SER A 832 -28.07 -17.72 41.48
N ILE A 833 -27.26 -17.55 42.53
CA ILE A 833 -26.69 -16.26 42.91
C ILE A 833 -25.18 -16.38 42.79
N ARG A 834 -24.58 -15.54 41.94
CA ARG A 834 -23.14 -15.54 41.70
C ARG A 834 -22.61 -14.13 41.94
N GLY A 835 -21.83 -13.97 43.00
CA GLY A 835 -21.21 -12.70 43.33
C GLY A 835 -19.71 -12.79 43.14
N GLU A 836 -19.09 -11.66 42.82
CA GLU A 836 -17.64 -11.64 42.63
C GLU A 836 -17.13 -10.22 42.82
N VAL A 837 -16.10 -10.09 43.65
CA VAL A 837 -15.45 -8.80 43.91
C VAL A 837 -13.98 -8.93 43.56
N ALA A 838 -13.50 -8.06 42.68
CA ALA A 838 -12.13 -8.11 42.18
C ALA A 838 -11.44 -6.78 42.42
N PHE A 839 -10.16 -6.85 42.78
CA PHE A 839 -9.32 -5.68 43.00
C PHE A 839 -8.13 -5.76 42.07
N LEU A 840 -7.85 -4.66 41.36
CA LEU A 840 -6.74 -4.57 40.42
C LEU A 840 -5.70 -3.63 40.99
N ARG A 841 -4.48 -4.13 41.17
CA ARG A 841 -3.32 -3.33 41.55
C ARG A 841 -2.34 -3.34 40.38
N PRO A 842 -2.24 -2.27 39.60
CA PRO A 842 -1.31 -2.23 38.48
C PRO A 842 0.07 -1.74 38.92
N ASP A 843 1.05 -1.99 38.05
CA ASP A 843 2.43 -1.57 38.29
C ASP A 843 3.17 -1.69 36.95
N ALA A 844 4.40 -1.19 36.94
CA ALA A 844 5.25 -1.28 35.76
C ALA A 844 6.47 -2.14 36.05
N PRO A 845 6.96 -2.88 35.06
CA PRO A 845 8.14 -3.74 35.30
C PRO A 845 9.38 -2.92 35.62
N LYS A 846 10.25 -3.52 36.43
CA LYS A 846 11.50 -2.87 36.80
C LYS A 846 12.44 -2.72 35.62
N ALA A 847 12.26 -3.51 34.56
CA ALA A 847 13.12 -3.39 33.39
C ALA A 847 12.98 -2.03 32.72
N SER A 848 11.74 -1.56 32.58
CA SER A 848 11.47 -0.26 31.97
C SER A 848 11.34 0.82 33.04
N ASP A 849 12.38 0.94 33.87
CA ASP A 849 12.44 1.94 34.92
C ASP A 849 13.73 2.72 34.78
N PHE A 850 13.63 4.05 34.81
CA PHE A 850 14.79 4.94 34.74
C PHE A 850 14.93 5.66 36.07
N GLN A 851 16.08 5.46 36.73
CA GLN A 851 16.37 6.08 38.03
C GLN A 851 15.32 5.71 39.06
N GLY A 852 14.84 4.47 39.02
CA GLY A 852 13.93 3.95 40.02
C GLY A 852 12.46 4.29 39.82
N GLU A 853 12.10 4.99 38.74
CA GLU A 853 10.73 5.36 38.48
C GLU A 853 10.26 4.77 37.16
N ALA A 854 8.97 4.43 37.10
CA ALA A 854 8.38 3.90 35.88
C ALA A 854 8.39 4.98 34.81
N THR A 855 9.19 4.76 33.77
CA THR A 855 9.46 5.79 32.76
C THR A 855 8.87 5.38 31.42
N ILE A 856 8.12 6.29 30.81
CA ILE A 856 7.64 6.16 29.45
C ILE A 856 8.17 7.33 28.65
N TYR A 857 8.91 7.04 27.57
CA TYR A 857 9.60 8.06 26.80
C TYR A 857 8.65 8.61 25.74
N VAL A 858 8.26 9.88 25.91
CA VAL A 858 7.48 10.55 24.87
C VAL A 858 8.31 10.66 23.59
N ASP A 859 9.57 11.08 23.73
CA ASP A 859 10.47 11.15 22.59
C ASP A 859 11.90 11.09 23.11
N ASP A 860 12.60 10.02 22.79
CA ASP A 860 14.01 9.88 23.12
C ASP A 860 14.93 10.38 22.00
N PHE A 861 14.35 10.85 20.89
CA PHE A 861 15.05 11.44 19.75
C PHE A 861 15.96 10.46 19.04
N GLU A 862 15.81 9.16 19.28
CA GLU A 862 16.61 8.16 18.58
C GLU A 862 15.95 7.65 17.30
N GLY A 863 14.69 8.02 17.06
CA GLY A 863 14.00 7.57 15.87
C GLY A 863 13.90 8.63 14.78
N SER A 864 14.34 9.84 15.10
CA SER A 864 14.29 10.93 14.14
C SER A 864 15.49 10.89 13.19
N GLN A 865 15.51 11.84 12.26
CA GLN A 865 16.63 12.04 11.33
C GLN A 865 16.91 10.78 10.51
N SER A 866 15.92 10.40 9.72
CA SER A 866 16.11 9.35 8.73
C SER A 866 16.97 9.86 7.59
N THR A 867 17.55 8.93 6.83
CA THR A 867 18.51 9.28 5.79
C THR A 867 18.12 8.62 4.47
N ILE A 868 18.43 9.31 3.38
CA ILE A 868 18.31 8.78 2.02
C ILE A 868 19.71 8.70 1.45
N ASP A 869 20.17 7.48 1.17
CA ASP A 869 21.54 7.26 0.74
C ASP A 869 21.72 7.73 -0.70
N MET A 870 22.73 8.58 -0.91
CA MET A 870 22.95 9.20 -2.21
C MET A 870 24.35 8.95 -2.76
N ARG A 871 25.09 7.99 -2.21
CA ARG A 871 26.47 7.74 -2.62
C ARG A 871 26.60 6.51 -3.52
N SER A 872 25.49 6.04 -4.11
CA SER A 872 25.55 4.92 -5.04
C SER A 872 26.27 5.35 -6.31
N ALA A 873 27.22 4.51 -6.76
CA ALA A 873 28.05 4.88 -7.90
C ALA A 873 27.27 4.86 -9.20
N TYR A 874 26.45 3.84 -9.42
CA TYR A 874 25.73 3.68 -10.68
C TYR A 874 24.57 4.65 -10.83
N ALA A 875 24.19 5.35 -9.77
CA ALA A 875 23.06 6.28 -9.83
C ALA A 875 23.45 7.69 -10.26
N TRP A 876 24.74 7.97 -10.38
CA TRP A 876 25.22 9.27 -10.85
C TRP A 876 25.65 9.16 -12.31
N SER A 877 25.39 10.22 -13.06
CA SER A 877 25.73 10.28 -14.47
C SER A 877 26.35 11.64 -14.78
N LEU A 878 26.86 11.77 -16.00
CA LEU A 878 27.46 13.04 -16.41
C LEU A 878 26.43 14.16 -16.36
N ALA A 879 26.82 15.29 -15.78
CA ALA A 879 25.92 16.41 -15.56
C ALA A 879 26.06 17.45 -16.65
N SER A 880 25.07 18.35 -16.70
CA SER A 880 25.10 19.47 -17.62
C SER A 880 25.93 20.61 -17.04
N THR A 881 26.22 21.59 -17.89
CA THR A 881 27.03 22.73 -17.46
C THR A 881 26.24 23.59 -16.48
N PRO A 882 26.76 23.85 -15.29
CA PRO A 882 25.99 24.56 -14.27
C PRO A 882 26.22 26.07 -14.28
N PHE A 883 25.38 26.76 -13.50
CA PHE A 883 25.54 28.17 -13.24
C PHE A 883 26.09 28.36 -11.83
N ILE A 884 27.02 29.31 -11.68
CA ILE A 884 27.73 29.47 -10.42
C ILE A 884 27.14 30.58 -9.55
N THR A 885 26.47 31.58 -10.12
CA THR A 885 25.89 32.66 -9.33
C THR A 885 24.39 32.77 -9.50
N SER A 886 23.90 32.80 -10.74
CA SER A 886 22.48 32.96 -11.01
C SER A 886 22.20 32.45 -12.42
N ILE A 887 20.95 32.63 -12.87
CA ILE A 887 20.58 32.22 -14.21
C ILE A 887 21.22 33.09 -15.27
N ASN A 888 21.74 34.26 -14.89
CA ASN A 888 22.42 35.16 -15.81
C ASN A 888 23.94 35.10 -15.67
N ASP A 889 24.45 34.03 -15.07
CA ASP A 889 25.88 33.88 -14.81
C ASP A 889 26.50 33.01 -15.89
N ASN A 890 27.28 33.62 -16.77
CA ASN A 890 27.96 32.90 -17.85
C ASN A 890 29.41 32.61 -17.47
N THR A 891 29.58 31.79 -16.43
CA THR A 891 30.90 31.44 -15.94
C THR A 891 31.49 30.25 -16.69
N PHE A 892 30.78 29.12 -16.71
CA PHE A 892 31.21 27.94 -17.42
C PHE A 892 30.62 27.87 -18.83
N ASN A 893 30.26 29.02 -19.40
CA ASN A 893 29.63 29.08 -20.72
C ASN A 893 28.33 28.26 -20.76
N ALA A 894 27.55 28.35 -19.67
CA ALA A 894 26.30 27.61 -19.60
C ALA A 894 25.22 28.19 -20.49
N ASN A 895 25.28 29.48 -20.82
CA ASN A 895 24.31 30.09 -21.70
C ASN A 895 24.63 29.89 -23.18
N SER A 896 25.80 29.36 -23.50
CA SER A 896 26.18 29.17 -24.89
C SER A 896 25.34 28.08 -25.54
N ASN A 897 24.95 28.30 -26.79
CA ASN A 897 24.17 27.34 -27.56
C ASN A 897 25.02 26.59 -28.57
N THR A 898 26.34 26.70 -28.48
CA THR A 898 27.28 26.06 -29.39
C THR A 898 28.15 25.07 -28.61
N LEU A 899 29.19 24.55 -29.27
CA LEU A 899 30.12 23.66 -28.59
C LEU A 899 30.83 24.34 -27.43
N GLU A 900 30.88 25.68 -27.42
CA GLU A 900 31.46 26.42 -26.31
C GLU A 900 30.74 26.13 -25.00
N TYR A 901 29.51 25.62 -25.07
CA TYR A 901 28.80 25.20 -23.88
C TYR A 901 29.56 24.15 -23.09
N GLY A 902 30.41 23.36 -23.76
CA GLY A 902 31.15 22.32 -23.09
C GLY A 902 32.64 22.54 -23.01
N PHE A 903 33.09 23.80 -23.17
CA PHE A 903 34.51 24.09 -23.18
C PHE A 903 35.14 24.09 -21.80
N LYS A 904 34.36 24.19 -20.73
CA LYS A 904 34.88 24.29 -19.38
C LYS A 904 34.78 22.98 -18.60
N ARG A 905 34.48 21.88 -19.28
CA ARG A 905 34.26 20.61 -18.61
C ARG A 905 35.61 19.89 -18.46
N ALA A 906 36.09 19.82 -17.22
CA ALA A 906 37.27 19.04 -16.90
C ALA A 906 36.87 17.59 -16.62
N LYS A 907 37.87 16.73 -16.44
CA LYS A 907 37.57 15.31 -16.31
C LYS A 907 37.17 14.97 -14.88
N LEU A 908 36.23 14.05 -14.75
CA LEU A 908 35.77 13.60 -13.44
C LEU A 908 35.37 12.15 -13.53
N SER A 909 35.96 11.31 -12.68
CA SER A 909 35.61 9.91 -12.60
C SER A 909 34.99 9.62 -11.23
N TRP A 910 33.76 9.12 -11.23
CA TRP A 910 33.05 8.78 -10.01
C TRP A 910 32.84 7.28 -9.98
N TYR A 911 33.18 6.65 -8.86
CA TYR A 911 33.21 5.20 -8.81
C TYR A 911 33.20 4.74 -7.35
N THR A 912 33.25 3.42 -7.18
CA THR A 912 33.54 2.79 -5.89
C THR A 912 34.53 1.68 -6.17
N ILE A 913 35.67 1.69 -5.46
CA ILE A 913 36.73 0.74 -5.75
C ILE A 913 36.23 -0.68 -5.52
N ASP A 914 36.41 -1.53 -6.52
CA ASP A 914 35.90 -2.88 -6.46
C ASP A 914 36.66 -3.69 -5.41
N PRO A 915 35.98 -4.62 -4.72
CA PRO A 915 36.70 -5.48 -3.77
C PRO A 915 37.74 -6.38 -4.42
N VAL A 916 37.69 -6.56 -5.74
CA VAL A 916 38.69 -7.37 -6.42
C VAL A 916 40.08 -6.78 -6.22
N PHE A 917 40.18 -5.46 -6.06
CA PHE A 917 41.47 -4.84 -5.83
C PHE A 917 42.02 -5.15 -4.43
N TYR A 918 41.17 -5.59 -3.51
CA TYR A 918 41.59 -5.84 -2.13
C TYR A 918 41.67 -7.32 -1.78
N SER A 919 40.79 -8.15 -2.35
CA SER A 919 40.75 -9.56 -1.97
C SER A 919 41.61 -10.41 -2.89
N SER A 920 41.32 -10.40 -4.19
CA SER A 920 42.06 -11.19 -5.18
C SER A 920 42.94 -10.22 -5.97
N LYS A 921 44.16 -10.03 -5.48
CA LYS A 921 45.13 -9.06 -5.98
C LYS A 921 45.31 -9.19 -7.50
N PRO A 922 44.84 -8.22 -8.28
CA PRO A 922 44.99 -8.30 -9.73
C PRO A 922 46.42 -8.00 -10.17
N SER A 923 46.74 -8.45 -11.38
CA SER A 923 48.06 -8.20 -11.93
C SER A 923 48.26 -6.72 -12.22
N GLY A 924 49.46 -6.22 -11.94
CA GLY A 924 49.78 -4.83 -12.14
C GLY A 924 49.50 -3.93 -10.97
N ILE A 925 48.86 -4.44 -9.91
CA ILE A 925 48.54 -3.66 -8.72
C ILE A 925 49.39 -4.19 -7.57
N SER A 926 50.13 -3.30 -6.94
CA SER A 926 50.96 -3.64 -5.79
C SER A 926 50.29 -3.16 -4.50
N ASN A 927 50.83 -3.64 -3.37
CA ASN A 927 50.30 -3.24 -2.07
C ASN A 927 50.54 -1.77 -1.78
N ASP A 928 51.55 -1.16 -2.40
CA ASP A 928 51.77 0.27 -2.22
C ASP A 928 50.65 1.10 -2.83
N ASP A 929 50.13 0.67 -3.98
CA ASP A 929 49.01 1.37 -4.60
C ASP A 929 47.73 1.26 -3.78
N LEU A 930 47.63 0.27 -2.89
CA LEU A 930 46.47 0.07 -2.05
C LEU A 930 46.59 0.78 -0.70
N SER A 931 47.68 1.52 -0.48
CA SER A 931 47.89 2.27 0.77
C SER A 931 48.27 3.70 0.40
N LEU A 932 47.27 4.53 0.13
CA LEU A 932 47.49 5.94 -0.17
C LEU A 932 46.48 6.87 0.49
N ASN A 933 45.50 6.36 1.24
CA ASN A 933 44.38 7.08 1.82
C ASN A 933 43.40 7.58 0.76
N THR A 934 43.70 7.38 -0.53
CA THR A 934 42.74 7.62 -1.59
C THR A 934 42.34 6.34 -2.31
N THR A 935 43.07 5.24 -2.09
CA THR A 935 42.75 3.94 -2.67
C THR A 935 42.54 2.84 -1.63
N ARG A 936 42.92 3.07 -0.37
CA ARG A 936 42.85 2.03 0.64
C ARG A 936 41.40 1.74 1.02
N ARG A 937 41.17 0.50 1.45
CA ARG A 937 39.85 0.09 1.89
C ARG A 937 39.53 0.72 3.25
N ILE A 938 38.32 1.25 3.38
CA ILE A 938 37.86 1.88 4.61
C ILE A 938 36.97 0.90 5.35
N TYR A 939 37.27 0.68 6.63
CA TYR A 939 36.50 -0.20 7.48
C TYR A 939 35.57 0.60 8.37
N SER A 940 34.48 -0.04 8.80
CA SER A 940 33.49 0.65 9.62
C SER A 940 34.06 1.08 10.98
N ARG A 941 35.02 0.32 11.51
CA ARG A 941 35.62 0.68 12.79
C ARG A 941 36.41 1.98 12.69
N GLU A 942 36.92 2.31 11.50
CA GLU A 942 37.66 3.55 11.33
C GLU A 942 36.74 4.76 11.38
N LEU A 943 35.60 4.70 10.71
CA LEU A 943 34.68 5.83 10.64
C LEU A 943 33.63 5.80 11.73
N TYR A 944 33.17 4.62 12.13
CA TYR A 944 32.16 4.46 13.18
C TYR A 944 32.69 3.49 14.22
N PRO A 945 33.63 3.92 15.07
CA PRO A 945 34.17 3.01 16.08
C PRO A 945 33.17 2.59 17.14
N ASN A 946 32.09 3.35 17.34
CA ASN A 946 31.09 3.04 18.36
C ASN A 946 29.92 2.26 17.80
N THR A 947 29.94 1.87 16.53
CA THR A 947 28.88 1.11 15.91
C THR A 947 29.21 -0.37 15.96
N ASP A 948 28.28 -1.18 16.45
CA ASP A 948 28.46 -2.62 16.56
C ASP A 948 27.76 -3.30 15.38
N ILE A 949 28.51 -4.10 14.64
CA ILE A 949 28.02 -4.79 13.46
C ILE A 949 28.02 -6.29 13.74
N ALA A 950 26.93 -6.97 13.38
CA ALA A 950 26.84 -8.40 13.57
C ALA A 950 27.91 -9.12 12.76
N GLN A 951 28.48 -10.17 13.35
CA GLN A 951 29.54 -10.92 12.69
C GLN A 951 29.03 -11.57 11.41
N GLY A 952 29.82 -11.48 10.35
CA GLY A 952 29.45 -12.00 9.05
C GLY A 952 28.76 -11.00 8.14
N GLN A 953 28.43 -9.81 8.63
CA GLN A 953 27.80 -8.79 7.81
C GLN A 953 28.87 -7.90 7.18
N ILE A 954 28.45 -6.78 6.59
CA ILE A 954 29.38 -5.87 5.95
C ILE A 954 30.18 -5.13 7.01
N GLN A 955 31.50 -5.19 6.92
CA GLN A 955 32.39 -4.51 7.86
C GLN A 955 33.21 -3.41 7.22
N VAL A 956 32.96 -3.09 5.95
CA VAL A 956 33.72 -2.10 5.21
C VAL A 956 32.81 -0.97 4.79
N VAL A 957 33.38 0.22 4.67
CA VAL A 957 32.66 1.39 4.20
C VAL A 957 32.95 1.54 2.70
N ASN A 958 31.92 1.34 1.88
CA ASN A 958 32.06 1.45 0.44
C ASN A 958 31.86 2.93 0.07
N THR A 959 32.95 3.69 0.12
CA THR A 959 32.89 5.11 -0.14
C THR A 959 32.64 5.37 -1.63
N LEU A 960 32.16 6.58 -1.91
CA LEU A 960 32.00 7.05 -3.28
C LEU A 960 33.17 7.95 -3.61
N ASP A 961 34.03 7.52 -4.52
CA ASP A 961 35.26 8.23 -4.83
C ASP A 961 35.09 9.03 -6.11
N LEU A 962 35.36 10.33 -6.02
CA LEU A 962 35.34 11.24 -7.16
C LEU A 962 36.77 11.75 -7.37
N THR A 963 37.38 11.37 -8.49
CA THR A 963 38.69 11.87 -8.86
C THR A 963 38.50 12.92 -9.94
N TYR A 964 38.97 14.13 -9.67
CA TYR A 964 38.76 15.28 -10.54
C TYR A 964 40.09 15.72 -11.13
N TYR A 965 40.14 15.79 -12.46
CA TYR A 965 41.32 16.25 -13.20
C TYR A 965 40.98 17.57 -13.88
N PRO A 966 41.44 18.71 -13.34
CA PRO A 966 41.17 19.98 -14.02
C PRO A 966 42.01 20.20 -15.26
N GLY A 967 43.24 19.67 -15.29
CA GLY A 967 44.09 19.82 -16.45
C GLY A 967 43.81 18.86 -17.57
N GLU A 968 43.00 17.85 -17.34
CA GLU A 968 42.65 16.86 -18.34
C GLU A 968 41.29 17.20 -18.96
N ARG A 969 41.20 17.06 -20.28
CA ARG A 969 39.99 17.42 -20.99
C ARG A 969 38.86 16.46 -20.64
N GLY A 970 37.65 17.02 -20.48
CA GLY A 970 36.50 16.23 -20.13
C GLY A 970 35.77 15.68 -21.35
N PRO A 971 34.75 14.85 -21.12
CA PRO A 971 34.01 14.27 -22.25
C PRO A 971 33.31 15.35 -23.07
N TYR A 972 33.29 15.14 -24.39
CA TYR A 972 32.59 16.01 -25.33
C TYR A 972 33.05 17.45 -25.23
N ASN A 973 34.33 17.65 -24.90
CA ASN A 973 34.92 18.98 -24.80
C ASN A 973 35.75 19.24 -26.05
N ASN A 974 35.47 20.34 -26.73
CA ASN A 974 36.15 20.70 -27.96
C ASN A 974 36.87 22.04 -27.84
N ASN A 975 37.45 22.32 -26.67
CA ASN A 975 38.13 23.58 -26.45
C ASN A 975 39.44 23.60 -27.25
N PRO A 976 39.63 24.54 -28.18
CA PRO A 976 40.89 24.58 -28.93
C PRO A 976 42.11 24.81 -28.04
N SER A 977 41.96 25.58 -26.96
CA SER A 977 43.05 25.88 -26.04
C SER A 977 42.61 25.48 -24.64
N PHE A 978 42.84 24.22 -24.29
CA PHE A 978 42.49 23.69 -22.97
C PHE A 978 43.69 23.64 -22.02
N GLY A 979 44.85 23.23 -22.52
CA GLY A 979 46.04 23.21 -21.68
C GLY A 979 46.60 24.58 -21.37
N ALA A 980 46.26 25.59 -22.18
CA ALA A 980 46.70 26.95 -21.96
C ALA A 980 45.76 27.74 -21.06
N SER A 981 44.64 27.15 -20.65
CA SER A 981 43.68 27.80 -19.79
C SER A 981 43.96 27.47 -18.33
N ASN A 982 43.35 28.24 -17.43
CA ASN A 982 43.53 28.04 -16.01
C ASN A 982 42.74 26.82 -15.55
N PRO A 983 43.39 25.81 -14.95
CA PRO A 983 42.64 24.62 -14.51
C PRO A 983 41.58 24.92 -13.45
N SER A 984 41.71 26.02 -12.70
CA SER A 984 40.74 26.35 -11.67
C SER A 984 39.44 26.89 -12.24
N ALA A 985 39.41 27.25 -13.53
CA ALA A 985 38.19 27.74 -14.17
C ALA A 985 37.32 26.62 -14.71
N ASN A 986 37.79 25.39 -14.71
CA ASN A 986 37.03 24.26 -15.21
C ASN A 986 36.22 23.62 -14.09
N PHE A 987 35.27 22.76 -14.48
CA PHE A 987 34.40 22.08 -13.54
C PHE A 987 34.31 20.60 -13.89
N GLY A 988 34.05 19.78 -12.89
CA GLY A 988 33.75 18.38 -13.10
C GLY A 988 32.57 17.97 -12.24
N GLY A 989 31.47 17.53 -12.85
CA GLY A 989 30.24 17.37 -12.11
C GLY A 989 29.47 16.13 -12.51
N ILE A 990 28.61 15.69 -11.59
CA ILE A 990 27.66 14.60 -11.83
C ILE A 990 26.31 15.02 -11.28
N MET A 991 25.26 14.34 -11.76
CA MET A 991 23.91 14.64 -11.34
C MET A 991 23.14 13.33 -11.19
N ARG A 992 22.02 13.41 -10.46
CA ARG A 992 21.24 12.24 -10.11
C ARG A 992 19.80 12.67 -9.89
N ALA A 993 18.88 11.76 -10.13
CA ALA A 993 17.47 12.00 -9.86
C ALA A 993 17.11 11.59 -8.45
N LEU A 994 16.13 12.28 -7.87
CA LEU A 994 15.67 12.02 -6.51
C LEU A 994 14.35 11.28 -6.55
N ASN A 995 14.26 10.18 -5.79
CA ASN A 995 13.04 9.38 -5.78
C ASN A 995 11.88 10.13 -5.14
N SER A 996 12.14 10.82 -4.04
CA SER A 996 11.13 11.63 -3.35
C SER A 996 11.46 13.10 -3.58
N THR A 997 10.68 13.76 -4.42
CA THR A 997 10.94 15.14 -4.81
C THR A 997 10.31 16.16 -3.88
N ASN A 998 9.47 15.73 -2.94
CA ASN A 998 8.81 16.65 -2.02
C ASN A 998 9.62 16.73 -0.74
N PHE A 999 10.48 17.76 -0.64
CA PHE A 999 11.27 17.95 0.57
C PHE A 999 10.44 18.50 1.72
N GLU A 1000 9.38 19.24 1.42
CA GLU A 1000 8.53 19.79 2.47
C GLU A 1000 7.77 18.69 3.19
N GLN A 1001 7.13 17.80 2.44
CA GLN A 1001 6.38 16.70 3.05
C GLN A 1001 7.31 15.73 3.76
N GLY A 1002 8.44 15.40 3.13
CA GLY A 1002 9.42 14.53 3.77
C GLY A 1002 10.25 15.19 4.84
N ASN A 1003 10.15 16.52 4.97
CA ASN A 1003 10.90 17.28 5.95
C ASN A 1003 12.41 17.04 5.80
N VAL A 1004 12.88 17.03 4.56
CA VAL A 1004 14.31 16.89 4.29
C VAL A 1004 15.02 18.11 4.85
N GLU A 1005 15.82 17.90 5.89
CA GLU A 1005 16.43 19.00 6.64
C GLU A 1005 17.79 19.41 6.11
N TYR A 1006 18.68 18.48 5.81
CA TYR A 1006 20.01 18.88 5.36
C TYR A 1006 20.63 17.77 4.52
N ILE A 1007 21.81 18.09 3.98
CA ILE A 1007 22.65 17.12 3.29
C ILE A 1007 23.83 16.82 4.19
N GLN A 1008 23.96 15.56 4.62
CA GLN A 1008 25.02 15.17 5.54
C GLN A 1008 25.95 14.21 4.83
N PHE A 1009 27.24 14.54 4.77
CA PHE A 1009 28.21 13.63 4.19
C PHE A 1009 29.49 13.59 5.00
N TRP A 1010 29.94 12.37 5.26
CA TRP A 1010 31.26 12.11 5.83
C TRP A 1010 32.24 11.93 4.69
N VAL A 1011 33.25 12.80 4.64
CA VAL A 1011 34.26 12.81 3.59
C VAL A 1011 35.62 12.65 4.24
N LEU A 1012 36.61 12.31 3.43
CA LEU A 1012 37.98 12.11 3.89
C LEU A 1012 38.84 13.29 3.44
N ASP A 1013 39.57 13.87 4.39
CA ASP A 1013 40.40 15.03 4.10
C ASP A 1013 41.53 14.63 3.17
N PRO A 1014 41.66 15.25 1.99
CA PRO A 1014 42.70 14.83 1.05
C PRO A 1014 44.02 15.54 1.27
N TYR A 1015 44.20 16.17 2.42
CA TYR A 1015 45.43 16.90 2.73
C TYR A 1015 46.18 16.33 3.93
N VAL A 1016 45.77 15.16 4.42
CA VAL A 1016 46.36 14.56 5.62
C VAL A 1016 47.00 13.21 5.32
N GLY A 1017 46.34 12.41 4.47
CA GLY A 1017 46.77 11.03 4.25
C GLY A 1017 48.10 10.86 3.55
N ASN A 1018 48.43 9.60 3.24
CA ASN A 1018 49.69 9.31 2.58
C ASN A 1018 49.74 9.91 1.18
N GLY A 1019 48.66 9.75 0.42
CA GLY A 1019 48.56 10.35 -0.90
C GLY A 1019 47.91 11.72 -0.85
N GLU A 1020 48.33 12.54 0.11
CA GLU A 1020 47.73 13.85 0.30
C GLU A 1020 48.03 14.77 -0.88
N SER A 1021 47.04 15.55 -1.27
CA SER A 1021 47.22 16.55 -2.30
C SER A 1021 48.03 17.73 -1.76
N PRO A 1022 48.69 18.48 -2.63
CA PRO A 1022 49.44 19.66 -2.16
C PRO A 1022 48.50 20.68 -1.52
N ALA A 1023 49.05 21.41 -0.55
CA ALA A 1023 48.24 22.38 0.19
C ALA A 1023 47.72 23.50 -0.69
N THR A 1024 48.38 23.80 -1.80
CA THR A 1024 47.92 24.83 -2.71
C THR A 1024 46.74 24.39 -3.57
N ASN A 1025 46.40 23.10 -3.55
CA ASN A 1025 45.29 22.59 -4.34
C ASN A 1025 44.00 22.64 -3.51
N ALA A 1026 43.52 23.86 -3.30
CA ALA A 1026 42.29 24.11 -2.56
C ALA A 1026 41.20 24.56 -3.52
N GLY A 1027 40.02 23.96 -3.38
CA GLY A 1027 38.95 24.24 -4.31
C GLY A 1027 37.58 24.37 -3.67
N LYS A 1028 36.52 24.20 -4.46
CA LYS A 1028 35.16 24.27 -3.95
C LYS A 1028 34.33 23.16 -4.56
N ILE A 1029 33.34 22.71 -3.79
CA ILE A 1029 32.37 21.70 -4.23
C ILE A 1029 30.98 22.31 -4.10
N TYR A 1030 30.24 22.32 -5.21
CA TYR A 1030 28.92 22.91 -5.26
C TYR A 1030 27.86 21.83 -5.39
N PHE A 1031 26.79 21.97 -4.61
CA PHE A 1031 25.61 21.12 -4.69
C PHE A 1031 24.45 21.95 -5.21
N ASN A 1032 23.61 21.32 -6.03
CA ASN A 1032 22.44 21.96 -6.61
C ASN A 1032 21.24 21.04 -6.40
N LEU A 1033 20.15 21.61 -5.88
CA LEU A 1033 18.93 20.86 -5.61
C LEU A 1033 17.76 21.52 -6.32
N GLY A 1034 17.05 20.75 -7.15
CA GLY A 1034 15.89 21.28 -7.84
C GLY A 1034 15.75 20.80 -9.26
N GLU A 1035 15.10 21.59 -10.10
CA GLU A 1035 14.92 21.24 -11.51
C GLU A 1035 16.19 21.63 -12.26
N ILE A 1036 16.98 20.62 -12.62
CA ILE A 1036 18.23 20.81 -13.35
C ILE A 1036 18.06 20.21 -14.73
N SER A 1037 18.55 20.92 -15.75
CA SER A 1037 18.37 20.49 -17.13
C SER A 1037 19.07 19.15 -17.38
N GLU A 1038 18.31 18.18 -17.88
CA GLU A 1038 18.87 16.88 -18.22
C GLU A 1038 19.62 16.90 -19.54
N ASP A 1039 19.56 18.00 -20.29
CA ASP A 1039 20.23 18.11 -21.58
C ASP A 1039 21.72 18.29 -21.34
N VAL A 1040 22.41 17.15 -21.23
CA VAL A 1040 23.86 17.18 -20.99
C VAL A 1040 24.57 17.85 -22.15
N LEU A 1041 24.20 17.50 -23.38
CA LEU A 1041 24.67 18.17 -24.58
C LEU A 1041 23.57 19.11 -25.03
N LYS A 1042 23.80 20.41 -24.87
CA LYS A 1042 22.74 21.41 -25.05
C LYS A 1042 22.41 21.54 -26.54
N ASP A 1043 21.40 20.79 -26.98
CA ASP A 1043 20.88 20.94 -28.33
C ASP A 1043 19.36 20.92 -28.38
N GLY A 1044 18.67 20.71 -27.26
CA GLY A 1044 17.23 20.67 -27.22
C GLY A 1044 16.62 19.32 -27.50
N ARG A 1045 17.43 18.31 -27.81
CA ARG A 1045 16.94 16.99 -28.18
C ARG A 1045 17.46 15.95 -27.20
N LYS A 1046 16.59 15.02 -26.80
CA LYS A 1046 16.97 13.96 -25.88
C LYS A 1046 17.72 12.88 -26.64
N GLN A 1047 18.99 12.69 -26.29
CA GLN A 1047 19.83 11.69 -26.94
C GLN A 1047 19.72 10.36 -26.21
N TYR A 1048 19.26 9.34 -26.92
CA TYR A 1048 19.28 7.97 -26.43
C TYR A 1048 19.98 7.12 -27.48
N GLU A 1049 20.94 6.31 -27.04
CA GLU A 1049 21.77 5.55 -27.97
C GLU A 1049 21.19 4.20 -28.34
N ASN A 1050 20.03 3.83 -27.77
CA ASN A 1050 19.38 2.60 -28.17
C ASN A 1050 18.61 2.73 -29.49
N GLY A 1051 18.40 3.95 -29.97
CA GLY A 1051 17.75 4.20 -31.23
C GLY A 1051 18.69 4.53 -32.37
N LEU A 1052 20.00 4.55 -32.13
CA LEU A 1052 20.98 4.86 -33.16
C LEU A 1052 21.19 3.65 -34.07
N GLY A 1053 21.88 3.90 -35.18
CA GLY A 1053 22.20 2.85 -36.13
C GLY A 1053 22.23 3.35 -37.55
N PRO A 1054 22.75 2.53 -38.46
CA PRO A 1054 22.83 2.93 -39.87
C PRO A 1054 21.48 2.87 -40.57
N ASP A 1055 20.64 1.92 -40.16
CA ASP A 1055 19.32 1.73 -40.75
C ASP A 1055 18.23 2.55 -40.08
N GLN A 1056 18.57 3.32 -39.05
CA GLN A 1056 17.61 4.12 -38.32
C GLN A 1056 17.57 5.54 -38.88
N VAL A 1057 16.44 6.21 -38.67
CA VAL A 1057 16.22 7.56 -39.17
C VAL A 1057 16.81 8.55 -38.16
N MET A 1058 17.72 9.39 -38.64
CA MET A 1058 18.34 10.43 -37.84
C MET A 1058 17.74 11.79 -38.19
N VAL A 1059 18.09 12.79 -37.40
CA VAL A 1059 17.68 14.16 -37.69
C VAL A 1059 18.38 14.63 -38.95
N ASN A 1060 17.62 15.23 -39.87
CA ASN A 1060 18.19 15.60 -41.17
C ASN A 1060 19.34 16.58 -41.04
N PRO A 1061 19.25 17.66 -40.25
CA PRO A 1061 20.47 18.40 -39.91
C PRO A 1061 21.11 17.86 -38.64
N GLN A 1062 22.43 17.81 -38.63
CA GLN A 1062 23.15 17.27 -37.49
C GLN A 1062 23.03 18.22 -36.30
N PRO A 1063 22.52 17.75 -35.15
CA PRO A 1063 22.25 18.64 -34.00
C PRO A 1063 23.49 19.04 -33.20
N LEU A 1064 24.55 19.42 -33.90
CA LEU A 1064 25.69 20.14 -33.32
C LEU A 1064 26.55 19.26 -32.41
N TRP A 1065 26.10 18.03 -32.14
CA TRP A 1065 26.83 17.13 -31.27
C TRP A 1065 27.00 15.73 -31.85
N GLY A 1066 26.43 15.45 -33.02
CA GLY A 1066 26.50 14.15 -33.64
C GLY A 1066 25.12 13.68 -34.02
N ASP A 1067 25.03 12.39 -34.36
CA ASP A 1067 23.75 11.82 -34.77
C ASP A 1067 22.79 11.71 -33.60
N VAL A 1068 21.56 12.13 -33.82
CA VAL A 1068 20.49 12.03 -32.84
C VAL A 1068 19.31 11.33 -33.50
N PRO A 1069 18.76 10.28 -32.89
CA PRO A 1069 17.64 9.56 -33.52
C PRO A 1069 16.39 10.43 -33.58
N ALA A 1070 15.79 10.49 -34.78
CA ALA A 1070 14.59 11.28 -34.98
C ALA A 1070 13.33 10.55 -34.52
N SER A 1071 13.42 9.25 -34.28
CA SER A 1071 12.26 8.47 -33.86
C SER A 1071 12.03 8.62 -32.36
N GLN A 1072 10.76 8.55 -31.97
CA GLN A 1072 10.41 8.65 -30.56
C GLN A 1072 10.83 7.38 -29.83
N SER A 1073 11.51 7.56 -28.70
CA SER A 1073 11.96 6.42 -27.91
C SER A 1073 10.77 5.72 -27.24
N LEU A 1074 10.89 4.40 -27.11
CA LEU A 1074 9.88 3.58 -26.46
C LEU A 1074 10.40 2.96 -25.16
N ILE A 1075 11.48 2.19 -25.23
CA ILE A 1075 12.07 1.54 -24.07
C ILE A 1075 13.56 1.80 -24.09
N TYR A 1076 14.11 2.23 -22.94
CA TYR A 1076 15.54 2.47 -22.82
C TYR A 1076 16.23 1.12 -22.57
N ALA A 1077 16.44 0.39 -23.67
CA ALA A 1077 17.05 -0.93 -23.59
C ALA A 1077 17.72 -1.25 -24.91
N PHE A 1078 18.81 -1.99 -24.84
CA PHE A 1078 19.49 -2.51 -26.02
C PHE A 1078 18.93 -3.87 -26.39
N ASP A 1079 19.26 -4.31 -27.61
CA ASP A 1079 19.02 -5.69 -28.01
C ASP A 1079 20.26 -6.51 -27.66
N THR A 1080 20.31 -7.76 -28.14
CA THR A 1080 21.44 -8.64 -27.87
C THR A 1080 22.25 -8.95 -29.13
N ASN A 1081 22.08 -8.17 -30.19
CA ASN A 1081 22.88 -8.33 -31.39
C ASN A 1081 24.19 -7.59 -31.22
N PRO A 1082 25.34 -8.27 -31.27
CA PRO A 1082 26.62 -7.57 -31.11
C PRO A 1082 26.87 -6.50 -32.14
N ASP A 1083 26.43 -6.70 -33.39
CA ASP A 1083 26.59 -5.67 -34.42
C ASP A 1083 25.74 -4.44 -34.09
N ASN A 1084 24.49 -4.66 -33.72
CA ASN A 1084 23.63 -3.55 -33.33
C ASN A 1084 24.16 -2.85 -32.08
N ARG A 1085 24.68 -3.62 -31.13
CA ARG A 1085 25.26 -3.03 -29.93
C ARG A 1085 26.47 -2.16 -30.27
N LYS A 1086 27.32 -2.64 -31.18
CA LYS A 1086 28.46 -1.85 -31.62
C LYS A 1086 28.01 -0.57 -32.32
N ASN A 1087 26.98 -0.66 -33.15
CA ASN A 1087 26.51 0.52 -33.88
C ASN A 1087 25.71 1.48 -33.00
N GLN A 1088 25.22 1.02 -31.84
CA GLN A 1088 24.40 1.84 -30.96
C GLN A 1088 25.17 2.40 -29.77
N ASP A 1089 25.91 1.56 -29.06
CA ASP A 1089 26.67 1.99 -27.89
C ASP A 1089 27.88 2.78 -28.36
N VAL A 1090 27.66 4.07 -28.63
CA VAL A 1090 28.70 4.94 -29.17
C VAL A 1090 28.81 6.21 -28.33
N GLY A 1091 28.05 6.27 -27.25
CA GLY A 1091 28.11 7.40 -26.34
C GLY A 1091 27.02 8.41 -26.59
N LEU A 1092 27.03 9.46 -25.76
CA LEU A 1092 26.04 10.52 -25.87
C LEU A 1092 26.22 11.37 -27.12
N ASP A 1093 27.40 11.31 -27.75
CA ASP A 1093 27.62 12.06 -28.98
C ASP A 1093 26.92 11.44 -30.18
N GLY A 1094 26.69 10.13 -30.17
CA GLY A 1094 26.05 9.46 -31.28
C GLY A 1094 26.98 9.08 -32.41
N LEU A 1095 28.30 9.19 -32.22
CA LEU A 1095 29.27 8.88 -33.25
C LEU A 1095 30.20 7.77 -32.79
N PRO A 1096 30.47 6.76 -33.64
CA PRO A 1096 31.22 5.58 -33.22
C PRO A 1096 32.75 5.76 -33.25
N SER A 1097 33.22 6.87 -32.69
CA SER A 1097 34.63 7.18 -32.50
C SER A 1097 35.39 7.37 -33.81
N SER A 1098 34.75 7.18 -34.96
CA SER A 1098 35.38 7.41 -36.25
C SER A 1098 34.88 8.66 -36.96
N ARG A 1099 33.61 9.01 -36.77
CA ARG A 1099 33.05 10.25 -37.28
C ARG A 1099 33.06 11.36 -36.26
N GLU A 1100 33.66 11.14 -35.09
CA GLU A 1100 33.75 12.18 -34.07
C GLU A 1100 34.64 13.34 -34.50
N GLY A 1101 35.57 13.10 -35.43
CA GLY A 1101 36.44 14.17 -35.90
C GLY A 1101 35.72 15.26 -36.68
N SER A 1102 34.57 14.94 -37.28
CA SER A 1102 33.81 15.96 -37.99
C SER A 1102 33.24 17.00 -37.03
N ILE A 1103 32.77 16.55 -35.87
CA ILE A 1103 32.20 17.47 -34.88
C ILE A 1103 33.29 18.07 -34.00
N TYR A 1104 34.19 17.25 -33.48
CA TYR A 1104 35.28 17.71 -32.62
C TYR A 1104 36.53 17.89 -33.49
N THR A 1105 36.57 19.03 -34.17
CA THR A 1105 37.65 19.29 -35.13
C THR A 1105 38.97 19.56 -34.43
N ASN A 1106 38.94 20.14 -33.22
CA ASN A 1106 40.18 20.50 -32.54
C ASN A 1106 40.96 19.29 -32.06
N TYR A 1107 40.32 18.12 -31.98
CA TYR A 1107 40.99 16.91 -31.52
C TYR A 1107 40.70 15.73 -32.45
N ALA A 1108 40.56 16.01 -33.75
CA ALA A 1108 40.25 14.95 -34.71
C ALA A 1108 41.40 13.97 -34.89
N GLY A 1109 42.63 14.38 -34.58
CA GLY A 1109 43.78 13.51 -34.74
C GLY A 1109 43.93 12.44 -33.69
N GLU A 1110 43.18 12.54 -32.58
CA GLU A 1110 43.27 11.55 -31.52
C GLU A 1110 42.42 10.33 -31.84
N ALA A 1111 42.67 9.25 -31.10
CA ALA A 1111 41.88 8.04 -31.27
C ALA A 1111 40.45 8.24 -30.80
N ASP A 1112 40.23 9.05 -29.78
CA ASP A 1112 38.90 9.35 -29.25
C ASP A 1112 38.74 10.87 -29.20
N PRO A 1113 38.33 11.48 -30.32
CA PRO A 1113 38.18 12.94 -30.33
C PRO A 1113 37.21 13.48 -29.29
N ALA A 1114 36.12 12.75 -29.03
CA ALA A 1114 35.14 13.21 -28.05
C ALA A 1114 35.60 13.03 -26.62
N GLY A 1115 36.49 12.06 -26.35
CA GLY A 1115 36.94 11.82 -25.00
C GLY A 1115 35.97 11.03 -24.16
N ASP A 1116 35.10 10.22 -24.78
CA ASP A 1116 34.09 9.47 -24.07
C ASP A 1116 34.29 7.96 -24.15
N ASP A 1117 35.47 7.50 -24.55
CA ASP A 1117 35.72 6.08 -24.62
C ASP A 1117 35.74 5.47 -23.21
N TYR A 1118 35.13 4.30 -23.09
CA TYR A 1118 35.08 3.58 -21.82
C TYR A 1118 36.16 2.51 -21.77
N THR A 1119 36.80 2.38 -20.62
CA THR A 1119 37.82 1.37 -20.39
C THR A 1119 37.53 0.66 -19.07
N TYR A 1120 37.46 -0.66 -19.12
CA TYR A 1120 37.26 -1.45 -17.91
C TYR A 1120 38.49 -1.32 -17.01
N TYR A 1121 38.23 -1.28 -15.69
CA TYR A 1121 39.33 -1.05 -14.76
C TYR A 1121 40.30 -2.22 -14.72
N LEU A 1122 39.82 -3.45 -14.90
CA LEU A 1122 40.72 -4.59 -14.99
C LEU A 1122 41.36 -4.72 -16.36
N ASN A 1123 40.91 -3.94 -17.35
CA ASN A 1123 41.49 -3.92 -18.68
C ASN A 1123 42.46 -2.77 -18.87
N ALA A 1124 42.67 -1.95 -17.84
CA ALA A 1124 43.55 -0.79 -17.92
C ALA A 1124 44.89 -1.11 -17.27
N ASP A 1125 45.74 -0.10 -17.19
CA ASP A 1125 47.08 -0.23 -16.61
C ASP A 1125 47.33 0.93 -15.65
N GLY A 1126 48.18 0.68 -14.67
CA GLY A 1126 48.55 1.68 -13.70
C GLY A 1126 47.99 1.38 -12.32
N GLY A 1127 47.82 2.45 -11.54
CA GLY A 1127 47.29 2.33 -10.20
C GLY A 1127 45.78 2.20 -10.18
N VAL A 1128 45.24 2.17 -8.97
CA VAL A 1128 43.80 2.04 -8.80
C VAL A 1128 43.08 3.26 -9.37
N LEU A 1129 43.60 4.45 -9.09
CA LEU A 1129 42.98 5.67 -9.60
C LEU A 1129 43.08 5.75 -11.13
N GLU A 1130 44.22 5.33 -11.69
CA GLU A 1130 44.41 5.42 -13.13
C GLU A 1130 43.50 4.46 -13.89
N ARG A 1131 43.17 3.30 -13.30
CA ARG A 1131 42.34 2.33 -13.97
C ARG A 1131 40.87 2.74 -14.01
N TYR A 1132 40.45 3.65 -13.14
CA TYR A 1132 39.08 4.15 -13.12
C TYR A 1132 38.93 5.48 -13.86
N LYS A 1133 39.99 5.96 -14.52
CA LYS A 1133 39.94 7.26 -15.17
C LYS A 1133 38.92 7.29 -16.30
N ASN A 1134 38.85 6.21 -17.08
CA ASN A 1134 37.91 6.12 -18.19
C ASN A 1134 36.79 5.12 -17.92
N TYR A 1135 36.57 4.77 -16.64
CA TYR A 1135 35.51 3.83 -16.30
C TYR A 1135 34.12 4.42 -16.46
N ASN A 1136 34.01 5.75 -16.56
CA ASN A 1136 32.72 6.41 -16.69
C ASN A 1136 32.44 6.85 -18.12
N GLY A 1137 33.19 6.34 -19.09
CA GLY A 1137 32.95 6.67 -20.47
C GLY A 1137 31.63 6.07 -20.96
N THR A 1138 30.94 6.81 -21.83
CA THR A 1138 29.65 6.40 -22.34
C THR A 1138 29.73 5.58 -23.62
N GLU A 1139 30.90 5.46 -24.23
CA GLU A 1139 31.07 4.72 -25.47
C GLU A 1139 31.75 3.39 -25.19
N GLY A 1140 31.08 2.30 -25.55
CA GLY A 1140 31.63 0.98 -25.37
C GLY A 1140 31.40 0.36 -24.00
N ASN A 1141 30.57 0.98 -23.16
CA ASN A 1141 30.33 0.50 -21.81
C ASN A 1141 29.13 -0.42 -21.70
N SER A 1142 28.68 -1.00 -22.81
CA SER A 1142 27.53 -1.89 -22.81
C SER A 1142 27.79 -3.12 -23.67
N ALA A 1143 28.94 -3.76 -23.46
CA ALA A 1143 29.29 -4.95 -24.22
C ALA A 1143 28.28 -6.06 -23.96
N VAL A 1144 27.92 -6.79 -25.02
CA VAL A 1144 26.93 -7.86 -24.89
C VAL A 1144 27.44 -8.98 -24.01
N SER A 1145 28.71 -9.37 -24.20
CA SER A 1145 29.28 -10.48 -23.46
C SER A 1145 29.98 -9.99 -22.21
N ILE A 1146 29.64 -10.60 -21.06
CA ILE A 1146 30.29 -10.25 -19.81
C ILE A 1146 31.74 -10.73 -19.77
N ASN A 1147 32.10 -11.68 -20.64
CA ASN A 1147 33.45 -12.21 -20.72
C ASN A 1147 34.35 -11.37 -21.62
N ASP A 1148 33.82 -10.31 -22.21
CA ASP A 1148 34.64 -9.45 -23.05
C ASP A 1148 35.74 -8.81 -22.22
N PRO A 1149 36.95 -8.64 -22.77
CA PRO A 1149 38.03 -7.99 -21.98
C PRO A 1149 37.66 -6.60 -21.52
N ASN A 1150 36.90 -5.84 -22.31
CA ASN A 1150 36.41 -4.53 -21.90
C ASN A 1150 34.98 -4.68 -21.38
N ARG A 1151 34.89 -5.22 -20.17
CA ARG A 1151 33.58 -5.51 -19.57
C ARG A 1151 32.78 -4.22 -19.40
N GLY A 1152 31.52 -4.28 -19.81
CA GLY A 1152 30.68 -3.10 -19.97
C GLY A 1152 30.45 -2.27 -18.72
N SER A 1153 30.16 -2.92 -17.60
CA SER A 1153 29.80 -2.35 -16.30
C SER A 1153 28.36 -1.86 -16.26
N THR A 1154 27.65 -1.89 -17.38
CA THR A 1154 26.23 -1.53 -17.42
C THR A 1154 25.66 -2.01 -18.74
N THR A 1155 24.33 -2.17 -18.77
CA THR A 1155 23.62 -2.59 -19.97
C THR A 1155 22.60 -1.57 -20.45
N LEU A 1156 22.22 -0.62 -19.62
CA LEU A 1156 21.22 0.38 -20.01
C LEU A 1156 21.86 1.37 -20.98
N PRO A 1157 21.15 1.76 -22.05
CA PRO A 1157 21.69 2.78 -22.95
C PRO A 1157 21.82 4.12 -22.26
N ASP A 1158 22.81 4.90 -22.71
CA ASP A 1158 23.05 6.22 -22.15
C ASP A 1158 22.05 7.20 -22.73
N VAL A 1159 21.12 7.67 -21.90
CA VAL A 1159 20.02 8.51 -22.33
C VAL A 1159 20.09 9.83 -21.56
N GLU A 1160 19.77 10.92 -22.24
CA GLU A 1160 19.67 12.23 -21.61
C GLU A 1160 18.34 12.37 -20.86
N ASP A 1161 18.11 11.40 -19.97
CA ASP A 1161 16.88 11.36 -19.17
C ASP A 1161 17.22 10.63 -17.88
N ILE A 1162 17.38 11.38 -16.80
CA ILE A 1162 17.90 10.83 -15.54
C ILE A 1162 16.78 10.30 -14.67
N ASN A 1163 15.63 10.97 -14.65
CA ASN A 1163 14.51 10.57 -13.79
C ASN A 1163 13.66 9.47 -14.42
N ARG A 1164 13.98 9.03 -15.63
CA ARG A 1164 13.29 7.93 -16.30
C ARG A 1164 11.79 8.20 -16.45
N ASP A 1165 11.46 9.45 -16.78
CA ASP A 1165 10.09 9.82 -17.10
C ASP A 1165 9.87 9.99 -18.60
N ASN A 1166 10.83 9.55 -19.42
CA ASN A 1166 10.78 9.58 -20.87
C ASN A 1166 10.90 10.99 -21.43
N THR A 1167 10.98 11.99 -20.56
CA THR A 1167 11.03 13.38 -20.96
C THR A 1167 12.32 14.02 -20.47
N MET A 1168 12.93 14.83 -21.33
CA MET A 1168 14.18 15.53 -21.00
C MET A 1168 13.83 16.94 -20.53
N SER A 1169 13.94 17.18 -19.24
CA SER A 1169 13.67 18.50 -18.68
C SER A 1169 14.81 19.46 -19.04
N THR A 1170 14.44 20.71 -19.30
CA THR A 1170 15.41 21.75 -19.64
C THR A 1170 15.36 22.94 -18.69
N ILE A 1171 14.68 22.81 -17.55
CA ILE A 1171 14.58 23.91 -16.60
C ILE A 1171 15.82 23.92 -15.71
N ASN A 1172 16.22 25.11 -15.28
CA ASN A 1172 17.40 25.33 -14.44
C ASN A 1172 17.03 26.11 -13.19
N ALA A 1173 15.97 25.68 -12.52
CA ALA A 1173 15.50 26.34 -11.29
C ALA A 1173 15.92 25.48 -10.11
N TYR A 1174 16.98 25.89 -9.42
CA TYR A 1174 17.51 25.10 -8.32
C TYR A 1174 18.14 26.02 -7.28
N TYR A 1175 18.46 25.43 -6.14
CA TYR A 1175 19.20 26.08 -5.07
C TYR A 1175 20.63 25.57 -5.06
N GLU A 1176 21.57 26.48 -4.82
CA GLU A 1176 23.00 26.20 -4.87
C GLU A 1176 23.59 26.35 -3.49
N TYR A 1177 24.26 25.31 -3.01
CA TYR A 1177 25.06 25.30 -1.80
C TYR A 1177 26.51 25.05 -2.18
N SER A 1178 27.43 25.44 -1.30
CA SER A 1178 28.84 25.25 -1.61
C SER A 1178 29.63 24.97 -0.34
N ILE A 1179 30.71 24.22 -0.50
CA ILE A 1179 31.68 24.00 0.56
C ILE A 1179 33.07 24.20 -0.01
N ASP A 1180 34.01 24.57 0.87
CA ASP A 1180 35.40 24.72 0.49
C ASP A 1180 36.17 23.44 0.80
N VAL A 1181 37.21 23.18 0.01
CA VAL A 1181 38.13 22.08 0.24
C VAL A 1181 39.50 22.71 0.41
N LYS A 1182 39.94 22.84 1.67
CA LYS A 1182 41.17 23.50 2.06
C LYS A 1182 41.94 22.62 3.04
N PRO A 1183 43.26 22.74 3.08
CA PRO A 1183 44.04 21.91 4.02
C PRO A 1183 43.71 22.14 5.47
N GLY A 1184 43.36 23.37 5.85
CA GLY A 1184 43.19 23.71 7.25
C GLY A 1184 41.76 23.91 7.71
N MET A 1185 40.85 23.07 7.23
CA MET A 1185 39.45 23.17 7.64
C MET A 1185 39.29 22.76 9.10
N GLN A 1186 38.44 23.51 9.81
CA GLN A 1186 38.18 23.26 11.22
C GLN A 1186 36.67 23.33 11.48
N VAL A 1187 36.26 22.72 12.59
CA VAL A 1187 34.85 22.69 12.96
C VAL A 1187 34.38 24.10 13.30
N GLY A 1188 33.11 24.37 13.04
CA GLY A 1188 32.50 25.66 13.32
C GLY A 1188 32.34 26.55 12.11
N GLU A 1189 32.97 26.22 10.99
CA GLU A 1189 32.85 27.01 9.78
C GLU A 1189 32.81 26.05 8.58
N ASN A 1190 32.34 26.57 7.45
CA ASN A 1190 32.23 25.80 6.22
C ASN A 1190 31.34 24.57 6.40
N TYR A 1191 30.28 24.71 7.19
CA TYR A 1191 29.29 23.66 7.44
C TYR A 1191 29.90 22.40 8.03
N ILE A 1192 31.00 22.53 8.78
CA ILE A 1192 31.64 21.41 9.42
C ILE A 1192 31.04 21.20 10.80
N THR A 1193 30.61 19.97 11.09
CA THR A 1193 30.00 19.66 12.38
C THR A 1193 30.83 18.69 13.23
N ASP A 1194 31.73 17.93 12.62
CA ASP A 1194 32.53 16.97 13.37
C ASP A 1194 33.77 16.62 12.56
N ILE A 1195 34.88 16.39 13.27
CA ILE A 1195 36.13 15.96 12.65
C ILE A 1195 36.70 14.84 13.50
N ARG A 1196 36.98 13.70 12.88
CA ARG A 1196 37.53 12.53 13.55
C ARG A 1196 38.92 12.26 12.99
N GLU A 1197 39.92 12.25 13.88
CA GLU A 1197 41.30 12.01 13.50
C GLU A 1197 41.69 10.59 13.85
N VAL A 1198 42.26 9.87 12.88
CA VAL A 1198 42.77 8.52 13.08
C VAL A 1198 44.28 8.56 12.87
N THR A 1199 45.02 8.02 13.83
CA THR A 1199 46.47 8.13 13.85
C THR A 1199 47.18 6.91 13.28
N ASN A 1200 46.89 5.73 13.80
CA ASN A 1200 47.57 4.51 13.41
C ASN A 1200 46.61 3.65 12.58
N VAL A 1201 46.72 3.78 11.26
CA VAL A 1201 45.93 2.99 10.33
C VAL A 1201 46.82 1.91 9.72
N ASP A 1202 46.40 0.65 9.84
CA ASP A 1202 47.15 -0.44 9.27
C ASP A 1202 46.98 -0.46 7.74
N LEU A 1203 48.10 -0.59 7.04
CA LEU A 1203 48.13 -0.56 5.59
C LEU A 1203 48.54 -1.91 5.03
N PRO A 1204 48.12 -2.25 3.81
CA PRO A 1204 48.50 -3.55 3.24
C PRO A 1204 50.00 -3.73 3.08
N ASN A 1205 50.77 -2.65 2.92
CA ASN A 1205 52.21 -2.75 2.79
C ASN A 1205 52.93 -2.78 4.14
N GLY A 1206 52.18 -2.76 5.25
CA GLY A 1206 52.77 -2.79 6.57
C GLY A 1206 53.07 -1.44 7.18
N GLY A 1207 52.87 -0.35 6.44
CA GLY A 1207 53.11 0.98 6.96
C GLY A 1207 51.92 1.52 7.72
N THR A 1208 52.06 2.77 8.16
CA THR A 1208 51.02 3.48 8.90
C THR A 1208 50.80 4.85 8.29
N THR A 1209 49.55 5.31 8.34
CA THR A 1209 49.18 6.61 7.81
C THR A 1209 48.13 7.25 8.70
N ASN A 1210 48.04 8.56 8.62
CA ASN A 1210 47.04 9.32 9.36
C ASN A 1210 45.88 9.70 8.46
N ALA A 1211 44.68 9.76 9.04
CA ALA A 1211 43.48 10.11 8.30
C ALA A 1211 42.65 11.10 9.11
N ARG A 1212 41.84 11.88 8.40
CA ARG A 1212 41.00 12.89 9.06
C ARG A 1212 39.66 12.93 8.34
N TRP A 1213 38.64 12.33 8.94
CA TRP A 1213 37.30 12.37 8.39
C TRP A 1213 36.58 13.63 8.87
N ILE A 1214 35.86 14.27 7.95
CA ILE A 1214 35.13 15.49 8.22
C ILE A 1214 33.67 15.27 7.85
N GLN A 1215 32.77 15.64 8.75
CA GLN A 1215 31.33 15.54 8.52
C GLN A 1215 30.79 16.91 8.20
N PHE A 1216 30.16 17.05 7.03
CA PHE A 1216 29.50 18.27 6.61
C PHE A 1216 28.00 18.10 6.68
N LYS A 1217 27.32 19.09 7.24
CA LYS A 1217 25.86 19.13 7.29
C LYS A 1217 25.41 20.46 6.68
N ILE A 1218 25.08 20.44 5.40
CA ILE A 1218 24.65 21.64 4.69
C ILE A 1218 23.13 21.75 4.84
N PRO A 1219 22.61 22.76 5.52
CA PRO A 1219 21.15 22.88 5.69
C PRO A 1219 20.49 23.19 4.36
N VAL A 1220 19.54 22.34 3.97
CA VAL A 1220 18.79 22.55 2.73
C VAL A 1220 17.97 23.84 2.80
N SER A 1221 17.46 24.16 3.99
CA SER A 1221 16.61 25.33 4.17
C SER A 1221 17.35 26.65 4.04
N GLN A 1222 18.69 26.64 3.95
CA GLN A 1222 19.49 27.85 3.85
C GLN A 1222 20.38 27.77 2.61
N PRO A 1223 19.80 27.93 1.42
CA PRO A 1223 20.61 27.90 0.20
C PRO A 1223 21.54 29.10 0.12
N GLN A 1224 22.72 28.89 -0.47
CA GLN A 1224 23.65 29.99 -0.69
C GLN A 1224 23.20 30.87 -1.85
N ASN A 1225 22.69 30.26 -2.92
CA ASN A 1225 22.22 31.01 -4.07
C ASN A 1225 20.98 30.34 -4.63
N THR A 1226 20.23 31.09 -5.43
CA THR A 1226 19.02 30.58 -6.08
C THR A 1226 19.13 30.87 -7.57
N ILE A 1227 19.33 29.82 -8.36
CA ILE A 1227 19.44 29.94 -9.82
C ILE A 1227 18.06 29.68 -10.41
N GLY A 1228 17.57 30.59 -11.23
CA GLY A 1228 16.27 30.43 -11.84
C GLY A 1228 15.15 30.83 -10.91
N ASN A 1229 13.93 30.48 -11.34
CA ASN A 1229 12.71 30.85 -10.61
C ASN A 1229 12.22 29.65 -9.80
N ILE A 1230 12.82 29.46 -8.63
CA ILE A 1230 12.41 28.44 -7.69
C ILE A 1230 12.25 29.09 -6.31
N THR A 1231 11.12 28.84 -5.66
CA THR A 1231 10.81 29.48 -4.38
C THR A 1231 10.45 28.52 -3.27
N ASP A 1232 10.19 27.24 -3.56
CA ASP A 1232 9.79 26.28 -2.55
C ASP A 1232 10.53 24.98 -2.77
N PHE A 1233 10.62 24.17 -1.70
CA PHE A 1233 11.28 22.87 -1.73
C PHE A 1233 10.29 21.74 -1.96
N ARG A 1234 9.11 22.04 -2.53
CA ARG A 1234 8.10 21.02 -2.75
C ARG A 1234 8.37 20.17 -3.97
N SER A 1235 9.22 20.62 -4.88
CA SER A 1235 9.58 19.86 -6.09
C SER A 1235 11.10 19.95 -6.27
N ILE A 1236 11.81 19.01 -5.67
CA ILE A 1236 13.26 18.91 -5.83
C ILE A 1236 13.56 17.59 -6.52
N ARG A 1237 13.70 17.64 -7.85
CA ARG A 1237 13.78 16.42 -8.65
C ARG A 1237 15.20 15.97 -8.94
N PHE A 1238 16.17 16.89 -8.95
CA PHE A 1238 17.53 16.56 -9.33
C PHE A 1238 18.52 17.09 -8.29
N MET A 1239 19.52 16.27 -7.97
CA MET A 1239 20.63 16.67 -7.13
C MET A 1239 21.92 16.55 -7.95
N ARG A 1240 22.66 17.64 -8.03
CA ARG A 1240 23.91 17.69 -8.78
C ARG A 1240 25.03 18.13 -7.86
N MET A 1241 26.22 17.58 -8.07
CA MET A 1241 27.40 18.08 -7.36
C MET A 1241 28.56 18.17 -8.35
N PHE A 1242 29.25 19.31 -8.33
CA PHE A 1242 30.41 19.52 -9.19
C PHE A 1242 31.53 20.18 -8.42
N MET A 1243 32.75 19.73 -8.70
CA MET A 1243 33.96 20.29 -8.12
C MET A 1243 34.58 21.30 -9.09
N THR A 1244 35.14 22.37 -8.53
CA THR A 1244 35.79 23.39 -9.34
C THR A 1244 36.85 24.09 -8.51
N GLY A 1245 37.67 24.91 -9.18
CA GLY A 1245 38.68 25.70 -8.51
C GLY A 1245 39.95 24.96 -8.18
N PHE A 1246 40.06 23.67 -8.49
CA PHE A 1246 41.25 22.91 -8.19
C PHE A 1246 42.29 23.08 -9.28
N ASN A 1247 43.56 23.14 -8.87
CA ASN A 1247 44.66 23.28 -9.82
C ASN A 1247 45.16 21.94 -10.34
N SER A 1248 45.19 20.91 -9.48
CA SER A 1248 45.68 19.61 -9.90
C SER A 1248 44.66 18.52 -9.57
N GLN A 1249 45.05 17.26 -9.76
CA GLN A 1249 44.16 16.14 -9.49
C GLN A 1249 43.72 16.14 -8.03
N MET A 1250 42.43 15.93 -7.80
CA MET A 1250 41.88 15.93 -6.45
C MET A 1250 40.96 14.73 -6.27
N THR A 1251 41.24 13.93 -5.24
CA THR A 1251 40.41 12.78 -4.92
C THR A 1251 39.57 13.09 -3.70
N VAL A 1252 38.27 12.87 -3.81
CA VAL A 1252 37.32 13.13 -2.73
C VAL A 1252 36.54 11.85 -2.49
N ARG A 1253 36.70 11.27 -1.30
CA ARG A 1253 36.06 10.01 -0.96
C ARG A 1253 34.95 10.29 0.05
N PHE A 1254 33.70 10.19 -0.41
CA PHE A 1254 32.54 10.33 0.46
C PHE A 1254 32.34 9.00 1.18
N GLY A 1255 32.75 8.94 2.45
CA GLY A 1255 32.46 7.78 3.27
C GLY A 1255 30.99 7.62 3.55
N ALA A 1256 30.23 8.72 3.55
CA ALA A 1256 28.78 8.66 3.62
C ALA A 1256 28.24 9.91 2.94
N LEU A 1257 27.09 9.76 2.28
CA LEU A 1257 26.47 10.89 1.59
C LEU A 1257 24.97 10.66 1.59
N ASP A 1258 24.24 11.37 2.45
CA ASP A 1258 22.81 11.17 2.61
C ASP A 1258 22.09 12.50 2.60
N LEU A 1259 20.82 12.46 2.18
CA LEU A 1259 19.86 13.52 2.42
C LEU A 1259 19.13 13.18 3.71
N VAL A 1260 19.36 13.96 4.76
CA VAL A 1260 18.84 13.67 6.08
C VAL A 1260 17.58 14.50 6.32
N ARG A 1261 16.51 13.82 6.70
CA ARG A 1261 15.23 14.42 7.02
C ARG A 1261 14.92 14.17 8.50
N GLY A 1262 14.23 15.12 9.12
CA GLY A 1262 13.92 15.00 10.53
C GLY A 1262 12.44 14.92 10.84
N GLU A 1263 12.10 14.30 11.96
CA GLU A 1263 10.71 14.24 12.41
C GLU A 1263 10.27 15.50 13.13
N TRP A 1264 11.21 16.36 13.54
CA TRP A 1264 10.90 17.63 14.17
C TRP A 1264 10.99 18.73 13.11
N ARG A 1265 9.88 19.39 12.83
CA ARG A 1265 9.82 20.40 11.80
C ARG A 1265 10.22 21.76 12.34
N ARG A 1266 11.03 22.48 11.57
CA ARG A 1266 11.45 23.83 11.93
C ARG A 1266 10.25 24.77 11.88
N TYR A 1267 9.79 25.21 13.05
CA TYR A 1267 8.60 26.04 13.13
C TYR A 1267 8.88 27.41 12.50
N THR A 1268 8.25 27.68 11.37
CA THR A 1268 8.33 28.99 10.73
C THR A 1268 7.17 29.86 11.21
N GLY A 1269 7.49 31.09 11.58
CA GLY A 1269 6.50 31.97 12.14
C GLY A 1269 6.92 32.47 13.51
N THR A 1270 6.49 33.68 13.84
CA THR A 1270 6.90 34.30 15.09
C THR A 1270 6.17 33.69 16.28
N LEU A 1271 6.89 33.54 17.38
CA LEU A 1271 6.31 33.09 18.64
C LEU A 1271 6.03 34.23 19.61
N ASP A 1272 6.70 35.37 19.43
CA ASP A 1272 6.45 36.55 20.24
C ASP A 1272 5.86 37.66 19.38
N ALA A 1273 4.88 38.37 19.92
CA ALA A 1273 4.21 39.43 19.18
C ALA A 1273 5.03 40.70 19.10
N ASN A 1274 6.15 40.78 19.82
CA ASN A 1274 6.98 41.98 19.76
C ASN A 1274 7.74 42.07 18.44
N ASP A 1275 8.04 40.93 17.81
CA ASP A 1275 8.83 40.92 16.59
C ASP A 1275 7.96 41.02 15.35
N GLN A 1276 7.05 40.06 15.16
CA GLN A 1276 6.05 40.01 14.09
C GLN A 1276 6.64 39.78 12.71
N ASN A 1277 7.97 39.70 12.57
CA ASN A 1277 8.62 39.43 11.29
C ASN A 1277 9.68 38.35 11.49
N PRO A 1278 9.25 37.10 11.65
CA PRO A 1278 10.23 36.01 11.87
C PRO A 1278 11.21 35.82 10.73
N ASP A 1279 10.79 36.07 9.49
CA ASP A 1279 11.65 35.85 8.33
C ASP A 1279 12.58 37.04 8.14
N ASP A 1280 13.32 37.39 9.17
CA ASP A 1280 14.26 38.51 9.15
C ASP A 1280 15.31 38.27 10.22
N ASP A 1281 16.07 39.32 10.54
CA ASP A 1281 17.04 39.33 11.64
C ASP A 1281 18.27 38.49 11.34
N GLY A 1282 18.26 37.77 10.21
CA GLY A 1282 19.41 36.98 9.82
C GLY A 1282 19.82 35.93 10.83
N VAL A 1283 18.86 35.30 11.48
CA VAL A 1283 19.12 34.30 12.52
C VAL A 1283 19.13 32.93 11.85
N GLU A 1284 20.31 32.30 11.78
CA GLU A 1284 20.45 30.97 11.21
C GLU A 1284 20.05 29.96 12.29
N PHE A 1285 18.86 29.39 12.15
CA PHE A 1285 18.33 28.40 13.09
C PHE A 1285 18.36 27.04 12.41
N ASP A 1286 19.07 26.09 13.00
CA ASP A 1286 19.24 24.77 12.42
C ASP A 1286 18.85 23.70 13.44
N VAL A 1287 18.24 22.62 12.95
CA VAL A 1287 17.87 21.48 13.77
C VAL A 1287 18.53 20.25 13.18
N ALA A 1288 19.24 19.49 14.01
CA ALA A 1288 19.92 18.28 13.59
C ALA A 1288 19.94 17.31 14.76
N ALA A 1289 20.77 16.28 14.67
CA ALA A 1289 20.90 15.30 15.74
C ALA A 1289 22.36 15.05 16.04
N VAL A 1290 22.62 14.71 17.30
CA VAL A 1290 23.95 14.32 17.77
C VAL A 1290 23.87 12.86 18.23
N ASN A 1291 24.77 12.04 17.73
CA ASN A 1291 24.78 10.60 17.99
C ASN A 1291 26.03 10.21 18.75
N ILE A 1292 25.92 9.08 19.46
CA ILE A 1292 27.10 8.49 20.09
C ILE A 1292 27.94 7.73 19.07
N GLN A 1293 27.36 7.38 17.92
CA GLN A 1293 28.08 6.66 16.88
C GLN A 1293 28.70 7.58 15.84
N GLU A 1294 28.22 8.81 15.70
CA GLU A 1294 28.70 9.73 14.69
C GLU A 1294 29.24 11.05 15.22
N ASN A 1295 28.92 11.40 16.48
CA ASN A 1295 29.33 12.69 17.03
C ASN A 1295 30.08 12.52 18.34
N GLY A 1296 30.75 11.38 18.53
CA GLY A 1296 31.51 11.16 19.74
C GLY A 1296 32.82 11.93 19.82
N THR A 1297 33.24 12.54 18.70
CA THR A 1297 34.46 13.34 18.66
C THR A 1297 34.16 14.79 18.26
N LYS A 1298 33.01 15.30 18.66
CA LYS A 1298 32.62 16.66 18.31
C LYS A 1298 33.56 17.67 18.96
N CYS A 1299 33.76 18.80 18.27
CA CYS A 1299 34.80 19.74 18.70
C CYS A 1299 34.42 20.49 19.97
N PRO A 1300 33.27 21.20 20.04
CA PRO A 1300 32.98 21.96 21.26
C PRO A 1300 32.84 21.06 22.48
N VAL A 1301 31.90 20.11 22.41
CA VAL A 1301 31.71 19.11 23.45
C VAL A 1301 31.48 17.77 22.78
N ASN A 1302 32.29 16.78 23.14
CA ASN A 1302 32.08 15.43 22.65
C ASN A 1302 30.76 14.89 23.19
N TYR A 1303 29.95 14.29 22.32
CA TYR A 1303 28.64 13.83 22.73
C TYR A 1303 28.75 12.64 23.68
N VAL A 1304 28.10 12.76 24.83
CA VAL A 1304 28.06 11.69 25.83
C VAL A 1304 26.63 11.52 26.28
N MET A 1305 26.29 10.31 26.72
CA MET A 1305 24.95 10.04 27.20
C MET A 1305 24.70 10.76 28.52
N PRO A 1306 23.44 11.13 28.79
CA PRO A 1306 23.12 11.72 30.08
C PRO A 1306 23.38 10.71 31.19
N PRO A 1307 23.71 11.19 32.40
CA PRO A 1307 24.00 10.27 33.50
C PRO A 1307 22.81 9.36 33.79
N GLY A 1308 23.07 8.05 33.80
CA GLY A 1308 22.05 7.06 34.01
C GLY A 1308 21.48 6.45 32.74
N VAL A 1309 21.78 7.01 31.58
CA VAL A 1309 21.26 6.52 30.31
C VAL A 1309 22.23 5.46 29.77
N GLN A 1310 21.67 4.31 29.38
CA GLN A 1310 22.44 3.21 28.83
C GLN A 1310 21.98 2.91 27.42
N ARG A 1311 22.93 2.52 26.56
CA ARG A 1311 22.59 2.16 25.19
C ARG A 1311 21.75 0.89 25.16
N GLU A 1312 20.71 0.91 24.32
CA GLU A 1312 19.87 -0.27 24.18
C GLU A 1312 20.66 -1.41 23.54
N GLN A 1313 20.44 -2.62 24.04
CA GLN A 1313 21.16 -3.81 23.59
C GLN A 1313 20.17 -4.79 23.00
N LEU A 1314 20.45 -5.25 21.78
CA LEU A 1314 19.61 -6.21 21.09
C LEU A 1314 20.46 -7.37 20.60
N TYR A 1315 19.79 -8.40 20.08
CA TYR A 1315 20.46 -9.56 19.50
C TYR A 1315 20.13 -9.60 18.01
N ASN A 1316 21.11 -9.26 17.17
CA ASN A 1316 20.89 -9.32 15.74
C ASN A 1316 20.97 -10.75 15.22
N ASN A 1317 22.14 -11.37 15.35
CA ASN A 1317 22.32 -12.79 15.03
C ASN A 1317 23.40 -13.33 15.96
N ASN A 1318 22.97 -13.86 17.11
CA ASN A 1318 23.86 -14.43 18.12
C ASN A 1318 24.91 -13.44 18.61
N THR A 1319 24.70 -12.15 18.37
CA THR A 1319 25.65 -11.10 18.72
C THR A 1319 24.91 -9.96 19.40
N VAL A 1320 25.49 -9.42 20.47
CA VAL A 1320 24.91 -8.29 21.18
C VAL A 1320 25.28 -7.01 20.44
N ILE A 1321 24.27 -6.25 20.05
CA ILE A 1321 24.45 -5.00 19.31
C ILE A 1321 23.91 -3.86 20.17
N ASN A 1322 24.75 -2.86 20.42
CA ASN A 1322 24.34 -1.69 21.18
C ASN A 1322 23.68 -0.68 20.25
N GLN A 1323 22.45 -0.30 20.56
CA GLN A 1323 21.71 0.63 19.72
C GLN A 1323 22.25 2.05 19.92
N ASN A 1324 22.03 2.88 18.90
CA ASN A 1324 22.51 4.25 18.91
C ASN A 1324 21.70 5.10 19.87
N GLU A 1325 22.40 5.96 20.63
CA GLU A 1325 21.78 6.93 21.52
C GLU A 1325 21.91 8.30 20.89
N GLN A 1326 20.78 8.99 20.72
CA GLN A 1326 20.71 10.20 19.92
C GLN A 1326 20.01 11.31 20.70
N ALA A 1327 20.41 12.55 20.40
CA ALA A 1327 19.79 13.74 20.99
C ALA A 1327 19.53 14.76 19.90
N LEU A 1328 18.56 15.64 20.15
CA LEU A 1328 18.16 16.65 19.19
C LEU A 1328 18.97 17.93 19.44
N ALA A 1329 19.73 18.36 18.44
CA ALA A 1329 20.57 19.54 18.56
C ALA A 1329 19.91 20.72 17.84
N VAL A 1330 19.86 21.86 18.53
CA VAL A 1330 19.32 23.10 17.99
C VAL A 1330 20.43 24.13 18.02
N ARG A 1331 20.75 24.69 16.86
CA ARG A 1331 21.83 25.64 16.71
C ARG A 1331 21.28 27.00 16.30
N ILE A 1332 21.64 28.03 17.07
CA ILE A 1332 21.28 29.41 16.76
C ILE A 1332 22.57 30.16 16.46
N GLY A 1333 22.71 30.65 15.24
CA GLY A 1333 23.89 31.39 14.85
C GLY A 1333 23.58 32.51 13.88
N GLY A 1334 24.61 33.06 13.25
CA GLY A 1334 24.43 34.15 12.31
C GLY A 1334 24.46 35.50 13.01
N ALA A 1335 23.28 36.04 13.29
CA ALA A 1335 23.17 37.29 14.03
C ALA A 1335 22.79 37.09 15.49
N GLY A 1336 22.05 36.04 15.79
CA GLY A 1336 21.65 35.74 17.16
C GLY A 1336 20.21 36.14 17.44
N LEU A 1337 19.65 35.51 18.47
CA LEU A 1337 18.27 35.79 18.86
C LEU A 1337 18.13 37.19 19.45
N GLN A 1338 16.95 37.76 19.29
CA GLN A 1338 16.62 39.04 19.92
C GLN A 1338 16.42 38.80 21.43
N TYR A 1339 16.00 39.86 22.14
CA TYR A 1339 15.85 39.75 23.59
C TYR A 1339 14.79 38.72 23.97
N GLN A 1340 13.64 38.75 23.31
CA GLN A 1340 12.56 37.83 23.62
C GLN A 1340 12.17 36.93 22.45
N ASP A 1341 12.86 37.05 21.32
CA ASP A 1341 12.59 36.17 20.19
C ASP A 1341 13.06 34.76 20.50
N SER A 1342 12.31 33.77 20.01
CA SER A 1342 12.61 32.38 20.30
C SER A 1342 12.50 31.56 19.02
N ARG A 1343 13.25 30.46 18.99
CA ARG A 1343 13.22 29.53 17.86
C ARG A 1343 12.96 28.13 18.38
N ALA A 1344 12.00 27.43 17.78
CA ALA A 1344 11.59 26.12 18.28
C ALA A 1344 11.30 25.18 17.12
N VAL A 1345 11.39 23.89 17.42
CA VAL A 1345 11.01 22.82 16.50
C VAL A 1345 9.83 22.07 17.11
N PHE A 1346 8.85 21.74 16.27
CA PHE A 1346 7.60 21.16 16.73
C PHE A 1346 7.37 19.79 16.10
N LYS A 1347 6.38 19.09 16.65
CA LYS A 1347 6.03 17.75 16.22
C LYS A 1347 4.56 17.52 16.54
N ASN A 1348 3.92 16.69 15.73
CA ASN A 1348 2.52 16.31 15.93
C ASN A 1348 2.47 14.92 16.54
N VAL A 1349 1.95 14.82 17.76
CA VAL A 1349 1.90 13.58 18.52
C VAL A 1349 0.49 13.41 19.08
N SER A 1350 0.31 12.34 19.86
CA SER A 1350 -0.93 12.10 20.60
C SER A 1350 -0.54 11.38 21.88
N VAL A 1351 -0.35 12.16 22.95
CA VAL A 1351 0.18 11.66 24.21
C VAL A 1351 -0.83 11.92 25.32
N ASP A 1352 -1.16 10.89 26.09
CA ASP A 1352 -2.02 11.00 27.25
C ASP A 1352 -1.13 10.79 28.48
N MET A 1353 -0.85 11.88 29.20
CA MET A 1353 0.05 11.85 30.35
C MET A 1353 -0.68 12.06 31.67
N ARG A 1354 -1.96 11.68 31.73
CA ARG A 1354 -2.73 11.84 32.96
C ARG A 1354 -2.44 10.75 33.99
N GLN A 1355 -1.80 9.66 33.58
CA GLN A 1355 -1.46 8.57 34.49
C GLN A 1355 -0.06 8.70 35.08
N TYR A 1356 0.69 9.73 34.72
CA TYR A 1356 2.05 9.92 35.20
C TYR A 1356 2.15 11.26 35.92
N LYS A 1357 3.01 11.30 36.94
CA LYS A 1357 3.15 12.47 37.78
C LYS A 1357 4.22 13.45 37.31
N LYS A 1358 5.30 12.96 36.70
CA LYS A 1358 6.44 13.81 36.38
C LYS A 1358 6.71 13.78 34.87
N LEU A 1359 7.07 14.94 34.33
CA LEU A 1359 7.58 15.08 32.97
C LEU A 1359 9.03 15.48 33.07
N LYS A 1360 9.92 14.68 32.48
CA LYS A 1360 11.35 14.85 32.65
C LYS A 1360 12.05 14.97 31.30
N MET A 1361 13.15 15.71 31.29
CA MET A 1361 13.93 15.91 30.07
C MET A 1361 15.34 16.34 30.46
N PHE A 1362 16.30 16.02 29.58
CA PHE A 1362 17.69 16.44 29.74
C PHE A 1362 18.00 17.54 28.74
N LEU A 1363 18.58 18.63 29.23
CA LEU A 1363 18.96 19.76 28.39
C LEU A 1363 20.43 20.09 28.61
N HIS A 1364 21.11 20.41 27.51
CA HIS A 1364 22.52 20.80 27.53
C HIS A 1364 22.70 22.05 26.69
N ALA A 1365 23.56 22.95 27.16
CA ALA A 1365 23.82 24.20 26.46
C ALA A 1365 25.32 24.37 26.24
N GLU A 1366 25.69 24.92 25.08
CA GLU A 1366 27.08 25.17 24.77
C GLU A 1366 27.18 26.37 23.84
N SER A 1367 28.35 27.00 23.84
CA SER A 1367 28.62 28.14 22.99
C SER A 1367 29.21 27.68 21.66
N LEU A 1368 28.81 28.37 20.58
CA LEU A 1368 29.32 28.03 19.27
C LEU A 1368 30.80 28.40 19.16
N PRO A 1369 31.60 27.59 18.47
CA PRO A 1369 33.02 27.94 18.29
C PRO A 1369 33.19 29.18 17.43
N ASN A 1370 34.26 29.93 17.69
CA ASN A 1370 34.57 31.16 16.97
C ASN A 1370 33.45 32.19 17.08
N GLN A 1371 32.69 32.13 18.16
CA GLN A 1371 31.59 33.02 18.44
C GLN A 1371 31.69 33.50 19.87
N PRO A 1372 31.07 34.65 20.21
CA PRO A 1372 31.08 35.10 21.59
C PRO A 1372 30.46 34.08 22.52
N THR A 1373 31.05 33.94 23.70
CA THR A 1373 30.64 32.88 24.63
C THR A 1373 29.25 33.15 25.18
N LEU A 1374 28.44 32.10 25.23
CA LEU A 1374 27.11 32.20 25.83
C LEU A 1374 27.22 32.13 27.35
N GLU A 1375 26.57 33.07 28.03
CA GLU A 1375 26.61 33.15 29.48
C GLU A 1375 25.45 32.37 30.10
N ASP A 1376 25.59 32.09 31.39
CA ASP A 1376 24.55 31.36 32.11
C ASP A 1376 23.30 32.21 32.27
N ASP A 1377 22.15 31.53 32.29
CA ASP A 1377 20.84 32.15 32.49
C ASP A 1377 20.48 33.13 31.38
N GLU A 1378 21.12 33.02 30.21
CA GLU A 1378 20.78 33.84 29.06
C GLU A 1378 19.86 33.12 28.08
N MET A 1379 20.24 31.92 27.66
CA MET A 1379 19.41 31.10 26.79
C MET A 1379 18.55 30.17 27.64
N VAL A 1380 17.28 30.05 27.28
CA VAL A 1380 16.29 29.32 28.07
C VAL A 1380 15.68 28.23 27.19
N GLY A 1381 15.71 26.99 27.69
CA GLY A 1381 15.06 25.90 27.00
C GLY A 1381 13.60 25.79 27.45
N PHE A 1382 12.70 25.77 26.48
CA PHE A 1382 11.27 25.72 26.78
C PHE A 1382 10.59 24.59 26.02
N ILE A 1383 9.66 23.94 26.70
CA ILE A 1383 8.78 22.93 26.13
C ILE A 1383 7.37 23.50 26.11
N ARG A 1384 6.77 23.55 24.93
CA ARG A 1384 5.42 24.04 24.75
C ARG A 1384 4.58 22.91 24.17
N PHE A 1385 3.63 22.41 24.95
CA PHE A 1385 2.83 21.27 24.53
C PHE A 1385 1.35 21.52 24.77
N GLY A 1386 0.52 20.98 23.89
CA GLY A 1386 -0.91 21.12 24.01
C GLY A 1386 -1.66 20.87 22.72
N ASN A 1387 -2.59 21.76 22.38
CA ASN A 1387 -3.34 21.67 21.13
C ASN A 1387 -2.78 22.54 20.03
N ASP A 1388 -2.01 23.58 20.37
CA ASP A 1388 -1.41 24.47 19.40
C ASP A 1388 -0.28 25.23 20.08
N PHE A 1389 0.52 25.92 19.27
CA PHE A 1389 1.64 26.71 19.77
C PHE A 1389 1.32 28.19 19.89
N THR A 1390 0.08 28.59 19.64
CA THR A 1390 -0.29 29.99 19.66
C THR A 1390 -1.49 30.33 20.51
N GLN A 1391 -2.35 29.37 20.83
CA GLN A 1391 -3.55 29.73 21.60
C GLN A 1391 -3.73 28.90 22.87
N ASN A 1392 -3.47 27.60 22.82
CA ASN A 1392 -3.74 26.69 23.95
C ASN A 1392 -2.51 25.81 24.15
N PHE A 1393 -1.73 26.10 25.19
CA PHE A 1393 -0.52 25.33 25.44
C PHE A 1393 -0.05 25.53 26.88
N TYR A 1394 0.63 24.50 27.40
CA TYR A 1394 1.45 24.64 28.59
C TYR A 1394 2.89 24.88 28.16
N GLN A 1395 3.52 25.90 28.74
CA GLN A 1395 4.90 26.23 28.47
C GLN A 1395 5.72 26.09 29.74
N VAL A 1396 6.84 25.37 29.62
CA VAL A 1396 7.77 25.17 30.73
C VAL A 1396 9.13 25.66 30.27
N GLU A 1397 9.64 26.68 30.95
CA GLU A 1397 10.91 27.32 30.59
C GLU A 1397 11.94 27.08 31.69
N ILE A 1398 13.19 26.96 31.29
CA ILE A 1398 14.28 26.81 32.26
C ILE A 1398 15.53 27.49 31.72
N PRO A 1399 16.14 28.40 32.48
CA PRO A 1399 17.44 28.95 32.07
C PRO A 1399 18.49 27.85 32.02
N LEU A 1400 19.38 27.95 31.03
CA LEU A 1400 20.36 26.91 30.75
C LEU A 1400 21.73 27.34 31.24
N LYS A 1401 22.38 26.46 32.01
CA LYS A 1401 23.76 26.67 32.40
C LYS A 1401 24.68 26.20 31.28
N VAL A 1402 25.57 27.08 30.85
CA VAL A 1402 26.41 26.83 29.70
C VAL A 1402 27.60 25.98 30.13
N THR A 1403 27.82 24.86 29.43
CA THR A 1403 28.96 24.01 29.70
C THR A 1403 30.25 24.72 29.29
N LYS A 1404 31.22 24.76 30.19
CA LYS A 1404 32.46 25.47 29.93
C LYS A 1404 33.31 24.71 28.91
N THR A 1405 33.79 25.41 27.90
CA THR A 1405 34.64 24.83 26.86
C THR A 1405 35.95 25.61 26.78
N GLY A 1406 36.83 25.14 25.90
CA GLY A 1406 38.14 25.77 25.75
C GLY A 1406 39.28 24.82 25.97
N GLY A 1407 39.12 23.90 26.92
CA GLY A 1407 40.15 22.92 27.21
C GLY A 1407 39.97 21.66 26.39
N SER A 1408 39.98 20.51 27.06
CA SER A 1408 39.79 19.24 26.37
C SER A 1408 38.36 19.14 25.84
N CYS A 1409 38.22 18.53 24.66
CA CYS A 1409 36.89 18.39 24.06
C CYS A 1409 36.07 17.33 24.76
N SER A 1410 36.71 16.42 25.49
CA SER A 1410 36.02 15.35 26.20
C SER A 1410 35.63 15.84 27.58
N ILE A 1411 34.33 16.07 27.78
CA ILE A 1411 33.80 16.56 29.05
C ILE A 1411 32.97 15.46 29.67
N SER A 1412 33.06 15.32 31.00
CA SER A 1412 32.35 14.28 31.71
C SER A 1412 30.84 14.47 31.56
N PRO A 1413 30.07 13.38 31.55
CA PRO A 1413 28.62 13.51 31.30
C PRO A 1413 27.89 14.35 32.33
N ASP A 1414 28.31 14.34 33.59
CA ASP A 1414 27.64 15.16 34.59
C ASP A 1414 27.83 16.64 34.33
N LEU A 1415 28.96 17.03 33.74
CA LEU A 1415 29.20 18.42 33.37
C LEU A 1415 28.62 18.79 32.02
N VAL A 1416 28.15 17.80 31.25
CA VAL A 1416 27.50 18.07 29.97
C VAL A 1416 26.00 18.16 30.19
N TRP A 1417 25.41 17.09 30.72
CA TRP A 1417 23.98 17.06 31.03
C TRP A 1417 23.81 17.37 32.52
N MET A 1418 23.96 18.65 32.84
CA MET A 1418 23.86 19.08 34.22
C MET A 1418 22.45 18.86 34.76
N ASP A 1419 22.36 18.47 36.04
CA ASP A 1419 21.07 18.33 36.68
C ASP A 1419 20.37 19.66 36.89
N ASP A 1420 21.12 20.78 36.83
CA ASP A 1420 20.50 22.09 36.95
C ASP A 1420 19.67 22.43 35.71
N ASN A 1421 20.10 21.98 34.54
CA ASN A 1421 19.38 22.24 33.30
C ASN A 1421 18.34 21.18 32.99
N SER A 1422 18.24 20.13 33.80
CA SER A 1422 17.28 19.07 33.56
C SER A 1422 15.89 19.50 33.99
N ILE A 1423 14.92 19.28 33.12
CA ILE A 1423 13.53 19.63 33.43
C ILE A 1423 12.88 18.46 34.16
N ASP A 1424 12.29 18.74 35.32
CA ASP A 1424 11.56 17.74 36.12
C ASP A 1424 10.32 18.45 36.67
N LEU A 1425 9.22 18.35 35.93
CA LEU A 1425 8.00 19.09 36.22
C LEU A 1425 6.92 18.16 36.73
N ALA A 1426 6.33 18.50 37.88
CA ALA A 1426 5.18 17.78 38.38
C ALA A 1426 3.91 18.33 37.74
N LEU A 1427 3.08 17.44 37.20
CA LEU A 1427 1.91 17.87 36.45
C LEU A 1427 0.82 18.47 37.33
N ASP A 1428 0.84 18.19 38.63
CA ASP A 1428 -0.09 18.84 39.54
C ASP A 1428 0.16 20.35 39.58
N LEU A 1429 1.40 20.77 39.36
CA LEU A 1429 1.69 22.19 39.21
C LEU A 1429 0.97 22.76 37.99
N LEU A 1430 0.97 22.02 36.88
CA LEU A 1430 0.24 22.45 35.70
C LEU A 1430 -1.25 22.55 35.98
N THR A 1431 -1.81 21.56 36.69
CA THR A 1431 -3.23 21.60 37.01
C THR A 1431 -3.56 22.80 37.89
N ARG A 1432 -2.74 23.07 38.91
CA ARG A 1432 -2.97 24.22 39.78
C ARG A 1432 -2.85 25.53 39.01
N MET A 1433 -1.87 25.62 38.11
CA MET A 1433 -1.73 26.82 37.29
C MET A 1433 -2.94 27.01 36.40
N LYS A 1434 -3.47 25.93 35.82
CA LYS A 1434 -4.66 26.02 35.00
C LYS A 1434 -5.85 26.51 35.81
N ILE A 1435 -6.02 25.96 37.02
CA ILE A 1435 -7.11 26.39 37.89
C ILE A 1435 -6.98 27.86 38.25
N LYS A 1436 -5.76 28.30 38.55
CA LYS A 1436 -5.53 29.71 38.87
C LYS A 1436 -5.82 30.61 37.68
N ALA A 1437 -5.41 30.19 36.47
CA ALA A 1437 -5.61 31.00 35.29
C ALA A 1437 -7.07 30.99 34.81
N MET A 1438 -7.86 30.04 35.29
CA MET A 1438 -9.29 30.05 34.99
C MET A 1438 -9.93 31.37 35.43
N SER A 1439 -9.48 31.93 36.54
CA SER A 1439 -10.02 33.17 37.07
C SER A 1439 -9.33 34.41 36.50
N ILE A 1440 -8.36 34.24 35.61
CA ILE A 1440 -7.63 35.35 35.00
C ILE A 1440 -8.22 35.61 33.63
N ASP A 1441 -8.74 36.82 33.43
CA ASP A 1441 -9.33 37.18 32.15
C ASP A 1441 -8.25 37.31 31.08
N ILE A 1442 -8.65 37.07 29.83
CA ILE A 1442 -7.71 37.16 28.72
C ILE A 1442 -7.21 38.58 28.50
N ASN A 1443 -7.94 39.58 28.97
CA ASN A 1443 -7.55 40.97 28.82
C ASN A 1443 -6.89 41.54 30.07
N SER A 1444 -6.60 40.69 31.06
CA SER A 1444 -5.97 41.15 32.28
C SER A 1444 -4.52 41.55 32.03
N SER A 1445 -4.03 42.47 32.86
CA SER A 1445 -2.64 42.93 32.75
C SER A 1445 -1.64 41.87 33.19
N LYS A 1446 -2.09 40.81 33.87
CA LYS A 1446 -1.19 39.73 34.27
C LYS A 1446 -0.73 38.89 33.09
N ARG A 1447 -1.35 39.03 31.93
CA ARG A 1447 -0.93 38.37 30.71
C ARG A 1447 0.18 39.17 30.03
N ASP A 1448 1.05 38.45 29.33
CA ASP A 1448 2.12 39.09 28.58
C ASP A 1448 1.57 39.59 27.24
N VAL A 1449 2.47 40.01 26.36
CA VAL A 1449 2.05 40.47 25.03
C VAL A 1449 1.45 39.32 24.24
N ASN A 1450 1.93 38.09 24.46
CA ASN A 1450 1.39 36.91 23.80
C ASN A 1450 0.23 36.29 24.55
N GLY A 1451 -0.17 36.85 25.69
CA GLY A 1451 -1.28 36.32 26.44
C GLY A 1451 -0.96 35.16 27.35
N ILE A 1452 0.33 34.82 27.52
CA ILE A 1452 0.72 33.71 28.38
C ILE A 1452 0.73 34.19 29.83
N TYR A 1453 0.09 33.43 30.71
CA TYR A 1453 -0.01 33.76 32.12
C TYR A 1453 1.08 33.03 32.89
N TYR A 1454 2.04 33.79 33.43
CA TYR A 1454 3.11 33.22 34.23
C TYR A 1454 2.84 33.51 35.70
N PRO A 1455 2.58 32.49 36.53
CA PRO A 1455 2.37 32.75 37.96
C PRO A 1455 3.56 33.41 38.64
N ASP A 1456 4.78 33.12 38.19
CA ASP A 1456 5.97 33.72 38.80
C ASP A 1456 6.02 35.22 38.59
N ASN A 1457 5.31 35.76 37.60
CA ASN A 1457 5.27 37.19 37.35
C ASN A 1457 4.01 37.84 37.90
N ASP A 1458 3.25 37.12 38.73
CA ASP A 1458 2.04 37.67 39.33
C ASP A 1458 2.38 38.21 40.71
N PRO A 1459 2.35 39.53 40.93
CA PRO A 1459 2.67 40.04 42.27
C PRO A 1459 1.63 39.71 43.32
N ASP A 1460 0.40 39.38 42.92
CA ASP A 1460 -0.68 39.11 43.86
C ASP A 1460 -0.82 37.63 44.20
N LEU A 1461 0.08 36.79 43.69
CA LEU A 1461 0.02 35.34 43.93
C LEU A 1461 1.19 34.93 44.81
N GLU A 1462 0.91 34.10 45.81
CA GLU A 1462 1.91 33.60 46.74
C GLU A 1462 2.39 32.22 46.29
N GLY A 1463 3.70 32.03 46.27
CA GLY A 1463 4.29 30.77 45.88
C GLY A 1463 4.62 30.63 44.41
N GLY A 1464 4.20 31.58 43.58
CA GLY A 1464 4.48 31.50 42.16
C GLY A 1464 3.82 30.30 41.52
N ASP A 1465 4.55 29.64 40.62
CA ASP A 1465 4.06 28.47 39.92
C ASP A 1465 4.28 27.17 40.71
N GLY A 1466 4.89 27.25 41.89
CA GLY A 1466 5.12 26.09 42.71
C GLY A 1466 6.43 25.37 42.47
N ASP A 1467 7.19 25.78 41.45
CA ASP A 1467 8.49 25.17 41.16
C ASP A 1467 9.54 26.27 41.12
N GLY A 1468 10.59 26.13 41.94
CA GLY A 1468 11.61 27.15 42.03
C GLY A 1468 12.60 27.17 40.87
N LYS A 1469 12.71 26.06 40.13
CA LYS A 1469 13.65 25.97 39.02
C LYS A 1469 13.01 26.23 37.67
N LEU A 1470 11.78 25.79 37.47
CA LEU A 1470 11.09 25.93 36.20
C LEU A 1470 10.10 27.09 36.25
N THR A 1471 9.87 27.70 35.10
CA THR A 1471 8.88 28.77 34.94
C THR A 1471 7.73 28.22 34.11
N LEU A 1472 6.52 28.30 34.66
CA LEU A 1472 5.34 27.71 34.03
C LEU A 1472 4.43 28.79 33.47
N GLY A 1473 3.79 28.49 32.34
CA GLY A 1473 2.88 29.43 31.72
C GLY A 1473 1.77 28.69 30.99
N ILE A 1474 0.61 29.36 30.91
CA ILE A 1474 -0.57 28.80 30.28
C ILE A 1474 -1.35 29.95 29.64
N LYS A 1475 -1.90 29.68 28.45
CA LYS A 1475 -2.60 30.73 27.71
C LYS A 1475 -4.08 30.44 27.52
N GLY A 1476 -4.44 29.30 26.93
CA GLY A 1476 -5.81 29.13 26.46
C GLY A 1476 -6.51 27.83 26.83
N ASN A 1477 -6.31 27.36 28.05
CA ASN A 1477 -6.95 26.14 28.53
C ASN A 1477 -6.56 24.95 27.67
N PRO A 1478 -5.30 24.51 27.71
CA PRO A 1478 -4.91 23.31 26.97
C PRO A 1478 -5.26 22.04 27.71
N ASN A 1479 -4.82 20.89 27.18
CA ASN A 1479 -5.11 19.60 27.78
C ASN A 1479 -3.93 18.68 27.58
N PHE A 1480 -3.30 18.24 28.66
CA PHE A 1480 -2.23 17.27 28.57
C PHE A 1480 -2.74 15.83 28.58
N GLY A 1481 -4.05 15.63 28.73
CA GLY A 1481 -4.63 14.32 28.52
C GLY A 1481 -4.70 13.91 27.07
N LEU A 1482 -4.54 14.86 26.14
CA LEU A 1482 -4.41 14.56 24.72
C LEU A 1482 -3.49 15.63 24.15
N VAL A 1483 -2.20 15.36 24.11
CA VAL A 1483 -1.21 16.30 23.60
C VAL A 1483 -1.11 16.11 22.10
N ARG A 1484 -1.74 17.00 21.34
CA ARG A 1484 -1.68 16.93 19.88
C ARG A 1484 -0.42 17.54 19.31
N ASN A 1485 0.11 18.59 19.94
CA ASN A 1485 1.27 19.31 19.44
C ASN A 1485 2.31 19.40 20.53
N LEU A 1486 3.57 19.13 20.18
CA LEU A 1486 4.71 19.24 21.08
C LEU A 1486 5.74 20.16 20.45
N MET A 1487 6.46 20.90 21.28
CA MET A 1487 7.39 21.90 20.78
C MET A 1487 8.55 22.04 21.76
N VAL A 1488 9.77 22.04 21.25
CA VAL A 1488 10.96 22.27 22.06
C VAL A 1488 11.77 23.39 21.41
N GLY A 1489 12.19 24.37 22.21
CA GLY A 1489 12.87 25.49 21.62
C GLY A 1489 13.71 26.26 22.61
N VAL A 1490 14.33 27.32 22.09
CA VAL A 1490 15.23 28.19 22.84
C VAL A 1490 14.73 29.62 22.75
N LYS A 1491 14.64 30.28 23.90
CA LYS A 1491 14.31 31.69 24.04
C LYS A 1491 15.51 32.41 24.65
N SER A 1492 15.48 33.74 24.61
CA SER A 1492 16.59 34.55 25.09
C SER A 1492 16.16 35.36 26.31
N ARG A 1493 17.17 35.79 27.09
CA ARG A 1493 16.95 36.62 28.26
C ARG A 1493 17.91 37.81 28.32
N ALA A 1494 18.90 37.87 27.44
CA ALA A 1494 19.87 38.95 27.47
C ALA A 1494 19.29 40.21 26.83
N ASP A 1495 19.23 41.30 27.59
CA ASP A 1495 18.64 42.54 27.10
C ASP A 1495 19.40 43.10 25.91
N HIS A 1496 20.63 43.53 26.13
CA HIS A 1496 21.44 44.15 25.08
C HIS A 1496 22.47 43.17 24.53
N LYS A 1497 21.97 42.07 23.95
CA LYS A 1497 22.83 41.05 23.37
C LYS A 1497 22.03 40.23 22.36
N ASP A 1498 22.75 39.52 21.51
CA ASP A 1498 22.17 38.56 20.59
C ASP A 1498 22.94 37.24 20.76
N ILE A 1499 22.31 36.28 21.42
CA ILE A 1499 23.01 35.07 21.86
C ILE A 1499 23.00 34.04 20.74
N LYS A 1500 24.14 33.35 20.58
CA LYS A 1500 24.30 32.25 19.65
C LYS A 1500 24.82 31.04 20.42
N GLY A 1501 24.26 29.87 20.13
CA GLY A 1501 24.69 28.68 20.85
C GLY A 1501 23.95 27.44 20.38
N GLU A 1502 24.37 26.31 20.93
CA GLU A 1502 23.81 25.01 20.59
C GLU A 1502 23.23 24.35 21.84
N VAL A 1503 22.01 23.83 21.71
CA VAL A 1503 21.30 23.22 22.83
C VAL A 1503 20.89 21.81 22.42
N TRP A 1504 21.19 20.84 23.30
CA TRP A 1504 20.84 19.45 23.08
C TRP A 1504 19.68 19.08 23.98
N PHE A 1505 18.64 18.49 23.39
CA PHE A 1505 17.50 17.94 24.10
C PHE A 1505 17.56 16.43 24.02
N ASN A 1506 17.39 15.76 25.16
CA ASN A 1506 17.49 14.31 25.20
C ASN A 1506 16.50 13.72 26.19
N GLU A 1507 15.88 12.61 25.81
CA GLU A 1507 15.09 11.77 26.69
C GLU A 1507 13.93 12.56 27.32
N LEU A 1508 12.99 12.97 26.48
CA LEU A 1508 11.74 13.56 26.95
C LEU A 1508 10.81 12.42 27.34
N ARG A 1509 10.54 12.29 28.63
CA ARG A 1509 9.91 11.09 29.17
C ARG A 1509 8.89 11.46 30.25
N LEU A 1510 8.04 10.49 30.57
CA LEU A 1510 7.07 10.59 31.64
C LEU A 1510 7.42 9.58 32.72
N ALA A 1511 7.48 10.03 33.97
CA ALA A 1511 7.89 9.20 35.09
C ALA A 1511 6.89 9.33 36.22
N ASP A 1512 7.08 8.48 37.24
CA ASP A 1512 6.23 8.42 38.43
C ASP A 1512 4.78 8.09 38.05
N LEU A 1513 4.63 6.88 37.51
CA LEU A 1513 3.32 6.38 37.14
C LEU A 1513 2.41 6.29 38.37
N GLU A 1514 1.14 6.65 38.18
CA GLU A 1514 0.13 6.54 39.23
C GLU A 1514 -0.43 5.13 39.19
N ASN A 1515 -0.04 4.30 40.17
CA ASN A 1515 -0.38 2.89 40.17
C ASN A 1515 -1.46 2.55 41.21
N LYS A 1516 -2.35 3.49 41.48
CA LYS A 1516 -3.48 3.20 42.36
C LYS A 1516 -4.44 2.25 41.66
N GLY A 1517 -4.89 1.24 42.41
CA GLY A 1517 -5.73 0.19 41.85
C GLY A 1517 -7.18 0.60 41.75
N GLY A 1518 -8.02 -0.40 41.48
CA GLY A 1518 -9.45 -0.19 41.37
C GLY A 1518 -10.20 -1.41 41.85
N MET A 1519 -11.51 -1.23 42.03
CA MET A 1519 -12.37 -2.28 42.55
C MET A 1519 -13.56 -2.47 41.61
N ALA A 1520 -14.02 -3.71 41.49
CA ALA A 1520 -15.21 -4.02 40.73
C ALA A 1520 -15.98 -5.13 41.43
N ALA A 1521 -17.30 -5.10 41.27
CA ALA A 1521 -18.18 -6.09 41.86
C ALA A 1521 -19.30 -6.43 40.89
N ILE A 1522 -19.57 -7.72 40.74
CA ILE A 1522 -20.63 -8.22 39.85
C ILE A 1522 -21.51 -9.18 40.64
N LEU A 1523 -22.82 -8.98 40.54
CA LEU A 1523 -23.80 -9.85 41.17
C LEU A 1523 -24.81 -10.30 40.13
N ASN A 1524 -25.02 -11.61 40.04
CA ASN A 1524 -25.96 -12.20 39.09
C ASN A 1524 -26.98 -13.06 39.84
N VAL A 1525 -28.25 -12.83 39.54
CA VAL A 1525 -29.34 -13.63 40.10
C VAL A 1525 -30.10 -14.19 38.90
N ASP A 1526 -29.96 -15.49 38.65
CA ASP A 1526 -30.60 -16.16 37.52
C ASP A 1526 -31.53 -17.23 38.08
N THR A 1527 -32.83 -17.09 37.80
CA THR A 1527 -33.83 -18.03 38.27
C THR A 1527 -34.70 -18.49 37.12
N ASN A 1528 -35.04 -19.77 37.13
CA ASN A 1528 -35.98 -20.35 36.18
C ASN A 1528 -37.11 -21.03 36.94
N MET A 1529 -38.33 -20.82 36.45
CA MET A 1529 -39.56 -21.19 37.14
C MET A 1529 -40.42 -22.01 36.19
N ALA A 1530 -40.37 -23.34 36.36
CA ALA A 1530 -41.28 -24.30 35.74
C ALA A 1530 -41.40 -24.08 34.24
N ASP A 1531 -40.24 -23.95 33.59
CA ASP A 1531 -40.11 -23.74 32.15
C ASP A 1531 -41.06 -22.66 31.64
N PHE A 1532 -41.47 -21.76 32.52
CA PHE A 1532 -42.38 -20.68 32.19
C PHE A 1532 -41.79 -19.30 32.42
N ALA A 1533 -41.04 -19.11 33.50
CA ALA A 1533 -40.43 -17.83 33.79
C ALA A 1533 -38.92 -17.96 33.83
N THR A 1534 -38.23 -16.92 33.36
CA THR A 1534 -36.78 -16.88 33.44
C THR A 1534 -36.35 -15.45 33.72
N VAL A 1535 -35.82 -15.21 34.91
CA VAL A 1535 -35.43 -13.87 35.34
C VAL A 1535 -33.92 -13.86 35.58
N SER A 1536 -33.23 -12.96 34.88
CA SER A 1536 -31.78 -12.81 35.00
C SER A 1536 -31.47 -11.36 35.31
N ALA A 1537 -31.02 -11.09 36.53
CA ALA A 1537 -30.65 -9.75 36.96
C ALA A 1537 -29.14 -9.68 37.16
N THR A 1538 -28.51 -8.66 36.59
CA THR A 1538 -27.08 -8.48 36.67
C THR A 1538 -26.80 -7.06 37.16
N GLY A 1539 -25.92 -6.95 38.15
CA GLY A 1539 -25.53 -5.66 38.68
C GLY A 1539 -24.03 -5.53 38.82
N ARG A 1540 -23.45 -4.55 38.14
CA ARG A 1540 -22.01 -4.33 38.13
C ARG A 1540 -21.70 -2.94 38.68
N LYS A 1541 -20.66 -2.86 39.50
CA LYS A 1541 -20.21 -1.59 40.07
C LYS A 1541 -18.69 -1.60 40.08
N SER A 1542 -18.09 -0.74 39.27
CA SER A 1542 -16.65 -0.68 39.09
C SER A 1542 -16.14 0.71 39.43
N THR A 1543 -15.02 0.77 40.14
CA THR A 1543 -14.42 2.03 40.56
C THR A 1543 -13.37 2.49 39.55
N ILE A 1544 -12.84 3.68 39.79
CA ILE A 1544 -11.84 4.26 38.90
C ILE A 1544 -10.55 3.45 39.00
N GLY A 1545 -9.97 3.12 37.85
CA GLY A 1545 -8.71 2.41 37.79
C GLY A 1545 -8.80 0.92 37.56
N PHE A 1546 -10.01 0.36 37.55
CA PHE A 1546 -10.16 -1.06 37.29
C PHE A 1546 -9.98 -1.37 35.81
N GLY A 1547 -9.56 -2.60 35.53
CA GLY A 1547 -9.35 -3.02 34.16
C GLY A 1547 -8.80 -4.43 34.12
N SER A 1548 -8.47 -4.85 32.90
CA SER A 1548 -7.93 -6.19 32.70
C SER A 1548 -6.43 -6.22 33.01
N LEU A 1549 -5.89 -7.44 33.07
CA LEU A 1549 -4.46 -7.59 33.33
C LEU A 1549 -3.61 -6.98 32.22
N GLU A 1550 -4.03 -7.16 30.97
CA GLU A 1550 -3.23 -6.74 29.83
C GLU A 1550 -3.50 -5.29 29.42
N GLN A 1551 -4.44 -4.61 30.06
CA GLN A 1551 -4.72 -3.22 29.71
C GLN A 1551 -3.55 -2.33 30.14
N GLY A 1552 -3.24 -1.34 29.30
CA GLY A 1552 -2.13 -0.45 29.55
C GLY A 1552 -2.49 0.67 30.50
N ALA A 1553 -1.58 1.64 30.60
CA ALA A 1553 -1.79 2.76 31.50
C ALA A 1553 -3.00 3.59 31.09
N ASN A 1554 -3.15 3.84 29.79
CA ASN A 1554 -4.25 4.66 29.29
C ASN A 1554 -5.48 3.85 28.90
N GLU A 1555 -5.41 2.52 28.99
CA GLU A 1555 -6.56 1.68 28.65
C GLU A 1555 -7.44 1.36 29.86
N ARG A 1556 -6.94 1.56 31.08
CA ARG A 1556 -7.74 1.31 32.26
C ARG A 1556 -8.89 2.32 32.35
N ASP A 1557 -9.98 1.89 32.97
CA ASP A 1557 -11.18 2.71 33.04
C ASP A 1557 -10.96 3.90 33.97
N ARG A 1558 -10.99 5.11 33.41
CA ARG A 1558 -10.94 6.33 34.20
C ARG A 1558 -12.34 6.84 34.52
N GLU A 1559 -13.17 5.97 35.10
CA GLU A 1559 -14.56 6.32 35.34
C GLU A 1559 -15.20 5.28 36.26
N ASP A 1560 -16.09 5.75 37.13
CA ASP A 1560 -16.91 4.89 37.96
C ASP A 1560 -18.14 4.44 37.16
N VAL A 1561 -18.39 3.14 37.15
CA VAL A 1561 -19.51 2.56 36.39
C VAL A 1561 -20.45 1.90 37.37
N GLN A 1562 -21.74 2.18 37.23
CA GLN A 1562 -22.78 1.53 38.02
C GLN A 1562 -23.90 1.13 37.07
N GLN A 1563 -24.00 -0.16 36.77
CA GLN A 1563 -24.90 -0.66 35.74
C GLN A 1563 -25.73 -1.81 36.29
N TYR A 1564 -26.96 -1.93 35.80
CA TYR A 1564 -27.74 -3.13 36.06
C TYR A 1564 -28.62 -3.42 34.85
N ASN A 1565 -29.04 -4.68 34.76
CA ASN A 1565 -29.81 -5.17 33.62
C ASN A 1565 -30.64 -6.36 34.06
N ILE A 1566 -31.95 -6.27 33.89
CA ILE A 1566 -32.89 -7.34 34.25
C ILE A 1566 -33.58 -7.81 32.98
N VAL A 1567 -33.52 -9.12 32.73
CA VAL A 1567 -34.13 -9.73 31.56
C VAL A 1567 -35.14 -10.77 32.03
N THR A 1568 -36.37 -10.67 31.54
CA THR A 1568 -37.45 -11.57 31.92
C THR A 1568 -38.03 -12.21 30.66
N ASN A 1569 -38.02 -13.55 30.64
CA ASN A 1569 -38.58 -14.32 29.54
C ASN A 1569 -39.77 -15.11 30.06
N LEU A 1570 -40.91 -14.97 29.39
CA LEU A 1570 -42.14 -15.64 29.77
C LEU A 1570 -42.70 -16.42 28.59
N ASN A 1571 -43.22 -17.61 28.89
CA ASN A 1571 -43.92 -18.42 27.89
C ASN A 1571 -45.42 -18.23 28.10
N LEU A 1572 -45.93 -17.10 27.58
CA LEU A 1572 -47.34 -16.77 27.77
C LEU A 1572 -48.25 -17.78 27.10
N GLY A 1573 -47.77 -18.43 26.03
CA GLY A 1573 -48.57 -19.43 25.34
C GLY A 1573 -48.91 -20.62 26.22
N LYS A 1574 -48.10 -20.89 27.25
CA LYS A 1574 -48.41 -21.96 28.19
C LYS A 1574 -49.53 -21.59 29.15
N LEU A 1575 -49.88 -20.30 29.24
CA LEU A 1575 -51.04 -19.90 30.04
C LEU A 1575 -52.36 -20.29 29.40
N LEU A 1576 -52.34 -20.72 28.14
CA LEU A 1576 -53.49 -21.19 27.38
C LEU A 1576 -53.50 -22.71 27.32
N PRO A 1577 -54.67 -23.33 27.15
CA PRO A 1577 -54.72 -24.79 27.07
C PRO A 1577 -53.91 -25.31 25.89
N LYS A 1578 -53.30 -26.48 26.09
CA LYS A 1578 -52.39 -27.05 25.10
C LYS A 1578 -53.13 -27.75 23.96
N LYS A 1579 -54.45 -27.83 24.01
CA LYS A 1579 -55.20 -28.43 22.91
C LYS A 1579 -54.98 -27.65 21.62
N TRP A 1580 -55.02 -26.32 21.72
CA TRP A 1580 -54.69 -25.44 20.59
C TRP A 1580 -53.41 -24.70 20.99
N GLY A 1581 -52.26 -25.30 20.66
CA GLY A 1581 -50.97 -24.76 21.04
C GLY A 1581 -50.67 -23.39 20.49
N ILE A 1582 -50.25 -22.48 21.36
CA ILE A 1582 -49.89 -21.11 20.99
C ILE A 1582 -48.45 -20.88 21.42
N ASN A 1583 -47.62 -20.42 20.48
CA ASN A 1583 -46.23 -20.06 20.76
C ASN A 1583 -46.18 -18.55 20.93
N LEU A 1584 -46.27 -18.09 22.17
CA LEU A 1584 -46.32 -16.67 22.50
C LEU A 1584 -45.24 -16.37 23.54
N PRO A 1585 -43.99 -16.22 23.10
CA PRO A 1585 -42.93 -15.81 24.03
C PRO A 1585 -42.91 -14.30 24.22
N PHE A 1586 -42.63 -13.89 25.45
CA PHE A 1586 -42.57 -12.48 25.82
C PHE A 1586 -41.21 -12.20 26.45
N ASN A 1587 -40.55 -11.16 25.98
CA ASN A 1587 -39.23 -10.77 26.48
C ASN A 1587 -39.27 -9.34 26.96
N TYR A 1588 -38.84 -9.10 28.19
CA TYR A 1588 -38.77 -7.76 28.76
C TYR A 1588 -37.38 -7.55 29.33
N ALA A 1589 -36.58 -6.75 28.64
CA ALA A 1589 -35.19 -6.50 29.03
C ALA A 1589 -35.02 -5.02 29.34
N ILE A 1590 -34.87 -4.70 30.62
CA ILE A 1590 -34.64 -3.33 31.05
C ILE A 1590 -33.23 -3.25 31.60
N GLY A 1591 -32.67 -2.05 31.60
CA GLY A 1591 -31.36 -1.85 32.17
C GLY A 1591 -30.96 -0.40 32.11
N GLU A 1592 -29.94 -0.06 32.89
CA GLU A 1592 -29.39 1.29 32.85
C GLU A 1592 -28.01 1.30 33.48
N GLU A 1593 -27.18 2.22 32.99
CA GLU A 1593 -25.81 2.41 33.45
C GLU A 1593 -25.54 3.89 33.67
N VAL A 1594 -24.83 4.19 34.76
CA VAL A 1594 -24.38 5.53 35.10
C VAL A 1594 -22.86 5.53 35.14
N ILE A 1595 -22.23 6.45 34.43
CA ILE A 1595 -20.78 6.54 34.33
C ILE A 1595 -20.36 7.92 34.78
N THR A 1596 -19.56 7.98 35.84
CA THR A 1596 -19.01 9.24 36.33
C THR A 1596 -17.52 9.29 36.01
N PRO A 1597 -17.08 10.19 35.13
CA PRO A 1597 -15.67 10.19 34.73
C PRO A 1597 -14.75 10.60 35.86
N GLU A 1598 -13.52 10.07 35.82
CA GLU A 1598 -12.50 10.48 36.78
C GLU A 1598 -12.11 11.94 36.59
N TYR A 1599 -11.97 12.37 35.34
CA TYR A 1599 -11.64 13.74 35.00
C TYR A 1599 -12.87 14.44 34.44
N ASP A 1600 -12.98 15.73 34.73
CA ASP A 1600 -14.10 16.51 34.22
C ASP A 1600 -14.04 16.54 32.69
N PRO A 1601 -15.15 16.30 32.00
CA PRO A 1601 -15.11 16.30 30.53
C PRO A 1601 -14.63 17.62 29.95
N PHE A 1602 -14.95 18.73 30.61
CA PHE A 1602 -14.38 20.02 30.23
C PHE A 1602 -12.96 20.14 30.77
N ASN A 1603 -12.06 20.64 29.91
CA ASN A 1603 -10.63 20.80 30.15
C ASN A 1603 -9.90 19.46 30.14
N GLN A 1604 -10.64 18.36 30.19
CA GLN A 1604 -10.17 17.02 29.85
C GLN A 1604 -8.99 16.52 30.68
N ASP A 1605 -8.51 17.30 31.64
CA ASP A 1605 -7.34 16.88 32.41
C ASP A 1605 -7.41 17.21 33.89
N ILE A 1606 -8.51 17.80 34.37
CA ILE A 1606 -8.67 18.15 35.78
C ILE A 1606 -9.65 17.16 36.40
N LYS A 1607 -9.27 16.59 37.53
CA LYS A 1607 -10.13 15.62 38.20
C LYS A 1607 -11.45 16.26 38.59
N LEU A 1608 -12.53 15.49 38.49
CA LEU A 1608 -13.86 16.03 38.73
C LEU A 1608 -14.01 16.53 40.16
N ASP A 1609 -13.53 15.74 41.13
CA ASP A 1609 -13.62 16.16 42.52
C ASP A 1609 -12.82 17.44 42.77
N GLN A 1610 -11.61 17.50 42.22
CA GLN A 1610 -10.77 18.68 42.41
C GLN A 1610 -11.41 19.93 41.81
N LEU A 1611 -11.97 19.80 40.61
CA LEU A 1611 -12.63 20.94 39.98
C LEU A 1611 -13.88 21.36 40.74
N ILE A 1612 -14.64 20.38 41.24
CA ILE A 1612 -15.86 20.69 42.00
C ILE A 1612 -15.51 21.43 43.28
N ARG A 1613 -14.49 20.94 44.00
CA ARG A 1613 -14.11 21.59 45.26
C ARG A 1613 -13.58 23.00 45.02
N GLU A 1614 -12.75 23.18 43.99
CA GLU A 1614 -12.14 24.48 43.72
C GLU A 1614 -12.93 25.29 42.70
N THR A 1615 -14.22 25.49 42.98
CA THR A 1615 -15.09 26.27 42.12
C THR A 1615 -15.68 27.49 42.82
N THR A 1616 -16.14 27.34 44.07
CA THR A 1616 -16.71 28.44 44.86
C THR A 1616 -17.88 29.11 44.13
N ASP A 1617 -18.74 28.30 43.53
CA ASP A 1617 -19.95 28.80 42.87
C ASP A 1617 -20.95 27.66 42.80
N GLN A 1618 -22.06 27.79 43.51
CA GLN A 1618 -23.01 26.69 43.62
C GLN A 1618 -23.60 26.31 42.26
N ALA A 1619 -23.98 27.31 41.46
CA ALA A 1619 -24.53 27.03 40.14
C ALA A 1619 -23.50 26.34 39.25
N GLU A 1620 -22.26 26.84 39.26
CA GLU A 1620 -21.20 26.23 38.46
C GLU A 1620 -20.87 24.83 38.96
N LYS A 1621 -20.85 24.64 40.28
CA LYS A 1621 -20.61 23.31 40.83
C LYS A 1621 -21.69 22.33 40.38
N ASP A 1622 -22.96 22.75 40.45
CA ASP A 1622 -24.05 21.89 40.01
C ASP A 1622 -23.94 21.57 38.52
N ASN A 1623 -23.62 22.57 37.71
CA ASN A 1623 -23.47 22.34 36.27
C ASN A 1623 -22.35 21.35 35.98
N ILE A 1624 -21.21 21.53 36.64
CA ILE A 1624 -20.07 20.63 36.42
C ILE A 1624 -20.41 19.21 36.85
N ARG A 1625 -21.06 19.07 38.01
CA ARG A 1625 -21.42 17.74 38.49
C ARG A 1625 -22.43 17.06 37.56
N THR A 1626 -23.41 17.81 37.07
CA THR A 1626 -24.47 17.21 36.26
C THR A 1626 -24.02 16.90 34.84
N ARG A 1627 -23.19 17.76 34.22
CA ARG A 1627 -22.80 17.53 32.83
C ARG A 1627 -21.83 16.38 32.68
N ALA A 1628 -21.11 16.01 33.74
CA ALA A 1628 -20.16 14.92 33.64
C ALA A 1628 -20.82 13.55 33.61
N ILE A 1629 -22.02 13.43 34.19
CA ILE A 1629 -22.66 12.13 34.33
C ILE A 1629 -23.11 11.63 32.96
N ASP A 1630 -22.69 10.41 32.62
CA ASP A 1630 -23.11 9.74 31.39
C ASP A 1630 -24.13 8.68 31.80
N TYR A 1631 -25.41 8.98 31.60
CA TYR A 1631 -26.50 8.09 31.98
C TYR A 1631 -27.13 7.50 30.74
N THR A 1632 -27.31 6.18 30.73
CA THR A 1632 -27.95 5.47 29.63
C THR A 1632 -28.97 4.51 30.21
N LYS A 1633 -30.11 4.40 29.55
CA LYS A 1633 -31.18 3.50 29.97
C LYS A 1633 -31.80 2.85 28.73
N ARG A 1634 -31.90 1.53 28.74
CA ARG A 1634 -32.43 0.76 27.62
C ARG A 1634 -33.61 -0.08 28.10
N LYS A 1635 -34.64 -0.16 27.26
CA LYS A 1635 -35.79 -1.00 27.52
C LYS A 1635 -36.21 -1.69 26.23
N SER A 1636 -36.53 -2.98 26.32
CA SER A 1636 -36.88 -3.76 25.14
C SER A 1636 -38.04 -4.69 25.47
N ILE A 1637 -39.08 -4.64 24.64
CA ILE A 1637 -40.24 -5.51 24.77
C ILE A 1637 -40.38 -6.28 23.46
N ASN A 1638 -40.42 -7.61 23.56
CA ASN A 1638 -40.38 -8.47 22.39
C ASN A 1638 -41.50 -9.50 22.44
N PHE A 1639 -42.26 -9.57 21.35
CA PHE A 1639 -43.31 -10.54 21.05
C PHE A 1639 -43.02 -11.18 19.70
N ILE A 1640 -41.82 -11.74 19.55
CA ILE A 1640 -41.37 -12.32 18.29
C ILE A 1640 -41.71 -13.80 18.28
N GLY A 1641 -42.25 -14.29 17.18
CA GLY A 1641 -42.54 -15.70 17.05
C GLY A 1641 -43.94 -16.09 17.43
N VAL A 1642 -44.89 -15.15 17.40
CA VAL A 1642 -46.28 -15.43 17.76
C VAL A 1642 -46.92 -16.21 16.62
N ARG A 1643 -47.26 -17.48 16.88
CA ARG A 1643 -47.88 -18.32 15.87
C ARG A 1643 -48.65 -19.43 16.57
N LYS A 1644 -49.53 -20.07 15.82
CA LYS A 1644 -50.30 -21.21 16.30
C LYS A 1644 -49.73 -22.48 15.69
N ASP A 1645 -49.37 -23.43 16.55
CA ASP A 1645 -48.77 -24.66 16.09
C ASP A 1645 -49.81 -25.56 15.43
N ARG A 1646 -49.35 -26.38 14.49
CA ARG A 1646 -50.23 -27.31 13.80
C ARG A 1646 -50.69 -28.42 14.74
N ALA A 1647 -51.91 -28.89 14.53
CA ALA A 1647 -52.43 -30.00 15.29
C ALA A 1647 -51.71 -31.29 14.90
N PRO A 1648 -51.70 -32.29 15.78
CA PRO A 1648 -51.02 -33.56 15.44
C PRO A 1648 -51.55 -34.21 14.17
N GLU A 1649 -52.85 -34.11 13.90
CA GLU A 1649 -53.45 -34.65 12.68
C GLU A 1649 -54.47 -33.63 12.18
N GLN A 1650 -54.01 -32.72 11.32
CA GLN A 1650 -54.86 -31.69 10.75
C GLN A 1650 -54.50 -31.49 9.28
N LYS A 1651 -55.52 -31.29 8.45
CA LYS A 1651 -55.31 -31.07 7.04
C LYS A 1651 -54.96 -29.61 6.79
N PRO A 1652 -53.81 -29.31 6.17
CA PRO A 1652 -53.46 -27.91 5.90
C PRO A 1652 -54.47 -27.26 4.95
N HIS A 1653 -54.69 -25.97 5.16
CA HIS A 1653 -55.61 -25.19 4.34
C HIS A 1653 -55.03 -23.81 4.10
N VAL A 1654 -55.49 -23.17 3.03
CA VAL A 1654 -54.97 -21.86 2.65
C VAL A 1654 -55.38 -20.80 3.68
N TYR A 1655 -56.59 -20.90 4.21
CA TYR A 1655 -57.11 -19.93 5.16
C TYR A 1655 -56.74 -20.26 6.61
N ASP A 1656 -55.92 -21.30 6.83
CA ASP A 1656 -55.52 -21.65 8.18
C ASP A 1656 -54.71 -20.53 8.81
N ILE A 1657 -55.02 -20.21 10.07
CA ILE A 1657 -54.28 -19.20 10.80
C ILE A 1657 -52.91 -19.67 11.25
N GLU A 1658 -52.67 -20.99 11.25
CA GLU A 1658 -51.39 -21.52 11.67
C GLU A 1658 -50.25 -21.11 10.75
N ASN A 1659 -50.55 -20.69 9.53
CA ASN A 1659 -49.52 -20.28 8.58
C ASN A 1659 -48.98 -18.88 8.86
N PHE A 1660 -49.61 -18.13 9.77
CA PHE A 1660 -49.18 -16.77 10.06
C PHE A 1660 -48.17 -16.75 11.21
N THR A 1661 -47.29 -15.76 11.17
CA THR A 1661 -46.29 -15.53 12.21
C THR A 1661 -46.24 -14.05 12.53
N PHE A 1662 -46.12 -13.72 13.81
CA PHE A 1662 -46.14 -12.34 14.26
C PHE A 1662 -44.87 -12.04 15.06
N SER A 1663 -44.28 -10.87 14.79
CA SER A 1663 -43.07 -10.45 15.50
C SER A 1663 -43.21 -8.97 15.84
N GLN A 1664 -43.30 -8.68 17.14
CA GLN A 1664 -43.35 -7.32 17.63
C GLN A 1664 -42.09 -7.00 18.42
N SER A 1665 -41.52 -5.82 18.18
CA SER A 1665 -40.33 -5.40 18.90
C SER A 1665 -40.43 -3.90 19.20
N TYR A 1666 -40.14 -3.54 20.45
CA TYR A 1666 -40.09 -2.15 20.87
C TYR A 1666 -38.83 -1.91 21.66
N ASN A 1667 -38.01 -0.97 21.22
CA ASN A 1667 -36.76 -0.62 21.88
C ASN A 1667 -36.73 0.87 22.17
N GLN A 1668 -36.39 1.22 23.40
CA GLN A 1668 -36.34 2.60 23.83
C GLN A 1668 -35.02 2.86 24.56
N VAL A 1669 -34.34 3.93 24.17
CA VAL A 1669 -33.06 4.30 24.76
C VAL A 1669 -33.12 5.77 25.17
N GLU A 1670 -32.83 6.03 26.45
CA GLU A 1670 -32.74 7.39 26.98
C GLU A 1670 -31.32 7.63 27.46
N ARG A 1671 -30.68 8.68 26.94
CA ARG A 1671 -29.30 8.97 27.25
C ARG A 1671 -29.13 10.44 27.58
N HIS A 1672 -28.12 10.74 28.41
CA HIS A 1672 -27.66 12.11 28.58
C HIS A 1672 -26.25 12.08 29.12
N ASP A 1673 -25.36 12.84 28.48
CA ASP A 1673 -23.95 12.88 28.85
C ASP A 1673 -23.41 14.27 28.54
N TYR A 1674 -22.08 14.38 28.49
CA TYR A 1674 -21.45 15.68 28.24
C TYR A 1674 -21.81 16.23 26.86
N GLU A 1675 -22.11 15.35 25.90
CA GLU A 1675 -22.39 15.81 24.54
C GLU A 1675 -23.87 16.11 24.33
N VAL A 1676 -24.77 15.31 24.90
CA VAL A 1676 -26.20 15.45 24.70
C VAL A 1676 -26.87 15.64 26.05
N ALA A 1677 -27.69 16.68 26.16
CA ALA A 1677 -28.47 16.88 27.38
C ALA A 1677 -29.66 15.92 27.44
N ASP A 1678 -30.14 15.48 26.29
CA ASP A 1678 -31.24 14.53 26.21
C ASP A 1678 -31.18 13.83 24.87
N TYR A 1679 -31.29 12.49 24.90
CA TYR A 1679 -31.26 11.68 23.69
C TYR A 1679 -32.30 10.59 23.82
N GLU A 1680 -33.33 10.63 22.98
CA GLU A 1680 -34.39 9.64 22.98
C GLU A 1680 -34.33 8.87 21.68
N ASP A 1681 -34.40 7.55 21.77
CA ASP A 1681 -34.34 6.67 20.60
C ASP A 1681 -35.40 5.59 20.75
N GLU A 1682 -36.50 5.72 20.02
CA GLU A 1682 -37.56 4.72 20.03
C GLU A 1682 -37.62 4.02 18.67
N GLN A 1683 -37.79 2.71 18.71
CA GLN A 1683 -37.86 1.90 17.50
C GLN A 1683 -38.92 0.82 17.68
N SER A 1684 -39.90 0.79 16.78
CA SER A 1684 -40.95 -0.21 16.80
C SER A 1684 -40.96 -0.96 15.49
N ASN A 1685 -40.98 -2.29 15.56
CA ASN A 1685 -40.96 -3.16 14.39
C ASN A 1685 -42.06 -4.20 14.54
N SER A 1686 -43.07 -4.13 13.66
CA SER A 1686 -44.15 -5.11 13.62
C SER A 1686 -44.08 -5.85 12.29
N ALA A 1687 -44.02 -7.17 12.34
CA ALA A 1687 -43.90 -8.00 11.15
C ALA A 1687 -44.94 -9.10 11.19
N VAL A 1688 -45.71 -9.23 10.12
CA VAL A 1688 -46.68 -10.31 9.95
C VAL A 1688 -46.28 -11.08 8.70
N ASN A 1689 -45.93 -12.35 8.89
CA ASN A 1689 -45.44 -13.20 7.81
C ASN A 1689 -46.46 -14.30 7.52
N TYR A 1690 -46.63 -14.60 6.24
CA TYR A 1690 -47.52 -15.66 5.79
C TYR A 1690 -46.83 -16.51 4.74
N ALA A 1691 -46.99 -17.83 4.82
CA ALA A 1691 -46.37 -18.73 3.88
C ALA A 1691 -47.19 -20.01 3.80
N TYR A 1692 -47.40 -20.49 2.58
CA TYR A 1692 -48.14 -21.74 2.36
C TYR A 1692 -47.56 -22.44 1.15
N THR A 1693 -47.59 -23.77 1.18
CA THR A 1693 -47.12 -24.60 0.08
C THR A 1693 -48.23 -25.57 -0.29
N PHE A 1694 -48.84 -25.35 -1.46
CA PHE A 1694 -49.91 -26.21 -1.92
C PHE A 1694 -49.38 -27.61 -2.22
N GLN A 1695 -50.20 -28.62 -1.92
CA GLN A 1695 -49.86 -30.01 -2.16
C GLN A 1695 -50.91 -30.67 -3.06
N PRO A 1696 -50.51 -31.64 -3.89
CA PRO A 1696 -51.46 -32.34 -4.77
C PRO A 1696 -52.37 -33.29 -4.00
N ASN A 1721 -55.47 -24.17 -22.39
CA ASN A 1721 -55.90 -24.59 -21.05
C ASN A 1721 -54.74 -25.19 -20.28
N PHE A 1722 -54.59 -24.77 -19.01
CA PHE A 1722 -53.52 -25.26 -18.16
C PHE A 1722 -53.92 -25.04 -16.71
N ASN A 1723 -53.16 -25.66 -15.81
CA ASN A 1723 -53.45 -25.58 -14.39
C ASN A 1723 -53.30 -24.14 -13.90
N TYR A 1724 -54.22 -23.72 -13.03
CA TYR A 1724 -54.20 -22.39 -12.45
C TYR A 1724 -54.05 -22.40 -10.93
N LEU A 1725 -53.67 -23.54 -10.35
CA LEU A 1725 -53.49 -23.63 -8.91
C LEU A 1725 -52.03 -23.37 -8.56
N PRO A 1726 -51.72 -22.29 -7.84
CA PRO A 1726 -50.32 -22.01 -7.49
C PRO A 1726 -49.75 -23.08 -6.56
N SER A 1727 -48.45 -23.32 -6.69
CA SER A 1727 -47.77 -24.28 -5.84
C SER A 1727 -47.50 -23.71 -4.44
N ASN A 1728 -47.26 -22.41 -4.34
CA ASN A 1728 -46.99 -21.80 -3.05
C ASN A 1728 -47.45 -20.34 -3.06
N ILE A 1729 -47.69 -19.81 -1.87
CA ILE A 1729 -48.07 -18.42 -1.69
C ILE A 1729 -47.17 -17.83 -0.61
N SER A 1730 -46.56 -16.68 -0.91
CA SER A 1730 -45.68 -16.00 0.03
C SER A 1730 -46.17 -14.57 0.22
N PHE A 1731 -46.15 -14.11 1.47
CA PHE A 1731 -46.59 -12.77 1.81
C PHE A 1731 -46.12 -12.37 3.20
N ASN A 1732 -45.54 -11.18 3.34
CA ASN A 1732 -45.13 -10.70 4.65
C ASN A 1732 -45.17 -9.18 4.66
N THR A 1733 -45.66 -8.62 5.76
CA THR A 1733 -45.77 -7.18 5.94
C THR A 1733 -44.87 -6.75 7.10
N ASN A 1734 -44.35 -5.52 6.98
CA ASN A 1734 -43.43 -5.00 7.99
C ASN A 1734 -43.78 -3.54 8.26
N ILE A 1735 -43.97 -3.20 9.52
CA ILE A 1735 -44.15 -1.82 9.96
C ILE A 1735 -42.97 -1.48 10.86
N LEU A 1736 -42.12 -0.57 10.39
CA LEU A 1736 -40.89 -0.21 11.09
C LEU A 1736 -40.94 1.29 11.39
N ARG A 1737 -41.09 1.64 12.66
CA ARG A 1737 -41.12 3.02 13.10
C ARG A 1737 -39.93 3.30 13.99
N GLN A 1738 -39.17 4.34 13.66
CA GLN A 1738 -38.01 4.76 14.43
C GLN A 1738 -38.11 6.25 14.72
N SER A 1739 -37.93 6.63 15.98
CA SER A 1739 -37.97 8.02 16.39
C SER A 1739 -36.73 8.33 17.23
N ASN A 1740 -35.97 9.33 16.80
CA ASN A 1740 -34.77 9.78 17.50
C ASN A 1740 -34.92 11.25 17.82
N ARG A 1741 -34.84 11.60 19.10
CA ARG A 1741 -34.77 12.99 19.55
C ARG A 1741 -33.41 13.21 20.16
N GLN A 1742 -32.66 14.17 19.62
CA GLN A 1742 -31.28 14.43 20.03
C GLN A 1742 -31.13 15.91 20.33
N GLN A 1743 -30.90 16.24 21.60
CA GLN A 1743 -30.73 17.61 22.05
C GLN A 1743 -29.32 17.77 22.61
N PHE A 1744 -28.52 18.60 21.96
CA PHE A 1744 -27.18 18.90 22.44
C PHE A 1744 -27.24 19.89 23.60
N ARG A 1745 -26.26 19.80 24.50
CA ARG A 1745 -26.23 20.62 25.69
C ARG A 1745 -25.28 21.79 25.51
N GLU A 1746 -25.55 22.87 26.25
CA GLU A 1746 -24.63 23.99 26.37
C GLU A 1746 -23.73 23.72 27.57
N VAL A 1747 -22.46 23.41 27.30
CA VAL A 1747 -21.55 22.99 28.36
C VAL A 1747 -21.28 24.11 29.35
N GLU A 1748 -21.43 25.37 28.94
CA GLU A 1748 -21.12 26.49 29.84
C GLU A 1748 -22.11 26.54 31.00
N VAL A 1749 -23.41 26.52 30.70
CA VAL A 1749 -24.45 26.59 31.72
C VAL A 1749 -25.65 25.78 31.26
N GLU A 1750 -26.38 25.23 32.22
CA GLU A 1750 -27.61 24.49 31.93
C GLU A 1750 -28.83 25.41 32.00
N GLY A 1751 -28.78 26.48 31.21
CA GLY A 1751 -29.81 27.48 31.23
C GLY A 1751 -30.81 27.40 30.09
N ILE A 1752 -30.33 27.19 28.87
CA ILE A 1752 -31.20 27.17 27.70
C ILE A 1752 -31.06 25.84 26.96
N GLY A 1753 -29.86 25.55 26.48
CA GLY A 1753 -29.63 24.38 25.67
C GLY A 1753 -29.96 24.62 24.20
N LEU A 1754 -29.57 23.65 23.37
CA LEU A 1754 -29.83 23.73 21.94
C LEU A 1754 -31.21 23.17 21.61
N ASP A 1755 -31.71 23.55 20.44
CA ASP A 1755 -33.01 23.06 19.99
C ASP A 1755 -32.94 21.57 19.69
N PRO A 1756 -33.91 20.78 20.13
CA PRO A 1756 -33.87 19.34 19.84
C PRO A 1756 -34.00 19.06 18.35
N LEU A 1757 -33.38 17.97 17.91
CA LEU A 1757 -33.40 17.54 16.53
C LEU A 1757 -34.13 16.20 16.43
N TYR A 1758 -35.08 16.10 15.51
CA TYR A 1758 -35.95 14.95 15.38
C TYR A 1758 -35.68 14.22 14.07
N ARG A 1759 -35.47 12.91 14.15
CA ARG A 1759 -35.41 12.05 12.99
C ARG A 1759 -36.47 10.97 13.12
N ARG A 1760 -37.27 10.78 12.07
CA ARG A 1760 -38.32 9.78 12.07
C ARG A 1760 -38.23 8.95 10.81
N ASN A 1761 -38.39 7.64 10.97
CA ASN A 1761 -38.25 6.66 9.89
C ASN A 1761 -39.47 5.73 9.88
N PHE A 1762 -40.66 6.31 9.92
CA PHE A 1762 -41.88 5.52 9.84
C PHE A 1762 -41.98 4.89 8.45
N ALA A 1763 -42.02 3.56 8.40
CA ALA A 1763 -42.00 2.83 7.15
C ALA A 1763 -43.05 1.73 7.17
N PHE A 1764 -43.50 1.36 5.98
CA PHE A 1764 -44.47 0.29 5.79
C PHE A 1764 -43.99 -0.54 4.61
N ASN A 1765 -43.47 -1.74 4.88
CA ASN A 1765 -42.89 -2.59 3.86
C ASN A 1765 -43.69 -3.88 3.77
N TYR A 1766 -44.08 -4.25 2.55
CA TYR A 1766 -44.79 -5.50 2.34
C TYR A 1766 -44.33 -6.12 1.03
N GLN A 1767 -43.95 -7.40 1.08
CA GLN A 1767 -43.53 -8.13 -0.09
C GLN A 1767 -44.27 -9.46 -0.16
N TYR A 1768 -44.79 -9.76 -1.35
CA TYR A 1768 -45.54 -10.99 -1.58
C TYR A 1768 -44.97 -11.71 -2.80
N GLY A 1769 -45.37 -12.95 -2.97
CA GLY A 1769 -44.91 -13.73 -4.10
C GLY A 1769 -45.68 -15.03 -4.21
N PHE A 1770 -45.54 -15.67 -5.37
CA PHE A 1770 -46.22 -16.94 -5.62
C PHE A 1770 -45.59 -17.61 -6.82
N GLY A 1771 -45.64 -18.94 -6.82
CA GLY A 1771 -45.15 -19.75 -7.92
C GLY A 1771 -46.28 -20.52 -8.57
N PHE A 1772 -46.24 -20.61 -9.90
CA PHE A 1772 -47.22 -21.32 -10.68
C PHE A 1772 -46.55 -22.41 -11.51
N ASN A 1773 -47.25 -23.53 -11.66
CA ASN A 1773 -46.76 -24.68 -12.42
C ASN A 1773 -47.78 -25.03 -13.50
N LEU A 1774 -48.19 -24.03 -14.27
CA LEU A 1774 -49.22 -24.14 -15.30
C LEU A 1774 -49.12 -25.43 -16.11
N THR A 1775 -47.89 -25.82 -16.45
CA THR A 1775 -47.65 -27.07 -17.16
C THR A 1775 -46.48 -27.78 -16.49
N LYS A 1776 -46.28 -29.05 -16.87
CA LYS A 1776 -45.17 -29.82 -16.33
C LYS A 1776 -43.82 -29.19 -16.67
N SER A 1777 -43.75 -28.40 -17.74
CA SER A 1777 -42.54 -27.71 -18.14
C SER A 1777 -42.50 -26.26 -17.67
N LEU A 1778 -43.63 -25.55 -17.72
CA LEU A 1778 -43.67 -24.16 -17.32
C LEU A 1778 -43.46 -23.99 -15.83
N LYS A 1779 -42.91 -22.84 -15.45
CA LYS A 1779 -42.72 -22.49 -14.05
C LYS A 1779 -42.63 -20.97 -13.98
N LEU A 1780 -43.58 -20.35 -13.27
CA LEU A 1780 -43.71 -18.89 -13.24
C LEU A 1780 -43.63 -18.43 -11.79
N ASN A 1781 -42.50 -17.83 -11.42
CA ASN A 1781 -42.31 -17.30 -10.07
C ASN A 1781 -42.44 -15.78 -10.13
N TYR A 1782 -43.41 -15.25 -9.40
CA TYR A 1782 -43.65 -13.81 -9.35
C TYR A 1782 -43.44 -13.32 -7.93
N SER A 1783 -42.85 -12.13 -7.81
CA SER A 1783 -42.64 -11.50 -6.51
C SER A 1783 -42.78 -9.99 -6.67
N ALA A 1784 -43.23 -9.34 -5.61
CA ALA A 1784 -43.42 -7.90 -5.62
C ALA A 1784 -43.24 -7.36 -4.21
N THR A 1785 -42.31 -6.40 -4.08
CA THR A 1785 -42.04 -5.74 -2.81
C THR A 1785 -42.41 -4.27 -2.93
N SER A 1786 -42.94 -3.70 -1.85
CA SER A 1786 -43.31 -2.30 -1.82
C SER A 1786 -42.93 -1.70 -0.48
N ASN A 1787 -42.26 -0.55 -0.52
CA ASN A 1787 -41.87 0.20 0.67
C ASN A 1787 -42.51 1.58 0.58
N ASN A 1788 -43.25 1.95 1.62
CA ASN A 1788 -43.91 3.24 1.70
C ASN A 1788 -43.42 3.98 2.94
N ILE A 1789 -43.45 5.32 2.88
CA ILE A 1789 -43.02 6.16 3.97
C ILE A 1789 -44.23 6.90 4.52
N VAL A 1790 -44.39 6.87 5.84
CA VAL A 1790 -45.49 7.56 6.51
C VAL A 1790 -45.02 8.96 6.87
N ARG A 1791 -45.73 9.97 6.38
CA ARG A 1791 -45.37 11.37 6.58
C ARG A 1791 -46.47 12.12 7.31
N ASN A 1792 -47.02 11.50 8.36
CA ASN A 1792 -48.07 12.12 9.16
C ASN A 1792 -47.51 13.01 10.26
N PHE A 1793 -46.20 13.08 10.42
CA PHE A 1793 -45.57 13.89 11.46
C PHE A 1793 -45.05 15.22 10.94
N LEU A 1794 -45.38 15.58 9.69
CA LEU A 1794 -44.90 16.81 9.09
C LEU A 1794 -46.07 17.76 8.84
N ASN A 1795 -45.81 19.04 9.01
CA ASN A 1795 -46.79 20.08 8.75
C ASN A 1795 -46.83 20.38 7.26
N ASP A 1796 -47.52 21.47 6.88
CA ASP A 1796 -47.54 21.89 5.49
C ASP A 1796 -46.13 22.23 5.01
N ASP A 1797 -45.36 22.93 5.84
CA ASP A 1797 -43.96 23.19 5.56
C ASP A 1797 -43.10 22.04 6.08
N ASN A 1798 -41.84 22.02 5.66
CA ASN A 1798 -40.90 20.97 6.04
C ASN A 1798 -40.37 21.22 7.44
N SER A 1799 -41.24 20.98 8.43
CA SER A 1799 -40.91 21.14 9.83
C SER A 1799 -41.56 20.02 10.62
N PRO A 1800 -40.80 19.27 11.41
CA PRO A 1800 -41.38 18.18 12.20
C PRO A 1800 -42.19 18.72 13.38
N LYS A 1801 -43.10 17.88 13.87
CA LYS A 1801 -43.91 18.20 15.02
C LYS A 1801 -43.29 17.58 16.27
N GLU A 1802 -43.07 18.41 17.30
CA GLU A 1802 -42.43 17.92 18.52
C GLU A 1802 -43.37 17.02 19.32
N ASP A 1803 -44.63 17.42 19.46
CA ASP A 1803 -45.60 16.67 20.26
C ASP A 1803 -46.26 15.60 19.39
N PHE A 1804 -45.46 14.59 19.04
CA PHE A 1804 -45.92 13.47 18.22
C PHE A 1804 -45.49 12.17 18.89
N ASN A 1805 -46.41 11.20 18.91
CA ASN A 1805 -46.15 9.91 19.52
C ASN A 1805 -45.94 8.85 18.44
N ILE A 1806 -45.03 7.91 18.72
CA ILE A 1806 -44.73 6.84 17.77
C ILE A 1806 -45.89 5.86 17.62
N TRP A 1807 -46.88 5.91 18.51
CA TRP A 1807 -48.05 5.06 18.43
C TRP A 1807 -49.29 5.84 17.99
N ASP A 1808 -49.10 6.98 17.34
CA ASP A 1808 -50.23 7.84 16.97
C ASP A 1808 -51.18 7.12 16.01
N ASP A 1809 -50.69 6.81 14.81
CA ASP A 1809 -51.45 6.06 13.81
C ASP A 1809 -50.55 4.94 13.32
N TYR A 1810 -50.54 3.83 14.04
CA TYR A 1810 -49.62 2.74 13.72
C TYR A 1810 -50.02 2.03 12.43
N LEU A 1811 -51.31 1.80 12.22
CA LEU A 1811 -51.81 1.11 11.03
C LEU A 1811 -52.10 2.11 9.92
N ASP A 1812 -51.07 2.86 9.54
CA ASP A 1812 -51.17 3.87 8.51
C ASP A 1812 -50.27 3.47 7.35
N ILE A 1813 -50.84 3.37 6.16
CA ILE A 1813 -50.07 3.11 4.95
C ILE A 1813 -49.67 4.46 4.35
N GLY A 1814 -48.37 4.68 4.21
CA GLY A 1814 -47.87 5.93 3.69
C GLY A 1814 -47.85 5.98 2.17
N THR A 1815 -47.42 7.12 1.66
CA THR A 1815 -47.27 7.29 0.22
C THR A 1815 -46.18 6.35 -0.30
N PRO A 1816 -46.35 5.82 -1.51
CA PRO A 1816 -45.36 4.89 -2.05
C PRO A 1816 -43.99 5.54 -2.18
N ASN A 1817 -42.95 4.77 -1.86
CA ASN A 1817 -41.58 5.23 -1.95
C ASN A 1817 -40.73 4.36 -2.86
N GLN A 1818 -40.97 3.06 -2.89
CA GLN A 1818 -40.25 2.17 -3.79
C GLN A 1818 -41.12 0.95 -4.07
N HIS A 1819 -41.08 0.46 -5.31
CA HIS A 1819 -41.86 -0.70 -5.68
C HIS A 1819 -41.07 -1.53 -6.69
N ALA A 1820 -40.78 -2.78 -6.33
CA ALA A 1820 -40.02 -3.69 -7.18
C ALA A 1820 -40.87 -4.90 -7.53
N GLN A 1821 -40.77 -5.37 -8.77
CA GLN A 1821 -41.46 -6.55 -9.25
C GLN A 1821 -40.48 -7.44 -9.99
N GLN A 1822 -40.60 -8.74 -9.80
CA GLN A 1822 -39.76 -9.73 -10.47
C GLN A 1822 -40.64 -10.87 -10.97
N LEU A 1823 -40.37 -11.32 -12.19
CA LEU A 1823 -41.17 -12.36 -12.84
C LEU A 1823 -40.23 -13.28 -13.61
N VAL A 1824 -40.16 -14.54 -13.20
CA VAL A 1824 -39.27 -15.52 -13.82
C VAL A 1824 -40.11 -16.62 -14.45
N LEU A 1825 -39.93 -16.84 -15.75
CA LEU A 1825 -40.61 -17.89 -16.50
C LEU A 1825 -39.58 -18.89 -17.00
N ASN A 1826 -39.86 -20.17 -16.76
CA ASN A 1826 -39.04 -21.26 -17.28
C ASN A 1826 -39.94 -22.18 -18.11
N TYR A 1827 -39.51 -22.50 -19.32
CA TYR A 1827 -40.30 -23.31 -20.23
C TYR A 1827 -39.39 -24.29 -20.93
N ASP A 1828 -39.65 -25.59 -20.75
CA ASP A 1828 -38.80 -26.62 -21.35
C ASP A 1828 -39.11 -26.89 -22.81
N ILE A 1829 -40.15 -26.26 -23.36
CA ILE A 1829 -40.52 -26.37 -24.77
C ILE A 1829 -40.65 -27.85 -25.16
N PRO A 1830 -41.73 -28.53 -24.75
CA PRO A 1830 -41.86 -29.95 -25.07
C PRO A 1830 -42.10 -30.19 -26.55
N ILE A 1831 -41.09 -29.90 -27.38
CA ILE A 1831 -41.20 -30.09 -28.82
C ILE A 1831 -41.09 -31.55 -29.21
N ASN A 1832 -40.75 -32.44 -28.27
CA ASN A 1832 -40.60 -33.86 -28.57
C ASN A 1832 -41.93 -34.54 -28.85
N LYS A 1833 -43.06 -33.87 -28.63
CA LYS A 1833 -44.36 -34.48 -28.92
C LYS A 1833 -44.49 -34.83 -30.39
N ILE A 1834 -44.08 -33.93 -31.27
CA ILE A 1834 -44.05 -34.25 -32.71
C ILE A 1834 -42.92 -35.23 -32.98
N PRO A 1835 -43.19 -36.37 -33.61
CA PRO A 1835 -42.11 -37.35 -33.82
C PRO A 1835 -41.23 -37.01 -35.02
N ILE A 1836 -40.84 -35.74 -35.13
CA ILE A 1836 -39.90 -35.30 -36.16
C ILE A 1836 -38.76 -34.57 -35.47
N PHE A 1837 -39.04 -33.99 -34.31
CA PHE A 1837 -38.07 -33.24 -33.52
C PHE A 1837 -37.92 -33.85 -32.13
N GLY A 1838 -37.79 -35.17 -32.07
CA GLY A 1838 -37.64 -35.85 -30.80
C GLY A 1838 -36.28 -35.74 -30.16
N PHE A 1839 -35.33 -35.07 -30.82
CA PHE A 1839 -33.98 -34.90 -30.29
C PHE A 1839 -33.72 -33.52 -29.72
N VAL A 1840 -34.52 -32.52 -30.07
CA VAL A 1840 -34.31 -31.17 -29.57
C VAL A 1840 -34.60 -31.12 -28.07
N LYS A 1841 -33.75 -30.42 -27.34
CA LYS A 1841 -33.88 -30.24 -25.89
C LYS A 1841 -33.85 -28.76 -25.55
N ALA A 1842 -34.67 -27.98 -26.25
CA ALA A 1842 -34.70 -26.54 -26.07
C ALA A 1842 -35.19 -26.19 -24.65
N SER A 1843 -34.90 -24.95 -24.24
CA SER A 1843 -35.24 -24.46 -22.93
C SER A 1843 -35.15 -22.94 -22.90
N TYR A 1844 -36.19 -22.28 -22.40
CA TYR A 1844 -36.27 -20.83 -22.41
C TYR A 1844 -36.48 -20.32 -20.99
N SER A 1845 -35.75 -19.25 -20.66
CA SER A 1845 -35.87 -18.58 -19.37
C SER A 1845 -36.06 -17.09 -19.63
N TYR A 1846 -36.97 -16.46 -18.89
CA TYR A 1846 -37.27 -15.05 -19.06
C TYR A 1846 -37.43 -14.43 -17.68
N THR A 1847 -36.50 -13.55 -17.31
CA THR A 1847 -36.57 -12.82 -16.04
C THR A 1847 -36.86 -11.35 -16.35
N ALA A 1848 -37.96 -10.85 -15.81
CA ALA A 1848 -38.36 -9.46 -15.99
C ALA A 1848 -38.39 -8.77 -14.64
N ASP A 1849 -37.68 -7.65 -14.54
CA ASP A 1849 -37.61 -6.86 -13.32
C ASP A 1849 -38.10 -5.45 -13.60
N TYR A 1850 -38.90 -4.91 -12.69
CA TYR A 1850 -39.38 -3.55 -12.76
C TYR A 1850 -39.14 -2.88 -11.41
N MET A 1851 -38.82 -1.59 -11.46
CA MET A 1851 -38.54 -0.86 -10.23
C MET A 1851 -38.96 0.60 -10.39
N TRP A 1852 -39.85 1.05 -9.51
CA TRP A 1852 -40.28 2.44 -9.45
C TRP A 1852 -39.72 3.03 -8.16
N GLN A 1853 -38.95 4.11 -8.30
CA GLN A 1853 -38.31 4.77 -7.17
C GLN A 1853 -38.82 6.19 -7.08
N ARG A 1854 -39.33 6.56 -5.91
CA ARG A 1854 -39.84 7.91 -5.69
C ARG A 1854 -38.68 8.88 -5.50
N SER A 1855 -38.73 9.99 -6.22
CA SER A 1855 -37.72 11.03 -6.07
C SER A 1855 -37.92 11.79 -4.76
N SER A 1856 -36.85 12.40 -4.28
CA SER A 1856 -36.92 13.19 -3.07
C SER A 1856 -37.81 14.42 -3.28
N THR A 1857 -38.25 15.00 -2.16
CA THR A 1857 -39.10 16.19 -2.22
C THR A 1857 -38.39 17.36 -2.88
N ALA A 1858 -37.05 17.39 -2.85
CA ALA A 1858 -36.31 18.42 -3.56
C ALA A 1858 -36.50 18.33 -5.06
N PHE A 1859 -36.87 17.16 -5.58
CA PHE A 1859 -37.16 16.97 -7.00
C PHE A 1859 -38.64 17.11 -7.30
N SER A 1860 -39.49 16.42 -6.54
CA SER A 1860 -40.93 16.43 -6.80
C SER A 1860 -41.57 17.77 -6.48
N GLU A 1861 -40.89 18.65 -5.74
CA GLU A 1861 -41.41 19.98 -5.43
C GLU A 1861 -40.32 21.03 -5.64
N TYR A 1862 -39.52 20.85 -6.69
CA TYR A 1862 -38.45 21.79 -6.98
C TYR A 1862 -39.03 23.15 -7.39
N GLU A 1863 -38.40 24.20 -6.89
CA GLU A 1863 -38.81 25.58 -7.19
C GLU A 1863 -37.61 26.33 -7.73
N ASP A 1864 -37.72 26.83 -8.96
CA ASP A 1864 -36.64 27.60 -9.57
C ASP A 1864 -36.56 28.97 -8.92
N PRO A 1865 -35.42 29.68 -9.07
CA PRO A 1865 -35.32 31.01 -8.48
C PRO A 1865 -36.38 31.98 -8.97
N ASN A 1866 -36.94 31.77 -10.16
CA ASN A 1866 -38.03 32.60 -10.63
C ASN A 1866 -39.32 32.40 -9.84
N GLY A 1867 -39.41 31.33 -9.04
CA GLY A 1867 -40.57 31.07 -8.21
C GLY A 1867 -41.48 29.97 -8.70
N THR A 1868 -41.35 29.55 -9.95
CA THR A 1868 -42.20 28.48 -10.48
C THR A 1868 -41.83 27.14 -9.85
N VAL A 1869 -42.85 26.37 -9.48
CA VAL A 1869 -42.66 25.05 -8.87
C VAL A 1869 -42.78 24.00 -9.97
N TYR A 1870 -41.75 23.16 -10.11
CA TYR A 1870 -41.71 22.12 -11.12
C TYR A 1870 -41.62 20.76 -10.46
N ASP A 1871 -42.36 19.80 -11.02
CA ASP A 1871 -42.29 18.41 -10.58
C ASP A 1871 -41.34 17.67 -11.51
N LEU A 1872 -40.24 17.16 -10.95
CA LEU A 1872 -39.22 16.47 -11.73
C LEU A 1872 -39.51 14.97 -11.88
N GLY A 1873 -40.56 14.47 -11.24
CA GLY A 1873 -40.99 13.11 -11.45
C GLY A 1873 -40.12 12.08 -10.73
N ASN A 1874 -40.60 10.84 -10.76
CA ASN A 1874 -39.91 9.72 -10.14
C ASN A 1874 -39.02 9.04 -11.17
N THR A 1875 -38.51 7.85 -10.85
CA THR A 1875 -37.63 7.11 -11.75
C THR A 1875 -38.18 5.70 -11.95
N ILE A 1876 -38.09 5.20 -13.18
CA ILE A 1876 -38.52 3.83 -13.49
C ILE A 1876 -37.37 3.09 -14.14
N GLN A 1877 -37.25 1.80 -13.81
CA GLN A 1877 -36.22 0.94 -14.35
C GLN A 1877 -36.84 -0.39 -14.75
N ASN A 1878 -36.39 -0.93 -15.88
CA ASN A 1878 -36.89 -2.19 -16.42
C ASN A 1878 -35.70 -3.04 -16.84
N SER A 1879 -35.85 -4.36 -16.74
CA SER A 1879 -34.77 -5.27 -17.07
C SER A 1879 -35.32 -6.59 -17.57
N ASN A 1880 -34.73 -7.09 -18.64
CA ASN A 1880 -35.05 -8.39 -19.23
C ASN A 1880 -33.81 -9.27 -19.23
N SER A 1881 -34.01 -10.57 -19.06
CA SER A 1881 -32.90 -11.53 -18.96
C SER A 1881 -33.19 -12.77 -19.81
N ASN A 1882 -33.55 -12.57 -21.07
CA ASN A 1882 -33.89 -13.70 -21.94
C ASN A 1882 -32.72 -14.66 -22.07
N THR A 1883 -33.03 -15.95 -22.08
CA THR A 1883 -32.01 -16.99 -22.20
C THR A 1883 -32.60 -18.19 -22.92
N LEU A 1884 -31.87 -18.71 -23.91
CA LEU A 1884 -32.28 -19.88 -24.68
C LEU A 1884 -31.14 -20.88 -24.70
N THR A 1885 -31.44 -22.13 -24.38
CA THR A 1885 -30.44 -23.19 -24.36
C THR A 1885 -30.99 -24.40 -25.12
N THR A 1886 -30.22 -24.89 -26.09
CA THR A 1886 -30.64 -26.00 -26.93
C THR A 1886 -29.51 -27.02 -27.02
N THR A 1887 -29.84 -28.30 -26.83
CA THR A 1887 -28.86 -29.37 -26.98
C THR A 1887 -28.73 -29.83 -28.42
N LEU A 1888 -29.86 -30.02 -29.10
CA LEU A 1888 -29.92 -30.31 -30.54
C LEU A 1888 -28.99 -31.49 -30.91
N ASN A 1889 -29.31 -32.64 -30.34
CA ASN A 1889 -28.58 -33.87 -30.63
C ASN A 1889 -28.86 -34.29 -32.06
N MET A 1890 -27.85 -34.23 -32.93
CA MET A 1890 -28.05 -34.56 -34.33
C MET A 1890 -28.38 -36.04 -34.55
N ASN A 1891 -28.10 -36.89 -33.57
CA ASN A 1891 -28.47 -38.29 -33.68
C ASN A 1891 -29.97 -38.47 -33.48
N THR A 1892 -30.46 -39.65 -33.86
CA THR A 1892 -31.88 -39.99 -33.77
C THR A 1892 -32.76 -38.96 -34.49
N VAL A 1941 -23.35 -38.44 -45.41
CA VAL A 1941 -21.98 -38.05 -45.11
C VAL A 1941 -21.94 -36.98 -44.04
N LEU A 1942 -23.12 -36.43 -43.71
CA LEU A 1942 -23.24 -35.39 -42.71
C LEU A 1942 -23.60 -35.95 -41.34
N THR A 1943 -23.67 -37.28 -41.19
CA THR A 1943 -24.02 -37.90 -39.91
C THR A 1943 -22.89 -37.83 -38.89
N SER A 1944 -21.74 -37.23 -39.23
CA SER A 1944 -20.64 -37.13 -38.28
C SER A 1944 -21.02 -36.26 -37.09
N ILE A 1945 -21.76 -35.17 -37.33
CA ILE A 1945 -22.15 -34.28 -36.24
C ILE A 1945 -23.07 -35.02 -35.28
N LYS A 1946 -22.82 -34.86 -33.98
CA LYS A 1946 -23.60 -35.53 -32.94
C LYS A 1946 -24.45 -34.55 -32.15
N ASN A 1947 -23.86 -33.50 -31.58
CA ASN A 1947 -24.58 -32.54 -30.76
C ASN A 1947 -24.25 -31.13 -31.24
N VAL A 1948 -25.24 -30.24 -31.14
CA VAL A 1948 -25.09 -28.83 -31.47
C VAL A 1948 -25.65 -28.03 -30.30
N GLN A 1949 -24.78 -27.67 -29.36
CA GLN A 1949 -25.19 -26.91 -28.17
C GLN A 1949 -25.22 -25.44 -28.53
N ILE A 1950 -26.39 -24.82 -28.37
CA ILE A 1950 -26.59 -23.41 -28.71
C ILE A 1950 -27.10 -22.69 -27.46
N ASN A 1951 -26.35 -21.70 -27.01
CA ASN A 1951 -26.73 -20.85 -25.89
C ASN A 1951 -26.82 -19.41 -26.38
N TYR A 1952 -27.94 -18.76 -26.08
CA TYR A 1952 -28.15 -17.37 -26.48
C TYR A 1952 -28.75 -16.61 -25.31
N THR A 1953 -27.99 -15.68 -24.75
CA THR A 1953 -28.43 -14.85 -23.63
C THR A 1953 -28.55 -13.40 -24.08
N LYS A 1954 -29.69 -12.80 -23.78
CA LYS A 1954 -29.94 -11.40 -24.14
C LYS A 1954 -30.46 -10.67 -22.90
N ASN A 1955 -29.62 -9.79 -22.36
CA ASN A 1955 -30.00 -8.94 -21.23
C ASN A 1955 -30.32 -7.55 -21.74
N SER A 1956 -31.32 -6.93 -21.14
CA SER A 1956 -31.74 -5.59 -21.52
C SER A 1956 -32.09 -4.81 -20.27
N GLY A 1957 -31.93 -3.50 -20.35
CA GLY A 1957 -32.24 -2.62 -19.22
C GLY A 1957 -32.58 -1.24 -19.72
N THR A 1958 -33.45 -0.57 -18.98
CA THR A 1958 -33.94 0.75 -19.37
C THR A 1958 -34.19 1.58 -18.13
N VAL A 1959 -33.54 2.74 -18.04
CA VAL A 1959 -33.72 3.68 -16.95
C VAL A 1959 -34.34 4.95 -17.52
N LEU A 1960 -35.56 5.25 -17.09
CA LEU A 1960 -36.27 6.45 -17.52
C LEU A 1960 -36.55 7.34 -16.32
N PRO A 1961 -35.93 8.52 -16.23
CA PRO A 1961 -36.28 9.46 -15.16
C PRO A 1961 -37.42 10.39 -15.57
N GLY A 1962 -37.84 11.27 -14.66
CA GLY A 1962 -38.90 12.20 -14.97
C GLY A 1962 -40.28 11.57 -15.04
N TYR A 1963 -40.46 10.40 -14.43
CA TYR A 1963 -41.74 9.70 -14.44
C TYR A 1963 -42.60 10.25 -13.32
N THR A 1964 -43.45 11.23 -13.65
CA THR A 1964 -44.22 11.93 -12.62
C THR A 1964 -45.21 11.04 -11.86
N PRO A 1965 -46.02 10.20 -12.50
CA PRO A 1965 -47.07 9.50 -11.73
C PRO A 1965 -46.49 8.47 -10.77
N SER A 1966 -47.27 8.17 -9.74
CA SER A 1966 -46.88 7.23 -8.70
C SER A 1966 -47.45 5.84 -9.02
N VAL A 1967 -47.34 4.93 -8.06
CA VAL A 1967 -47.79 3.55 -8.23
C VAL A 1967 -48.90 3.27 -7.24
N GLY A 1968 -49.62 2.17 -7.48
CA GLY A 1968 -50.69 1.75 -6.60
C GLY A 1968 -50.22 0.78 -5.53
N PHE A 1969 -51.20 0.27 -4.77
CA PHE A 1969 -50.88 -0.67 -3.70
C PHE A 1969 -50.32 -1.97 -4.26
N LEU A 1970 -50.93 -2.49 -5.33
CA LEU A 1970 -50.50 -3.75 -5.92
C LEU A 1970 -49.56 -3.57 -7.09
N GLY A 1971 -49.17 -2.34 -7.42
CA GLY A 1971 -48.28 -2.09 -8.53
C GLY A 1971 -48.78 -0.99 -9.45
N THR A 1972 -48.33 -1.01 -10.70
CA THR A 1972 -48.74 0.02 -11.65
C THR A 1972 -48.68 -0.56 -13.06
N SER A 1973 -49.47 0.06 -13.94
CA SER A 1973 -49.42 -0.24 -15.37
C SER A 1973 -49.55 1.02 -16.21
N LYS A 1974 -49.22 2.19 -15.65
CA LYS A 1974 -49.46 3.45 -16.33
C LYS A 1974 -48.70 3.58 -17.65
N PRO A 1975 -47.37 3.35 -17.71
CA PRO A 1975 -46.68 3.51 -19.01
C PRO A 1975 -47.18 2.51 -20.03
N SER A 1976 -47.09 1.23 -19.68
CA SER A 1976 -47.57 0.12 -20.50
C SER A 1976 -47.44 -1.15 -19.69
N LEU A 1977 -48.35 -2.10 -19.94
CA LEU A 1977 -48.28 -3.38 -19.24
C LEU A 1977 -47.00 -4.13 -19.58
N GLY A 1978 -46.49 -3.95 -20.81
CA GLY A 1978 -45.25 -4.62 -21.17
C GLY A 1978 -44.04 -4.09 -20.44
N PHE A 1979 -44.00 -2.77 -20.19
CA PHE A 1979 -42.84 -2.17 -19.54
C PHE A 1979 -42.63 -2.74 -18.15
N VAL A 1980 -43.72 -2.94 -17.40
CA VAL A 1980 -43.62 -3.55 -16.07
C VAL A 1980 -43.13 -4.99 -16.18
N PHE A 1981 -43.52 -5.69 -17.24
CA PHE A 1981 -43.11 -7.07 -17.45
C PHE A 1981 -41.99 -7.19 -18.47
N GLY A 1982 -41.34 -6.08 -18.81
CA GLY A 1982 -40.14 -6.12 -19.64
C GLY A 1982 -40.38 -6.09 -21.14
N SER A 1983 -41.09 -5.07 -21.62
CA SER A 1983 -41.27 -4.93 -23.07
C SER A 1983 -40.00 -4.42 -23.74
N GLN A 1984 -39.34 -3.45 -23.13
CA GLN A 1984 -38.15 -2.76 -23.63
C GLN A 1984 -38.43 -1.93 -24.87
N ASP A 1985 -39.67 -1.88 -25.34
CA ASP A 1985 -40.01 -1.05 -26.49
C ASP A 1985 -40.03 0.43 -26.10
N ASP A 1986 -40.02 1.28 -27.12
CA ASP A 1986 -40.01 2.72 -26.87
C ASP A 1986 -41.29 3.15 -26.17
N VAL A 1987 -41.14 3.90 -25.09
CA VAL A 1987 -42.27 4.41 -24.32
C VAL A 1987 -42.09 5.90 -24.09
N ARG A 1988 -40.92 6.42 -24.48
CA ARG A 1988 -40.61 7.83 -24.23
C ARG A 1988 -41.59 8.75 -24.95
N TYR A 1989 -41.78 8.53 -26.25
CA TYR A 1989 -42.72 9.36 -27.01
C TYR A 1989 -44.15 9.13 -26.51
N GLU A 1990 -44.50 7.88 -26.20
CA GLU A 1990 -45.82 7.60 -25.67
C GLU A 1990 -46.03 8.28 -24.32
N ALA A 1991 -45.02 8.22 -23.45
CA ALA A 1991 -45.14 8.89 -22.15
C ALA A 1991 -45.27 10.40 -22.31
N ALA A 1992 -44.51 10.98 -23.24
CA ALA A 1992 -44.62 12.42 -23.48
C ALA A 1992 -46.00 12.80 -24.00
N LYS A 1993 -46.54 12.00 -24.94
CA LYS A 1993 -47.87 12.29 -25.48
C LYS A 1993 -48.94 12.15 -24.40
N ARG A 1994 -48.84 11.13 -23.55
CA ARG A 1994 -49.79 10.95 -22.47
C ARG A 1994 -49.67 12.03 -21.40
N GLY A 1995 -48.57 12.77 -21.37
CA GLY A 1995 -48.43 13.92 -20.50
C GLY A 1995 -47.92 13.63 -19.11
N TRP A 1996 -47.35 12.45 -18.86
CA TRP A 1996 -46.83 12.12 -17.54
C TRP A 1996 -45.30 12.05 -17.53
N LEU A 1997 -44.67 12.98 -18.25
CA LEU A 1997 -43.23 13.21 -18.15
C LEU A 1997 -42.99 14.60 -17.59
N THR A 1998 -41.78 14.80 -17.05
CA THR A 1998 -41.46 16.07 -16.42
C THR A 1998 -41.51 17.21 -17.43
N THR A 1999 -42.12 18.32 -17.01
CA THR A 1999 -42.23 19.50 -17.85
C THR A 1999 -41.06 20.46 -17.68
N TYR A 2000 -40.10 20.13 -16.81
CA TYR A 2000 -38.93 20.97 -16.63
C TYR A 2000 -38.06 20.93 -17.89
N GLN A 2001 -37.67 22.10 -18.37
CA GLN A 2001 -36.94 22.22 -19.63
C GLN A 2001 -35.43 22.16 -19.46
N ASP A 2002 -34.95 21.98 -18.24
CA ASP A 2002 -33.53 21.83 -17.95
C ASP A 2002 -33.27 20.56 -17.17
N PHE A 2003 -33.98 19.49 -17.52
CA PHE A 2003 -33.85 18.22 -16.82
C PHE A 2003 -32.48 17.62 -17.10
N ASN A 2004 -31.69 17.42 -16.04
CA ASN A 2004 -30.30 16.98 -16.17
C ASN A 2004 -30.14 15.46 -16.06
N GLN A 2005 -31.22 14.72 -15.85
CA GLN A 2005 -31.13 13.26 -15.80
C GLN A 2005 -31.30 12.69 -17.20
N SER A 2006 -30.61 11.58 -17.45
CA SER A 2006 -30.48 11.02 -18.79
C SER A 2006 -31.21 9.68 -18.88
N PHE A 2007 -32.04 9.54 -19.91
CA PHE A 2007 -32.60 8.24 -20.27
C PHE A 2007 -31.49 7.32 -20.72
N THR A 2008 -31.53 6.06 -20.26
CA THR A 2008 -30.46 5.11 -20.51
C THR A 2008 -31.03 3.76 -20.93
N GLN A 2009 -30.35 3.11 -21.88
CA GLN A 2009 -30.66 1.75 -22.29
C GLN A 2009 -29.38 0.93 -22.32
N VAL A 2010 -29.50 -0.35 -21.99
CA VAL A 2010 -28.39 -1.28 -21.94
C VAL A 2010 -28.82 -2.57 -22.60
N SER A 2011 -27.95 -3.14 -23.44
CA SER A 2011 -28.22 -4.40 -24.11
C SER A 2011 -26.96 -5.25 -24.14
N ASN A 2012 -27.10 -6.53 -23.80
CA ASN A 2012 -26.02 -7.49 -23.85
C ASN A 2012 -26.49 -8.72 -24.61
N LYS A 2013 -25.71 -9.14 -25.60
CA LYS A 2013 -26.02 -10.32 -26.39
C LYS A 2013 -24.83 -11.27 -26.32
N LEU A 2014 -25.10 -12.55 -26.06
CA LEU A 2014 -24.06 -13.55 -25.91
C LEU A 2014 -24.50 -14.84 -26.61
N LEU A 2015 -23.72 -15.27 -27.60
CA LEU A 2015 -23.96 -16.51 -28.32
C LEU A 2015 -22.78 -17.45 -28.07
N LYS A 2016 -23.09 -18.69 -27.71
CA LYS A 2016 -22.09 -19.66 -27.26
C LYS A 2016 -22.31 -21.00 -27.93
N VAL A 2017 -22.41 -21.00 -29.27
CA VAL A 2017 -22.70 -22.23 -30.00
C VAL A 2017 -21.56 -23.23 -29.82
N THR A 2018 -21.93 -24.49 -29.59
CA THR A 2018 -20.96 -25.58 -29.45
C THR A 2018 -21.45 -26.78 -30.24
N ALA A 2019 -20.52 -27.45 -30.92
CA ALA A 2019 -20.87 -28.61 -31.74
C ALA A 2019 -19.78 -29.67 -31.62
N ASN A 2020 -20.17 -30.92 -31.90
CA ASN A 2020 -19.27 -32.05 -31.88
C ASN A 2020 -19.35 -32.81 -33.19
N ILE A 2021 -18.18 -33.22 -33.70
CA ILE A 2021 -18.06 -33.94 -34.96
C ILE A 2021 -17.17 -35.16 -34.75
N ASP A 2022 -17.53 -36.25 -35.41
CA ASP A 2022 -16.84 -37.54 -35.31
C ASP A 2022 -16.47 -38.07 -36.69
N LEU A 2023 -15.81 -37.23 -37.49
CA LEU A 2023 -15.39 -37.56 -38.85
C LEU A 2023 -14.75 -38.94 -38.96
N LEU A 2024 -13.98 -39.33 -37.96
CA LEU A 2024 -13.33 -40.64 -37.90
C LEU A 2024 -13.72 -41.33 -36.61
N PRO A 2025 -13.69 -42.67 -36.60
CA PRO A 2025 -14.10 -43.39 -35.38
C PRO A 2025 -13.26 -43.07 -34.15
N ASP A 2026 -11.97 -42.77 -34.33
CA ASP A 2026 -11.08 -42.45 -33.22
C ASP A 2026 -10.61 -41.00 -33.28
N LEU A 2027 -11.42 -40.12 -33.88
CA LEU A 2027 -11.10 -38.71 -33.98
C LEU A 2027 -12.31 -37.90 -33.53
N LYS A 2028 -12.11 -37.07 -32.51
CA LYS A 2028 -13.19 -36.25 -31.94
C LYS A 2028 -12.86 -34.78 -32.16
N VAL A 2029 -13.84 -34.04 -32.67
CA VAL A 2029 -13.68 -32.62 -32.97
C VAL A 2029 -14.75 -31.84 -32.22
N ASP A 2030 -14.33 -30.77 -31.54
CA ASP A 2030 -15.24 -29.86 -30.86
C ASP A 2030 -15.11 -28.47 -31.47
N LEU A 2031 -16.22 -27.89 -31.88
CA LEU A 2031 -16.27 -26.57 -32.47
C LEU A 2031 -17.00 -25.61 -31.56
N SER A 2032 -16.45 -24.40 -31.41
CA SER A 2032 -17.02 -23.38 -30.55
C SER A 2032 -17.14 -22.08 -31.32
N MET A 2033 -18.27 -21.39 -31.13
CA MET A 2033 -18.54 -20.11 -31.76
C MET A 2033 -19.10 -19.16 -30.72
N ASP A 2034 -18.31 -18.16 -30.35
CA ASP A 2034 -18.66 -17.22 -29.30
C ASP A 2034 -18.81 -15.82 -29.87
N ARG A 2035 -19.80 -15.09 -29.38
CA ARG A 2035 -20.02 -13.72 -29.81
C ARG A 2035 -20.67 -12.93 -28.69
N SER A 2036 -20.01 -11.87 -28.25
CA SER A 2036 -20.51 -10.98 -27.21
C SER A 2036 -20.63 -9.57 -27.77
N TYR A 2037 -21.75 -8.91 -27.48
CA TYR A 2037 -21.99 -7.55 -27.95
C TYR A 2037 -22.75 -6.79 -26.86
N SER A 2038 -22.10 -5.79 -26.28
CA SER A 2038 -22.72 -4.96 -25.25
C SER A 2038 -22.82 -3.54 -25.78
N GLU A 2039 -24.02 -2.96 -25.69
CA GLU A 2039 -24.31 -1.63 -26.20
C GLU A 2039 -25.09 -0.84 -25.15
N ASN A 2040 -24.53 0.28 -24.73
CA ASN A 2040 -25.16 1.18 -23.77
C ASN A 2040 -25.39 2.52 -24.42
N THR A 2041 -26.64 2.97 -24.44
CA THR A 2041 -27.02 4.25 -25.03
C THR A 2041 -27.55 5.16 -23.94
N SER A 2042 -27.16 6.43 -23.99
CA SER A 2042 -27.66 7.42 -23.05
C SER A 2042 -28.01 8.69 -23.79
N GLU A 2043 -29.01 9.41 -23.28
CA GLU A 2043 -29.47 10.63 -23.94
C GLU A 2043 -30.30 11.46 -22.99
N GLN A 2044 -30.08 12.76 -22.98
CA GLN A 2044 -30.97 13.64 -22.25
C GLN A 2044 -32.24 13.87 -23.07
N TYR A 2045 -33.24 14.49 -22.45
CA TYR A 2045 -34.48 14.69 -23.17
C TYR A 2045 -35.20 15.92 -22.64
N SER A 2046 -36.10 16.45 -23.47
CA SER A 2046 -36.98 17.54 -23.08
C SER A 2046 -38.38 17.23 -23.56
N VAL A 2047 -39.37 17.87 -22.93
CA VAL A 2047 -40.76 17.74 -23.31
C VAL A 2047 -41.24 19.10 -23.80
N ASP A 2048 -41.73 19.15 -25.03
CA ASP A 2048 -42.18 20.41 -25.59
C ASP A 2048 -43.41 20.91 -24.83
N PRO A 2049 -43.41 22.16 -24.36
CA PRO A 2049 -44.62 22.68 -23.70
C PRO A 2049 -45.85 22.63 -24.58
N SER A 2050 -45.68 22.77 -25.89
CA SER A 2050 -46.77 22.65 -26.85
C SER A 2050 -46.72 21.29 -27.52
N THR A 2051 -47.88 20.64 -27.59
CA THR A 2051 -48.08 19.35 -28.26
C THR A 2051 -47.37 18.20 -27.55
N ASN A 2052 -46.62 18.52 -26.48
CA ASN A 2052 -45.96 17.52 -25.65
C ASN A 2052 -45.12 16.54 -26.49
N GLU A 2053 -44.11 17.09 -27.15
CA GLU A 2053 -43.24 16.32 -28.03
C GLU A 2053 -41.95 15.96 -27.29
N TYR A 2054 -41.59 14.67 -27.35
CA TYR A 2054 -40.37 14.17 -26.72
C TYR A 2054 -39.18 14.50 -27.61
N LYS A 2055 -38.34 15.44 -27.19
CA LYS A 2055 -37.19 15.85 -27.98
C LYS A 2055 -35.93 15.28 -27.35
N PRO A 2056 -35.24 14.35 -28.02
CA PRO A 2056 -33.95 13.88 -27.51
C PRO A 2056 -32.89 14.97 -27.59
N LEU A 2057 -31.88 14.84 -26.72
CA LEU A 2057 -30.81 15.82 -26.64
C LEU A 2057 -29.50 15.08 -26.37
N SER A 2058 -28.54 15.27 -27.26
CA SER A 2058 -27.20 14.69 -27.14
C SER A 2058 -27.22 13.18 -26.88
N PRO A 2059 -27.75 12.39 -27.81
CA PRO A 2059 -27.69 10.93 -27.64
C PRO A 2059 -26.30 10.40 -27.99
N TYR A 2060 -25.81 9.48 -27.18
CA TYR A 2060 -24.52 8.85 -27.43
C TYR A 2060 -24.61 7.37 -27.07
N THR A 2061 -23.68 6.60 -27.64
CA THR A 2061 -23.66 5.16 -27.49
C THR A 2061 -22.23 4.71 -27.25
N TYR A 2062 -22.08 3.59 -26.56
CA TYR A 2062 -20.78 2.97 -26.35
C TYR A 2062 -20.99 1.50 -26.07
N GLY A 2063 -19.91 0.78 -25.81
CA GLY A 2063 -20.03 -0.62 -25.44
C GLY A 2063 -18.79 -1.40 -25.83
N MET A 2064 -18.97 -2.72 -25.87
CA MET A 2064 -17.91 -3.67 -26.12
C MET A 2064 -18.35 -4.68 -27.16
N PHE A 2065 -17.39 -5.30 -27.84
CA PHE A 2065 -17.69 -6.31 -28.84
C PHE A 2065 -16.58 -7.36 -28.83
N SER A 2066 -16.96 -8.60 -29.14
CA SER A 2066 -15.99 -9.67 -29.28
C SER A 2066 -16.64 -10.80 -30.08
N ILE A 2067 -15.84 -11.46 -30.91
CA ILE A 2067 -16.35 -12.53 -31.76
C ILE A 2067 -15.22 -13.51 -32.07
N SER A 2068 -15.55 -14.80 -32.06
CA SER A 2068 -14.57 -15.82 -32.39
C SER A 2068 -14.30 -15.81 -33.89
N THR A 2069 -13.02 -15.80 -34.26
CA THR A 2069 -12.60 -15.78 -35.66
C THR A 2069 -11.48 -16.79 -35.85
N VAL A 2070 -11.01 -16.92 -37.08
CA VAL A 2070 -9.90 -17.80 -37.42
C VAL A 2070 -8.85 -16.96 -38.14
N MET A 2071 -7.64 -16.94 -37.58
CA MET A 2071 -6.50 -16.24 -38.16
C MET A 2071 -5.31 -17.18 -38.30
N ILE A 2072 -5.59 -18.45 -38.59
CA ILE A 2072 -4.53 -19.44 -38.73
C ILE A 2072 -3.84 -19.35 -40.09
N LYS A 2073 -4.44 -18.65 -41.05
CA LYS A 2073 -3.83 -18.54 -42.37
C LYS A 2073 -2.51 -17.80 -42.35
N THR A 2074 -2.30 -16.91 -41.37
CA THR A 2074 -1.04 -16.21 -41.20
C THR A 2074 -0.39 -16.52 -39.86
N ALA A 2075 -0.83 -17.60 -39.20
CA ALA A 2075 -0.30 -17.93 -37.88
C ALA A 2075 1.15 -18.40 -37.95
N PHE A 2076 1.47 -19.23 -38.93
CA PHE A 2076 2.79 -19.84 -39.04
C PHE A 2076 3.74 -19.06 -39.93
N SER A 2077 3.32 -17.90 -40.43
CA SER A 2077 4.21 -17.06 -41.21
C SER A 2077 5.31 -16.51 -40.29
N PRO A 2078 6.53 -16.38 -40.80
CA PRO A 2078 7.62 -15.87 -39.94
C PRO A 2078 7.50 -14.37 -39.75
N SER A 2079 7.53 -13.95 -38.48
CA SER A 2079 7.35 -12.54 -38.14
C SER A 2079 8.20 -12.24 -36.92
N ASP A 2080 9.12 -11.29 -37.06
CA ASP A 2080 10.00 -10.89 -35.96
C ASP A 2080 10.33 -9.42 -36.15
N GLU A 2081 11.36 -8.94 -35.45
CA GLU A 2081 11.76 -7.54 -35.54
C GLU A 2081 12.40 -7.20 -36.87
N THR A 2082 12.71 -8.18 -37.71
CA THR A 2082 13.36 -7.93 -38.99
C THR A 2082 12.50 -8.19 -40.21
N GLN A 2083 11.47 -9.04 -40.10
CA GLN A 2083 10.61 -9.34 -41.25
C GLN A 2083 9.25 -9.78 -40.74
N SER A 2084 8.22 -9.46 -41.53
CA SER A 2084 6.85 -9.87 -41.20
C SER A 2084 6.01 -9.78 -42.47
N ALA A 2085 5.53 -10.92 -42.96
CA ALA A 2085 4.67 -10.91 -44.14
C ALA A 2085 3.31 -10.30 -43.83
N ALA A 2086 2.78 -10.59 -42.64
CA ALA A 2086 1.48 -10.05 -42.25
C ALA A 2086 1.51 -8.53 -42.16
N PHE A 2087 2.61 -7.97 -41.63
CA PHE A 2087 2.72 -6.53 -41.53
C PHE A 2087 2.88 -5.89 -42.90
N ASP A 2088 3.57 -6.58 -43.82
CA ASP A 2088 3.64 -6.09 -45.20
C ASP A 2088 2.26 -6.08 -45.85
N ASP A 2089 1.46 -7.12 -45.60
CA ASP A 2089 0.09 -7.15 -46.09
C ASP A 2089 -0.72 -6.02 -45.48
N PHE A 2090 -0.52 -5.73 -44.20
CA PHE A 2090 -1.18 -4.61 -43.55
C PHE A 2090 -0.82 -3.29 -44.22
N ARG A 2091 0.47 -3.09 -44.51
CA ARG A 2091 0.88 -1.88 -45.20
C ARG A 2091 0.26 -1.78 -46.59
N SER A 2092 0.20 -2.90 -47.31
CA SER A 2092 -0.28 -2.88 -48.69
C SER A 2092 -1.79 -2.70 -48.78
N ASN A 2093 -2.56 -3.30 -47.87
CA ASN A 2093 -4.01 -3.29 -47.97
C ASN A 2093 -4.62 -1.94 -47.65
N ARG A 2094 -3.84 -1.02 -47.07
CA ARG A 2094 -4.40 0.29 -46.70
C ARG A 2094 -4.88 1.04 -47.92
N LEU A 2095 -4.11 1.04 -49.01
CA LEU A 2095 -4.52 1.74 -50.22
C LEU A 2095 -5.74 1.10 -50.84
N ILE A 2096 -5.80 -0.23 -50.84
CA ILE A 2096 -6.97 -0.93 -51.40
C ILE A 2096 -8.22 -0.58 -50.62
N ILE A 2097 -8.13 -0.60 -49.29
CA ILE A 2097 -9.29 -0.28 -48.47
C ILE A 2097 -9.69 1.17 -48.64
N ALA A 2098 -8.70 2.07 -48.76
CA ALA A 2098 -9.00 3.48 -49.00
C ALA A 2098 -9.72 3.68 -50.32
N ASN A 2099 -9.28 2.97 -51.36
CA ASN A 2099 -9.96 3.06 -52.66
C ASN A 2099 -11.38 2.51 -52.58
N ARG A 2100 -11.57 1.40 -51.86
CA ARG A 2100 -12.91 0.84 -51.71
C ARG A 2100 -13.83 1.81 -50.97
N LEU A 2101 -13.32 2.43 -49.90
CA LEU A 2101 -14.13 3.38 -49.15
C LEU A 2101 -14.42 4.63 -49.97
N ALA A 2102 -13.48 5.06 -50.79
CA ALA A 2102 -13.72 6.20 -51.67
C ALA A 2102 -14.79 5.87 -52.70
N GLU A 2103 -14.75 4.65 -53.26
CA GLU A 2103 -15.79 4.23 -54.19
C GLU A 2103 -17.15 4.16 -53.49
N GLY A 2104 -17.17 3.72 -52.24
CA GLY A 2104 -18.41 3.73 -51.48
C GLY A 2104 -18.93 5.14 -51.25
N HIS A 2105 -18.03 6.07 -50.95
CA HIS A 2105 -18.41 7.46 -50.73
C HIS A 2105 -18.68 8.18 -52.06
N TYR A 2106 -17.66 8.25 -52.91
CA TYR A 2106 -17.81 8.79 -54.25
C TYR A 2106 -18.29 7.67 -55.17
N GLY A 2107 -19.56 7.71 -55.56
CA GLY A 2107 -20.17 6.60 -56.26
C GLY A 2107 -19.78 6.46 -57.72
N SER A 2108 -18.48 6.58 -58.01
CA SER A 2108 -17.92 6.33 -59.34
C SER A 2108 -18.46 7.29 -60.40
N GLY A 2109 -19.28 8.27 -59.99
CA GLY A 2109 -19.79 9.24 -60.93
C GLY A 2109 -18.77 10.27 -61.38
N VAL A 2110 -17.79 10.58 -60.53
CA VAL A 2110 -16.72 11.50 -60.86
C VAL A 2110 -15.40 10.89 -60.42
N ALA A 2111 -14.31 11.45 -60.93
CA ALA A 2111 -12.99 10.99 -60.53
C ALA A 2111 -12.77 11.23 -59.04
N ILE A 2112 -12.23 10.23 -58.36
CA ILE A 2112 -12.02 10.29 -56.92
C ILE A 2112 -10.96 11.33 -56.61
N PRO A 2113 -11.26 12.33 -55.79
CA PRO A 2113 -10.23 13.33 -55.45
C PRO A 2113 -9.16 12.73 -54.58
N ARG A 2114 -7.90 13.02 -54.91
CA ARG A 2114 -6.74 12.50 -54.20
C ARG A 2114 -5.81 13.65 -53.86
N TYR A 2115 -4.78 13.35 -53.06
CA TYR A 2115 -3.84 14.36 -52.62
C TYR A 2115 -2.77 14.66 -53.66
N GLY A 2116 -2.73 13.94 -54.77
CA GLY A 2116 -1.69 14.14 -55.77
C GLY A 2116 -2.17 14.77 -57.06
N ASP A 2117 -3.47 14.98 -57.20
CA ASP A 2117 -4.01 15.55 -58.42
C ASP A 2117 -3.91 17.07 -58.38
N ALA A 2118 -4.29 17.70 -59.49
CA ALA A 2118 -4.22 19.16 -59.59
C ALA A 2118 -5.28 19.82 -58.71
N ASN A 2119 -6.42 19.17 -58.52
CA ASN A 2119 -7.48 19.75 -57.70
C ASN A 2119 -7.06 19.89 -56.25
N ASN A 2120 -6.19 19.00 -55.76
CA ASN A 2120 -5.69 19.04 -54.39
C ASN A 2120 -4.17 18.95 -54.42
N PRO A 2121 -3.50 20.03 -54.81
CA PRO A 2121 -2.03 19.99 -54.94
C PRO A 2121 -1.36 19.99 -53.58
N ILE A 2122 -0.10 19.55 -53.59
CA ILE A 2122 0.70 19.55 -52.37
C ILE A 2122 0.96 20.99 -51.95
N PRO A 2123 0.63 21.39 -50.72
CA PRO A 2123 0.82 22.78 -50.30
C PRO A 2123 2.28 23.14 -50.11
N ALA A 2124 2.55 24.38 -49.72
CA ALA A 2124 3.91 24.82 -49.46
C ALA A 2124 4.44 24.18 -48.18
N GLU A 2125 5.77 24.21 -48.03
CA GLU A 2125 6.41 23.60 -46.87
C GLU A 2125 6.03 24.29 -45.57
N THR A 2126 5.58 25.54 -45.62
CA THR A 2126 5.13 26.26 -44.44
C THR A 2126 3.69 25.95 -44.05
N ASP A 2127 2.94 25.28 -44.92
CA ASP A 2127 1.56 24.92 -44.63
C ASP A 2127 1.50 23.80 -43.59
N PRO A 2128 0.58 23.90 -42.63
CA PRO A 2128 0.47 22.85 -41.61
C PRO A 2128 0.15 21.47 -42.17
N ASN A 2129 -0.59 21.39 -43.28
CA ASN A 2129 -1.00 20.12 -43.85
C ASN A 2129 -0.05 19.63 -44.94
N TYR A 2130 1.13 20.22 -45.06
CA TYR A 2130 2.09 19.76 -46.06
C TYR A 2130 2.52 18.33 -45.79
N ALA A 2131 2.80 18.00 -44.52
CA ALA A 2131 3.23 16.65 -44.18
C ALA A 2131 2.14 15.63 -44.46
N VAL A 2132 0.89 15.95 -44.14
CA VAL A 2132 -0.21 15.02 -44.37
C VAL A 2132 -0.40 14.78 -45.86
N TYR A 2133 -0.35 15.84 -46.67
CA TYR A 2133 -0.49 15.69 -48.11
C TYR A 2133 0.66 14.90 -48.70
N THR A 2134 1.89 15.14 -48.24
CA THR A 2134 3.05 14.47 -48.82
C THR A 2134 3.13 13.01 -48.39
N ALA A 2135 2.69 12.69 -47.19
CA ALA A 2135 2.79 11.32 -46.69
C ALA A 2135 1.91 10.36 -47.48
N ASN A 2136 0.74 10.82 -47.90
CA ASN A 2136 -0.22 9.99 -48.64
C ASN A 2136 -0.73 10.81 -49.83
N GLN A 2137 -0.09 10.63 -50.98
CA GLN A 2137 -0.47 11.40 -52.17
C GLN A 2137 -1.50 10.67 -53.02
N GLY A 2138 -1.37 9.35 -53.15
CA GLY A 2138 -2.27 8.57 -53.96
C GLY A 2138 -3.54 8.12 -53.29
N TYR A 2139 -3.76 8.51 -52.04
CA TYR A 2139 -4.94 8.16 -51.27
C TYR A 2139 -6.06 9.16 -51.51
N PRO A 2140 -7.31 8.75 -51.36
CA PRO A 2140 -8.43 9.69 -51.50
C PRO A 2140 -8.40 10.74 -50.38
N ILE A 2141 -9.07 11.86 -50.65
CA ILE A 2141 -8.98 13.02 -49.76
C ILE A 2141 -9.47 12.69 -48.36
N GLY A 2142 -10.62 12.02 -48.26
CA GLY A 2142 -11.18 11.72 -46.97
C GLY A 2142 -10.67 10.46 -46.31
N TYR A 2143 -9.77 9.72 -46.94
CA TYR A 2143 -9.31 8.43 -46.44
C TYR A 2143 -7.79 8.37 -46.57
N THR A 2144 -7.09 8.76 -45.51
CA THR A 2144 -5.64 8.68 -45.46
C THR A 2144 -5.20 7.37 -44.83
N LYS A 2145 -3.88 7.24 -44.59
CA LYS A 2145 -3.35 6.04 -43.97
C LYS A 2145 -3.67 5.95 -42.49
N SER A 2146 -3.96 7.08 -41.85
CA SER A 2146 -4.26 7.11 -40.42
C SER A 2146 -5.75 7.08 -40.12
N ASN A 2147 -6.60 6.97 -41.15
CA ASN A 2147 -8.03 6.91 -40.94
C ASN A 2147 -8.41 5.55 -40.36
N GLN A 2148 -9.18 5.57 -39.27
CA GLN A 2148 -9.53 4.33 -38.57
C GLN A 2148 -10.30 3.37 -39.48
N ALA A 2149 -11.28 3.89 -40.22
CA ALA A 2149 -12.06 3.05 -41.11
C ALA A 2149 -11.25 2.48 -42.26
N VAL A 2150 -10.04 3.01 -42.49
CA VAL A 2150 -9.19 2.52 -43.56
C VAL A 2150 -8.29 1.39 -43.08
N LEU A 2151 -7.64 1.56 -41.93
CA LEU A 2151 -6.64 0.61 -41.47
C LEU A 2151 -7.16 -0.37 -40.43
N LEU A 2152 -8.43 -0.26 -40.03
CA LEU A 2152 -9.00 -1.31 -39.20
C LEU A 2152 -9.38 -2.53 -40.05
N PRO A 2153 -10.22 -2.39 -41.09
CA PRO A 2153 -10.47 -3.54 -41.95
C PRO A 2153 -9.24 -4.04 -42.67
N ALA A 2154 -8.31 -3.14 -43.00
CA ALA A 2154 -7.04 -3.59 -43.58
C ALA A 2154 -6.27 -4.47 -42.62
N PHE A 2155 -6.21 -4.08 -41.34
CA PHE A 2155 -5.56 -4.90 -40.33
C PHE A 2155 -6.24 -6.25 -40.20
N LEU A 2156 -7.58 -6.25 -40.16
CA LEU A 2156 -8.31 -7.51 -40.01
C LEU A 2156 -8.07 -8.42 -41.20
N ALA A 2157 -8.12 -7.88 -42.42
CA ALA A 2157 -7.89 -8.69 -43.61
C ALA A 2157 -6.46 -9.21 -43.66
N ALA A 2158 -5.48 -8.37 -43.31
CA ALA A 2158 -4.09 -8.79 -43.36
C ALA A 2158 -3.79 -9.90 -42.36
N TYR A 2159 -4.31 -9.78 -41.13
CA TYR A 2159 -3.99 -10.75 -40.10
C TYR A 2159 -4.96 -11.91 -40.01
N THR A 2160 -6.04 -11.90 -40.80
CA THR A 2160 -6.93 -13.06 -40.91
C THR A 2160 -6.75 -13.80 -42.22
N GLY A 2161 -5.86 -13.34 -43.10
CA GLY A 2161 -5.63 -13.99 -44.37
C GLY A 2161 -6.65 -13.69 -45.44
N SER A 2162 -7.55 -12.74 -45.21
CA SER A 2162 -8.55 -12.40 -46.21
C SER A 2162 -7.95 -11.50 -47.29
N ASP A 2163 -8.65 -11.41 -48.41
CA ASP A 2163 -8.23 -10.59 -49.53
C ASP A 2163 -8.82 -9.19 -49.39
N ALA A 2164 -7.97 -8.17 -49.51
CA ALA A 2164 -8.41 -6.80 -49.27
C ALA A 2164 -9.43 -6.32 -50.30
N SER A 2165 -9.46 -6.91 -51.49
CA SER A 2165 -10.41 -6.50 -52.51
C SER A 2165 -11.82 -7.02 -52.25
N SER A 2166 -11.99 -7.98 -51.34
CA SER A 2166 -13.30 -8.55 -51.06
C SER A 2166 -13.59 -8.69 -49.57
N SER A 2167 -12.67 -8.30 -48.69
CA SER A 2167 -12.91 -8.42 -47.26
C SER A 2167 -13.94 -7.39 -46.81
N SER A 2168 -14.62 -7.70 -45.71
CA SER A 2168 -15.63 -6.80 -45.18
C SER A 2168 -14.97 -5.58 -44.55
N THR A 2169 -15.51 -4.40 -44.88
CA THR A 2169 -15.04 -3.14 -44.32
C THR A 2169 -15.84 -2.71 -43.10
N ASN A 2170 -16.75 -3.55 -42.62
CA ASN A 2170 -17.58 -3.22 -41.48
C ASN A 2170 -16.83 -3.45 -40.18
N ILE A 2171 -17.09 -2.59 -39.20
CA ILE A 2171 -16.43 -2.69 -37.90
C ILE A 2171 -16.82 -3.99 -37.21
N PHE A 2172 -18.10 -4.32 -37.20
CA PHE A 2172 -18.62 -5.47 -36.47
C PHE A 2172 -18.81 -6.66 -37.40
N ARG A 2173 -18.60 -7.85 -36.84
CA ARG A 2173 -18.79 -9.11 -37.56
C ARG A 2173 -20.02 -9.81 -37.01
N SER A 2174 -20.78 -10.44 -37.91
CA SER A 2174 -22.04 -11.07 -37.55
C SER A 2174 -21.92 -12.58 -37.36
N PHE A 2175 -21.16 -13.26 -38.21
CA PHE A 2175 -21.06 -14.72 -38.15
C PHE A 2175 -19.74 -15.11 -37.52
N PRO A 2176 -19.73 -15.69 -36.31
CA PRO A 2176 -18.47 -16.13 -35.71
C PRO A 2176 -17.87 -17.30 -36.48
N ILE A 2177 -16.55 -17.29 -36.59
CA ILE A 2177 -15.83 -18.38 -37.24
C ILE A 2177 -15.44 -19.40 -36.18
N PRO A 2178 -15.80 -20.67 -36.35
CA PRO A 2178 -15.59 -21.65 -35.28
C PRO A 2178 -14.12 -21.85 -34.94
N ASN A 2179 -13.84 -22.03 -33.65
CA ASN A 2179 -12.55 -22.47 -33.15
C ASN A 2179 -12.66 -23.95 -32.79
N TRP A 2180 -11.54 -24.66 -32.87
CA TRP A 2180 -11.61 -26.12 -32.88
C TRP A 2180 -10.70 -26.76 -31.86
N SER A 2181 -11.10 -27.97 -31.45
CA SER A 2181 -10.30 -28.83 -30.58
C SER A 2181 -10.37 -30.24 -31.14
N ILE A 2182 -9.22 -30.84 -31.41
CA ILE A 2182 -9.12 -32.14 -32.07
C ILE A 2182 -8.39 -33.10 -31.15
N LYS A 2183 -8.99 -34.28 -30.96
CA LYS A 2183 -8.38 -35.38 -30.21
C LYS A 2183 -8.36 -36.60 -31.11
N TYR A 2184 -7.24 -37.34 -31.08
CA TYR A 2184 -7.03 -38.45 -32.01
C TYR A 2184 -6.32 -39.58 -31.28
N ASN A 2185 -7.09 -40.57 -30.83
CA ASN A 2185 -6.56 -41.85 -30.37
C ASN A 2185 -6.59 -42.89 -31.47
N GLY A 2186 -6.03 -42.57 -32.64
CA GLY A 2186 -6.19 -43.42 -33.80
C GLY A 2186 -4.94 -44.18 -34.22
N LEU A 2187 -3.76 -43.60 -33.96
CA LEU A 2187 -2.52 -44.24 -34.38
C LEU A 2187 -2.28 -45.56 -33.66
N MET A 2188 -2.87 -45.76 -32.48
CA MET A 2188 -2.71 -47.02 -31.75
C MET A 2188 -3.41 -48.19 -32.44
N ARG A 2189 -4.30 -47.93 -33.40
CA ARG A 2189 -5.07 -48.98 -34.05
C ARG A 2189 -4.34 -49.63 -35.22
N TYR A 2190 -3.36 -48.96 -35.82
CA TYR A 2190 -2.69 -49.49 -36.99
C TYR A 2190 -1.86 -50.72 -36.66
N LYS A 2191 -0.78 -50.53 -35.91
CA LYS A 2191 0.07 -51.66 -35.54
C LYS A 2191 0.58 -51.60 -34.11
N TYR A 2192 0.15 -50.62 -33.31
CA TYR A 2192 0.74 -50.37 -32.00
C TYR A 2192 0.17 -51.27 -30.91
N PHE A 2193 -0.67 -52.25 -31.25
CA PHE A 2193 -1.16 -53.18 -30.26
C PHE A 2193 -0.02 -54.00 -29.66
N LYS A 2194 0.90 -54.46 -30.50
CA LYS A 2194 2.07 -55.21 -30.06
C LYS A 2194 3.37 -54.54 -30.47
N ASP A 2195 3.34 -53.24 -30.77
CA ASP A 2195 4.52 -52.49 -31.20
C ASP A 2195 5.11 -51.67 -30.07
N LYS A 2196 5.08 -52.21 -28.84
CA LYS A 2196 5.64 -51.64 -27.63
C LYS A 2196 4.86 -50.45 -27.09
N PHE A 2197 3.76 -50.07 -27.73
CA PHE A 2197 2.95 -48.95 -27.28
C PHE A 2197 1.70 -49.46 -26.56
N LYS A 2198 1.38 -48.85 -25.42
CA LYS A 2198 0.16 -49.17 -24.69
C LYS A 2198 -0.84 -48.02 -24.70
N ARG A 2199 -0.43 -46.83 -25.13
CA ARG A 2199 -1.33 -45.69 -25.22
C ARG A 2199 -0.72 -44.68 -26.18
N PHE A 2200 -1.59 -43.98 -26.91
CA PHE A 2200 -1.14 -42.95 -27.84
C PHE A 2200 -2.31 -42.03 -28.13
N SER A 2201 -2.10 -40.73 -27.97
CA SER A 2201 -3.14 -39.74 -28.20
C SER A 2201 -2.52 -38.45 -28.69
N LEU A 2202 -3.09 -37.88 -29.75
CA LEU A 2202 -2.70 -36.58 -30.26
C LEU A 2202 -3.79 -35.57 -29.95
N GLN A 2203 -3.38 -34.39 -29.49
CA GLN A 2203 -4.33 -33.34 -29.16
C GLN A 2203 -3.89 -32.03 -29.79
N HIS A 2204 -4.87 -31.26 -30.24
CA HIS A 2204 -4.61 -29.97 -30.87
C HIS A 2204 -5.76 -29.02 -30.53
N ASN A 2205 -5.42 -27.75 -30.32
CA ASN A 2205 -6.42 -26.74 -30.01
C ASN A 2205 -6.11 -25.47 -30.79
N TYR A 2206 -7.16 -24.80 -31.28
CA TYR A 2206 -7.03 -23.48 -31.86
C TYR A 2206 -8.23 -22.65 -31.42
N ARG A 2207 -7.95 -21.48 -30.85
CA ARG A 2207 -8.99 -20.56 -30.38
C ARG A 2207 -8.53 -19.14 -30.64
N ALA A 2208 -9.29 -18.39 -31.43
CA ALA A 2208 -8.93 -17.02 -31.77
C ALA A 2208 -10.15 -16.12 -31.66
N SER A 2209 -9.94 -14.93 -31.11
CA SER A 2209 -10.99 -13.95 -30.92
C SER A 2209 -10.55 -12.58 -31.43
N TYR A 2210 -11.54 -11.81 -31.87
CA TYR A 2210 -11.38 -10.41 -32.25
C TYR A 2210 -12.24 -9.58 -31.33
N THR A 2211 -11.62 -8.61 -30.65
CA THR A 2211 -12.27 -7.88 -29.56
C THR A 2211 -12.07 -6.38 -29.73
N ILE A 2212 -13.16 -5.64 -29.56
CA ILE A 2212 -13.13 -4.19 -29.41
C ILE A 2212 -13.55 -3.90 -27.98
N ASN A 2213 -12.60 -3.49 -27.15
CA ASN A 2213 -12.86 -3.34 -25.72
C ASN A 2213 -13.78 -2.16 -25.43
N GLN A 2214 -13.69 -1.08 -26.22
CA GLN A 2214 -14.53 0.08 -25.98
C GLN A 2214 -14.70 0.85 -27.29
N PHE A 2215 -15.83 0.65 -27.95
CA PHE A 2215 -16.24 1.48 -29.06
C PHE A 2215 -17.33 2.43 -28.60
N ARG A 2216 -17.49 3.55 -29.31
CA ARG A 2216 -18.50 4.52 -28.92
C ARG A 2216 -18.89 5.38 -30.11
N SER A 2217 -20.06 6.00 -30.01
CA SER A 2217 -20.51 6.92 -31.04
C SER A 2217 -19.70 8.21 -30.98
N ASN A 2218 -19.53 8.84 -32.14
CA ASN A 2218 -18.75 10.07 -32.26
C ASN A 2218 -19.70 11.24 -32.46
N PHE A 2219 -19.57 12.26 -31.61
CA PHE A 2219 -20.42 13.44 -31.73
C PHE A 2219 -20.11 14.24 -32.99
N ASP A 2220 -18.86 14.19 -33.47
CA ASP A 2220 -18.50 14.91 -34.67
C ASP A 2220 -19.17 14.35 -35.92
N TYR A 2221 -19.64 13.09 -35.87
CA TYR A 2221 -20.34 12.48 -36.98
C TYR A 2221 -21.81 12.88 -36.87
N ASN A 2222 -22.15 14.01 -37.48
CA ASN A 2222 -23.50 14.56 -37.42
C ASN A 2222 -23.84 15.14 -38.80
N SER A 2223 -24.90 15.94 -38.84
CA SER A 2223 -25.37 16.56 -40.07
C SER A 2223 -24.69 17.90 -40.36
N SER A 2224 -23.72 18.29 -39.54
CA SER A 2224 -23.00 19.54 -39.76
C SER A 2224 -22.16 19.45 -41.03
N PRO A 2225 -21.92 20.59 -41.69
CA PRO A 2225 -21.08 20.57 -42.90
C PRO A 2225 -19.64 20.16 -42.65
N LYS A 2226 -19.16 20.26 -41.41
CA LYS A 2226 -17.80 19.85 -41.10
C LYS A 2226 -17.72 18.33 -41.11
N VAL A 2227 -16.96 17.79 -42.06
CA VAL A 2227 -16.86 16.34 -42.23
C VAL A 2227 -15.45 15.81 -42.02
N GLN A 2228 -14.43 16.65 -42.08
CA GLN A 2228 -13.05 16.22 -41.93
C GLN A 2228 -12.46 16.71 -40.62
N ASP A 2229 -11.54 15.93 -40.06
CA ASP A 2229 -10.87 16.28 -38.83
C ASP A 2229 -9.58 17.05 -39.14
N VAL A 2230 -8.74 17.24 -38.12
CA VAL A 2230 -7.46 17.93 -38.33
C VAL A 2230 -6.56 17.13 -39.26
N ASN A 2231 -6.73 15.80 -39.30
CA ASN A 2231 -5.95 14.93 -40.15
C ASN A 2231 -6.55 14.75 -41.54
N THR A 2232 -7.56 15.56 -41.89
CA THR A 2232 -8.24 15.49 -43.18
C THR A 2232 -8.89 14.14 -43.43
N ASN A 2233 -9.35 13.49 -42.35
CA ASN A 2233 -10.05 12.22 -42.44
C ASN A 2233 -11.53 12.43 -42.16
N PHE A 2234 -12.37 11.76 -42.94
CA PHE A 2234 -13.81 11.81 -42.70
C PHE A 2234 -14.13 11.22 -41.33
N TYR A 2235 -15.00 11.90 -40.59
CA TYR A 2235 -15.37 11.44 -39.26
C TYR A 2235 -16.12 10.11 -39.34
N ASN A 2236 -15.81 9.21 -38.41
CA ASN A 2236 -16.40 7.89 -38.36
C ASN A 2236 -17.56 7.89 -37.37
N GLU A 2237 -18.61 7.14 -37.70
CA GLU A 2237 -19.76 7.03 -36.80
C GLU A 2237 -19.38 6.35 -35.51
N ILE A 2238 -18.58 5.30 -35.57
CA ILE A 2238 -18.12 4.55 -34.40
C ILE A 2238 -16.61 4.71 -34.30
N ILE A 2239 -16.15 5.09 -33.11
CA ILE A 2239 -14.73 5.31 -32.85
C ILE A 2239 -14.30 4.39 -31.71
N MET A 2240 -13.10 3.85 -31.84
CA MET A 2240 -12.52 2.95 -30.85
C MET A 2240 -11.04 3.28 -30.69
N SER A 2241 -10.47 2.84 -29.57
CA SER A 2241 -9.06 3.07 -29.28
C SER A 2241 -8.18 1.88 -29.63
N ASN A 2242 -8.58 0.67 -29.26
CA ASN A 2242 -7.78 -0.52 -29.50
C ASN A 2242 -8.64 -1.64 -30.07
N VAL A 2243 -8.03 -2.44 -30.95
CA VAL A 2243 -8.66 -3.66 -31.45
C VAL A 2243 -7.66 -4.80 -31.27
N ASN A 2244 -8.12 -5.89 -30.67
CA ASN A 2244 -7.24 -6.99 -30.28
C ASN A 2244 -7.60 -8.24 -31.06
N LEU A 2245 -6.62 -8.81 -31.75
CA LEU A 2245 -6.71 -10.13 -32.35
C LEU A 2245 -5.87 -11.08 -31.51
N VAL A 2246 -6.53 -11.97 -30.79
CA VAL A 2246 -5.86 -12.96 -29.95
C VAL A 2246 -6.00 -14.32 -30.61
N GLU A 2247 -4.88 -15.02 -30.75
CA GLU A 2247 -4.86 -16.37 -31.31
C GLU A 2247 -4.10 -17.26 -30.34
N GLN A 2248 -4.61 -18.48 -30.12
CA GLN A 2248 -4.00 -19.36 -29.13
C GLN A 2248 -4.14 -20.80 -29.59
N PHE A 2249 -3.00 -21.43 -29.87
CA PHE A 2249 -2.90 -22.87 -29.97
C PHE A 2249 -2.49 -23.39 -28.59
N SER A 2250 -3.46 -23.95 -27.85
CA SER A 2250 -3.24 -24.38 -26.48
C SER A 2250 -3.74 -25.82 -26.30
N PRO A 2251 -2.92 -26.81 -26.70
CA PRO A 2251 -1.59 -26.65 -27.30
C PRO A 2251 -1.62 -26.66 -28.81
N LEU A 2252 -0.51 -26.25 -29.44
CA LEU A 2252 -0.38 -26.43 -30.88
C LEU A 2252 -0.36 -27.91 -31.23
N ILE A 2253 0.28 -28.72 -30.39
CA ILE A 2253 0.28 -30.18 -30.56
C ILE A 2253 0.59 -30.81 -29.22
N ARG A 2254 0.03 -32.00 -28.99
CA ARG A 2254 0.31 -32.77 -27.78
C ARG A 2254 0.45 -34.24 -28.16
N MET A 2255 1.68 -34.74 -28.09
CA MET A 2255 1.96 -36.16 -28.31
C MET A 2255 2.17 -36.81 -26.95
N ASP A 2256 1.22 -37.63 -26.54
CA ASP A 2256 1.27 -38.34 -25.26
C ASP A 2256 1.21 -39.83 -25.54
N PHE A 2257 2.31 -40.53 -25.28
CA PHE A 2257 2.37 -41.96 -25.56
C PHE A 2257 3.15 -42.69 -24.47
N GLU A 2258 2.65 -43.84 -24.08
CA GLU A 2258 3.29 -44.68 -23.07
C GLU A 2258 3.73 -45.99 -23.70
N LEU A 2259 4.97 -46.38 -23.42
CA LEU A 2259 5.51 -47.63 -23.92
C LEU A 2259 5.24 -48.76 -22.95
N LYS A 2260 5.40 -49.99 -23.44
CA LYS A 2260 5.23 -51.17 -22.59
C LYS A 2260 6.36 -51.32 -21.57
N SER A 2261 7.45 -50.57 -21.72
CA SER A 2261 8.56 -50.57 -20.78
C SER A 2261 8.38 -49.57 -19.65
N SER A 2262 7.13 -49.18 -19.37
CA SER A 2262 6.76 -48.22 -18.33
C SER A 2262 7.27 -46.81 -18.62
N LEU A 2263 7.71 -46.54 -19.84
CA LEU A 2263 8.19 -45.21 -20.23
C LEU A 2263 7.03 -44.44 -20.85
N ARG A 2264 6.67 -43.31 -20.24
CA ARG A 2264 5.63 -42.43 -20.77
C ARG A 2264 6.25 -41.09 -21.16
N VAL A 2265 5.89 -40.61 -22.34
CA VAL A 2265 6.40 -39.34 -22.86
C VAL A 2265 5.21 -38.46 -23.20
N LEU A 2266 5.20 -37.24 -22.65
CA LEU A 2266 4.15 -36.25 -22.90
C LEU A 2266 4.85 -34.98 -23.40
N SER A 2267 4.75 -34.71 -24.69
CA SER A 2267 5.31 -33.50 -25.28
C SER A 2267 4.18 -32.62 -25.76
N GLU A 2268 4.32 -31.31 -25.56
CA GLU A 2268 3.30 -30.37 -25.97
C GLU A 2268 3.94 -29.07 -26.42
N ILE A 2269 3.52 -28.60 -27.59
CA ILE A 2269 3.92 -27.31 -28.13
C ILE A 2269 2.70 -26.40 -28.10
N LYS A 2270 2.85 -25.24 -27.46
CA LYS A 2270 1.80 -24.24 -27.36
C LYS A 2270 2.29 -22.93 -27.97
N LYS A 2271 1.36 -22.16 -28.53
CA LYS A 2271 1.70 -20.92 -29.21
C LYS A 2271 0.57 -19.92 -29.02
N ASP A 2272 0.91 -18.64 -29.05
CA ASP A 2272 -0.13 -17.62 -28.97
C ASP A 2272 0.39 -16.30 -29.53
N ARG A 2273 -0.55 -15.53 -30.09
CA ARG A 2273 -0.32 -14.18 -30.58
C ARG A 2273 -1.36 -13.26 -29.99
N ALA A 2274 -0.96 -12.02 -29.71
CA ALA A 2274 -1.79 -11.05 -29.02
C ALA A 2274 -1.77 -9.70 -29.74
N LEU A 2275 -2.04 -9.72 -31.04
CA LEU A 2275 -1.99 -8.50 -31.83
C LEU A 2275 -2.94 -7.46 -31.26
N SER A 2276 -2.46 -6.22 -31.14
CA SER A 2276 -3.27 -5.12 -30.64
C SER A 2276 -2.97 -3.88 -31.47
N MET A 2277 -3.94 -3.44 -32.25
CA MET A 2277 -3.79 -2.24 -33.06
C MET A 2277 -4.42 -1.07 -32.29
N SER A 2278 -3.63 -0.04 -32.05
CA SER A 2278 -4.08 1.14 -31.33
C SER A 2278 -4.16 2.32 -32.30
N PHE A 2279 -5.34 2.93 -32.38
CA PHE A 2279 -5.59 4.06 -33.27
C PHE A 2279 -5.26 5.40 -32.62
N ASP A 2280 -5.02 5.42 -31.31
CA ASP A 2280 -4.57 6.66 -30.66
C ASP A 2280 -3.18 7.04 -31.13
N ASN A 2281 -2.28 6.06 -31.25
CA ASN A 2281 -0.96 6.28 -31.81
C ASN A 2281 -0.75 5.53 -33.12
N ASN A 2282 -1.75 4.80 -33.60
CA ASN A 2282 -1.65 4.01 -34.84
C ASN A 2282 -0.47 3.06 -34.80
N LEU A 2283 -0.32 2.35 -33.69
CA LEU A 2283 0.79 1.42 -33.50
C LEU A 2283 0.27 0.00 -33.34
N LEU A 2284 1.07 -0.96 -33.80
CA LEU A 2284 0.70 -2.38 -33.69
C LEU A 2284 1.60 -3.04 -32.66
N THR A 2285 1.03 -3.41 -31.52
CA THR A 2285 1.76 -4.13 -30.49
C THR A 2285 1.48 -5.62 -30.66
N GLU A 2286 2.52 -6.37 -31.02
CA GLU A 2286 2.40 -7.80 -31.27
C GLU A 2286 3.15 -8.57 -30.19
N VAL A 2287 2.43 -9.42 -29.47
CA VAL A 2287 3.01 -10.27 -28.44
C VAL A 2287 2.96 -11.71 -28.94
N LYS A 2288 4.13 -12.32 -29.08
CA LYS A 2288 4.26 -13.70 -29.51
C LYS A 2288 4.75 -14.56 -28.37
N GLY A 2289 4.21 -15.76 -28.26
CA GLY A 2289 4.64 -16.69 -27.24
C GLY A 2289 4.68 -18.12 -27.74
N MET A 2290 5.78 -18.82 -27.44
CA MET A 2290 5.96 -20.21 -27.80
C MET A 2290 6.42 -20.96 -26.56
N GLU A 2291 5.93 -22.19 -26.41
CA GLU A 2291 6.26 -22.97 -25.21
C GLU A 2291 6.35 -24.45 -25.59
N TYR A 2292 7.54 -25.02 -25.43
CA TYR A 2292 7.77 -26.45 -25.62
C TYR A 2292 7.90 -27.10 -24.26
N ILE A 2293 7.12 -28.15 -24.01
CA ILE A 2293 7.17 -28.89 -22.76
C ILE A 2293 7.36 -30.36 -23.09
N ILE A 2294 8.30 -31.00 -22.41
CA ILE A 2294 8.59 -32.42 -22.59
C ILE A 2294 8.61 -33.08 -21.22
N GLY A 2295 7.92 -34.21 -21.08
CA GLY A 2295 7.92 -34.92 -19.82
C GLY A 2295 8.12 -36.41 -20.01
N LEU A 2296 9.17 -36.95 -19.38
CA LEU A 2296 9.49 -38.36 -19.45
C LEU A 2296 9.32 -39.00 -18.08
N GLY A 2297 8.70 -40.18 -18.07
CA GLY A 2297 8.55 -40.95 -16.84
C GLY A 2297 8.94 -42.39 -17.05
N TYR A 2298 9.94 -42.85 -16.31
CA TYR A 2298 10.45 -44.21 -16.45
C TYR A 2298 10.51 -44.86 -15.07
N ARG A 2299 10.44 -46.19 -15.07
CA ARG A 2299 10.47 -46.97 -13.82
C ARG A 2299 11.41 -48.15 -14.02
N PHE A 2300 12.65 -48.00 -13.54
CA PHE A 2300 13.59 -49.12 -13.50
C PHE A 2300 13.10 -50.15 -12.50
N LYS A 2301 13.06 -51.41 -12.92
CA LYS A 2301 12.48 -52.49 -12.14
C LYS A 2301 13.56 -53.33 -11.50
N ASP A 2302 13.39 -53.64 -10.22
CA ASP A 2302 14.27 -54.56 -9.48
C ASP A 2302 15.71 -54.05 -9.46
N VAL A 2303 15.89 -52.80 -9.06
CA VAL A 2303 17.22 -52.24 -8.88
C VAL A 2303 17.74 -52.66 -7.51
N ILE A 2304 18.96 -53.21 -7.50
CA ILE A 2304 19.58 -53.72 -6.28
C ILE A 2304 20.64 -52.73 -5.81
N PHE A 2305 20.56 -52.35 -4.54
CA PHE A 2305 21.53 -51.42 -3.96
C PHE A 2305 22.87 -52.08 -3.73
N ILE A 2316 20.89 -56.89 -1.24
CA ILE A 2316 19.97 -57.23 -0.16
C ILE A 2316 18.76 -56.30 -0.20
N ILE A 2317 18.95 -55.12 -0.78
CA ILE A 2317 17.90 -54.11 -0.91
C ILE A 2317 17.51 -54.02 -2.38
N LYS A 2318 16.25 -54.30 -2.69
CA LYS A 2318 15.75 -54.25 -4.05
C LYS A 2318 14.54 -53.33 -4.10
N SER A 2319 14.53 -52.40 -5.06
CA SER A 2319 13.43 -51.48 -5.21
C SER A 2319 13.44 -50.91 -6.63
N ASP A 2320 12.30 -50.36 -7.03
CA ASP A 2320 12.16 -49.73 -8.33
C ASP A 2320 12.53 -48.26 -8.26
N ILE A 2321 13.16 -47.76 -9.32
CA ILE A 2321 13.59 -46.37 -9.39
C ILE A 2321 12.64 -45.63 -10.33
N ASN A 2322 11.90 -44.66 -9.79
CA ASN A 2322 11.01 -43.84 -10.59
C ASN A 2322 11.75 -42.56 -10.97
N ILE A 2323 11.94 -42.34 -12.27
CA ILE A 2323 12.67 -41.18 -12.79
C ILE A 2323 11.69 -40.33 -13.59
N LYS A 2324 11.57 -39.07 -13.20
CA LYS A 2324 10.71 -38.11 -13.88
C LYS A 2324 11.55 -36.93 -14.35
N ALA A 2325 11.46 -36.61 -15.64
CA ALA A 2325 12.20 -35.52 -16.25
C ALA A 2325 11.22 -34.54 -16.89
N ASP A 2326 11.39 -33.26 -16.61
CA ASP A 2326 10.53 -32.21 -17.14
C ASP A 2326 11.41 -31.13 -17.76
N PHE A 2327 11.37 -31.03 -19.08
CA PHE A 2327 12.06 -29.98 -19.81
C PHE A 2327 11.05 -28.96 -20.32
N SER A 2328 11.42 -27.68 -20.25
CA SER A 2328 10.54 -26.61 -20.69
C SER A 2328 11.37 -25.55 -21.41
N LEU A 2329 10.74 -24.90 -22.38
CA LEU A 2329 11.38 -23.82 -23.13
C LEU A 2329 10.29 -22.81 -23.50
N ARG A 2330 10.33 -21.64 -22.88
CA ARG A 2330 9.35 -20.59 -23.09
C ARG A 2330 10.04 -19.39 -23.74
N ASN A 2331 9.54 -18.97 -24.89
CA ASN A 2331 10.00 -17.77 -25.58
C ASN A 2331 8.84 -16.79 -25.70
N ASN A 2332 9.02 -15.60 -25.16
CA ASN A 2332 8.02 -14.54 -25.24
C ASN A 2332 8.67 -13.31 -25.83
N GLU A 2333 7.92 -12.61 -26.70
CA GLU A 2333 8.47 -11.46 -27.41
C GLU A 2333 7.37 -10.43 -27.57
N THR A 2334 7.73 -9.16 -27.45
CA THR A 2334 6.80 -8.05 -27.66
C THR A 2334 7.43 -7.06 -28.63
N LEU A 2335 6.71 -6.74 -29.69
CA LEU A 2335 7.17 -5.81 -30.70
C LEU A 2335 6.16 -4.66 -30.82
N VAL A 2336 6.68 -3.47 -31.07
CA VAL A 2336 5.85 -2.31 -31.38
C VAL A 2336 6.21 -1.87 -32.80
N ARG A 2337 5.23 -1.90 -33.68
CA ARG A 2337 5.44 -1.66 -35.11
C ARG A 2337 4.75 -0.38 -35.53
N TYR A 2338 5.52 0.48 -36.20
CA TYR A 2338 5.00 1.66 -36.88
C TYR A 2338 4.63 1.30 -38.31
N LEU A 2339 3.57 1.91 -38.82
CA LEU A 2339 3.08 1.57 -40.15
C LEU A 2339 3.78 2.34 -41.26
N ASP A 2340 4.11 3.61 -41.02
CA ASP A 2340 4.66 4.45 -42.07
C ASP A 2340 6.14 4.18 -42.36
N TYR A 2341 6.87 3.56 -41.44
CA TYR A 2341 8.28 3.29 -41.65
C TYR A 2341 8.71 2.13 -40.77
N ASP A 2342 9.87 1.56 -41.09
CA ASP A 2342 10.41 0.40 -40.39
C ASP A 2342 11.00 0.86 -39.06
N ASN A 2343 10.20 0.73 -38.00
CA ASN A 2343 10.63 1.07 -36.64
C ASN A 2343 10.19 -0.01 -35.67
N ASN A 2344 10.47 -1.27 -36.03
CA ASN A 2344 10.11 -2.40 -35.19
C ASN A 2344 10.90 -2.34 -33.89
N GLN A 2345 10.22 -2.00 -32.80
CA GLN A 2345 10.84 -1.88 -31.48
C GLN A 2345 10.61 -3.14 -30.68
N LEU A 2346 11.67 -3.70 -30.13
CA LEU A 2346 11.59 -4.88 -29.26
C LEU A 2346 11.33 -4.40 -27.84
N ALA A 2347 10.05 -4.25 -27.50
CA ALA A 2347 9.68 -3.65 -26.21
C ALA A 2347 10.09 -4.54 -25.04
N ALA A 2348 9.85 -5.85 -25.14
CA ALA A 2348 10.15 -6.76 -24.05
C ALA A 2348 10.36 -8.16 -24.61
N GLY A 2349 11.00 -9.01 -23.82
CA GLY A 2349 11.26 -10.37 -24.25
C GLY A 2349 11.66 -11.23 -23.08
N GLN A 2350 11.63 -12.53 -23.34
CA GLN A 2350 11.94 -13.53 -22.31
C GLN A 2350 12.28 -14.84 -23.01
N ASN A 2351 13.30 -15.52 -22.50
CA ASN A 2351 13.72 -16.79 -23.09
C ASN A 2351 14.25 -17.70 -21.99
N ILE A 2352 13.39 -18.56 -21.45
CA ILE A 2352 13.71 -19.35 -20.27
C ILE A 2352 13.61 -20.83 -20.64
N TRP A 2353 14.69 -21.57 -20.46
CA TRP A 2353 14.62 -23.02 -20.54
C TRP A 2353 14.94 -23.62 -19.18
N SER A 2354 14.35 -24.79 -18.92
CA SER A 2354 14.46 -25.42 -17.61
C SER A 2354 14.45 -26.93 -17.79
N LEU A 2355 15.09 -27.61 -16.84
CA LEU A 2355 15.20 -29.07 -16.86
C LEU A 2355 15.20 -29.55 -15.42
N LYS A 2356 14.17 -30.29 -15.03
CA LYS A 2356 14.02 -30.81 -13.67
C LYS A 2356 14.02 -32.32 -13.72
N LEU A 2357 15.04 -32.94 -13.13
CA LEU A 2357 15.15 -34.39 -13.03
C LEU A 2357 14.96 -34.81 -11.58
N THR A 2358 14.14 -35.83 -11.37
CA THR A 2358 13.95 -36.40 -10.04
C THR A 2358 13.99 -37.91 -10.14
N ALA A 2359 14.64 -38.54 -9.16
CA ALA A 2359 14.77 -39.99 -9.12
C ALA A 2359 14.49 -40.47 -7.70
N ASP A 2360 13.49 -41.33 -7.56
CA ASP A 2360 13.08 -41.84 -6.27
C ASP A 2360 13.66 -43.24 -6.05
N TYR A 2361 13.93 -43.56 -4.78
CA TYR A 2361 14.45 -44.87 -4.41
C TYR A 2361 14.00 -45.17 -2.99
N SER A 2362 13.24 -46.24 -2.82
CA SER A 2362 12.70 -46.62 -1.52
C SER A 2362 13.60 -47.70 -0.91
N PHE A 2363 14.46 -47.29 0.04
CA PHE A 2363 15.27 -48.25 0.76
C PHE A 2363 14.44 -49.16 1.65
N SER A 2364 13.28 -48.68 2.11
CA SER A 2364 12.38 -49.45 2.95
C SER A 2364 10.98 -48.86 2.80
N LYS A 2365 10.04 -49.35 3.61
CA LYS A 2365 8.68 -48.83 3.56
C LYS A 2365 8.60 -47.41 4.09
N ASN A 2366 9.51 -47.03 4.98
CA ASN A 2366 9.50 -45.71 5.59
C ASN A 2366 10.57 -44.77 5.05
N LEU A 2367 11.76 -45.29 4.74
CA LEU A 2367 12.89 -44.48 4.32
C LEU A 2367 12.93 -44.41 2.80
N THR A 2368 12.87 -43.20 2.25
CA THR A 2368 12.96 -42.97 0.82
C THR A 2368 13.96 -41.86 0.54
N ALA A 2369 14.61 -41.95 -0.62
CA ALA A 2369 15.58 -40.95 -1.05
C ALA A 2369 15.23 -40.47 -2.44
N ILE A 2370 15.19 -39.14 -2.61
CA ILE A 2370 14.85 -38.53 -3.87
C ILE A 2370 16.02 -37.64 -4.30
N PHE A 2371 16.66 -37.99 -5.41
CA PHE A 2371 17.69 -37.16 -6.00
C PHE A 2371 17.04 -36.16 -6.94
N TYR A 2372 17.30 -34.88 -6.72
CA TYR A 2372 16.69 -33.80 -7.50
C TYR A 2372 17.77 -32.95 -8.15
N TYR A 2373 17.48 -32.48 -9.36
CA TYR A 2373 18.39 -31.61 -10.09
C TYR A 2373 17.56 -30.71 -11.00
N ASP A 2374 17.48 -29.43 -10.63
CA ASP A 2374 16.77 -28.43 -11.42
C ASP A 2374 17.79 -27.46 -12.00
N HIS A 2375 17.71 -27.23 -13.31
CA HIS A 2375 18.63 -26.35 -14.03
C HIS A 2375 17.79 -25.41 -14.89
N SER A 2376 17.79 -24.13 -14.57
CA SER A 2376 16.99 -23.14 -15.27
C SER A 2376 17.90 -22.02 -15.75
N PHE A 2377 17.94 -21.80 -17.05
CA PHE A 2377 18.71 -20.72 -17.65
C PHE A 2377 17.77 -19.78 -18.39
N SER A 2378 17.85 -18.49 -18.05
CA SER A 2378 17.04 -17.45 -18.67
C SER A 2378 17.97 -16.49 -19.38
N LYS A 2379 17.89 -16.46 -20.71
CA LYS A 2379 18.68 -15.53 -21.51
C LYS A 2379 18.05 -14.14 -21.47
N ALA A 2380 18.84 -13.16 -21.87
CA ALA A 2380 18.38 -11.78 -21.95
C ALA A 2380 17.95 -11.48 -23.38
N VAL A 2381 16.75 -10.93 -23.52
CA VAL A 2381 16.28 -10.47 -24.83
C VAL A 2381 16.52 -8.97 -24.98
N ILE A 2382 16.21 -8.19 -23.95
CA ILE A 2382 16.53 -6.78 -23.89
C ILE A 2382 17.53 -6.57 -22.75
N SER A 2383 18.27 -5.47 -22.84
CA SER A 2383 19.38 -5.23 -21.92
C SER A 2383 18.92 -4.93 -20.49
N THR A 2384 17.64 -4.64 -20.27
CA THR A 2384 17.17 -4.36 -18.92
C THR A 2384 17.23 -5.59 -18.01
N SER A 2385 17.25 -6.79 -18.59
CA SER A 2385 17.35 -8.02 -17.84
C SER A 2385 18.68 -8.69 -18.10
N PHE A 2386 19.15 -9.47 -17.12
CA PHE A 2386 20.43 -10.17 -17.25
C PHE A 2386 20.21 -11.67 -17.32
N PRO A 2387 21.07 -12.39 -18.03
CA PRO A 2387 20.97 -13.87 -18.03
C PRO A 2387 21.11 -14.41 -16.62
N LEU A 2388 20.30 -15.41 -16.29
CA LEU A 2388 20.25 -15.97 -14.94
C LEU A 2388 20.29 -17.48 -15.03
N THR A 2389 21.29 -18.08 -14.39
CA THR A 2389 21.43 -19.54 -14.32
C THR A 2389 21.23 -19.96 -12.87
N ASN A 2390 20.24 -20.82 -12.64
CA ASN A 2390 19.97 -21.39 -11.33
C ASN A 2390 20.05 -22.91 -11.42
N ILE A 2391 20.96 -23.49 -10.65
CA ILE A 2391 21.20 -24.94 -10.67
C ILE A 2391 21.09 -25.41 -9.22
N ARG A 2392 19.96 -26.02 -8.88
CA ARG A 2392 19.80 -26.68 -7.59
C ARG A 2392 19.99 -28.17 -7.79
N SER A 2393 20.71 -28.80 -6.86
CA SER A 2393 20.91 -30.24 -6.97
C SER A 2393 21.05 -30.82 -5.58
N GLY A 2394 20.81 -32.12 -5.46
CA GLY A 2394 21.10 -32.80 -4.21
C GLY A 2394 20.12 -33.91 -3.95
N PHE A 2395 19.99 -34.26 -2.67
CA PHE A 2395 19.19 -35.38 -2.22
C PHE A 2395 18.21 -34.94 -1.14
N THR A 2396 17.12 -35.69 -1.02
CA THR A 2396 16.10 -35.46 -0.01
C THR A 2396 15.72 -36.80 0.60
N LEU A 2397 15.97 -36.96 1.90
CA LEU A 2397 15.64 -38.19 2.61
C LEU A 2397 14.36 -37.98 3.41
N ARG A 2398 13.38 -38.85 3.19
CA ARG A 2398 12.10 -38.79 3.88
C ARG A 2398 11.90 -40.05 4.69
N TYR A 2399 11.59 -39.89 5.97
CA TYR A 2399 11.30 -41.01 6.87
C TYR A 2399 9.88 -40.84 7.40
N ASN A 2400 9.06 -41.86 7.20
CA ASN A 2400 7.67 -41.84 7.62
C ASN A 2400 7.47 -42.71 8.85
N PHE A 2401 6.47 -42.36 9.65
CA PHE A 2401 6.17 -43.10 10.87
C PHE A 2401 4.75 -43.66 10.83
N ASP B 22 -19.16 -4.98 -53.54
CA ASP B 22 -19.26 -3.53 -53.67
C ASP B 22 -20.60 -3.12 -54.30
N GLU B 23 -21.25 -2.14 -53.68
CA GLU B 23 -22.54 -1.67 -54.15
C GLU B 23 -22.48 -0.19 -54.51
N VAL B 24 -21.44 0.20 -55.27
CA VAL B 24 -21.29 1.60 -55.65
C VAL B 24 -22.48 2.05 -56.48
N LYS B 25 -22.98 3.25 -56.17
CA LYS B 25 -24.15 3.82 -56.82
C LYS B 25 -23.84 5.21 -57.32
N ASP B 26 -24.19 5.48 -58.57
CA ASP B 26 -23.95 6.78 -59.20
C ASP B 26 -25.23 7.61 -59.17
N TYR B 27 -25.11 8.87 -58.76
CA TYR B 27 -26.24 9.78 -58.68
C TYR B 27 -26.00 11.11 -59.38
N THR B 28 -24.89 11.24 -60.13
CA THR B 28 -24.56 12.53 -60.73
C THR B 28 -25.65 13.00 -61.69
N ALA B 29 -26.07 12.12 -62.60
CA ALA B 29 -27.13 12.48 -63.53
C ALA B 29 -28.45 12.74 -62.81
N GLU B 30 -28.78 11.90 -61.84
CA GLU B 30 -30.02 12.08 -61.08
C GLU B 30 -29.99 13.39 -60.29
N ASN B 31 -28.87 13.69 -59.63
CA ASN B 31 -28.77 14.94 -58.90
C ASN B 31 -28.85 16.14 -59.83
N GLU B 32 -28.19 16.07 -60.99
CA GLU B 32 -28.23 17.18 -61.91
C GLU B 32 -29.63 17.43 -62.45
N LYS B 33 -30.35 16.35 -62.81
CA LYS B 33 -31.70 16.53 -63.32
C LYS B 33 -32.65 17.00 -62.23
N GLU B 34 -32.45 16.54 -60.98
CA GLU B 34 -33.27 17.04 -59.88
C GLU B 34 -33.04 18.53 -59.64
N ILE B 35 -31.77 18.96 -59.71
CA ILE B 35 -31.47 20.38 -59.57
C ILE B 35 -32.11 21.18 -60.69
N VAL B 36 -32.05 20.66 -61.92
CA VAL B 36 -32.65 21.35 -63.05
C VAL B 36 -34.16 21.47 -62.86
N ASP B 37 -34.80 20.40 -62.40
CA ASP B 37 -36.24 20.45 -62.15
C ASP B 37 -36.58 21.46 -61.06
N TYR B 38 -35.78 21.48 -59.99
CA TYR B 38 -36.03 22.42 -58.90
C TYR B 38 -35.88 23.86 -59.37
N LEU B 39 -34.84 24.14 -60.17
CA LEU B 39 -34.66 25.48 -60.70
C LEU B 39 -35.70 25.84 -61.75
N ALA B 40 -36.33 24.83 -62.37
CA ALA B 40 -37.43 25.11 -63.28
C ALA B 40 -38.71 25.44 -62.52
N GLN B 41 -38.98 24.75 -61.41
CA GLN B 41 -40.19 24.99 -60.64
C GLN B 41 -40.14 26.36 -59.98
N ASN B 42 -39.04 26.68 -59.31
CA ASN B 42 -38.85 27.97 -58.65
C ASN B 42 -37.98 28.85 -59.53
N ASN B 43 -38.46 30.06 -59.83
CA ASN B 43 -37.78 30.93 -60.79
C ASN B 43 -36.47 31.45 -60.22
N LEU B 44 -35.37 30.75 -60.50
CA LEU B 44 -34.04 31.12 -60.05
C LEU B 44 -33.03 30.75 -61.13
N THR B 45 -32.02 31.60 -61.30
CA THR B 45 -30.94 31.37 -62.24
C THR B 45 -29.66 31.07 -61.46
N ALA B 46 -29.08 29.90 -61.71
CA ALA B 46 -27.89 29.45 -61.00
C ALA B 46 -26.79 29.10 -62.00
N GLN B 47 -25.61 29.66 -61.78
CA GLN B 47 -24.45 29.30 -62.60
C GLN B 47 -23.96 27.91 -62.20
N ARG B 48 -23.45 27.18 -63.19
CA ARG B 48 -22.98 25.81 -62.99
C ARG B 48 -21.46 25.77 -63.12
N THR B 49 -20.80 25.21 -62.12
CA THR B 49 -19.36 25.04 -62.15
C THR B 49 -18.98 23.78 -62.93
N ASN B 50 -17.68 23.60 -63.14
CA ASN B 50 -17.20 22.40 -63.84
C ASN B 50 -17.41 21.13 -63.02
N SER B 51 -17.58 21.26 -61.70
CA SER B 51 -17.80 20.11 -60.84
C SER B 51 -19.26 19.76 -60.66
N GLY B 52 -20.17 20.56 -61.21
CA GLY B 52 -21.59 20.31 -61.08
C GLY B 52 -22.29 21.07 -59.97
N LEU B 53 -21.63 22.05 -59.36
CA LEU B 53 -22.21 22.81 -58.27
C LEU B 53 -22.95 24.03 -58.82
N TYR B 54 -24.18 24.23 -58.36
CA TYR B 54 -24.99 25.38 -58.73
C TYR B 54 -25.04 26.36 -57.58
N TYR B 55 -24.69 27.61 -57.85
CA TYR B 55 -24.61 28.64 -56.82
C TYR B 55 -25.30 29.92 -57.29
N ILE B 56 -25.98 30.58 -56.36
CA ILE B 56 -26.60 31.88 -56.62
C ILE B 56 -26.08 32.86 -55.58
N ILE B 57 -25.41 33.92 -56.03
CA ILE B 57 -24.85 34.93 -55.14
C ILE B 57 -25.82 36.10 -55.14
N THR B 58 -26.59 36.25 -54.04
CA THR B 58 -27.58 37.31 -54.00
C THR B 58 -26.96 38.68 -53.77
N LYS B 59 -25.87 38.75 -53.00
CA LYS B 59 -25.21 40.01 -52.72
C LYS B 59 -23.76 39.73 -52.36
N GLU B 60 -22.94 40.79 -52.41
CA GLU B 60 -21.53 40.67 -52.09
C GLU B 60 -21.14 41.68 -51.02
N GLY B 61 -19.84 41.78 -50.73
CA GLY B 61 -19.36 42.71 -49.73
C GLY B 61 -18.05 43.37 -50.11
N SER B 62 -17.12 43.44 -49.16
CA SER B 62 -15.83 44.05 -49.40
C SER B 62 -14.71 43.27 -48.70
N HIS B 90 -11.58 37.63 -50.56
CA HIS B 90 -12.18 36.31 -50.69
C HIS B 90 -11.47 35.29 -49.80
N PRO B 91 -12.23 34.46 -49.10
CA PRO B 91 -11.62 33.42 -48.26
C PRO B 91 -10.88 32.41 -49.10
N THR B 92 -9.80 31.87 -48.54
CA THR B 92 -8.95 30.89 -49.21
C THR B 92 -9.15 29.51 -48.59
N LEU B 93 -8.34 28.56 -49.06
CA LEU B 93 -8.42 27.19 -48.53
C LEU B 93 -8.05 27.15 -47.05
N ASN B 94 -7.18 28.05 -46.60
CA ASN B 94 -6.78 28.14 -45.21
C ASN B 94 -7.28 29.48 -44.67
N SER B 95 -8.53 29.50 -44.21
CA SER B 95 -9.15 30.71 -43.67
C SER B 95 -10.30 30.32 -42.77
N ASN B 96 -10.49 31.09 -41.70
CA ASN B 96 -11.56 30.86 -40.74
C ASN B 96 -12.73 31.76 -41.09
N ILE B 97 -13.90 31.15 -41.30
CA ILE B 97 -15.09 31.87 -41.73
C ILE B 97 -16.17 31.72 -40.68
N THR B 98 -17.08 32.69 -40.64
CA THR B 98 -18.25 32.67 -39.77
C THR B 98 -19.49 32.65 -40.63
N VAL B 99 -20.38 31.68 -40.38
CA VAL B 99 -21.53 31.44 -41.25
C VAL B 99 -22.81 31.40 -40.43
N ILE B 100 -23.91 31.77 -41.08
CA ILE B 100 -25.25 31.73 -40.50
C ILE B 100 -26.10 30.84 -41.39
N TYR B 101 -25.48 29.80 -41.95
CA TYR B 101 -26.08 28.97 -42.98
C TYR B 101 -27.35 28.27 -42.49
N LYS B 102 -28.03 27.63 -43.44
CA LYS B 102 -29.19 26.79 -43.16
C LYS B 102 -29.33 25.80 -44.31
N GLY B 103 -29.27 24.50 -44.00
CA GLY B 103 -29.31 23.49 -45.03
C GLY B 103 -30.53 22.60 -44.98
N TYR B 104 -31.22 22.48 -46.11
CA TYR B 104 -32.43 21.69 -46.22
C TYR B 104 -32.35 20.83 -47.47
N PHE B 105 -33.40 20.05 -47.71
CA PHE B 105 -33.48 19.19 -48.88
C PHE B 105 -34.27 19.90 -49.99
N THR B 106 -34.55 19.17 -51.07
CA THR B 106 -35.33 19.75 -52.16
C THR B 106 -36.80 19.95 -51.79
N ASN B 107 -37.28 19.27 -50.76
CA ASN B 107 -38.66 19.39 -50.32
C ASN B 107 -38.85 20.46 -49.25
N GLY B 108 -37.80 21.18 -48.89
CA GLY B 108 -37.89 22.22 -47.88
C GLY B 108 -37.67 21.77 -46.46
N LYS B 109 -37.47 20.47 -46.22
CA LYS B 109 -37.25 19.96 -44.87
C LYS B 109 -35.83 20.28 -44.44
N VAL B 110 -35.69 21.09 -43.40
CA VAL B 110 -34.37 21.54 -42.94
C VAL B 110 -33.71 20.41 -42.17
N PHE B 111 -32.50 20.05 -42.58
CA PHE B 111 -31.71 19.06 -41.85
C PHE B 111 -30.63 19.68 -40.99
N ASP B 112 -30.25 20.93 -41.24
CA ASP B 112 -29.30 21.61 -40.37
C ASP B 112 -29.64 23.08 -40.31
N GLU B 113 -29.58 23.64 -39.10
CA GLU B 113 -29.96 25.02 -38.88
C GLU B 113 -28.88 25.72 -38.06
N SER B 114 -28.60 26.96 -38.42
CA SER B 114 -27.63 27.77 -37.68
C SER B 114 -28.09 29.23 -37.78
N THR B 115 -28.85 29.67 -36.79
CA THR B 115 -29.28 31.07 -36.72
C THR B 115 -28.22 31.98 -36.12
N GLU B 116 -27.21 31.41 -35.47
CA GLU B 116 -26.12 32.16 -34.89
C GLU B 116 -24.82 31.79 -35.60
N GLY B 117 -23.91 32.76 -35.69
CA GLY B 117 -22.65 32.57 -36.39
C GLY B 117 -21.82 31.41 -35.87
N VAL B 118 -21.38 30.54 -36.77
CA VAL B 118 -20.55 29.40 -36.43
C VAL B 118 -19.24 29.51 -37.21
N SER B 119 -18.14 29.21 -36.53
CA SER B 119 -16.80 29.35 -37.09
C SER B 119 -16.34 28.02 -37.69
N TYR B 120 -15.85 28.07 -38.92
CA TYR B 120 -15.37 26.89 -39.63
C TYR B 120 -14.03 27.21 -40.28
N SER B 121 -13.22 26.16 -40.47
CA SER B 121 -11.90 26.31 -41.05
C SER B 121 -11.90 26.31 -42.58
N LEU B 122 -13.03 25.98 -43.20
CA LEU B 122 -13.22 26.01 -44.65
C LEU B 122 -12.40 24.93 -45.36
N ARG B 123 -11.59 24.19 -44.61
CA ARG B 123 -10.89 23.03 -45.14
C ARG B 123 -11.45 21.71 -44.62
N THR B 124 -12.28 21.75 -43.59
CA THR B 124 -12.91 20.57 -43.02
C THR B 124 -14.35 20.39 -43.47
N LEU B 125 -14.82 21.22 -44.40
CA LEU B 125 -16.20 21.19 -44.83
C LEU B 125 -16.35 20.31 -46.08
N ILE B 126 -17.57 20.18 -46.57
CA ILE B 126 -17.86 19.40 -47.77
C ILE B 126 -17.33 20.14 -48.98
N PRO B 127 -17.03 19.46 -50.09
CA PRO B 127 -16.49 20.16 -51.26
C PRO B 127 -17.42 21.25 -51.81
N GLY B 128 -18.73 21.10 -51.64
CA GLY B 128 -19.63 22.15 -52.08
C GLY B 128 -19.36 23.48 -51.39
N TRP B 129 -19.16 23.44 -50.08
CA TRP B 129 -18.77 24.65 -49.36
C TRP B 129 -17.41 25.15 -49.81
N LYS B 130 -16.46 24.24 -50.02
CA LYS B 130 -15.12 24.64 -50.46
C LYS B 130 -15.15 25.34 -51.81
N GLU B 131 -16.14 25.02 -52.64
CA GLU B 131 -16.26 25.66 -53.94
C GLU B 131 -17.19 26.87 -53.94
N GLY B 132 -18.06 26.99 -52.94
CA GLY B 132 -19.00 28.10 -52.90
C GLY B 132 -18.57 29.28 -52.05
N ILE B 133 -17.97 29.01 -50.89
CA ILE B 133 -17.58 30.10 -49.98
C ILE B 133 -16.59 31.06 -50.62
N PRO B 134 -15.50 30.62 -51.27
CA PRO B 134 -14.56 31.59 -51.84
C PRO B 134 -15.12 32.41 -52.99
N LEU B 135 -16.38 32.23 -53.36
CA LEU B 135 -16.99 33.01 -54.43
C LEU B 135 -17.57 34.33 -53.96
N LEU B 136 -17.55 34.61 -52.66
CA LEU B 136 -18.12 35.83 -52.12
C LEU B 136 -17.29 36.29 -50.93
N LYS B 137 -17.38 37.58 -50.64
CA LYS B 137 -16.64 38.20 -49.54
C LYS B 137 -17.53 38.28 -48.29
N SER B 138 -17.02 38.97 -47.28
CA SER B 138 -17.76 39.14 -46.04
C SER B 138 -19.00 40.01 -46.26
N GLY B 139 -20.11 39.62 -45.63
CA GLY B 139 -21.36 40.33 -45.75
C GLY B 139 -22.25 39.87 -46.87
N GLY B 140 -21.77 39.01 -47.76
CA GLY B 140 -22.59 38.51 -48.85
C GLY B 140 -23.45 37.33 -48.45
N GLU B 141 -24.37 36.99 -49.34
CA GLU B 141 -25.28 35.86 -49.14
C GLU B 141 -25.26 34.99 -50.38
N ILE B 142 -25.17 33.67 -50.19
CA ILE B 142 -25.09 32.71 -51.28
C ILE B 142 -26.07 31.58 -51.02
N GLN B 143 -26.47 30.92 -52.10
CA GLN B 143 -27.36 29.76 -52.05
C GLN B 143 -26.72 28.66 -52.91
N LEU B 144 -26.39 27.55 -52.27
CA LEU B 144 -25.74 26.43 -52.91
C LEU B 144 -26.72 25.27 -53.12
N PHE B 145 -26.48 24.49 -54.16
CA PHE B 145 -27.33 23.37 -54.55
C PHE B 145 -26.48 22.11 -54.61
N VAL B 146 -25.76 21.84 -53.54
CA VAL B 146 -24.70 20.83 -53.55
C VAL B 146 -25.28 19.46 -53.89
N PRO B 147 -24.74 18.75 -54.88
CA PRO B 147 -25.21 17.39 -55.17
C PRO B 147 -24.71 16.38 -54.16
N ALA B 148 -24.96 15.10 -54.42
CA ALA B 148 -24.54 14.05 -53.49
C ALA B 148 -23.03 13.89 -53.47
N HIS B 149 -22.39 13.87 -54.64
CA HIS B 149 -20.96 13.62 -54.70
C HIS B 149 -20.14 14.75 -54.10
N LEU B 150 -20.67 15.97 -54.10
CA LEU B 150 -20.01 17.10 -53.46
C LEU B 150 -20.49 17.33 -52.03
N GLY B 151 -21.39 16.49 -51.53
CA GLY B 151 -21.92 16.64 -50.19
C GLY B 151 -21.46 15.56 -49.23
N TYR B 152 -22.38 14.67 -48.86
CA TYR B 152 -22.07 13.57 -47.94
C TYR B 152 -21.84 12.25 -48.66
N GLY B 153 -21.72 12.27 -49.99
CA GLY B 153 -21.43 11.07 -50.74
C GLY B 153 -22.66 10.24 -51.03
N SER B 154 -22.42 9.10 -51.70
CA SER B 154 -23.50 8.20 -52.07
C SER B 154 -24.05 7.42 -50.89
N ASN B 155 -23.32 7.35 -49.78
CA ASN B 155 -23.80 6.64 -48.59
C ASN B 155 -24.49 7.56 -47.59
N GLY B 156 -24.07 8.83 -47.52
CA GLY B 156 -24.70 9.76 -46.60
C GLY B 156 -24.42 9.41 -45.15
N ASN B 157 -25.33 9.83 -44.29
CA ASN B 157 -25.23 9.55 -42.86
C ASN B 157 -26.65 9.45 -42.30
N LYS B 158 -26.76 9.54 -40.98
CA LYS B 158 -28.08 9.50 -40.35
C LYS B 158 -28.85 10.78 -40.67
N THR B 159 -30.16 10.63 -40.89
CA THR B 159 -31.10 11.71 -41.17
C THR B 159 -30.84 12.36 -42.53
N VAL B 160 -29.81 11.92 -43.24
CA VAL B 160 -29.52 12.41 -44.59
C VAL B 160 -29.28 11.21 -45.49
N PRO B 161 -30.23 10.86 -46.36
CA PRO B 161 -30.06 9.66 -47.19
C PRO B 161 -29.07 9.92 -48.33
N GLY B 162 -28.46 8.84 -48.80
CA GLY B 162 -27.52 8.94 -49.90
C GLY B 162 -28.19 9.34 -51.19
N GLY B 163 -27.43 10.02 -52.04
CA GLY B 163 -27.96 10.49 -53.32
C GLY B 163 -29.02 11.55 -53.19
N ALA B 164 -28.84 12.51 -52.28
CA ALA B 164 -29.80 13.58 -52.05
C ALA B 164 -29.14 14.93 -52.26
N VAL B 165 -29.84 15.81 -52.97
CA VAL B 165 -29.38 17.17 -53.19
C VAL B 165 -29.61 17.99 -51.93
N LEU B 166 -28.64 18.83 -51.59
CA LEU B 166 -28.72 19.65 -50.38
C LEU B 166 -28.67 21.12 -50.77
N ILE B 167 -29.68 21.88 -50.34
CA ILE B 167 -29.77 23.31 -50.63
C ILE B 167 -29.36 24.06 -49.38
N PHE B 168 -28.31 24.87 -49.49
CA PHE B 168 -27.77 25.63 -48.38
C PHE B 168 -27.96 27.13 -48.63
N GLU B 169 -28.35 27.85 -47.59
CA GLU B 169 -28.41 29.31 -47.61
C GLU B 169 -27.38 29.82 -46.62
N ILE B 170 -26.29 30.38 -47.14
CA ILE B 170 -25.14 30.76 -46.33
C ILE B 170 -25.02 32.28 -46.33
N THR B 171 -24.84 32.85 -45.14
CA THR B 171 -24.61 34.28 -44.97
C THR B 171 -23.23 34.46 -44.36
N LEU B 172 -22.25 34.78 -45.19
CA LEU B 172 -20.87 34.94 -44.74
C LEU B 172 -20.71 36.31 -44.09
N VAL B 173 -20.34 36.33 -42.81
CA VAL B 173 -20.20 37.58 -42.09
C VAL B 173 -18.75 37.91 -41.70
N SER B 174 -17.86 36.92 -41.74
CA SER B 174 -16.46 37.15 -41.36
C SER B 174 -15.57 36.17 -42.09
N VAL B 175 -14.37 36.63 -42.43
CA VAL B 175 -13.37 35.80 -43.10
C VAL B 175 -12.09 35.79 -42.27
N ASN B 176 -12.23 35.93 -40.96
CA ASN B 176 -11.09 35.97 -40.06
C ASN B 176 -10.28 34.67 -40.10
N ASP C 21 24.91 -2.64 32.31
CA ASP C 21 24.56 -3.66 31.33
C ASP C 21 25.78 -4.46 30.91
N ILE C 22 25.86 -4.82 29.64
CA ILE C 22 26.98 -5.57 29.10
C ILE C 22 28.12 -4.60 28.85
N GLU C 23 29.25 -4.82 29.51
CA GLU C 23 30.44 -3.99 29.36
C GLU C 23 31.53 -4.80 28.67
N ARG C 24 31.94 -4.37 27.48
CA ARG C 24 32.99 -4.99 26.69
C ARG C 24 32.71 -6.45 26.40
N PRO C 25 31.73 -6.76 25.56
CA PRO C 25 31.56 -8.16 25.13
C PRO C 25 32.69 -8.58 24.20
N ILE C 26 32.94 -9.88 24.18
CA ILE C 26 34.02 -10.42 23.34
C ILE C 26 33.52 -10.51 21.90
N THR C 27 34.27 -9.89 20.99
CA THR C 27 33.89 -9.85 19.57
C THR C 27 34.61 -10.99 18.85
N THR C 28 33.90 -12.08 18.62
CA THR C 28 34.43 -13.24 17.92
C THR C 28 33.53 -13.58 16.74
N GLY C 29 34.15 -14.02 15.65
CA GLY C 29 33.41 -14.40 14.47
C GLY C 29 32.65 -15.70 14.67
N VAL C 30 31.86 -16.04 13.65
CA VAL C 30 30.96 -17.20 13.60
C VAL C 30 30.37 -17.51 14.98
N PRO C 31 29.58 -16.61 15.55
CA PRO C 31 29.04 -16.86 16.90
C PRO C 31 28.09 -18.04 16.97
N PHE C 32 27.52 -18.47 15.85
CA PHE C 32 26.55 -19.56 15.87
C PHE C 32 27.14 -20.89 16.32
N LEU C 33 28.47 -20.99 16.37
CA LEU C 33 29.11 -22.19 16.93
C LEU C 33 28.87 -22.30 18.43
N LEU C 34 28.55 -21.20 19.10
CA LEU C 34 28.32 -21.22 20.54
C LEU C 34 26.86 -21.39 20.91
N VAL C 35 25.99 -21.57 19.92
CA VAL C 35 24.55 -21.72 20.16
C VAL C 35 24.22 -23.21 20.21
N ALA C 36 23.49 -23.61 21.25
CA ALA C 36 23.06 -25.00 21.36
C ALA C 36 22.19 -25.37 20.17
N ALA C 37 22.49 -26.51 19.56
CA ALA C 37 21.79 -26.96 18.37
C ALA C 37 20.87 -28.15 18.61
N ASP C 38 20.93 -28.77 19.79
CA ASP C 38 20.12 -29.94 20.09
C ASP C 38 19.18 -29.63 21.25
N ALA C 39 18.01 -30.26 21.23
CA ALA C 39 17.00 -30.00 22.25
C ALA C 39 17.40 -30.54 23.61
N ARG C 40 18.07 -31.69 23.65
CA ARG C 40 18.42 -32.30 24.93
C ARG C 40 19.36 -31.39 25.73
N ALA C 41 20.44 -30.93 25.10
CA ALA C 41 21.38 -30.07 25.80
C ALA C 41 20.79 -28.69 26.07
N ALA C 42 19.97 -28.18 25.15
CA ALA C 42 19.33 -26.89 25.37
C ALA C 42 18.33 -26.92 26.52
N GLY C 43 17.72 -28.08 26.79
CA GLY C 43 16.89 -28.23 27.96
C GLY C 43 17.66 -28.39 29.26
N LEU C 44 18.96 -28.61 29.18
CA LEU C 44 19.83 -28.70 30.34
C LEU C 44 20.61 -27.41 30.58
N GLY C 45 20.11 -26.29 30.09
CA GLY C 45 20.83 -25.04 30.18
C GLY C 45 22.09 -24.99 29.33
N ASP C 46 22.04 -25.55 28.13
CA ASP C 46 23.14 -25.53 27.17
C ASP C 46 24.41 -26.14 27.77
N GLN C 47 24.29 -27.40 28.21
CA GLN C 47 25.43 -28.13 28.71
C GLN C 47 25.35 -29.58 28.25
N GLY C 48 26.49 -30.11 27.78
CA GLY C 48 26.56 -31.49 27.38
C GLY C 48 27.93 -32.10 27.62
N VAL C 49 28.81 -31.38 28.30
CA VAL C 49 30.19 -31.83 28.45
C VAL C 49 30.32 -32.89 29.54
N ALA C 50 29.34 -33.01 30.43
CA ALA C 50 29.42 -33.98 31.52
C ALA C 50 28.16 -34.83 31.65
N THR C 51 27.22 -34.70 30.72
CA THR C 51 25.98 -35.47 30.77
C THR C 51 26.23 -36.88 30.22
N SER C 52 25.17 -37.68 30.18
CA SER C 52 25.28 -39.03 29.65
C SER C 52 25.56 -39.01 28.16
N SER C 53 26.18 -40.08 27.68
CA SER C 53 26.54 -40.17 26.27
C SER C 53 25.28 -40.21 25.40
N ASP C 54 25.33 -39.48 24.30
CA ASP C 54 24.20 -39.42 23.37
C ASP C 54 24.74 -39.09 21.98
N VAL C 55 23.86 -39.19 20.98
CA VAL C 55 24.25 -38.89 19.61
C VAL C 55 24.60 -37.42 19.44
N PHE C 56 23.91 -36.52 20.14
CA PHE C 56 24.15 -35.09 20.02
C PHE C 56 25.45 -34.64 20.66
N SER C 57 26.23 -35.56 21.24
CA SER C 57 27.42 -35.19 22.00
C SER C 57 28.61 -34.94 21.10
N GLN C 58 28.45 -34.09 20.09
CA GLN C 58 29.53 -33.67 19.23
C GLN C 58 29.88 -32.19 19.40
N GLN C 59 28.87 -31.33 19.56
CA GLN C 59 29.11 -29.92 19.81
C GLN C 59 29.67 -29.70 21.22
N TRP C 60 29.36 -30.60 22.16
CA TRP C 60 29.73 -30.42 23.55
C TRP C 60 30.95 -31.24 23.95
N ASN C 61 30.89 -32.56 23.77
CA ASN C 61 31.99 -33.42 24.20
C ASN C 61 32.00 -34.71 23.39
N PRO C 62 32.76 -34.77 22.29
CA PRO C 62 32.83 -36.02 21.52
C PRO C 62 33.52 -37.17 22.25
N ALA C 63 34.25 -36.89 23.32
CA ALA C 63 35.05 -37.92 23.97
C ALA C 63 34.20 -39.03 24.58
N LYS C 64 32.92 -38.79 24.83
CA LYS C 64 32.03 -39.82 25.35
C LYS C 64 31.30 -40.59 24.26
N TYR C 65 31.60 -40.31 22.99
CA TYR C 65 31.06 -41.12 21.91
C TYR C 65 31.50 -42.58 22.03
N ALA C 66 32.68 -42.82 22.60
CA ALA C 66 33.14 -44.18 22.85
C ALA C 66 32.34 -44.85 23.95
N PHE C 67 31.65 -44.09 24.78
CA PHE C 67 30.83 -44.62 25.87
C PHE C 67 29.38 -44.85 25.46
N ALA C 68 29.05 -44.63 24.20
CA ALA C 68 27.68 -44.81 23.74
C ALA C 68 27.27 -46.28 23.83
N GLU C 69 25.99 -46.50 24.15
CA GLU C 69 25.47 -47.84 24.33
C GLU C 69 25.16 -48.56 23.02
N ASP C 70 24.93 -47.82 21.94
CA ASP C 70 24.56 -48.42 20.67
C ASP C 70 25.71 -48.34 19.67
N ALA C 71 25.64 -49.21 18.66
CA ALA C 71 26.69 -49.26 17.65
C ALA C 71 26.76 -47.96 16.85
N GLN C 72 25.61 -47.46 16.39
CA GLN C 72 25.62 -46.24 15.60
C GLN C 72 24.30 -45.50 15.79
N GLY C 73 24.33 -44.21 15.46
CA GLY C 73 23.15 -43.38 15.62
C GLY C 73 23.21 -42.17 14.71
N LEU C 74 22.03 -41.68 14.34
CA LEU C 74 21.88 -40.48 13.54
C LEU C 74 20.86 -39.59 14.22
N SER C 75 20.96 -38.28 13.99
CA SER C 75 20.08 -37.34 14.67
C SER C 75 19.91 -36.08 13.85
N ILE C 76 18.68 -35.58 13.80
CA ILE C 76 18.35 -34.32 13.16
C ILE C 76 17.71 -33.41 14.20
N SER C 77 18.25 -32.20 14.33
CA SER C 77 17.80 -31.26 15.34
C SER C 77 17.44 -29.93 14.68
N TYR C 78 16.40 -29.29 15.20
CA TYR C 78 15.84 -28.08 14.62
C TYR C 78 15.68 -27.03 15.72
N THR C 79 16.13 -25.80 15.44
CA THR C 79 15.96 -24.68 16.35
C THR C 79 15.46 -23.48 15.56
N PRO C 80 14.16 -23.19 15.60
CA PRO C 80 13.65 -22.05 14.83
C PRO C 80 14.04 -20.72 15.45
N TYR C 81 14.26 -19.74 14.57
CA TYR C 81 14.54 -18.36 14.95
C TYR C 81 13.42 -17.46 14.48
N LEU C 82 12.95 -16.58 15.36
CA LEU C 82 11.86 -15.66 15.07
C LEU C 82 10.62 -16.43 14.61
N THR C 83 10.12 -17.28 15.52
CA THR C 83 8.98 -18.13 15.19
C THR C 83 7.74 -17.31 14.88
N ASP C 84 7.50 -16.24 15.64
CA ASP C 84 6.32 -15.42 15.43
C ASP C 84 6.38 -14.65 14.11
N LEU C 85 7.59 -14.26 13.68
CA LEU C 85 7.71 -13.43 12.48
C LEU C 85 7.58 -14.26 11.21
N ALA C 86 8.49 -15.21 11.00
CA ALA C 86 8.46 -16.01 9.78
C ALA C 86 9.20 -17.32 10.01
N ASN C 87 8.93 -18.29 9.14
CA ASN C 87 9.60 -19.58 9.17
C ASN C 87 10.83 -19.57 8.28
N ASP C 88 11.46 -20.73 8.14
CA ASP C 88 12.65 -20.99 7.34
C ASP C 88 13.91 -20.31 7.87
N ILE C 89 13.80 -19.52 8.93
CA ILE C 89 14.97 -18.96 9.60
C ILE C 89 15.25 -19.84 10.81
N SER C 90 16.23 -20.73 10.69
CA SER C 90 16.44 -21.72 11.74
C SER C 90 17.85 -22.26 11.67
N LEU C 91 18.25 -22.92 12.76
CA LEU C 91 19.52 -23.63 12.87
C LEU C 91 19.21 -25.12 12.93
N GLY C 92 19.68 -25.86 11.93
CA GLY C 92 19.52 -27.30 11.92
C GLY C 92 20.84 -28.01 12.16
N GLN C 93 20.77 -29.24 12.63
CA GLN C 93 21.97 -30.02 12.89
C GLN C 93 21.74 -31.47 12.49
N VAL C 94 22.70 -32.06 11.78
CA VAL C 94 22.66 -33.47 11.42
C VAL C 94 23.91 -34.12 11.99
N THR C 95 23.74 -35.07 12.88
CA THR C 95 24.85 -35.75 13.52
C THR C 95 24.77 -37.25 13.25
N TYR C 96 25.93 -37.89 13.09
CA TYR C 96 25.99 -39.33 12.86
C TYR C 96 27.24 -39.86 13.53
N TYR C 97 27.06 -40.75 14.51
CA TYR C 97 28.17 -41.38 15.20
C TYR C 97 28.12 -42.89 14.97
N ASN C 98 29.30 -43.50 14.98
CA ASN C 98 29.41 -44.95 14.78
C ASN C 98 30.69 -45.41 15.47
N LYS C 99 30.56 -46.34 16.40
CA LYS C 99 31.71 -46.92 17.09
C LYS C 99 32.02 -48.28 16.46
N ILE C 100 33.20 -48.39 15.85
CA ILE C 100 33.60 -49.65 15.24
C ILE C 100 33.92 -50.69 16.30
N ASN C 101 34.67 -50.30 17.33
CA ASN C 101 35.02 -51.16 18.44
C ASN C 101 34.42 -50.60 19.73
N ASP C 102 34.73 -51.25 20.85
CA ASP C 102 34.32 -50.76 22.16
C ASP C 102 35.23 -49.65 22.68
N ARG C 103 36.32 -49.34 21.97
CA ARG C 103 37.29 -48.35 22.42
C ARG C 103 37.40 -47.14 21.51
N SER C 104 36.86 -47.19 20.29
CA SER C 104 36.99 -46.11 19.33
C SER C 104 35.65 -45.83 18.67
N ALA C 105 35.50 -44.58 18.21
CA ALA C 105 34.27 -44.16 17.56
C ALA C 105 34.56 -42.99 16.62
N PHE C 106 33.95 -43.03 15.43
CA PHE C 106 34.01 -41.95 14.47
C PHE C 106 32.66 -41.26 14.41
N ALA C 107 32.67 -39.93 14.49
CA ALA C 107 31.44 -39.16 14.45
C ALA C 107 31.59 -38.01 13.47
N GLY C 108 30.46 -37.54 12.96
CA GLY C 108 30.44 -36.42 12.04
C GLY C 108 29.16 -35.63 12.15
N SER C 109 29.28 -34.32 12.31
CA SER C 109 28.12 -33.45 12.44
C SER C 109 28.20 -32.30 11.45
N PHE C 110 27.03 -31.74 11.17
CA PHE C 110 26.88 -30.64 10.22
C PHE C 110 25.80 -29.72 10.76
N ARG C 111 26.19 -28.52 11.18
CA ARG C 111 25.26 -27.49 11.63
C ARG C 111 25.08 -26.46 10.53
N TYR C 112 23.84 -25.98 10.39
CA TYR C 112 23.49 -25.09 9.28
C TYR C 112 22.46 -24.08 9.79
N PHE C 113 22.87 -22.82 9.92
CA PHE C 113 21.96 -21.74 10.25
C PHE C 113 21.62 -20.99 8.97
N GLY C 114 20.34 -20.90 8.66
CA GLY C 114 19.91 -20.30 7.41
C GLY C 114 18.63 -19.51 7.56
N PHE C 115 18.50 -18.48 6.73
CA PHE C 115 17.28 -17.69 6.67
C PHE C 115 16.28 -18.23 5.65
N GLY C 116 16.62 -19.31 4.96
CA GLY C 116 15.75 -19.86 3.93
C GLY C 116 15.93 -19.16 2.60
N GLY C 117 15.22 -19.68 1.60
CA GLY C 117 15.27 -19.10 0.27
C GLY C 117 14.63 -17.73 0.26
N ILE C 118 15.38 -16.73 -0.21
CA ILE C 118 14.89 -15.35 -0.29
C ILE C 118 14.98 -14.91 -1.75
N GLU C 119 13.87 -14.40 -2.29
CA GLU C 119 13.83 -13.95 -3.67
C GLU C 119 14.29 -12.51 -3.77
N LEU C 120 15.00 -12.19 -4.85
CA LEU C 120 15.44 -10.82 -5.12
C LEU C 120 14.65 -10.29 -6.31
N ARG C 121 13.83 -9.28 -6.07
CA ARG C 121 13.02 -8.64 -7.09
C ARG C 121 13.27 -7.14 -7.09
N GLN C 122 13.37 -6.57 -8.30
CA GLN C 122 13.52 -5.14 -8.46
C GLN C 122 12.55 -4.64 -9.51
N THR C 123 11.71 -5.54 -10.02
CA THR C 123 10.70 -5.22 -11.02
C THR C 123 9.38 -5.84 -10.60
N GLY C 124 8.29 -5.18 -10.97
CA GLY C 124 6.94 -5.64 -10.62
C GLY C 124 6.31 -6.51 -11.70
N ASP C 125 7.04 -6.83 -12.76
CA ASP C 125 6.50 -7.66 -13.83
C ASP C 125 6.27 -9.08 -13.33
N PRO C 126 5.06 -9.63 -13.50
CA PRO C 126 4.85 -11.04 -13.10
C PRO C 126 5.77 -12.01 -13.82
N ASN C 127 6.06 -11.77 -15.09
CA ASN C 127 6.97 -12.61 -15.86
C ASN C 127 8.36 -11.99 -15.77
N GLU C 128 9.09 -12.35 -14.72
CA GLU C 128 10.43 -11.83 -14.49
C GLU C 128 11.25 -12.83 -13.70
N PRO C 129 12.33 -13.39 -14.27
CA PRO C 129 13.16 -14.34 -13.53
C PRO C 129 13.73 -13.75 -12.25
N THR C 130 13.44 -14.39 -11.12
CA THR C 130 13.86 -13.89 -9.82
C THR C 130 15.03 -14.74 -9.30
N ARG C 131 16.07 -14.06 -8.84
CA ARG C 131 17.24 -14.73 -8.29
C ARG C 131 17.01 -15.08 -6.83
N GLU C 132 17.18 -16.35 -6.49
CA GLU C 132 16.95 -16.84 -5.14
C GLU C 132 18.29 -17.02 -4.43
N VAL C 133 18.45 -16.37 -3.29
CA VAL C 133 19.66 -16.44 -2.50
C VAL C 133 19.31 -16.85 -1.08
N ASN C 134 20.18 -17.64 -0.46
CA ASN C 134 19.99 -18.14 0.89
C ASN C 134 21.24 -17.83 1.71
N PRO C 135 21.31 -16.63 2.30
CA PRO C 135 22.43 -16.32 3.20
C PRO C 135 22.51 -17.32 4.35
N ASN C 136 23.60 -18.07 4.42
CA ASN C 136 23.66 -19.21 5.33
C ASN C 136 24.99 -19.22 6.08
N GLU C 137 25.11 -20.18 7.00
CA GLU C 137 26.33 -20.31 7.78
C GLU C 137 26.39 -21.74 8.30
N PHE C 138 27.33 -22.53 7.81
CA PHE C 138 27.38 -23.94 8.20
C PHE C 138 28.76 -24.30 8.72
N ALA C 139 28.79 -25.39 9.48
CA ALA C 139 30.01 -25.93 10.06
C ALA C 139 29.92 -27.45 10.00
N LEU C 140 30.86 -28.07 9.29
CA LEU C 140 30.93 -29.52 9.16
C LEU C 140 32.17 -30.00 9.91
N ASP C 141 31.98 -30.88 10.88
CA ASP C 141 33.09 -31.36 11.69
C ASP C 141 33.07 -32.87 11.77
N GLY C 142 34.27 -33.43 11.87
CA GLY C 142 34.42 -34.86 12.08
C GLY C 142 35.37 -35.12 13.23
N SER C 143 34.99 -36.05 14.09
CA SER C 143 35.70 -36.32 15.33
C SER C 143 36.01 -37.81 15.46
N TYR C 144 37.17 -38.09 16.03
CA TYR C 144 37.56 -39.45 16.41
C TYR C 144 37.76 -39.49 17.91
N SER C 145 37.08 -40.42 18.57
CA SER C 145 37.18 -40.59 20.02
C SER C 145 37.76 -41.95 20.32
N LEU C 146 38.81 -41.97 21.13
CA LEU C 146 39.49 -43.20 21.54
C LEU C 146 39.42 -43.34 23.05
N LYS C 147 38.99 -44.51 23.51
CA LYS C 147 38.89 -44.80 24.93
C LYS C 147 40.25 -45.30 25.42
N LEU C 148 41.02 -44.41 26.05
CA LEU C 148 42.37 -44.76 26.48
C LEU C 148 42.34 -45.78 27.61
N SER C 149 41.74 -45.39 28.74
CA SER C 149 41.60 -46.29 29.88
C SER C 149 40.21 -46.92 29.85
N GLU C 150 39.88 -47.67 30.90
CA GLU C 150 38.56 -48.27 31.01
C GLU C 150 37.48 -47.25 31.35
N THR C 151 37.85 -46.13 31.98
CA THR C 151 36.89 -45.12 32.39
C THR C 151 37.19 -43.74 31.80
N PHE C 152 38.25 -43.58 31.02
CA PHE C 152 38.63 -42.29 30.47
C PHE C 152 38.82 -42.41 28.96
N SER C 153 38.46 -41.35 28.24
CA SER C 153 38.57 -41.33 26.80
C SER C 153 38.93 -39.92 26.34
N MET C 154 39.58 -39.84 25.18
CA MET C 154 39.94 -38.59 24.55
C MET C 154 39.30 -38.52 23.17
N ALA C 155 39.30 -37.33 22.58
CA ALA C 155 38.71 -37.16 21.26
C ALA C 155 39.33 -35.95 20.59
N VAL C 156 39.57 -36.07 19.28
CA VAL C 156 40.09 -35.00 18.45
C VAL C 156 39.11 -34.77 17.31
N ALA C 157 38.72 -33.51 17.10
CA ALA C 157 37.75 -33.14 16.09
C ALA C 157 38.31 -32.04 15.20
N ALA C 158 38.02 -32.13 13.91
CA ALA C 158 38.39 -31.11 12.93
C ALA C 158 37.11 -30.55 12.31
N ARG C 159 36.98 -29.23 12.30
CA ARG C 159 35.78 -28.56 11.85
C ARG C 159 36.12 -27.56 10.75
N TYR C 160 35.29 -27.51 9.71
CA TYR C 160 35.37 -26.50 8.68
C TYR C 160 34.10 -25.65 8.75
N ILE C 161 34.28 -24.33 8.89
CA ILE C 161 33.18 -23.40 9.07
C ILE C 161 33.17 -22.44 7.88
N ARG C 162 32.02 -22.36 7.21
CA ARG C 162 31.82 -21.42 6.10
C ARG C 162 30.65 -20.50 6.42
N SER C 163 30.80 -19.22 6.08
CA SER C 163 29.77 -18.22 6.30
C SER C 163 29.50 -17.49 4.99
N ASN C 164 28.25 -17.50 4.55
CA ASN C 164 27.76 -16.81 3.36
C ASN C 164 26.48 -16.06 3.70
N LEU C 165 26.53 -15.27 4.76
CA LEU C 165 25.37 -14.57 5.28
C LEU C 165 25.09 -13.24 4.58
N LYS C 166 25.90 -12.86 3.60
CA LYS C 166 25.72 -11.61 2.89
C LYS C 166 25.27 -11.86 1.45
N VAL C 167 24.56 -10.89 0.90
CA VAL C 167 24.00 -10.98 -0.45
C VAL C 167 24.81 -10.09 -1.38
N ALA C 168 25.15 -10.63 -2.55
CA ALA C 168 25.97 -9.91 -3.51
C ALA C 168 25.19 -8.75 -4.13
N THR C 169 25.69 -7.54 -3.93
CA THR C 169 25.13 -6.35 -4.56
C THR C 169 26.24 -5.60 -5.30
N GLU C 170 25.94 -4.40 -5.77
CA GLU C 170 27.00 -3.54 -6.29
C GLU C 170 27.96 -3.17 -5.16
N GLU C 171 29.25 -3.10 -5.51
CA GLU C 171 30.35 -2.75 -4.60
C GLU C 171 30.35 -3.59 -3.33
N ILE C 172 29.63 -4.72 -3.31
CA ILE C 172 29.59 -5.62 -2.17
C ILE C 172 29.84 -7.03 -2.67
N ASP C 173 30.83 -7.70 -2.08
CA ASP C 173 31.17 -9.07 -2.46
C ASP C 173 30.60 -10.04 -1.44
N ALA C 174 29.87 -11.04 -1.92
CA ALA C 174 29.25 -12.05 -1.07
C ALA C 174 30.06 -13.34 -1.05
N SER C 175 31.37 -13.24 -1.29
CA SER C 175 32.23 -14.42 -1.24
C SER C 175 32.21 -15.04 0.15
N ALA C 176 32.03 -16.36 0.20
CA ALA C 176 31.93 -17.04 1.49
C ALA C 176 33.28 -17.03 2.20
N ALA C 177 33.22 -16.90 3.53
CA ALA C 177 34.41 -16.89 4.37
C ALA C 177 34.55 -18.24 5.05
N GLY C 178 35.71 -18.87 4.88
CA GLY C 178 35.93 -20.20 5.44
C GLY C 178 37.08 -20.25 6.41
N SER C 179 37.02 -21.20 7.35
CA SER C 179 38.06 -21.35 8.36
C SER C 179 38.03 -22.78 8.88
N PHE C 180 39.11 -23.15 9.56
CA PHE C 180 39.27 -24.47 10.15
C PHE C 180 39.53 -24.35 11.65
N ALA C 181 39.05 -25.35 12.39
CA ALA C 181 39.19 -25.35 13.85
C ALA C 181 39.47 -26.78 14.32
N VAL C 182 40.14 -26.87 15.47
CA VAL C 182 40.49 -28.15 16.08
C VAL C 182 39.95 -28.18 17.50
N ASP C 183 39.29 -29.28 17.86
CA ASP C 183 38.68 -29.45 19.17
C ASP C 183 39.33 -30.65 19.86
N VAL C 184 39.73 -30.46 21.11
CA VAL C 184 40.32 -31.53 21.93
C VAL C 184 39.42 -31.73 23.13
N ALA C 185 38.93 -32.96 23.31
CA ALA C 185 37.98 -33.24 24.37
C ALA C 185 38.43 -34.46 25.17
N GLY C 186 38.04 -34.48 26.43
CA GLY C 186 38.28 -35.62 27.31
C GLY C 186 37.11 -35.89 28.21
N PHE C 187 36.78 -37.17 28.41
CA PHE C 187 35.60 -37.56 29.18
C PHE C 187 35.95 -38.72 30.10
N TYR C 188 35.59 -38.61 31.37
CA TYR C 188 35.82 -39.64 32.37
C TYR C 188 34.48 -40.06 32.96
N GLN C 189 34.25 -41.37 33.03
CA GLN C 189 33.02 -41.92 33.58
C GLN C 189 33.36 -43.10 34.47
N SER C 190 33.26 -42.91 35.78
CA SER C 190 33.58 -43.97 36.72
C SER C 190 32.49 -45.04 36.71
N GLU C 191 32.83 -46.19 37.29
CA GLU C 191 31.88 -47.28 37.39
C GLU C 191 30.78 -46.96 38.40
N GLU C 192 29.73 -47.78 38.40
CA GLU C 192 28.61 -47.60 39.32
C GLU C 192 29.07 -47.91 40.74
N ILE C 193 29.10 -46.88 41.59
CA ILE C 193 29.57 -47.00 42.96
C ILE C 193 28.36 -46.93 43.88
N ALA C 194 28.22 -47.94 44.75
CA ALA C 194 27.08 -48.00 45.66
C ALA C 194 27.31 -47.14 46.89
N TYR C 195 26.25 -46.51 47.37
CA TYR C 195 26.30 -45.69 48.58
C TYR C 195 25.24 -46.14 49.57
N SER C 196 25.01 -45.34 50.62
CA SER C 196 24.08 -45.74 51.67
C SER C 196 22.67 -45.88 51.14
N ASP C 197 22.22 -44.94 50.31
CA ASP C 197 20.84 -44.94 49.84
C ASP C 197 20.70 -45.16 48.33
N PHE C 198 21.79 -45.10 47.58
CA PHE C 198 21.71 -45.21 46.13
C PHE C 198 23.07 -45.65 45.59
N ASN C 199 23.06 -46.09 44.33
CA ASN C 199 24.29 -46.48 43.62
C ASN C 199 24.47 -45.50 42.47
N GLY C 200 25.12 -44.38 42.75
CA GLY C 200 25.31 -43.32 41.77
C GLY C 200 26.49 -43.57 40.86
N ARG C 201 26.70 -42.60 39.97
CA ARG C 201 27.79 -42.66 39.00
C ARG C 201 28.38 -41.27 38.81
N TRP C 202 29.70 -41.19 38.78
CA TRP C 202 30.41 -39.93 38.61
C TRP C 202 30.84 -39.76 37.16
N ARG C 203 30.66 -38.55 36.63
CA ARG C 203 31.12 -38.20 35.29
C ARG C 203 31.82 -36.85 35.33
N ALA C 204 32.80 -36.69 34.47
CA ALA C 204 33.51 -35.43 34.32
C ALA C 204 33.96 -35.29 32.88
N GLY C 205 34.21 -34.05 32.46
CA GLY C 205 34.60 -33.81 31.09
C GLY C 205 35.22 -32.43 30.93
N PHE C 206 36.11 -32.33 29.94
CA PHE C 206 36.66 -31.04 29.53
C PHE C 206 36.71 -31.02 28.01
N ASN C 207 36.64 -29.80 27.46
CA ASN C 207 36.61 -29.65 26.01
C ASN C 207 37.13 -28.28 25.64
N ILE C 208 38.17 -28.24 24.81
CA ILE C 208 38.68 -27.01 24.21
C ILE C 208 38.26 -27.01 22.76
N GLN C 209 37.49 -26.01 22.35
CA GLN C 209 36.86 -25.97 21.04
C GLN C 209 37.28 -24.72 20.28
N ASN C 210 37.22 -24.82 18.95
CA ASN C 210 37.46 -23.71 18.03
C ASN C 210 38.89 -23.18 18.16
N LEU C 211 39.84 -24.10 18.00
CA LEU C 211 41.26 -23.75 17.94
C LEU C 211 41.69 -23.73 16.47
N GLY C 212 41.82 -22.54 15.91
CA GLY C 212 42.18 -22.40 14.52
C GLY C 212 42.51 -20.97 14.15
N PRO C 213 42.89 -20.76 12.89
CA PRO C 213 43.25 -19.41 12.44
C PRO C 213 42.02 -18.51 12.38
N LYS C 214 42.29 -17.20 12.35
CA LYS C 214 41.22 -16.23 12.28
C LYS C 214 40.44 -16.36 10.98
N ILE C 215 39.14 -16.10 11.05
CA ILE C 215 38.28 -16.09 9.88
C ILE C 215 38.05 -14.64 9.45
N SER C 216 38.33 -14.34 8.19
CA SER C 216 38.22 -12.99 7.64
C SER C 216 37.01 -12.95 6.71
N TYR C 217 35.98 -12.21 7.11
CA TYR C 217 34.79 -12.08 6.26
C TYR C 217 35.05 -11.15 5.09
N ASP C 218 35.95 -10.19 5.24
CA ASP C 218 36.31 -9.27 4.16
C ASP C 218 37.44 -9.79 3.29
N HIS C 219 37.94 -11.01 3.56
CA HIS C 219 39.01 -11.61 2.78
C HIS C 219 40.26 -10.74 2.78
N ASP C 220 40.52 -10.10 3.91
CA ASP C 220 41.70 -9.25 4.08
C ASP C 220 42.44 -9.70 5.33
N ASP C 221 43.76 -9.84 5.23
CA ASP C 221 44.56 -10.28 6.37
C ASP C 221 44.60 -9.23 7.47
N LEU C 222 44.39 -7.96 7.15
CA LEU C 222 44.40 -6.92 8.18
C LEU C 222 43.14 -6.96 9.05
N SER C 223 42.00 -7.32 8.48
CA SER C 223 40.73 -7.36 9.19
C SER C 223 40.31 -8.82 9.32
N ALA C 224 40.72 -9.47 10.40
CA ALA C 224 40.38 -10.86 10.67
C ALA C 224 39.87 -10.98 12.10
N ASN C 225 38.90 -11.86 12.30
CA ASN C 225 38.26 -12.04 13.60
C ASN C 225 38.62 -13.39 14.18
N PHE C 226 38.82 -13.43 15.50
CA PHE C 226 39.17 -14.66 16.18
C PHE C 226 38.02 -15.66 16.12
N LEU C 227 38.36 -16.94 15.99
CA LEU C 227 37.38 -17.99 16.15
C LEU C 227 36.91 -18.05 17.60
N PRO C 228 35.65 -18.40 17.85
CA PRO C 228 35.16 -18.44 19.23
C PRO C 228 35.74 -19.61 20.02
N ALA C 229 37.03 -19.52 20.33
CA ALA C 229 37.67 -20.56 21.13
C ALA C 229 37.00 -20.64 22.50
N ASN C 230 36.66 -21.86 22.91
CA ASN C 230 35.87 -22.07 24.12
C ASN C 230 36.51 -23.16 24.97
N LEU C 231 36.30 -23.06 26.27
CA LEU C 231 36.77 -24.07 27.22
C LEU C 231 35.62 -24.42 28.14
N ARG C 232 35.22 -25.69 28.12
CA ARG C 232 34.12 -26.19 28.96
C ARG C 232 34.68 -27.24 29.91
N VAL C 233 34.36 -27.09 31.19
CA VAL C 233 34.74 -28.07 32.22
C VAL C 233 33.49 -28.40 33.02
N GLY C 234 33.10 -29.67 33.03
CA GLY C 234 31.86 -30.06 33.67
C GLY C 234 32.01 -31.33 34.47
N GLY C 235 31.12 -31.47 35.44
CA GLY C 235 31.08 -32.66 36.27
C GLY C 235 29.66 -32.92 36.75
N GLY C 236 29.33 -34.20 36.88
CA GLY C 236 27.98 -34.58 37.25
C GLY C 236 27.96 -35.88 38.04
N PHE C 237 26.85 -36.07 38.77
CA PHE C 237 26.63 -37.26 39.56
C PHE C 237 25.21 -37.76 39.34
N ASP C 238 25.07 -39.07 39.22
CA ASP C 238 23.79 -39.72 38.97
C ASP C 238 23.38 -40.54 40.18
N PHE C 239 22.19 -40.26 40.70
CA PHE C 239 21.56 -41.07 41.74
C PHE C 239 20.65 -42.08 41.07
N ILE C 240 20.80 -43.35 41.42
CA ILE C 240 20.02 -44.43 40.82
C ILE C 240 19.13 -45.04 41.89
N PHE C 241 17.82 -45.04 41.64
CA PHE C 241 16.83 -45.61 42.53
C PHE C 241 16.05 -46.70 41.81
N ASP C 242 15.83 -47.82 42.50
CA ASP C 242 14.97 -48.92 42.06
C ASP C 242 15.39 -49.55 40.74
N ASP C 243 16.62 -49.27 40.28
CA ASP C 243 17.22 -49.80 39.06
C ASP C 243 16.53 -49.29 37.80
N TYR C 244 15.47 -48.50 37.92
CA TYR C 244 14.78 -47.96 36.75
C TYR C 244 14.48 -46.47 36.89
N ASN C 245 15.06 -45.80 37.89
CA ASN C 245 14.92 -44.36 38.03
C ASN C 245 16.30 -43.75 38.19
N LYS C 246 16.57 -42.68 37.44
CA LYS C 246 17.86 -42.01 37.48
C LYS C 246 17.65 -40.51 37.65
N LEU C 247 18.56 -39.88 38.39
CA LEU C 247 18.55 -38.44 38.59
C LEU C 247 19.97 -37.94 38.45
N GLY C 248 20.30 -37.32 37.32
CA GLY C 248 21.64 -36.84 37.07
C GLY C 248 21.71 -35.33 37.24
N VAL C 249 22.54 -34.90 38.18
CA VAL C 249 22.76 -33.49 38.46
C VAL C 249 24.16 -33.15 37.96
N SER C 250 24.24 -32.19 37.04
CA SER C 250 25.49 -31.82 36.40
C SER C 250 25.69 -30.31 36.46
N LEU C 251 26.96 -29.90 36.48
CA LEU C 251 27.35 -28.51 36.50
C LEU C 251 28.51 -28.30 35.53
N GLU C 252 28.38 -27.29 34.67
CA GLU C 252 29.39 -26.99 33.66
C GLU C 252 29.80 -25.53 33.76
N LEU C 253 31.09 -25.29 33.61
CA LEU C 253 31.67 -23.95 33.59
C LEU C 253 32.29 -23.70 32.21
N THR C 254 31.96 -22.56 31.62
CA THR C 254 32.35 -22.22 30.26
C THR C 254 33.08 -20.90 30.24
N LYS C 255 34.23 -20.85 29.55
CA LYS C 255 35.01 -19.63 29.45
C LYS C 255 35.58 -19.50 28.06
N LEU C 256 35.49 -18.30 27.49
CA LEU C 256 36.06 -18.03 26.18
C LEU C 256 37.56 -17.81 26.28
N LEU C 257 38.30 -18.32 25.29
CA LEU C 257 39.75 -18.19 25.23
C LEU C 257 40.20 -17.07 24.31
N VAL C 258 39.43 -15.99 24.24
CA VAL C 258 39.74 -14.85 23.37
C VAL C 258 40.02 -13.63 24.26
N PRO C 259 41.08 -12.86 23.99
CA PRO C 259 41.36 -11.68 24.82
C PRO C 259 40.21 -10.68 24.80
N THR C 260 39.99 -10.05 25.94
CA THR C 260 38.92 -9.06 26.08
C THR C 260 39.31 -7.77 25.36
N PRO C 261 38.40 -7.20 24.56
CA PRO C 261 38.72 -5.92 23.92
C PRO C 261 38.92 -4.83 24.95
N PRO C 262 39.78 -3.85 24.67
CA PRO C 262 40.01 -2.77 25.64
C PRO C 262 38.77 -1.93 25.85
N GLY C 263 38.60 -1.47 27.09
CA GLY C 263 37.43 -0.71 27.46
C GLY C 263 37.65 0.79 27.37
N PRO C 264 37.70 1.47 28.53
CA PRO C 264 37.93 2.91 28.53
C PRO C 264 39.26 3.29 27.88
N GLY C 265 40.35 2.72 28.38
CA GLY C 265 41.65 2.93 27.79
C GLY C 265 42.79 2.35 28.61
N THR C 266 43.72 1.68 27.95
CA THR C 266 44.91 1.12 28.60
C THR C 266 46.14 1.45 27.76
N PRO C 267 46.58 2.72 27.79
CA PRO C 267 47.73 3.15 26.98
C PRO C 267 49.02 2.44 27.37
N SER C 283 45.71 11.89 22.25
CA SER C 283 44.61 12.68 22.77
C SER C 283 43.55 11.78 23.39
N GLN C 284 42.28 12.00 23.00
CA GLN C 284 41.17 11.23 23.53
C GLN C 284 40.91 9.97 22.71
N SER C 285 40.69 10.14 21.40
CA SER C 285 40.46 8.99 20.53
C SER C 285 41.74 8.26 20.16
N GLN C 286 42.90 8.91 20.32
CA GLN C 286 44.17 8.26 19.99
C GLN C 286 44.41 7.05 20.89
N ALA C 287 44.11 7.18 22.18
CA ALA C 287 44.30 6.05 23.09
C ALA C 287 43.39 4.89 22.71
N ASP C 288 42.13 5.16 22.40
CA ASP C 288 41.21 4.10 22.01
C ASP C 288 41.67 3.42 20.73
N GLU C 289 42.10 4.21 19.74
CA GLU C 289 42.56 3.64 18.48
C GLU C 289 43.81 2.78 18.69
N ALA C 290 44.75 3.26 19.50
CA ALA C 290 45.96 2.48 19.77
C ALA C 290 45.64 1.19 20.50
N ASN C 291 44.75 1.26 21.49
CA ASN C 291 44.37 0.04 22.23
C ASN C 291 43.68 -0.96 21.32
N TYR C 292 42.77 -0.49 20.46
CA TYR C 292 42.10 -1.41 19.54
C TYR C 292 43.07 -2.02 18.54
N LYS C 293 44.02 -1.22 18.04
CA LYS C 293 45.01 -1.74 17.10
C LYS C 293 45.90 -2.78 17.77
N LYS C 294 46.31 -2.53 19.02
CA LYS C 294 47.10 -3.51 19.75
C LYS C 294 46.30 -4.78 20.01
N TYR C 295 45.02 -4.65 20.34
CA TYR C 295 44.19 -5.81 20.58
C TYR C 295 44.00 -6.65 19.32
N LYS C 296 43.76 -6.02 18.18
CA LYS C 296 43.50 -6.77 16.96
C LYS C 296 44.78 -7.37 16.38
N ASP C 297 45.95 -6.83 16.71
CA ASP C 297 47.21 -7.36 16.23
C ASP C 297 47.79 -8.41 17.18
N ILE C 298 46.98 -9.40 17.52
CA ILE C 298 47.38 -10.49 18.41
C ILE C 298 47.06 -11.80 17.72
N GLY C 299 48.05 -12.69 17.64
CA GLY C 299 47.82 -13.99 17.05
C GLY C 299 46.93 -14.85 17.93
N TRP C 300 46.23 -15.79 17.28
CA TRP C 300 45.31 -16.65 18.01
C TRP C 300 46.06 -17.56 18.98
N VAL C 301 47.23 -18.06 18.58
CA VAL C 301 48.05 -18.87 19.50
C VAL C 301 48.43 -18.03 20.71
N SER C 302 48.90 -16.81 20.49
CA SER C 302 49.22 -15.92 21.60
C SER C 302 47.95 -15.48 22.33
N GLY C 303 46.85 -15.29 21.60
CA GLY C 303 45.62 -14.84 22.22
C GLY C 303 45.04 -15.84 23.19
N ILE C 304 45.21 -17.14 22.92
CA ILE C 304 44.69 -18.17 23.82
C ILE C 304 45.33 -18.03 25.20
N PHE C 305 46.66 -17.83 25.24
CA PHE C 305 47.34 -17.63 26.51
C PHE C 305 47.07 -16.25 27.09
N LYS C 306 46.89 -15.23 26.24
CA LYS C 306 46.56 -13.90 26.72
C LYS C 306 45.14 -13.79 27.26
N SER C 307 44.30 -14.79 27.02
CA SER C 307 42.93 -14.75 27.53
C SER C 307 42.91 -14.68 29.06
N PHE C 308 43.84 -15.38 29.71
CA PHE C 308 43.94 -15.32 31.17
C PHE C 308 44.57 -14.01 31.61
N GLY C 309 43.73 -12.99 31.81
CA GLY C 309 44.23 -11.69 32.21
C GLY C 309 43.79 -10.56 31.30
N ASP C 310 44.77 -9.78 30.81
CA ASP C 310 44.56 -8.67 29.87
C ASP C 310 43.49 -7.69 30.34
N ALA C 311 43.16 -7.69 31.63
CA ALA C 311 42.15 -6.82 32.19
C ALA C 311 42.67 -6.17 33.46
N PRO C 312 42.21 -4.95 33.77
CA PRO C 312 42.64 -4.30 35.02
C PRO C 312 42.24 -5.09 36.26
N GLY C 313 41.12 -5.79 36.23
CA GLY C 313 40.68 -6.54 37.40
C GLY C 313 41.55 -7.75 37.67
N GLY C 314 41.52 -8.20 38.91
CA GLY C 314 42.28 -9.36 39.34
C GLY C 314 41.51 -10.65 39.17
N PHE C 315 41.91 -11.65 39.95
CA PHE C 315 41.26 -12.96 39.88
C PHE C 315 39.78 -12.87 40.28
N SER C 316 39.46 -11.99 41.22
CA SER C 316 38.06 -11.82 41.61
C SER C 316 37.21 -11.34 40.44
N GLU C 317 37.73 -10.39 39.66
CA GLU C 317 37.04 -9.94 38.46
C GLU C 317 37.26 -10.88 37.27
N GLU C 318 38.32 -11.68 37.30
CA GLU C 318 38.55 -12.65 36.22
C GLU C 318 37.59 -13.83 36.32
N LEU C 319 37.15 -14.16 37.53
CA LEU C 319 36.15 -15.22 37.69
C LEU C 319 34.83 -14.85 37.04
N LYS C 320 34.57 -13.57 36.81
CA LYS C 320 33.34 -13.14 36.15
C LYS C 320 33.25 -13.63 34.71
N GLU C 321 34.38 -13.90 34.07
CA GLU C 321 34.39 -14.35 32.68
C GLU C 321 33.86 -15.77 32.51
N ILE C 322 33.65 -16.51 33.60
CA ILE C 322 33.21 -17.90 33.54
C ILE C 322 31.71 -17.95 33.75
N THR C 323 30.99 -18.43 32.74
CA THR C 323 29.56 -18.67 32.86
C THR C 323 29.32 -20.09 33.37
N TYR C 324 28.15 -20.32 33.96
CA TYR C 324 27.89 -21.63 34.53
C TYR C 324 26.51 -22.12 34.10
N SER C 325 26.32 -23.43 34.22
CA SER C 325 25.05 -24.06 33.89
C SER C 325 24.86 -25.27 34.79
N ALA C 326 23.72 -25.32 35.49
CA ALA C 326 23.41 -26.42 36.40
C ALA C 326 22.12 -27.07 35.94
N ALA C 327 22.14 -28.39 35.79
CA ALA C 327 20.99 -29.11 35.26
C ALA C 327 20.73 -30.37 36.05
N ALA C 328 19.46 -30.79 36.06
CA ALA C 328 19.02 -32.04 36.67
C ALA C 328 18.12 -32.76 35.70
N GLU C 329 18.45 -34.01 35.38
CA GLU C 329 17.70 -34.82 34.42
C GLU C 329 17.17 -36.06 35.12
N TYR C 330 15.87 -36.30 34.99
CA TYR C 330 15.22 -37.47 35.57
C TYR C 330 14.88 -38.45 34.46
N MET C 331 15.35 -39.68 34.60
CA MET C 331 15.15 -40.74 33.62
C MET C 331 14.30 -41.84 34.24
N TYR C 332 13.22 -42.20 33.55
CA TYR C 332 12.35 -43.29 33.95
C TYR C 332 12.32 -44.36 32.85
N GLN C 333 12.65 -45.60 33.24
CA GLN C 333 12.66 -46.75 32.34
C GLN C 333 13.55 -46.56 31.12
N ASP C 334 14.50 -45.62 31.20
CA ASP C 334 15.38 -45.26 30.08
C ASP C 334 14.59 -44.84 28.85
N ALA C 335 13.30 -44.52 29.01
CA ALA C 335 12.44 -44.13 27.91
C ALA C 335 11.74 -42.79 28.13
N PHE C 336 11.67 -42.30 29.35
CA PHE C 336 11.10 -40.98 29.63
C PHE C 336 12.16 -40.12 30.30
N ALA C 337 12.32 -38.89 29.81
CA ALA C 337 13.32 -37.98 30.34
C ALA C 337 12.69 -36.62 30.60
N MET C 338 12.87 -36.10 31.82
CA MET C 338 12.42 -34.77 32.18
C MET C 338 13.63 -33.97 32.66
N ARG C 339 13.96 -32.91 31.94
CA ARG C 339 15.20 -32.18 32.16
C ARG C 339 14.89 -30.75 32.60
N LEU C 340 15.51 -30.32 33.69
CA LEU C 340 15.47 -28.94 34.14
C LEU C 340 16.89 -28.38 34.10
N GLY C 341 17.03 -27.13 33.69
CA GLY C 341 18.34 -26.52 33.59
C GLY C 341 18.30 -25.04 33.90
N TYR C 342 19.42 -24.51 34.34
CA TYR C 342 19.58 -23.09 34.60
C TYR C 342 20.96 -22.67 34.09
N TYR C 343 20.99 -21.78 33.11
CA TYR C 343 22.22 -21.31 32.49
C TYR C 343 22.38 -19.82 32.77
N HIS C 344 23.49 -19.45 33.40
CA HIS C 344 23.74 -18.07 33.80
C HIS C 344 25.08 -17.60 33.25
N GLU C 345 25.06 -16.49 32.52
CA GLU C 345 26.26 -15.77 32.11
C GLU C 345 26.42 -14.52 32.97
N SER C 346 27.57 -13.88 32.84
CA SER C 346 27.83 -12.67 33.59
C SER C 346 26.96 -11.53 33.07
N PRO C 347 26.44 -10.69 33.96
CA PRO C 347 25.64 -9.53 33.49
C PRO C 347 26.44 -8.54 32.67
N MET C 348 27.77 -8.52 32.79
CA MET C 348 28.60 -7.55 32.10
C MET C 348 29.07 -8.03 30.74
N LYS C 349 28.86 -9.30 30.39
CA LYS C 349 29.22 -9.81 29.07
C LYS C 349 28.27 -10.94 28.70
N GLY C 350 27.70 -10.85 27.49
CA GLY C 350 26.73 -11.83 27.05
C GLY C 350 25.36 -11.61 27.67
N ALA C 351 25.30 -11.75 29.00
CA ALA C 351 24.07 -11.53 29.77
C ALA C 351 22.92 -12.37 29.22
N LYS C 352 23.10 -13.68 29.25
CA LYS C 352 22.11 -14.64 28.80
C LYS C 352 21.83 -15.61 29.93
N GLN C 353 20.92 -15.24 30.82
CA GLN C 353 20.51 -16.05 31.95
C GLN C 353 19.09 -16.55 31.72
N PHE C 354 18.90 -17.86 31.85
CA PHE C 354 17.58 -18.43 31.60
C PHE C 354 17.45 -19.79 32.28
N PHE C 355 16.21 -20.24 32.36
CA PHE C 355 15.86 -21.60 32.74
C PHE C 355 15.42 -22.37 31.49
N SER C 356 15.49 -23.69 31.58
CA SER C 356 15.18 -24.54 30.44
C SER C 356 14.45 -25.78 30.90
N LEU C 357 13.36 -26.12 30.22
CA LEU C 357 12.63 -27.36 30.43
C LEU C 357 12.78 -28.23 29.19
N GLY C 358 12.82 -29.53 29.41
CA GLY C 358 12.97 -30.46 28.30
C GLY C 358 12.33 -31.79 28.58
N ALA C 359 11.87 -32.45 27.52
CA ALA C 359 11.28 -33.77 27.62
C ALA C 359 11.82 -34.65 26.50
N GLY C 360 11.94 -35.94 26.81
CA GLY C 360 12.46 -36.91 25.86
C GLY C 360 11.75 -38.24 25.94
N PHE C 361 11.40 -38.81 24.79
CA PHE C 361 10.62 -40.05 24.72
C PHE C 361 11.23 -40.98 23.69
N LYS C 362 11.43 -42.24 24.07
CA LYS C 362 11.96 -43.28 23.18
C LYS C 362 10.90 -44.37 23.05
N TYR C 363 10.37 -44.55 21.84
CA TYR C 363 9.33 -45.56 21.64
C TYR C 363 9.93 -46.95 21.44
N SER C 364 10.64 -47.16 20.34
CA SER C 364 11.37 -48.40 20.09
C SER C 364 12.85 -48.16 19.85
N MET C 365 13.18 -47.30 18.88
CA MET C 365 14.56 -46.94 18.60
C MET C 365 14.71 -45.46 18.27
N ILE C 366 13.65 -44.68 18.38
CA ILE C 366 13.66 -43.27 18.00
C ILE C 366 13.42 -42.45 19.26
N LYS C 367 14.34 -41.53 19.54
CA LYS C 367 14.22 -40.62 20.67
C LYS C 367 13.79 -39.24 20.16
N VAL C 368 12.72 -38.72 20.73
CA VAL C 368 12.19 -37.40 20.41
C VAL C 368 12.40 -36.51 21.62
N ASP C 369 13.06 -35.37 21.41
CA ASP C 369 13.34 -34.43 22.48
C ASP C 369 12.77 -33.07 22.11
N VAL C 370 12.11 -32.44 23.08
CA VAL C 370 11.56 -31.09 22.91
C VAL C 370 12.00 -30.24 24.09
N SER C 371 12.44 -29.02 23.80
CA SER C 371 12.94 -28.13 24.85
C SER C 371 12.35 -26.73 24.70
N TYR C 372 12.10 -26.09 25.84
CA TYR C 372 11.60 -24.73 25.90
C TYR C 372 12.44 -23.92 26.88
N LEU C 373 12.54 -22.62 26.62
CA LEU C 373 13.42 -21.72 27.34
C LEU C 373 12.61 -20.60 27.96
N PHE C 374 12.83 -20.35 29.26
CA PHE C 374 12.24 -19.23 29.98
C PHE C 374 13.35 -18.24 30.29
N SER C 375 13.35 -17.11 29.60
CA SER C 375 14.40 -16.12 29.79
C SER C 375 14.27 -15.44 31.15
N ALA C 376 15.42 -15.01 31.68
CA ALA C 376 15.44 -14.31 32.95
C ALA C 376 16.39 -13.11 32.92
N SER C 377 16.76 -12.62 31.75
CA SER C 377 17.68 -11.50 31.59
C SER C 377 16.94 -10.27 31.07
N LYS C 378 17.59 -9.12 31.23
CA LYS C 378 16.99 -7.87 30.78
C LYS C 378 17.04 -7.70 29.27
N VAL C 379 17.80 -8.52 28.57
CA VAL C 379 17.93 -8.43 27.12
C VAL C 379 17.02 -9.45 26.47
N LYS C 380 16.43 -9.07 25.34
CA LYS C 380 15.51 -9.95 24.63
C LYS C 380 16.27 -11.12 24.02
N ASN C 381 16.07 -12.32 24.57
CA ASN C 381 16.72 -13.50 24.04
C ASN C 381 16.04 -13.91 22.74
N PRO C 382 16.79 -14.07 21.64
CA PRO C 382 16.17 -14.48 20.37
C PRO C 382 15.61 -15.90 20.39
N LEU C 383 15.85 -16.68 21.44
CA LEU C 383 15.34 -18.03 21.55
C LEU C 383 14.07 -18.12 22.39
N GLU C 384 13.49 -16.98 22.78
CA GLU C 384 12.25 -17.00 23.53
C GLU C 384 11.10 -17.46 22.65
N ASN C 385 10.13 -18.13 23.28
CA ASN C 385 8.96 -18.68 22.60
C ASN C 385 9.35 -19.64 21.48
N THR C 386 10.45 -20.37 21.68
CA THR C 386 10.96 -21.31 20.69
C THR C 386 11.03 -22.69 21.31
N LEU C 387 10.40 -23.66 20.65
CA LEU C 387 10.39 -25.05 21.10
C LEU C 387 11.38 -25.82 20.24
N ARG C 388 12.62 -25.95 20.74
CA ARG C 388 13.64 -26.68 20.01
C ARG C 388 13.29 -28.17 19.95
N PHE C 389 13.58 -28.78 18.80
CA PHE C 389 13.19 -30.16 18.53
C PHE C 389 14.41 -30.99 18.16
N SER C 390 14.36 -32.27 18.50
CA SER C 390 15.44 -33.19 18.15
C SER C 390 14.85 -34.58 17.94
N LEU C 391 15.36 -35.28 16.94
CA LEU C 391 14.86 -36.60 16.57
C LEU C 391 16.05 -37.48 16.21
N THR C 392 16.26 -38.54 16.98
CA THR C 392 17.42 -39.40 16.78
C THR C 392 17.01 -40.84 16.60
N PHE C 393 17.65 -41.51 15.65
CA PHE C 393 17.49 -42.94 15.40
C PHE C 393 18.77 -43.67 15.78
N ASN C 394 18.65 -44.65 16.67
CA ASN C 394 19.79 -45.46 17.11
C ASN C 394 19.64 -46.87 16.55
N PHE C 395 20.71 -47.37 15.94
CA PHE C 395 20.66 -48.69 15.30
C PHE C 395 22.02 -49.36 15.42
N GLY C 396 22.03 -50.66 15.21
CA GLY C 396 23.23 -51.46 15.32
C GLY C 396 23.22 -52.32 16.57
N ASP C 397 24.33 -53.00 16.79
CA ASP C 397 24.47 -53.87 17.95
C ASP C 397 24.57 -53.03 19.23
N LYS C 398 24.33 -53.68 20.36
CA LYS C 398 24.32 -53.04 21.66
C LYS C 398 25.63 -53.35 22.39
N TYR C 399 26.25 -52.31 22.94
CA TYR C 399 27.48 -52.44 23.69
C TYR C 399 27.21 -52.18 25.17
N GLU C 400 27.73 -53.06 26.03
CA GLU C 400 27.53 -52.92 27.46
C GLU C 400 28.32 -51.72 27.98
N THR C 401 27.80 -51.12 29.05
CA THR C 401 28.40 -49.95 29.67
C THR C 401 29.02 -50.33 31.01
N TYR C 402 30.29 -49.99 31.19
CA TYR C 402 30.98 -50.29 32.44
C TYR C 402 30.78 -49.16 33.46
N ASP D 1361 1.28 -15.89 -4.33
CA ASP D 1361 -0.08 -16.29 -3.99
C ASP D 1361 -1.06 -15.12 -4.13
N GLY D 1362 -0.59 -14.03 -4.74
CA GLY D 1362 -1.41 -12.85 -4.92
C GLY D 1362 -0.67 -11.56 -4.68
N LEU D 1363 0.48 -11.64 -4.01
CA LEU D 1363 1.28 -10.48 -3.69
C LEU D 1363 2.59 -10.52 -4.47
N LEU D 1364 3.05 -9.33 -4.89
CA LEU D 1364 4.30 -9.17 -5.62
C LEU D 1364 5.16 -8.15 -4.89
N ILE D 1365 6.01 -8.64 -3.98
CA ILE D 1365 6.93 -7.78 -3.25
C ILE D 1365 8.11 -7.44 -4.15
N SER D 1366 8.70 -6.26 -3.95
CA SER D 1366 9.84 -5.84 -4.74
C SER D 1366 10.62 -4.78 -3.98
N VAL D 1367 11.95 -4.91 -4.02
CA VAL D 1367 12.86 -3.95 -3.40
C VAL D 1367 13.83 -3.50 -4.48
N LYS D 1368 13.54 -2.35 -5.11
CA LYS D 1368 14.40 -1.86 -6.20
C LYS D 1368 15.62 -1.14 -5.65
N ASP D 1369 15.41 -0.01 -4.96
CA ASP D 1369 16.51 0.77 -4.43
C ASP D 1369 15.97 1.57 -3.23
N LYS D 1370 16.27 1.10 -2.03
CA LYS D 1370 15.87 1.75 -0.78
C LYS D 1370 14.36 1.92 -0.66
N THR D 1371 13.60 1.13 -1.42
CA THR D 1371 12.14 1.19 -1.40
C THR D 1371 11.58 -0.22 -1.46
N ILE D 1372 10.41 -0.41 -0.86
CA ILE D 1372 9.72 -1.70 -0.85
C ILE D 1372 8.33 -1.45 -1.43
N LYS D 1373 8.16 -1.81 -2.70
CA LYS D 1373 6.87 -1.66 -3.35
C LYS D 1373 6.04 -2.93 -3.15
N VAL D 1374 4.83 -2.77 -2.60
CA VAL D 1374 3.94 -3.88 -2.29
C VAL D 1374 2.68 -3.71 -3.14
N THR D 1375 2.38 -4.70 -3.97
CA THR D 1375 1.21 -4.69 -4.82
C THR D 1375 0.40 -5.96 -4.55
N SER D 1376 -0.90 -5.79 -4.33
CA SER D 1376 -1.80 -6.90 -4.02
C SER D 1376 -2.72 -7.11 -5.22
N ALA D 1377 -2.58 -8.25 -5.89
CA ALA D 1377 -3.38 -8.56 -7.07
C ALA D 1377 -4.77 -9.00 -6.64
N LYS D 1378 -5.79 -8.26 -7.09
CA LYS D 1378 -7.20 -8.59 -6.84
C LYS D 1378 -7.50 -8.69 -5.35
N GLU D 1379 -6.90 -7.81 -4.54
CA GLU D 1379 -7.15 -7.78 -3.11
C GLU D 1379 -6.73 -6.40 -2.60
N ASN D 1380 -7.09 -6.10 -1.36
CA ASN D 1380 -6.85 -4.81 -0.73
C ASN D 1380 -5.96 -4.98 0.49
N ILE D 1381 -4.87 -4.21 0.53
CA ILE D 1381 -3.94 -4.26 1.66
C ILE D 1381 -4.54 -3.52 2.85
N LYS D 1382 -4.43 -4.12 4.04
CA LYS D 1382 -4.92 -3.52 5.27
C LYS D 1382 -3.81 -2.96 6.14
N GLU D 1383 -2.75 -3.74 6.37
CA GLU D 1383 -1.65 -3.32 7.24
C GLU D 1383 -0.37 -4.01 6.78
N VAL D 1384 0.74 -3.26 6.85
CA VAL D 1384 2.06 -3.78 6.53
C VAL D 1384 2.99 -3.52 7.71
N ASN D 1385 3.62 -4.59 8.19
CA ASN D 1385 4.58 -4.51 9.28
C ASN D 1385 5.94 -5.00 8.78
N ILE D 1386 6.97 -4.22 9.04
CA ILE D 1386 8.32 -4.50 8.57
C ILE D 1386 9.23 -4.71 9.78
N PHE D 1387 9.93 -5.85 9.80
CA PHE D 1387 10.81 -6.22 10.89
C PHE D 1387 12.22 -6.43 10.38
N ASP D 1388 13.20 -6.07 11.21
CA ASP D 1388 14.57 -6.46 10.97
C ASP D 1388 14.83 -7.87 11.49
N ILE D 1389 16.02 -8.39 11.22
CA ILE D 1389 16.37 -9.73 11.67
C ILE D 1389 16.44 -9.79 13.19
N THR D 1390 16.62 -8.65 13.85
CA THR D 1390 16.56 -8.63 15.31
C THR D 1390 15.15 -8.87 15.82
N GLY D 1391 14.16 -8.28 15.16
CA GLY D 1391 12.78 -8.38 15.59
C GLY D 1391 12.22 -7.03 16.00
N LYS D 1392 12.80 -5.97 15.46
CA LYS D 1392 12.41 -4.60 15.78
C LYS D 1392 11.54 -4.03 14.67
N LEU D 1393 10.44 -3.37 15.06
CA LEU D 1393 9.54 -2.77 14.09
C LEU D 1393 10.14 -1.49 13.51
N ILE D 1394 10.94 -1.63 12.45
CA ILE D 1394 11.51 -0.46 11.79
C ILE D 1394 10.49 0.32 10.99
N TYR D 1395 9.32 -0.26 10.71
CA TYR D 1395 8.25 0.44 10.01
C TYR D 1395 6.93 -0.21 10.35
N ASN D 1396 5.89 0.62 10.40
CA ASN D 1396 4.53 0.13 10.66
C ASN D 1396 3.55 1.08 10.02
N LYS D 1397 2.66 0.54 9.19
CA LYS D 1397 1.60 1.31 8.52
C LYS D 1397 0.29 0.60 8.84
N LYS D 1398 -0.34 1.01 9.94
CA LYS D 1398 -1.54 0.36 10.44
C LYS D 1398 -2.77 0.62 9.57
N LYS D 1399 -2.70 1.55 8.61
CA LYS D 1399 -3.91 2.02 7.94
C LYS D 1399 -3.52 2.48 6.53
N VAL D 1400 -3.82 1.66 5.53
CA VAL D 1400 -3.61 2.00 4.13
C VAL D 1400 -4.89 1.86 3.32
N GLY D 1401 -5.44 0.65 3.25
CA GLY D 1401 -6.63 0.42 2.45
C GLY D 1401 -6.45 0.70 0.97
N ASN D 1402 -5.30 0.33 0.42
CA ASN D 1402 -5.00 0.60 -0.98
C ASN D 1402 -4.32 -0.61 -1.60
N THR D 1403 -4.48 -0.74 -2.91
CA THR D 1403 -3.87 -1.85 -3.63
C THR D 1403 -2.35 -1.75 -3.65
N GLU D 1404 -1.82 -0.55 -3.85
CA GLU D 1404 -0.39 -0.33 -4.02
C GLU D 1404 0.21 0.30 -2.78
N LEU D 1405 1.38 -0.20 -2.38
CA LEU D 1405 2.13 0.32 -1.25
C LEU D 1405 3.55 0.66 -1.69
N SER D 1406 4.09 1.75 -1.16
CA SER D 1406 5.45 2.20 -1.46
C SER D 1406 6.03 2.80 -0.18
N ILE D 1407 6.83 2.01 0.54
CA ILE D 1407 7.32 2.45 1.84
C ILE D 1407 8.38 3.53 1.66
N SER D 1408 9.52 3.17 1.06
CA SER D 1408 10.59 4.12 0.76
C SER D 1408 11.06 4.87 2.00
N ASN D 1409 11.02 4.22 3.16
CA ASN D 1409 11.40 4.88 4.40
C ASN D 1409 12.22 3.98 5.33
N LEU D 1410 12.63 2.81 4.88
CA LEU D 1410 13.36 1.89 5.76
C LEU D 1410 14.78 2.40 6.02
N GLN D 1411 15.28 2.12 7.23
CA GLN D 1411 16.67 2.35 7.57
C GLN D 1411 17.52 1.12 7.28
N SER D 1412 17.08 -0.04 7.77
CA SER D 1412 17.64 -1.34 7.37
C SER D 1412 19.14 -1.41 7.65
N ALA D 1413 19.46 -1.40 8.95
CA ALA D 1413 20.85 -1.55 9.37
C ALA D 1413 21.48 -2.84 8.85
N ASP D 1414 20.67 -3.85 8.55
CA ASP D 1414 21.13 -5.10 7.94
C ASP D 1414 20.50 -5.22 6.55
N GLN D 1415 20.73 -6.37 5.92
CA GLN D 1415 20.23 -6.60 4.57
C GLN D 1415 18.88 -7.32 4.54
N VAL D 1416 18.77 -8.43 5.26
CA VAL D 1416 17.54 -9.23 5.26
C VAL D 1416 16.56 -8.63 6.26
N LEU D 1417 15.38 -8.25 5.76
CA LEU D 1417 14.33 -7.69 6.59
C LEU D 1417 13.02 -8.41 6.27
N LEU D 1418 12.19 -8.56 7.30
CA LEU D 1418 10.95 -9.33 7.21
C LEU D 1418 9.76 -8.40 7.15
N VAL D 1419 8.87 -8.64 6.19
CA VAL D 1419 7.65 -7.85 6.03
C VAL D 1419 6.45 -8.79 6.19
N LYS D 1420 5.44 -8.33 6.93
CA LYS D 1420 4.23 -9.10 7.17
C LYS D 1420 3.03 -8.23 6.80
N VAL D 1421 2.26 -8.67 5.81
CA VAL D 1421 1.12 -7.92 5.30
C VAL D 1421 -0.13 -8.79 5.44
N ASN D 1422 -1.23 -8.18 5.88
CA ASN D 1422 -2.53 -8.83 5.93
C ASN D 1422 -3.51 -8.07 5.05
N LEU D 1423 -4.31 -8.81 4.29
CA LEU D 1423 -5.25 -8.22 3.35
C LEU D 1423 -6.59 -7.96 4.03
N GLU D 1424 -7.57 -7.52 3.23
CA GLU D 1424 -8.90 -7.26 3.77
C GLU D 1424 -9.60 -8.52 4.23
N ASN D 1425 -9.21 -9.69 3.72
CA ASN D 1425 -9.77 -10.96 4.13
C ASN D 1425 -8.95 -11.64 5.23
N ASN D 1426 -8.05 -10.90 5.87
CA ASN D 1426 -7.21 -11.40 6.96
C ASN D 1426 -6.37 -12.60 6.48
N ALA D 1427 -5.50 -12.33 5.51
CA ALA D 1427 -4.60 -13.33 4.95
C ALA D 1427 -3.17 -12.93 5.33
N GLN D 1428 -2.73 -13.41 6.49
CA GLN D 1428 -1.38 -13.13 6.97
C GLN D 1428 -0.36 -13.84 6.09
N ILE D 1429 0.39 -13.08 5.30
CA ILE D 1429 1.42 -13.61 4.43
C ILE D 1429 2.73 -12.87 4.72
N THR D 1430 3.78 -13.62 4.99
CA THR D 1430 5.11 -13.08 5.28
C THR D 1430 6.09 -13.49 4.20
N ARG D 1431 6.88 -12.53 3.73
CA ARG D 1431 7.85 -12.78 2.66
C ARG D 1431 9.14 -12.06 3.00
N LYS D 1432 10.21 -12.81 3.20
CA LYS D 1432 11.52 -12.22 3.49
C LYS D 1432 12.10 -11.59 2.23
N VAL D 1433 12.66 -10.39 2.39
CA VAL D 1433 13.23 -9.64 1.27
C VAL D 1433 14.60 -9.12 1.69
N ILE D 1434 15.48 -8.94 0.70
CA ILE D 1434 16.79 -8.36 0.92
C ILE D 1434 16.76 -6.89 0.54
N PHE D 1435 17.23 -6.03 1.43
CA PHE D 1435 17.18 -4.59 1.21
C PHE D 1435 18.27 -4.19 0.21
N LYS D 1436 17.87 -3.47 -0.83
CA LYS D 1436 18.82 -3.00 -1.84
C LYS D 1436 18.76 -1.48 -1.97
C1 LMN E . 15.33 -49.85 11.18
O1 LMN E . 16.30 -50.00 10.28
C2 LMN E . 14.95 -51.23 11.77
O2 LMN E . 14.09 -51.01 12.91
C3 LMN E . 14.26 -52.16 10.81
O3 LMN E . 15.25 -53.11 10.32
C4 LMN E . 13.63 -51.48 9.65
O4 LMN E . 12.53 -52.36 9.11
C5 LMN E . 13.06 -50.16 9.98
O5 LMN E . 14.07 -49.21 10.52
C6 LMN E . 12.43 -49.54 8.71
O6 LMN E . 11.03 -49.44 8.88
CAA LMN E . 15.00 -37.62 7.53
CAB LMN E . 25.90 -40.67 7.04
OAI LMN E . 16.31 -53.27 7.49
OAJ LMN E . 25.40 -45.77 6.58
OAL LMN E . 23.28 -51.86 5.10
OAN LMN E . 22.90 -49.33 9.66
OAP LMN E . 22.16 -51.32 11.29
OAQ LMN E . 13.47 -53.58 3.90
OAR LMN E . 28.73 -47.64 7.04
OAS LMN E . 11.03 -54.31 5.07
OAT LMN E . 29.02 -50.10 8.29
OAU LMN E . 10.63 -52.94 7.63
OAV LMN E . 26.82 -51.94 7.32
CAW LMN E . 16.36 -38.27 7.90
CAX LMN E . 24.49 -41.24 7.27
CAY LMN E . 16.29 -39.78 7.61
CAZ LMN E . 24.22 -42.38 6.25
CBA LMN E . 17.40 -40.50 8.41
CBB LMN E . 22.74 -42.73 6.27
CBC LMN E . 17.24 -42.06 8.24
CBD LMN E . 22.50 -43.96 7.18
CBE LMN E . 17.60 -42.76 9.59
CBF LMN E . 21.15 -44.62 6.80
CBG LMN E . 17.14 -44.25 9.54
CBH LMN E . 21.14 -46.09 7.28
CBI LMN E . 18.40 -45.18 9.68
CBJ LMN E . 19.93 -46.85 6.66
CBK LMN E . 17.98 -46.50 10.38
CBL LMN E . 19.85 -48.30 7.28
CBM LMN E . 15.50 -53.94 6.53
CBN LMN E . 25.58 -46.91 7.41
CBP LMN E . 22.02 -51.57 5.71
CBQ LMN E . 18.99 -47.66 10.00
CBR LMN E . 18.34 -48.64 7.68
CBS LMN E . 16.67 -48.79 9.64
CBT LMN E . 18.80 -50.27 9.68
OBV LMN E . 20.25 -50.27 9.70
OBX LMN E . 20.79 -51.60 7.83
OBY LMN E . 13.90 -52.27 7.22
OBZ LMN E . 25.49 -49.11 6.38
OCB LMN E . 24.48 -51.06 7.23
CCC LMN E . 14.43 -53.02 6.05
CCD LMN E . 26.37 -47.96 6.66
CCF LMN E . 22.14 -51.74 7.21
CCH LMN E . 23.18 -50.69 9.23
CCJ LMN E . 20.82 -51.51 9.31
CCL LMN E . 22.21 -51.62 9.89
CCM LMN E . 18.21 -48.84 9.23
CCN LMN E . 13.36 -53.83 5.32
CCO LMN E . 27.58 -48.35 7.51
CCQ LMN E . 23.14 -50.73 7.75
CCR LMN E . 12.99 -53.11 8.04
CCS LMN E . 25.37 -50.04 7.53
CCT LMN E . 12.01 -53.46 5.77
CCU LMN E . 27.86 -49.81 7.44
CCV LMN E . 11.81 -53.63 7.23
CCW LMN E . 26.71 -50.64 7.91
#